data_9KBI
#
_entry.id   9KBI
#
_cell.length_a   1.00
_cell.length_b   1.00
_cell.length_c   1.00
_cell.angle_alpha   90.00
_cell.angle_beta   90.00
_cell.angle_gamma   90.00
#
_symmetry.space_group_name_H-M   'P 1'
#
loop_
_entity.id
_entity.type
_entity.pdbx_description
1 polymer 'Non-structural protein 1'
2 polymer 'DNA (48-MER)'
3 polymer 'DNA (48-MER)'
4 non-polymer 'PHOSPHOAMINOPHOSPHONIC ACID-ADENYLATE ESTER'
5 non-polymer 'MAGNESIUM ION'
#
loop_
_entity_poly.entity_id
_entity_poly.type
_entity_poly.pdbx_seq_one_letter_code
_entity_poly.pdbx_strand_id
1 'polypeptide(L)'
;ELFRGVLQVSSNVLDCANDNWWCSLLDLDTSDWEPLTHTNRLMAIYLSSVASKLDFTGGPLAGCLYFFQVECNKFEEGYH
IHVVIGGPGLNPRNLTVCVEGLFNNVLYHLVTGNVKLKFLPGMTTKGKYFRDGEQFIENYLMKKIPLNVVWCVTNIDGYI
DTCISATFRRGACHAKKPRMTTAINDTSSDAGEPSGTGAEVVPFNGKGTKASIKFQTMVNWLCENRVFTEDKWKLVDFNQ
YTLLSSSHSGSFQIQSALKLAIYKATNLVPTSTFLLHADFEQVMCIKDNKIVKLLLCQNYDPLLVGQHVLKWIDKKCGKK
NTLWFYGPPSTGKTNLAMAIAKSVPVYGMVNWNNENFPFNDVAGKSLVVWDEGIIKSTIVEAAKAILGGQPTRVDQKMRG
SVAVPGVPVVITSNGDITFVVSGNTTTTVHAKALKERMVKLNFTVRCSPDMGLLTEADVQQWLTWCNAQSWDHYENWAIN
YTFDFPGINADALHPDLQTTPIVTDTSISSSGGESSEELSESSFFNLITPGACNTETPRSSTPIPGTSSGESLVGSPVSS
EVVAASWEE
;
A,B,C,D,E,F,G,H,I,J,K,L
2 'polydeoxyribonucleotide'
;(DA)(DA)(DG)(DA)(DA)(DG)(DA)(DC)(DA)(DC)(DC)(DA)(DA)(DA)(DT)(DC)(DA)(DG)(DA)(DT)
(DG)(DC)(DC)(DG)(DC)(DC)(DG)(DG)(DT)(DC)(DG)(DC)(DC)(DG)(DC)(DC)(DG)(DG)(DT)(DA)
(DG)(DG)(DC)(DG)(DG)(DG)(DA)(DC)
;
M
3 'polydeoxyribonucleotide'
;(DG)(DT)(DC)(DC)(DC)(DG)(DC)(DC)(DT)(DA)(DC)(DC)(DG)(DG)(DC)(DG)(DG)(DC)(DG)(DA)
(DC)(DC)(DG)(DG)(DC)(DG)(DG)(DC)(DC)(DC)(DC)(DC)(DC)(DC)(DC)(DC)(DC)(DC)(DC)(DC)
(DC)(DC)(DC)(DC)(DC)(DC)(DC)(DC)
;
N
#
loop_
_chem_comp.id
_chem_comp.type
_chem_comp.name
_chem_comp.formula
ANP non-polymer 'PHOSPHOAMINOPHOSPHONIC ACID-ADENYLATE ESTER' 'C10 H17 N6 O12 P3'
DA DNA linking 2'-DEOXYADENOSINE-5'-MONOPHOSPHATE 'C10 H14 N5 O6 P'
DC DNA linking 2'-DEOXYCYTIDINE-5'-MONOPHOSPHATE 'C9 H14 N3 O7 P'
DG DNA linking 2'-DEOXYGUANOSINE-5'-MONOPHOSPHATE 'C10 H14 N5 O7 P'
DT DNA linking THYMIDINE-5'-MONOPHOSPHATE 'C10 H15 N2 O8 P'
MG non-polymer 'MAGNESIUM ION' 'Mg 2'
#
# COMPACT_ATOMS: atom_id res chain seq x y z
N VAL A 201 48.89 32.93 -5.33
CA VAL A 201 47.49 33.32 -5.40
C VAL A 201 47.38 34.79 -5.74
N VAL A 202 46.88 35.08 -6.94
CA VAL A 202 46.71 36.45 -7.41
C VAL A 202 45.29 36.62 -7.92
N PRO A 203 44.59 37.69 -7.54
CA PRO A 203 43.24 37.92 -8.07
C PRO A 203 43.26 38.03 -9.60
N PHE A 204 42.19 37.54 -10.23
CA PHE A 204 42.14 37.47 -11.68
C PHE A 204 42.16 38.88 -12.27
N ASN A 205 42.80 39.00 -13.44
CA ASN A 205 43.04 40.28 -14.08
C ASN A 205 41.84 40.80 -14.87
N GLY A 206 40.64 40.29 -14.60
CA GLY A 206 39.45 40.75 -15.29
C GLY A 206 39.07 42.16 -14.87
N LYS A 207 38.16 42.74 -15.64
CA LYS A 207 37.70 44.09 -15.38
C LYS A 207 36.18 44.12 -15.43
N GLY A 208 35.59 44.87 -14.51
CA GLY A 208 34.14 44.91 -14.41
C GLY A 208 33.52 46.07 -15.17
N THR A 209 32.42 45.78 -15.85
CA THR A 209 31.68 46.80 -16.55
C THR A 209 30.92 47.69 -15.57
N LYS A 210 30.33 48.77 -16.10
CA LYS A 210 29.58 49.69 -15.25
C LYS A 210 28.36 49.02 -14.62
N ALA A 211 27.81 48.00 -15.29
CA ALA A 211 26.65 47.30 -14.74
C ALA A 211 27.04 46.47 -13.52
N SER A 212 28.13 45.71 -13.63
CA SER A 212 28.54 44.83 -12.53
C SER A 212 29.03 45.62 -11.32
N ILE A 213 29.57 46.81 -11.55
CA ILE A 213 30.05 47.63 -10.43
C ILE A 213 28.88 48.06 -9.56
N LYS A 214 27.73 48.37 -10.16
CA LYS A 214 26.55 48.71 -9.36
C LYS A 214 26.12 47.53 -8.49
N PHE A 215 26.13 46.33 -9.05
CA PHE A 215 25.78 45.14 -8.28
C PHE A 215 26.75 44.93 -7.14
N GLN A 216 28.05 45.11 -7.40
CA GLN A 216 29.05 44.95 -6.35
C GLN A 216 28.85 45.98 -5.24
N THR A 217 28.55 47.22 -5.61
CA THR A 217 28.30 48.26 -4.62
C THR A 217 27.05 47.94 -3.80
N MET A 218 26.00 47.44 -4.44
CA MET A 218 24.80 47.07 -3.70
C MET A 218 25.07 45.92 -2.75
N VAL A 219 25.94 44.98 -3.14
CA VAL A 219 26.30 43.88 -2.25
C VAL A 219 26.94 44.41 -0.97
N ASN A 220 27.88 45.36 -1.09
CA ASN A 220 28.47 45.96 0.10
C ASN A 220 27.46 46.75 0.90
N TRP A 221 26.56 47.47 0.20
CA TRP A 221 25.53 48.24 0.91
C TRP A 221 24.61 47.36 1.71
N LEU A 222 24.37 46.12 1.26
CA LEU A 222 23.54 45.20 2.02
C LEU A 222 24.18 44.85 3.35
N CYS A 223 25.46 44.49 3.33
CA CYS A 223 26.15 44.12 4.56
C CYS A 223 26.36 45.33 5.46
N GLU A 224 26.48 46.52 4.87
CA GLU A 224 26.77 47.71 5.67
C GLU A 224 25.62 48.04 6.62
N ASN A 225 24.39 47.71 6.25
CA ASN A 225 23.21 48.08 7.04
C ASN A 225 22.53 46.88 7.68
N ARG A 226 23.15 45.69 7.63
CA ARG A 226 22.59 44.48 8.24
C ARG A 226 21.20 44.17 7.71
N VAL A 227 21.05 44.17 6.38
CA VAL A 227 19.79 43.79 5.74
C VAL A 227 20.03 42.46 5.05
N PHE A 228 19.38 41.40 5.56
CA PHE A 228 19.60 40.05 5.08
C PHE A 228 18.33 39.33 4.68
N THR A 229 17.16 39.97 4.78
CA THR A 229 15.90 39.35 4.43
C THR A 229 15.12 40.26 3.51
N GLU A 230 14.28 39.66 2.66
CA GLU A 230 13.47 40.44 1.74
C GLU A 230 12.53 41.36 2.49
N ASP A 231 12.01 40.92 3.63
CA ASP A 231 11.17 41.79 4.45
C ASP A 231 11.93 43.00 4.96
N LYS A 232 13.17 42.80 5.42
CA LYS A 232 13.98 43.93 5.87
C LYS A 232 14.32 44.85 4.72
N TRP A 233 14.58 44.29 3.53
CA TRP A 233 14.84 45.13 2.36
C TRP A 233 13.62 45.96 2.00
N LYS A 234 12.43 45.37 2.06
CA LYS A 234 11.21 46.13 1.81
C LYS A 234 11.00 47.22 2.85
N LEU A 235 11.28 46.93 4.12
CA LEU A 235 11.04 47.90 5.17
C LEU A 235 12.04 49.05 5.14
N VAL A 236 13.29 48.77 4.79
CA VAL A 236 14.33 49.79 4.87
C VAL A 236 14.33 50.67 3.62
N ASP A 237 14.29 50.07 2.43
CA ASP A 237 14.37 50.83 1.19
C ASP A 237 13.37 50.21 0.21
N PHE A 238 12.19 50.84 0.11
CA PHE A 238 11.16 50.32 -0.77
C PHE A 238 11.36 50.75 -2.22
N ASN A 239 11.88 51.96 -2.44
CA ASN A 239 12.01 52.48 -3.80
C ASN A 239 12.96 51.64 -4.63
N GLN A 240 14.14 51.32 -4.08
CA GLN A 240 15.10 50.52 -4.81
C GLN A 240 14.58 49.11 -5.07
N TYR A 241 13.90 48.52 -4.08
CA TYR A 241 13.33 47.19 -4.28
C TYR A 241 12.29 47.20 -5.39
N THR A 242 11.41 48.19 -5.40
CA THR A 242 10.39 48.29 -6.43
C THR A 242 11.02 48.50 -7.80
N LEU A 243 12.04 49.35 -7.87
CA LEU A 243 12.72 49.57 -9.15
C LEU A 243 13.37 48.30 -9.66
N LEU A 244 14.00 47.55 -8.76
CA LEU A 244 14.69 46.32 -9.17
C LEU A 244 13.69 45.24 -9.61
N SER A 245 12.50 45.25 -9.00
CA SER A 245 11.55 44.16 -9.33
C SER A 245 10.58 44.60 -10.41
N SER A 246 11.05 44.77 -11.64
CA SER A 246 10.18 45.16 -12.78
C SER A 246 10.76 44.57 -14.03
N SER A 247 11.49 43.47 -13.88
CA SER A 247 12.19 42.90 -15.05
C SER A 247 12.79 41.56 -14.64
N HIS A 248 12.66 40.57 -15.50
CA HIS A 248 13.23 39.24 -15.22
C HIS A 248 14.58 39.46 -14.56
N SER A 249 15.49 40.12 -15.26
CA SER A 249 16.86 40.27 -14.70
C SER A 249 16.80 41.04 -13.39
N GLY A 250 16.02 42.10 -13.34
CA GLY A 250 15.98 42.93 -12.13
C GLY A 250 15.67 42.12 -10.89
N SER A 251 15.21 40.89 -11.07
CA SER A 251 14.98 40.02 -9.89
C SER A 251 16.16 39.08 -9.68
N PHE A 252 16.60 38.34 -10.69
CA PHE A 252 17.80 37.50 -10.51
C PHE A 252 18.80 38.24 -9.64
N GLN A 253 18.76 39.57 -9.62
CA GLN A 253 19.83 40.26 -8.91
C GLN A 253 19.52 40.40 -7.42
N ILE A 254 18.24 40.52 -7.05
CA ILE A 254 17.89 40.62 -5.64
C ILE A 254 18.32 39.38 -4.88
N GLN A 255 17.96 38.20 -5.41
CA GLN A 255 18.34 36.96 -4.75
C GLN A 255 19.84 36.75 -4.76
N SER A 256 20.50 37.06 -5.88
CA SER A 256 21.95 36.91 -5.93
C SER A 256 22.66 37.80 -4.91
N ALA A 257 22.23 39.07 -4.81
CA ALA A 257 22.82 39.99 -3.86
C ALA A 257 22.56 39.54 -2.43
N LEU A 258 21.35 39.03 -2.14
CA LEU A 258 21.06 38.55 -0.80
C LEU A 258 21.95 37.36 -0.44
N LYS A 259 22.12 36.42 -1.38
CA LYS A 259 22.99 35.27 -1.10
C LYS A 259 24.42 35.70 -0.85
N LEU A 260 24.94 36.61 -1.69
CA LEU A 260 26.32 37.07 -1.52
C LEU A 260 26.49 37.82 -0.20
N ALA A 261 25.52 38.65 0.17
CA ALA A 261 25.60 39.37 1.44
C ALA A 261 25.59 38.41 2.62
N ILE A 262 24.72 37.39 2.57
CA ILE A 262 24.69 36.40 3.63
C ILE A 262 26.05 35.73 3.77
N TYR A 263 26.61 35.27 2.66
CA TYR A 263 27.89 34.57 2.73
C TYR A 263 28.99 35.49 3.27
N LYS A 264 29.05 36.73 2.77
CA LYS A 264 30.09 37.65 3.19
C LYS A 264 30.00 37.96 4.67
N ALA A 265 28.78 38.20 5.17
CA ALA A 265 28.61 38.54 6.58
C ALA A 265 28.84 37.33 7.47
N THR A 266 28.59 36.12 6.99
CA THR A 266 28.69 34.94 7.84
C THR A 266 30.08 34.31 7.87
N ASN A 267 30.78 34.26 6.74
CA ASN A 267 32.02 33.51 6.65
C ASN A 267 33.28 34.33 6.46
N LEU A 268 33.22 35.45 5.75
CA LEU A 268 34.41 36.20 5.39
C LEU A 268 34.77 37.30 6.38
N VAL A 269 33.96 37.50 7.42
CA VAL A 269 34.22 38.53 8.42
C VAL A 269 34.06 37.92 9.80
N PRO A 270 34.97 38.19 10.75
CA PRO A 270 34.78 37.70 12.12
C PRO A 270 33.49 38.24 12.71
N THR A 271 32.78 37.38 13.45
CA THR A 271 31.48 37.75 14.00
C THR A 271 31.61 38.85 15.04
N SER A 272 32.67 38.80 15.86
CA SER A 272 32.82 39.75 16.95
C SER A 272 32.89 41.19 16.45
N THR A 273 33.29 41.40 15.20
CA THR A 273 33.33 42.75 14.64
C THR A 273 31.96 43.40 14.61
N PHE A 274 30.89 42.60 14.59
CA PHE A 274 29.53 43.14 14.64
C PHE A 274 29.08 43.48 16.05
N LEU A 275 29.87 43.13 17.06
CA LEU A 275 29.50 43.35 18.46
C LEU A 275 30.19 44.54 19.10
N LEU A 276 31.43 44.84 18.69
CA LEU A 276 32.18 45.92 19.31
C LEU A 276 31.75 47.28 18.77
N CYS A 285 30.70 54.25 34.64
CA CYS A 285 29.94 54.27 33.38
C CYS A 285 29.39 52.89 33.06
N ILE A 286 30.27 51.88 33.09
CA ILE A 286 29.85 50.51 32.81
C ILE A 286 28.98 49.97 33.95
N LYS A 287 29.03 50.62 35.12
CA LYS A 287 28.21 50.18 36.24
C LYS A 287 26.72 50.27 35.95
N ASP A 288 26.33 51.17 35.05
CA ASP A 288 24.92 51.41 34.74
C ASP A 288 24.38 50.45 33.68
N ASN A 289 25.20 49.55 33.16
CA ASN A 289 24.73 48.60 32.15
C ASN A 289 23.91 47.51 32.81
N LYS A 290 22.74 47.23 32.23
CA LYS A 290 21.84 46.24 32.81
C LYS A 290 22.44 44.85 32.80
N ILE A 291 23.23 44.53 31.77
CA ILE A 291 23.86 43.21 31.69
C ILE A 291 24.80 42.99 32.86
N VAL A 292 25.60 44.00 33.20
CA VAL A 292 26.48 43.89 34.36
C VAL A 292 25.67 43.73 35.63
N LYS A 293 24.59 44.51 35.77
CA LYS A 293 23.73 44.38 36.94
C LYS A 293 23.12 43.00 37.03
N LEU A 294 22.76 42.41 35.88
CA LEU A 294 22.19 41.07 35.87
C LEU A 294 23.19 40.04 36.40
N LEU A 295 24.42 40.06 35.88
CA LEU A 295 25.41 39.08 36.31
C LEU A 295 25.89 39.34 37.74
N LEU A 296 25.79 40.60 38.20
CA LEU A 296 26.16 40.89 39.59
C LEU A 296 25.22 40.20 40.56
N CYS A 297 23.90 40.30 40.30
CA CYS A 297 22.94 39.65 41.19
C CYS A 297 23.06 38.13 41.13
N GLN A 298 23.51 37.60 39.99
CA GLN A 298 23.59 36.16 39.80
C GLN A 298 24.90 35.56 40.29
N ASN A 299 25.73 36.34 40.97
CA ASN A 299 26.96 35.85 41.58
C ASN A 299 27.95 35.34 40.53
N TYR A 300 28.15 36.13 39.48
CA TYR A 300 29.11 35.83 38.44
C TYR A 300 29.89 37.09 38.07
N ASP A 301 31.12 36.90 37.62
CA ASP A 301 32.00 38.02 37.29
C ASP A 301 31.57 38.62 35.96
N PRO A 302 31.04 39.85 35.95
CA PRO A 302 30.59 40.44 34.67
C PRO A 302 31.70 40.57 33.64
N LEU A 303 32.93 40.86 34.07
CA LEU A 303 34.03 41.05 33.13
C LEU A 303 34.46 39.73 32.50
N LEU A 304 34.57 38.67 33.30
CA LEU A 304 35.09 37.41 32.80
C LEU A 304 34.09 36.71 31.88
N VAL A 305 32.79 36.96 32.09
CA VAL A 305 31.78 36.32 31.26
C VAL A 305 31.91 36.80 29.81
N GLY A 306 32.02 38.11 29.62
CA GLY A 306 32.11 38.64 28.26
C GLY A 306 33.38 38.20 27.55
N GLN A 307 34.50 38.13 28.27
CA GLN A 307 35.76 37.75 27.66
C GLN A 307 35.70 36.33 27.10
N HIS A 308 34.92 35.46 27.73
CA HIS A 308 34.73 34.12 27.19
C HIS A 308 33.75 34.14 26.01
N VAL A 309 32.74 35.01 26.07
CA VAL A 309 31.74 35.08 25.01
C VAL A 309 32.39 35.44 23.68
N LEU A 310 33.29 36.41 23.69
CA LEU A 310 33.94 36.84 22.45
C LEU A 310 34.75 35.70 21.84
N LYS A 311 35.47 34.94 22.66
CA LYS A 311 36.18 33.76 22.16
C LYS A 311 35.20 32.67 21.73
N TRP A 312 34.10 32.52 22.46
CA TRP A 312 33.11 31.50 22.13
C TRP A 312 32.40 31.82 20.82
N ILE A 313 31.93 33.06 20.67
CA ILE A 313 31.18 33.42 19.48
C ILE A 313 32.06 33.38 18.23
N ASP A 314 33.37 33.48 18.40
CA ASP A 314 34.30 33.42 17.28
C ASP A 314 34.84 32.02 17.04
N LYS A 315 34.19 30.99 17.58
CA LYS A 315 34.59 29.59 17.42
C LYS A 315 36.01 29.32 17.91
N LYS A 316 36.40 29.95 19.02
CA LYS A 316 37.75 29.80 19.57
C LYS A 316 37.74 29.16 20.94
N CYS A 317 36.94 28.11 21.14
CA CYS A 317 36.89 27.42 22.42
C CYS A 317 37.06 25.91 22.27
N GLY A 318 37.69 25.46 21.17
CA GLY A 318 37.94 24.04 21.01
C GLY A 318 36.66 23.24 20.93
N LYS A 319 36.61 22.13 21.68
CA LYS A 319 35.46 21.23 21.63
C LYS A 319 34.26 21.79 22.38
N LYS A 320 34.47 22.71 23.32
CA LYS A 320 33.38 23.29 24.11
C LYS A 320 32.65 24.37 23.31
N ASN A 321 31.94 23.91 22.27
CA ASN A 321 31.25 24.81 21.37
C ASN A 321 29.89 25.26 21.91
N THR A 322 29.40 24.64 22.98
CA THR A 322 28.04 24.85 23.46
C THR A 322 28.04 25.59 24.79
N LEU A 323 27.16 26.58 24.90
CA LEU A 323 26.91 27.27 26.15
C LEU A 323 25.50 26.95 26.64
N TRP A 324 25.36 26.82 27.96
CA TRP A 324 24.10 26.40 28.56
C TRP A 324 23.75 27.34 29.70
N PHE A 325 22.52 27.84 29.69
CA PHE A 325 21.97 28.62 30.81
C PHE A 325 20.91 27.79 31.51
N TYR A 326 21.04 27.67 32.84
CA TYR A 326 20.15 26.85 33.63
C TYR A 326 19.73 27.60 34.89
N GLY A 327 18.50 27.39 35.32
CA GLY A 327 17.99 28.00 36.52
C GLY A 327 16.48 27.97 36.62
N PRO A 328 15.95 28.41 37.76
CA PRO A 328 14.50 28.50 37.93
C PRO A 328 13.88 29.47 36.94
N PRO A 329 12.56 29.44 36.78
CA PRO A 329 11.92 30.38 35.85
C PRO A 329 11.98 31.81 36.36
N SER A 330 11.78 32.74 35.41
CA SER A 330 11.79 34.18 35.70
C SER A 330 13.11 34.63 36.32
N THR A 331 14.22 34.08 35.82
CA THR A 331 15.54 34.50 36.25
C THR A 331 16.38 35.06 35.10
N GLY A 332 15.75 35.47 34.00
CA GLY A 332 16.43 36.11 32.91
C GLY A 332 17.20 35.20 31.97
N LYS A 333 16.91 33.89 31.98
CA LYS A 333 17.63 32.97 31.11
C LYS A 333 17.40 33.29 29.64
N THR A 334 16.12 33.44 29.24
CA THR A 334 15.78 33.67 27.85
C THR A 334 16.09 35.10 27.40
N ASN A 335 15.89 36.10 28.26
CA ASN A 335 16.09 37.48 27.86
C ASN A 335 17.54 37.73 27.46
N LEU A 336 18.49 37.21 28.22
CA LEU A 336 19.90 37.39 27.89
C LEU A 336 20.25 36.70 26.57
N ALA A 337 19.69 35.50 26.36
CA ALA A 337 20.00 34.75 25.14
C ALA A 337 19.54 35.48 23.90
N MET A 338 18.34 36.07 23.93
CA MET A 338 17.84 36.80 22.77
C MET A 338 18.60 38.10 22.53
N ALA A 339 19.06 38.75 23.60
CA ALA A 339 19.83 39.98 23.44
C ALA A 339 21.11 39.74 22.66
N ILE A 340 21.79 38.63 22.94
CA ILE A 340 22.97 38.25 22.16
C ILE A 340 22.55 37.87 20.74
N ALA A 341 21.47 37.10 20.62
CA ALA A 341 21.05 36.59 19.31
C ALA A 341 20.58 37.71 18.38
N LYS A 342 20.04 38.79 18.95
CA LYS A 342 19.58 39.89 18.10
C LYS A 342 20.76 40.65 17.48
N SER A 343 21.89 40.69 18.17
CA SER A 343 23.03 41.47 17.68
C SER A 343 23.72 40.81 16.50
N VAL A 344 23.83 39.50 16.48
CA VAL A 344 24.51 38.79 15.40
C VAL A 344 23.68 38.93 14.13
N PRO A 345 24.30 38.86 12.93
CA PRO A 345 23.53 39.04 11.69
C PRO A 345 22.40 38.03 11.52
N VAL A 346 22.73 36.74 11.53
CA VAL A 346 21.77 35.69 11.23
C VAL A 346 21.76 34.70 12.39
N TYR A 347 20.55 34.29 12.79
CA TYR A 347 20.40 33.32 13.86
C TYR A 347 19.16 32.48 13.60
N GLY A 348 19.16 31.27 14.14
CA GLY A 348 18.05 30.35 13.95
C GLY A 348 17.71 29.61 15.23
N MET A 349 16.42 29.30 15.38
CA MET A 349 15.93 28.59 16.55
C MET A 349 15.70 27.12 16.21
N VAL A 350 16.04 26.23 17.15
CA VAL A 350 15.70 24.82 17.00
C VAL A 350 14.19 24.62 17.09
N ASN A 351 13.48 25.53 17.76
CA ASN A 351 12.04 25.41 17.89
C ASN A 351 11.31 25.49 16.55
N TRP A 352 11.75 26.36 15.65
CA TRP A 352 11.11 26.50 14.36
C TRP A 352 11.22 25.27 13.49
N ASN A 353 12.30 24.50 13.64
CA ASN A 353 12.54 23.35 12.79
C ASN A 353 11.55 22.24 13.07
N ASN A 354 11.47 21.28 12.14
CA ASN A 354 10.59 20.14 12.28
C ASN A 354 11.02 19.28 13.47
N GLU A 355 10.04 18.66 14.12
CA GLU A 355 10.34 17.85 15.31
C GLU A 355 11.28 16.70 14.98
N ASN A 356 11.05 16.01 13.86
CA ASN A 356 11.90 14.89 13.47
C ASN A 356 13.20 15.32 12.81
N PHE A 357 13.29 16.57 12.37
CA PHE A 357 14.51 17.11 11.74
C PHE A 357 14.82 18.46 12.35
N PRO A 358 15.30 18.48 13.60
CA PRO A 358 15.51 19.76 14.30
C PRO A 358 16.71 20.54 13.81
N PHE A 359 17.59 19.95 13.00
CA PHE A 359 18.84 20.60 12.61
C PHE A 359 18.89 20.88 11.11
N ASN A 360 17.77 21.27 10.52
CA ASN A 360 17.77 21.70 9.14
C ASN A 360 18.13 23.18 9.03
N ASP A 361 18.85 23.51 7.95
CA ASP A 361 19.28 24.88 7.67
C ASP A 361 20.14 25.43 8.81
N VAL A 362 20.98 24.58 9.41
CA VAL A 362 21.93 25.06 10.41
C VAL A 362 23.02 25.88 9.75
N ALA A 363 23.49 25.47 8.58
CA ALA A 363 24.52 26.22 7.87
C ALA A 363 24.00 27.58 7.45
N GLY A 364 24.92 28.54 7.36
CA GLY A 364 24.55 29.91 7.05
C GLY A 364 24.10 30.73 8.23
N LYS A 365 24.03 30.15 9.43
CA LYS A 365 23.63 30.88 10.61
C LYS A 365 24.85 31.22 11.45
N SER A 366 24.89 32.47 11.94
CA SER A 366 25.97 32.88 12.83
C SER A 366 25.78 32.31 14.22
N LEU A 367 24.55 31.91 14.57
CA LEU A 367 24.26 31.38 15.88
C LEU A 367 23.01 30.51 15.79
N VAL A 368 22.88 29.58 16.73
CA VAL A 368 21.70 28.73 16.85
C VAL A 368 21.22 28.79 18.28
N VAL A 369 19.91 29.00 18.45
CA VAL A 369 19.30 29.15 19.75
C VAL A 369 18.38 27.96 20.00
N TRP A 370 18.43 27.42 21.21
CA TRP A 370 17.60 26.28 21.60
C TRP A 370 16.95 26.63 22.93
N ASP A 371 15.65 26.96 22.89
CA ASP A 371 14.93 27.46 24.06
C ASP A 371 14.18 26.31 24.73
N GLU A 372 14.36 26.20 26.05
CA GLU A 372 13.74 25.16 26.89
C GLU A 372 13.67 23.81 26.17
N GLY A 373 14.82 23.32 25.73
CA GLY A 373 14.85 22.09 24.97
C GLY A 373 15.17 20.88 25.81
N ILE A 374 14.81 19.72 25.25
CA ILE A 374 15.07 18.42 25.87
C ILE A 374 15.61 17.49 24.78
N ILE A 375 16.63 16.70 25.14
CA ILE A 375 17.31 15.83 24.19
C ILE A 375 16.65 14.45 24.25
N LYS A 376 16.20 13.97 23.09
CA LYS A 376 15.62 12.64 22.97
C LYS A 376 16.69 11.63 22.56
N SER A 377 16.46 10.37 22.92
CA SER A 377 17.42 9.32 22.59
C SER A 377 17.56 9.11 21.09
N THR A 378 16.54 9.47 20.31
CA THR A 378 16.61 9.28 18.86
C THR A 378 17.60 10.27 18.23
N ILE A 379 17.62 11.51 18.72
CA ILE A 379 18.45 12.56 18.13
C ILE A 379 19.73 12.81 18.92
N VAL A 380 20.07 11.94 19.87
CA VAL A 380 21.27 12.16 20.68
C VAL A 380 22.52 12.01 19.84
N GLU A 381 22.46 11.22 18.76
CA GLU A 381 23.64 11.06 17.90
C GLU A 381 23.93 12.32 17.11
N ALA A 382 22.90 12.96 16.55
CA ALA A 382 23.10 14.20 15.81
C ALA A 382 23.38 15.37 16.75
N ALA A 383 22.82 15.31 17.96
CA ALA A 383 23.02 16.39 18.92
C ALA A 383 24.49 16.51 19.32
N LYS A 384 25.17 15.37 19.50
CA LYS A 384 26.56 15.38 19.95
C LYS A 384 27.45 16.10 18.95
N ALA A 385 27.25 15.84 17.66
CA ALA A 385 28.10 16.46 16.63
C ALA A 385 27.88 17.96 16.57
N ILE A 386 26.63 18.41 16.56
CA ILE A 386 26.35 19.84 16.42
C ILE A 386 26.75 20.59 17.69
N LEU A 387 26.48 20.00 18.86
CA LEU A 387 26.82 20.68 20.12
C LEU A 387 28.32 20.75 20.34
N GLY A 388 29.07 19.77 19.83
CA GLY A 388 30.50 19.77 19.98
C GLY A 388 31.27 20.55 18.95
N GLY A 389 30.58 21.23 18.04
CA GLY A 389 31.25 21.96 16.98
C GLY A 389 31.73 21.11 15.83
N GLN A 390 31.49 19.82 15.86
CA GLN A 390 31.91 18.95 14.78
C GLN A 390 31.05 19.20 13.55
N PRO A 391 31.64 19.33 12.36
CA PRO A 391 30.83 19.57 11.15
C PRO A 391 29.92 18.39 10.86
N THR A 392 28.73 18.70 10.33
CA THR A 392 27.81 17.66 9.92
C THR A 392 28.22 17.10 8.56
N ARG A 393 27.70 15.91 8.24
CA ARG A 393 28.08 15.24 6.99
C ARG A 393 27.58 16.01 5.77
N VAL A 394 26.49 16.76 5.93
CA VAL A 394 25.93 17.50 4.80
C VAL A 394 26.90 18.57 4.33
N ASP A 395 27.45 19.34 5.27
CA ASP A 395 28.44 20.36 4.90
C ASP A 395 29.73 19.73 4.42
N GLN A 396 30.15 18.63 5.07
CA GLN A 396 31.38 17.96 4.69
C GLN A 396 31.31 17.44 3.26
N LYS A 397 30.20 16.77 2.92
CA LYS A 397 30.05 16.21 1.58
C LYS A 397 29.95 17.29 0.53
N MET A 398 29.41 18.47 0.90
CA MET A 398 29.20 19.55 -0.07
C MET A 398 30.49 20.34 -0.26
N ARG A 399 31.06 20.85 0.83
CA ARG A 399 32.23 21.73 0.77
C ARG A 399 33.42 21.06 0.09
N GLY A 400 33.76 19.85 0.52
CA GLY A 400 34.88 19.14 -0.07
C GLY A 400 35.88 18.63 0.95
N SER A 401 35.98 19.33 2.08
CA SER A 401 36.88 18.98 3.17
C SER A 401 36.10 18.24 4.25
N VAL A 402 36.75 17.97 5.38
CA VAL A 402 36.12 17.20 6.45
C VAL A 402 35.80 18.08 7.64
N ALA A 403 36.09 19.38 7.53
CA ALA A 403 35.80 20.32 8.61
C ALA A 403 35.84 21.74 8.07
N VAL A 404 34.71 22.43 8.08
CA VAL A 404 34.63 23.80 7.58
C VAL A 404 33.66 24.67 8.41
N PRO A 405 32.34 24.41 8.44
CA PRO A 405 31.40 25.50 8.72
C PRO A 405 31.54 26.15 10.10
N GLY A 406 31.34 25.39 11.17
CA GLY A 406 31.44 25.94 12.51
C GLY A 406 30.13 26.57 12.95
N VAL A 407 29.53 26.10 14.04
CA VAL A 407 28.28 26.67 14.53
C VAL A 407 28.29 26.77 16.05
N PRO A 408 28.28 27.97 16.63
CA PRO A 408 28.05 28.08 18.07
C PRO A 408 26.60 27.75 18.42
N VAL A 409 26.39 27.26 19.63
CA VAL A 409 25.07 26.88 20.11
C VAL A 409 24.87 27.44 21.51
N VAL A 410 23.67 27.94 21.79
CA VAL A 410 23.27 28.39 23.11
C VAL A 410 21.97 27.70 23.49
N ILE A 411 21.90 27.21 24.73
CA ILE A 411 20.76 26.43 25.20
C ILE A 411 20.28 27.01 26.53
N THR A 412 18.96 27.12 26.68
CA THR A 412 18.33 27.46 27.95
C THR A 412 17.40 26.32 28.35
N SER A 413 17.23 26.13 29.66
CA SER A 413 16.40 25.05 30.15
C SER A 413 16.10 25.25 31.63
N ASN A 414 14.96 24.71 32.06
CA ASN A 414 14.61 24.67 33.48
C ASN A 414 15.04 23.39 34.17
N GLY A 415 15.54 22.40 33.42
CA GLY A 415 15.94 21.14 33.99
C GLY A 415 17.25 20.66 33.40
N ASP A 416 17.83 19.67 34.07
CA ASP A 416 19.11 19.10 33.66
C ASP A 416 18.92 18.39 32.33
N ILE A 417 19.63 18.86 31.29
CA ILE A 417 19.46 18.33 29.95
C ILE A 417 20.44 17.19 29.69
N THR A 418 21.39 16.98 30.62
CA THR A 418 22.33 15.88 30.47
C THR A 418 21.60 14.55 30.50
N PHE A 419 20.52 14.46 31.26
CA PHE A 419 19.67 13.28 31.23
C PHE A 419 18.98 13.16 29.87
N VAL A 420 18.98 11.95 29.32
CA VAL A 420 18.43 11.69 28.00
C VAL A 420 17.13 10.90 28.16
N VAL A 421 16.09 11.35 27.46
CA VAL A 421 14.79 10.69 27.50
C VAL A 421 14.80 9.49 26.56
N SER A 422 14.49 8.31 27.09
CA SER A 422 14.42 7.10 26.30
C SER A 422 13.09 6.41 26.61
N GLY A 423 12.25 6.28 25.58
CA GLY A 423 10.92 5.72 25.80
C GLY A 423 10.14 6.59 26.77
N ASN A 424 9.61 5.97 27.82
CA ASN A 424 8.96 6.68 28.92
C ASN A 424 9.86 6.77 30.14
N THR A 425 11.16 6.57 29.95
CA THR A 425 12.12 6.56 31.05
C THR A 425 13.25 7.52 30.74
N THR A 426 14.15 7.68 31.70
CA THR A 426 15.29 8.58 31.61
C THR A 426 16.56 7.81 31.92
N THR A 427 17.57 7.97 31.07
CA THR A 427 18.84 7.26 31.23
C THR A 427 19.96 8.27 31.44
N THR A 428 21.12 7.74 31.87
CA THR A 428 22.30 8.56 32.13
C THR A 428 23.52 8.11 31.35
N VAL A 429 23.36 7.36 30.26
CA VAL A 429 24.50 6.83 29.53
C VAL A 429 25.31 7.95 28.90
N HIS A 430 24.64 8.93 28.30
CA HIS A 430 25.30 9.98 27.54
C HIS A 430 25.68 11.20 28.38
N ALA A 431 25.50 11.14 29.70
CA ALA A 431 25.76 12.31 30.53
C ALA A 431 27.21 12.76 30.45
N LYS A 432 28.15 11.81 30.50
CA LYS A 432 29.56 12.18 30.47
C LYS A 432 29.97 12.78 29.13
N ALA A 433 29.49 12.20 28.03
CA ALA A 433 29.85 12.71 26.71
C ALA A 433 29.36 14.13 26.50
N LEU A 434 28.15 14.45 26.94
CA LEU A 434 27.59 15.78 26.75
C LEU A 434 28.26 16.79 27.68
N LYS A 435 28.83 16.34 28.79
CA LYS A 435 29.50 17.25 29.71
C LYS A 435 30.76 17.84 29.09
N GLU A 436 31.46 17.07 28.25
CA GLU A 436 32.68 17.56 27.62
C GLU A 436 32.40 18.74 26.70
N ARG A 437 31.31 18.67 25.93
CA ARG A 437 31.05 19.66 24.89
C ARG A 437 30.34 20.90 25.40
N MET A 438 29.91 20.94 26.65
CA MET A 438 29.04 22.00 27.14
C MET A 438 29.69 22.78 28.27
N VAL A 439 29.12 23.97 28.53
CA VAL A 439 29.51 24.83 29.64
C VAL A 439 28.24 25.28 30.34
N LYS A 440 28.22 25.15 31.67
CA LYS A 440 27.02 25.36 32.45
C LYS A 440 27.11 26.65 33.25
N LEU A 441 25.99 27.37 33.33
CA LEU A 441 25.81 28.52 34.21
C LEU A 441 24.53 28.33 35.00
N ASN A 442 24.54 28.81 36.25
CA ASN A 442 23.41 28.62 37.17
C ASN A 442 22.78 29.98 37.46
N PHE A 443 21.61 30.21 36.86
CA PHE A 443 20.84 31.43 37.12
C PHE A 443 19.80 31.12 38.20
N THR A 444 20.29 31.00 39.43
CA THR A 444 19.48 30.53 40.56
C THR A 444 18.86 31.66 41.37
N VAL A 445 19.02 32.91 40.96
CA VAL A 445 18.53 34.06 41.73
C VAL A 445 17.36 34.68 40.99
N ARG A 446 16.25 34.85 41.71
CA ARG A 446 15.08 35.52 41.14
C ARG A 446 15.43 36.95 40.76
N CYS A 447 15.05 37.35 39.55
CA CYS A 447 15.34 38.68 39.05
C CYS A 447 14.32 39.69 39.55
N SER A 448 14.73 40.95 39.58
CA SER A 448 13.84 42.04 39.95
C SER A 448 12.75 42.21 38.90
N PRO A 449 11.47 42.23 39.30
CA PRO A 449 10.40 42.35 38.30
C PRO A 449 10.23 43.77 37.77
N ASP A 450 11.34 44.40 37.40
CA ASP A 450 11.32 45.76 36.87
C ASP A 450 12.08 45.84 35.57
N MET A 451 13.09 44.97 35.41
CA MET A 451 13.94 44.96 34.22
C MET A 451 13.13 44.74 32.95
N GLY A 452 13.46 45.48 31.90
CA GLY A 452 12.76 45.39 30.62
C GLY A 452 13.53 44.58 29.59
N LEU A 453 13.09 44.74 28.34
CA LEU A 453 13.70 44.04 27.22
C LEU A 453 15.16 44.45 27.03
N LEU A 454 16.08 43.50 27.15
CA LEU A 454 17.48 43.77 26.87
C LEU A 454 17.68 43.99 25.38
N THR A 455 18.42 45.04 25.03
CA THR A 455 18.61 45.47 23.67
C THR A 455 20.04 45.20 23.20
N GLU A 456 20.21 45.26 21.88
CA GLU A 456 21.55 45.08 21.31
C GLU A 456 22.50 46.17 21.79
N ALA A 457 21.99 47.38 22.01
CA ALA A 457 22.84 48.45 22.52
C ALA A 457 23.39 48.11 23.89
N ASP A 458 22.58 47.48 24.74
CA ASP A 458 23.06 47.05 26.05
C ASP A 458 24.18 46.03 25.93
N VAL A 459 24.02 45.07 25.01
CA VAL A 459 25.04 44.03 24.83
C VAL A 459 26.32 44.64 24.27
N GLN A 460 26.19 45.50 23.27
CA GLN A 460 27.38 46.08 22.64
C GLN A 460 28.18 46.92 23.63
N GLN A 461 27.50 47.68 24.48
CA GLN A 461 28.18 48.42 25.52
C GLN A 461 28.94 47.48 26.45
N TRP A 462 28.30 46.39 26.85
CA TRP A 462 28.94 45.43 27.75
C TRP A 462 30.17 44.80 27.12
N LEU A 463 30.05 44.40 25.84
CA LEU A 463 31.16 43.73 25.18
C LEU A 463 32.29 44.68 24.84
N THR A 464 31.97 45.92 24.46
CA THR A 464 33.00 46.89 24.11
C THR A 464 33.91 47.17 25.31
N TRP A 465 33.31 47.41 26.48
CA TRP A 465 34.09 47.69 27.68
C TRP A 465 34.93 46.48 28.08
N CYS A 466 34.33 45.28 28.05
CA CYS A 466 35.04 44.09 28.47
C CYS A 466 36.15 43.71 27.49
N ASN A 467 36.04 44.16 26.23
CA ASN A 467 37.03 43.79 25.24
C ASN A 467 38.39 44.42 25.51
N ALA A 468 38.39 45.72 25.86
CA ALA A 468 39.64 46.45 25.98
C ALA A 468 40.39 46.19 27.28
N GLN A 469 39.73 45.59 28.28
CA GLN A 469 40.39 45.34 29.55
C GLN A 469 41.47 44.27 29.40
N SER A 470 42.20 44.05 30.49
CA SER A 470 43.30 43.09 30.48
C SER A 470 42.78 41.68 30.22
N TRP A 471 43.50 40.95 29.37
CA TRP A 471 43.17 39.58 29.03
C TRP A 471 44.08 38.57 29.72
N ASP A 472 44.73 38.95 30.82
CA ASP A 472 45.71 38.07 31.46
C ASP A 472 45.03 36.96 32.25
N HIS A 473 43.83 37.22 32.76
CA HIS A 473 43.18 36.25 33.63
C HIS A 473 42.58 35.09 32.85
N TYR A 474 42.10 35.36 31.62
CA TYR A 474 41.28 34.38 30.92
C TYR A 474 42.08 33.13 30.55
N GLU A 475 43.25 33.30 29.95
CA GLU A 475 43.98 32.15 29.41
C GLU A 475 44.45 31.19 30.48
N ASN A 476 44.51 31.60 31.75
CA ASN A 476 44.84 30.66 32.82
C ASN A 476 43.77 29.59 32.94
N TRP A 477 42.49 30.00 32.89
CA TRP A 477 41.41 29.02 32.90
C TRP A 477 41.30 28.29 31.57
N ALA A 478 41.76 28.92 30.49
CA ALA A 478 41.70 28.30 29.17
C ALA A 478 42.60 27.08 29.04
N ILE A 479 43.55 26.89 29.96
CA ILE A 479 44.41 25.71 29.91
C ILE A 479 43.60 24.45 30.20
N ASN A 480 42.68 24.51 31.16
CA ASN A 480 41.80 23.39 31.47
C ASN A 480 40.39 23.93 31.73
N TYR A 481 39.46 23.58 30.85
CA TYR A 481 38.11 24.13 30.93
C TYR A 481 37.29 23.39 31.99
N THR A 482 36.84 24.13 32.99
CA THR A 482 35.95 23.56 34.00
C THR A 482 34.53 23.44 33.44
N PHE A 483 33.86 22.35 33.81
CA PHE A 483 32.48 22.16 33.37
C PHE A 483 31.58 23.29 33.89
N ASP A 484 31.74 23.64 35.16
CA ASP A 484 30.99 24.76 35.72
C ASP A 484 31.78 26.06 35.55
N PHE A 485 31.08 27.11 35.13
CA PHE A 485 31.71 28.40 34.99
C PHE A 485 32.13 28.93 36.36
N PRO A 486 33.36 29.42 36.50
CA PRO A 486 33.80 29.94 37.80
C PRO A 486 32.95 31.11 38.26
N GLY A 487 32.69 31.16 39.57
CA GLY A 487 31.86 32.19 40.13
C GLY A 487 32.66 33.46 40.43
N ILE A 488 32.06 34.31 41.27
CA ILE A 488 32.70 35.57 41.64
C ILE A 488 33.91 35.29 42.51
N ASN A 489 35.04 35.91 42.16
CA ASN A 489 36.21 35.97 43.02
C ASN A 489 36.25 37.38 43.59
N ALA A 490 36.13 37.48 44.92
CA ALA A 490 36.00 38.79 45.55
C ALA A 490 37.25 39.65 45.34
N ASP A 491 38.44 39.07 45.46
CA ASP A 491 39.67 39.82 45.33
C ASP A 491 39.99 40.18 43.88
N ALA A 492 39.53 39.40 42.92
CA ALA A 492 39.84 39.63 41.51
C ALA A 492 38.85 40.56 40.82
N LEU A 493 37.85 41.08 41.54
CA LEU A 493 36.88 41.98 40.94
C LEU A 493 37.57 43.24 40.44
N HIS A 494 37.17 43.70 39.25
CA HIS A 494 37.73 44.92 38.70
C HIS A 494 37.40 46.11 39.59
N PRO A 495 38.32 47.05 39.78
CA PRO A 495 38.03 48.21 40.64
C PRO A 495 36.85 49.04 40.18
N ASP A 496 36.51 49.00 38.88
CA ASP A 496 35.38 49.78 38.39
C ASP A 496 34.07 49.34 39.01
N LEU A 497 33.91 48.05 39.27
CA LEU A 497 32.65 47.52 39.78
C LEU A 497 32.63 47.37 41.31
N GLN A 498 33.68 47.81 42.00
CA GLN A 498 33.71 47.73 43.45
C GLN A 498 32.81 48.78 44.09
N VAL B 201 44.75 13.66 -35.89
CA VAL B 201 43.47 14.33 -35.74
C VAL B 201 43.65 15.84 -35.74
N VAL B 202 43.42 16.46 -36.89
CA VAL B 202 43.56 17.91 -37.00
C VAL B 202 42.48 18.60 -36.18
N PRO B 203 42.83 19.58 -35.33
CA PRO B 203 41.80 20.29 -34.57
C PRO B 203 40.84 21.07 -35.45
N PHE B 204 39.74 21.54 -34.87
CA PHE B 204 38.75 22.27 -35.63
C PHE B 204 39.27 23.65 -36.03
N ASN B 205 38.72 24.19 -37.12
CA ASN B 205 39.18 25.46 -37.66
C ASN B 205 38.30 26.60 -37.15
N GLY B 206 37.72 26.43 -35.97
CA GLY B 206 36.83 27.42 -35.43
C GLY B 206 37.57 28.63 -34.85
N LYS B 207 36.81 29.71 -34.65
CA LYS B 207 37.32 30.91 -34.02
C LYS B 207 36.27 31.46 -33.08
N GLY B 208 36.72 32.23 -32.11
CA GLY B 208 35.82 32.76 -31.09
C GLY B 208 36.15 34.19 -30.74
N THR B 209 35.16 34.88 -30.20
CA THR B 209 35.31 36.28 -29.80
C THR B 209 36.15 36.40 -28.54
N LYS B 210 36.31 37.63 -28.06
CA LYS B 210 37.13 37.89 -26.89
C LYS B 210 36.52 37.29 -25.63
N ALA B 211 35.19 37.19 -25.57
CA ALA B 211 34.55 36.62 -24.40
C ALA B 211 34.91 35.14 -24.22
N SER B 212 34.95 34.38 -25.31
CA SER B 212 35.35 32.99 -25.22
C SER B 212 36.80 32.84 -24.79
N ILE B 213 37.68 33.71 -25.28
CA ILE B 213 39.08 33.68 -24.83
C ILE B 213 39.17 34.02 -23.35
N LYS B 214 38.33 34.96 -22.88
CA LYS B 214 38.30 35.27 -21.45
C LYS B 214 37.85 34.05 -20.65
N PHE B 215 36.85 33.33 -21.14
CA PHE B 215 36.38 32.14 -20.45
C PHE B 215 37.47 31.08 -20.40
N GLN B 216 38.18 30.88 -21.51
CA GLN B 216 39.26 29.90 -21.53
C GLN B 216 40.38 30.30 -20.56
N THR B 217 40.71 31.60 -20.52
CA THR B 217 41.71 32.08 -19.58
C THR B 217 41.28 31.86 -18.14
N MET B 218 40.00 32.08 -17.85
CA MET B 218 39.49 31.83 -16.51
C MET B 218 39.59 30.36 -16.14
N VAL B 219 39.28 29.47 -17.09
CA VAL B 219 39.41 28.03 -16.83
C VAL B 219 40.87 27.68 -16.56
N ASN B 220 41.79 28.23 -17.35
CA ASN B 220 43.21 27.99 -17.12
C ASN B 220 43.65 28.50 -15.75
N TRP B 221 43.15 29.66 -15.35
CA TRP B 221 43.47 30.20 -14.03
C TRP B 221 42.95 29.30 -12.91
N LEU B 222 41.73 28.78 -13.06
CA LEU B 222 41.19 27.85 -12.08
C LEU B 222 42.04 26.59 -11.98
N CYS B 223 42.45 26.05 -13.14
CA CYS B 223 43.34 24.89 -13.12
C CYS B 223 44.68 25.19 -12.46
N GLU B 224 45.22 26.38 -12.71
CA GLU B 224 46.52 26.75 -12.16
C GLU B 224 46.46 26.90 -10.65
N ASN B 225 45.45 27.61 -10.15
CA ASN B 225 45.42 27.99 -8.74
C ASN B 225 44.74 26.96 -7.85
N ARG B 226 44.29 25.84 -8.41
CA ARG B 226 43.72 24.73 -7.64
C ARG B 226 42.50 25.18 -6.84
N VAL B 227 41.49 25.63 -7.57
CA VAL B 227 40.19 25.97 -7.00
C VAL B 227 39.15 25.09 -7.67
N PHE B 228 38.37 24.36 -6.88
CA PHE B 228 37.46 23.38 -7.44
C PHE B 228 36.06 23.41 -6.82
N THR B 229 35.81 24.28 -5.85
CA THR B 229 34.49 24.38 -5.23
C THR B 229 34.07 25.85 -5.19
N GLU B 230 32.76 26.07 -5.08
CA GLU B 230 32.24 27.43 -5.01
C GLU B 230 32.73 28.15 -3.76
N ASP B 231 32.76 27.46 -2.62
CA ASP B 231 33.23 28.10 -1.40
C ASP B 231 34.73 28.41 -1.47
N LYS B 232 35.51 27.52 -2.07
CA LYS B 232 36.93 27.81 -2.25
C LYS B 232 37.14 29.01 -3.15
N TRP B 233 36.35 29.12 -4.22
CA TRP B 233 36.45 30.30 -5.09
C TRP B 233 36.06 31.56 -4.34
N LYS B 234 35.03 31.49 -3.50
CA LYS B 234 34.63 32.64 -2.70
C LYS B 234 35.73 33.06 -1.75
N LEU B 235 36.39 32.09 -1.11
CA LEU B 235 37.46 32.40 -0.18
C LEU B 235 38.67 32.99 -0.88
N VAL B 236 39.13 32.36 -1.96
CA VAL B 236 40.34 32.81 -2.63
C VAL B 236 40.13 34.14 -3.32
N ASP B 237 39.04 34.28 -4.09
CA ASP B 237 38.80 35.49 -4.86
C ASP B 237 37.30 35.81 -4.82
N PHE B 238 36.91 36.66 -3.87
CA PHE B 238 35.52 37.08 -3.77
C PHE B 238 35.15 38.10 -4.83
N ASN B 239 36.09 38.93 -5.26
CA ASN B 239 35.78 40.01 -6.19
C ASN B 239 35.30 39.46 -7.54
N GLN B 240 36.07 38.53 -8.11
CA GLN B 240 35.70 37.98 -9.41
C GLN B 240 34.39 37.22 -9.33
N TYR B 241 34.16 36.51 -8.22
CA TYR B 241 32.90 35.80 -8.04
C TYR B 241 31.72 36.76 -7.97
N THR B 242 31.87 37.87 -7.23
CA THR B 242 30.79 38.86 -7.14
C THR B 242 30.52 39.51 -8.50
N LEU B 243 31.58 39.80 -9.26
CA LEU B 243 31.38 40.36 -10.60
C LEU B 243 30.69 39.35 -11.52
N LEU B 244 31.08 38.08 -11.44
CA LEU B 244 30.47 37.07 -12.30
C LEU B 244 29.01 36.80 -11.92
N SER B 245 28.66 36.95 -10.65
CA SER B 245 27.32 36.60 -10.20
C SER B 245 26.31 37.73 -10.39
N SER B 246 26.56 38.65 -11.32
CA SER B 246 25.65 39.77 -11.52
C SER B 246 24.57 39.49 -12.55
N SER B 247 24.65 38.39 -13.29
CA SER B 247 23.67 38.10 -14.32
C SER B 247 23.58 36.60 -14.54
N HIS B 248 22.66 36.20 -15.41
CA HIS B 248 22.48 34.79 -15.72
C HIS B 248 23.71 34.22 -16.44
N SER B 249 24.26 34.97 -17.38
CA SER B 249 25.40 34.46 -18.16
C SER B 249 26.59 34.18 -17.27
N GLY B 250 26.88 35.08 -16.33
CA GLY B 250 27.97 34.85 -15.41
C GLY B 250 27.75 33.65 -14.50
N SER B 251 26.52 33.50 -14.00
CA SER B 251 26.21 32.37 -13.14
C SER B 251 26.28 31.04 -13.88
N PHE B 252 25.98 31.04 -15.18
CA PHE B 252 26.16 29.82 -15.97
C PHE B 252 27.63 29.57 -16.26
N GLN B 253 28.38 30.63 -16.53
CA GLN B 253 29.81 30.49 -16.79
C GLN B 253 30.54 29.96 -15.57
N ILE B 254 30.09 30.34 -14.37
CA ILE B 254 30.71 29.84 -13.15
C ILE B 254 30.65 28.32 -13.10
N GLN B 255 29.45 27.76 -13.31
CA GLN B 255 29.28 26.31 -13.29
C GLN B 255 30.04 25.64 -14.42
N SER B 256 29.98 26.21 -15.62
CA SER B 256 30.69 25.60 -16.75
C SER B 256 32.20 25.58 -16.51
N ALA B 257 32.75 26.69 -16.00
CA ALA B 257 34.18 26.76 -15.74
C ALA B 257 34.58 25.80 -14.63
N LEU B 258 33.76 25.69 -13.57
CA LEU B 258 34.07 24.76 -12.50
C LEU B 258 34.10 23.32 -13.01
N LYS B 259 33.09 22.94 -13.80
CA LYS B 259 33.05 21.58 -14.33
C LYS B 259 34.23 21.31 -15.26
N LEU B 260 34.56 22.27 -16.12
CA LEU B 260 35.66 22.07 -17.05
C LEU B 260 36.99 21.98 -16.32
N ALA B 261 37.19 22.81 -15.30
CA ALA B 261 38.43 22.76 -14.52
C ALA B 261 38.54 21.44 -13.79
N ILE B 262 37.45 20.95 -13.22
CA ILE B 262 37.47 19.66 -12.54
C ILE B 262 37.84 18.55 -13.52
N TYR B 263 37.21 18.56 -14.70
CA TYR B 263 37.50 17.54 -15.69
C TYR B 263 38.96 17.58 -16.13
N LYS B 264 39.49 18.78 -16.35
CA LYS B 264 40.88 18.90 -16.80
C LYS B 264 41.85 18.43 -15.71
N ALA B 265 41.59 18.83 -14.47
CA ALA B 265 42.45 18.42 -13.37
C ALA B 265 42.31 16.95 -13.02
N THR B 266 41.24 16.29 -13.46
CA THR B 266 41.05 14.88 -13.15
C THR B 266 41.50 13.93 -14.25
N ASN B 267 41.19 14.23 -15.51
CA ASN B 267 41.41 13.28 -16.59
C ASN B 267 42.38 13.73 -17.66
N LEU B 268 42.66 15.03 -17.78
CA LEU B 268 43.54 15.53 -18.84
C LEU B 268 44.98 15.67 -18.38
N VAL B 269 45.29 15.48 -17.11
CA VAL B 269 46.63 15.65 -16.58
C VAL B 269 46.93 14.52 -15.60
N PRO B 270 48.07 13.84 -15.71
CA PRO B 270 48.40 12.78 -14.75
C PRO B 270 48.44 13.33 -13.33
N THR B 271 47.92 12.53 -12.38
CA THR B 271 47.81 12.98 -11.01
C THR B 271 49.17 13.21 -10.37
N SER B 272 50.19 12.45 -10.79
CA SER B 272 51.50 12.55 -10.17
C SER B 272 52.09 13.94 -10.32
N THR B 273 51.75 14.65 -11.39
CA THR B 273 52.26 16.01 -11.58
C THR B 273 51.72 17.00 -10.56
N PHE B 274 50.64 16.65 -9.85
CA PHE B 274 50.13 17.50 -8.79
C PHE B 274 50.81 17.24 -7.45
N LEU B 275 51.69 16.23 -7.38
CA LEU B 275 52.46 15.94 -6.19
C LEU B 275 53.91 16.41 -6.28
N LEU B 276 54.49 16.37 -7.48
CA LEU B 276 55.86 16.82 -7.67
C LEU B 276 55.95 18.33 -7.47
N HIS B 277 57.15 18.79 -7.15
CA HIS B 277 57.39 20.21 -6.92
C HIS B 277 58.64 20.68 -7.63
N CYS B 285 66.92 19.16 4.46
CA CYS B 285 67.40 17.84 4.86
C CYS B 285 66.34 16.77 4.63
N ILE B 286 66.68 15.77 3.82
CA ILE B 286 65.74 14.70 3.51
C ILE B 286 65.44 13.86 4.75
N LYS B 287 66.45 13.68 5.62
CA LYS B 287 66.25 12.88 6.82
C LYS B 287 65.32 13.56 7.82
N ASP B 288 65.23 14.89 7.79
CA ASP B 288 64.41 15.61 8.75
C ASP B 288 62.93 15.63 8.38
N ASN B 289 62.55 15.04 7.24
CA ASN B 289 61.16 14.95 6.86
C ASN B 289 60.44 13.99 7.80
N LYS B 290 59.29 14.42 8.32
CA LYS B 290 58.57 13.62 9.31
C LYS B 290 58.12 12.29 8.73
N ILE B 291 57.64 12.29 7.49
CA ILE B 291 57.11 11.07 6.89
C ILE B 291 58.21 10.03 6.70
N VAL B 292 59.42 10.46 6.36
CA VAL B 292 60.53 9.53 6.20
C VAL B 292 60.84 8.85 7.52
N LYS B 293 60.78 9.61 8.63
CA LYS B 293 61.00 9.02 9.95
C LYS B 293 59.94 7.99 10.28
N LEU B 294 58.68 8.27 9.94
CA LEU B 294 57.58 7.40 10.31
C LEU B 294 57.74 6.00 9.70
N LEU B 295 58.08 5.94 8.42
CA LEU B 295 58.24 4.63 7.77
C LEU B 295 59.43 3.88 8.34
N LEU B 296 60.51 4.60 8.66
CA LEU B 296 61.65 3.95 9.31
C LEU B 296 61.26 3.42 10.68
N CYS B 297 60.45 4.17 11.43
CA CYS B 297 59.96 3.70 12.71
C CYS B 297 59.12 2.43 12.54
N GLN B 298 58.27 2.40 11.52
CA GLN B 298 57.46 1.23 11.22
C GLN B 298 58.23 0.15 10.48
N ASN B 299 59.56 0.25 10.43
CA ASN B 299 60.42 -0.74 9.78
C ASN B 299 60.08 -0.89 8.30
N TYR B 300 59.82 0.24 7.64
CA TYR B 300 59.50 0.27 6.22
C TYR B 300 60.44 1.22 5.50
N ASP B 301 60.76 0.90 4.24
CA ASP B 301 61.69 1.67 3.44
C ASP B 301 60.96 2.84 2.79
N PRO B 302 61.32 4.09 3.13
CA PRO B 302 60.61 5.24 2.54
C PRO B 302 60.71 5.32 1.04
N LEU B 303 61.84 4.92 0.45
CA LEU B 303 62.00 5.04 -1.00
C LEU B 303 61.06 4.09 -1.73
N LEU B 304 60.96 2.85 -1.27
CA LEU B 304 60.16 1.85 -1.97
C LEU B 304 58.68 2.18 -1.90
N VAL B 305 58.23 2.73 -0.77
CA VAL B 305 56.83 3.14 -0.65
C VAL B 305 56.54 4.33 -1.55
N GLY B 306 57.41 5.33 -1.53
CA GLY B 306 57.18 6.53 -2.33
C GLY B 306 57.14 6.25 -3.81
N GLN B 307 58.06 5.41 -4.30
CA GLN B 307 58.03 5.04 -5.71
C GLN B 307 56.82 4.20 -6.05
N HIS B 308 56.26 3.49 -5.07
CA HIS B 308 55.04 2.73 -5.31
C HIS B 308 53.84 3.67 -5.51
N VAL B 309 53.78 4.75 -4.72
CA VAL B 309 52.66 5.67 -4.81
C VAL B 309 52.61 6.33 -6.18
N LEU B 310 53.77 6.75 -6.70
CA LEU B 310 53.82 7.43 -7.99
C LEU B 310 53.31 6.56 -9.13
N LYS B 311 53.34 5.24 -8.98
CA LYS B 311 52.76 4.37 -9.99
C LYS B 311 51.32 4.01 -9.65
N TRP B 312 51.00 3.96 -8.37
CA TRP B 312 49.64 3.61 -7.95
C TRP B 312 48.68 4.78 -8.17
N ILE B 313 49.13 6.00 -7.87
CA ILE B 313 48.25 7.17 -8.03
C ILE B 313 47.96 7.43 -9.50
N ASP B 314 48.80 6.91 -10.40
CA ASP B 314 48.59 7.05 -11.83
C ASP B 314 47.95 5.81 -12.44
N LYS B 315 47.47 4.88 -11.62
CA LYS B 315 46.79 3.66 -12.05
C LYS B 315 47.66 2.80 -12.97
N LYS B 316 48.98 2.86 -12.80
CA LYS B 316 49.88 2.05 -13.61
C LYS B 316 50.21 0.71 -12.95
N CYS B 317 49.75 0.48 -11.72
CA CYS B 317 50.04 -0.77 -11.04
C CYS B 317 49.10 -1.90 -11.42
N GLY B 318 48.12 -1.64 -12.27
CA GLY B 318 47.25 -2.72 -12.73
C GLY B 318 46.18 -3.06 -11.72
N LYS B 319 46.12 -4.35 -11.37
CA LYS B 319 45.00 -4.84 -10.55
C LYS B 319 45.07 -4.32 -9.12
N LYS B 320 46.26 -4.27 -8.52
CA LYS B 320 46.40 -3.89 -7.12
C LYS B 320 46.24 -2.37 -6.99
N ASN B 321 44.97 -1.95 -6.93
CA ASN B 321 44.62 -0.54 -6.85
C ASN B 321 44.43 -0.05 -5.42
N THR B 322 44.61 -0.91 -4.42
CA THR B 322 44.27 -0.59 -3.04
C THR B 322 45.47 -0.75 -2.13
N LEU B 323 45.64 0.21 -1.22
CA LEU B 323 46.60 0.12 -0.12
C LEU B 323 45.84 -0.01 1.19
N TRP B 324 46.36 -0.85 2.09
CA TRP B 324 45.70 -1.12 3.37
C TRP B 324 46.64 -0.72 4.49
N PHE B 325 46.16 0.13 5.39
CA PHE B 325 46.89 0.50 6.60
C PHE B 325 46.23 -0.19 7.78
N TYR B 326 46.96 -1.10 8.41
CA TYR B 326 46.42 -1.95 9.47
C TYR B 326 47.34 -1.93 10.68
N GLY B 327 46.74 -1.99 11.87
CA GLY B 327 47.51 -2.00 13.09
C GLY B 327 46.72 -1.48 14.27
N PRO B 328 47.37 -1.42 15.43
CA PRO B 328 46.71 -0.91 16.64
C PRO B 328 46.29 0.54 16.45
N PRO B 329 45.29 1.00 17.20
CA PRO B 329 44.83 2.38 17.05
C PRO B 329 45.86 3.38 17.58
N SER B 330 45.66 4.64 17.18
CA SER B 330 46.46 5.79 17.62
C SER B 330 47.94 5.65 17.23
N THR B 331 48.23 4.99 16.12
CA THR B 331 49.59 4.89 15.62
C THR B 331 49.84 5.77 14.41
N GLY B 332 48.88 6.62 14.04
CA GLY B 332 49.05 7.55 12.94
C GLY B 332 48.61 7.04 11.59
N LYS B 333 47.83 5.97 11.52
CA LYS B 333 47.41 5.42 10.23
C LYS B 333 46.60 6.44 9.45
N THR B 334 45.65 7.12 10.11
CA THR B 334 44.84 8.12 9.44
C THR B 334 45.66 9.35 9.08
N ASN B 335 46.68 9.66 9.89
CA ASN B 335 47.47 10.86 9.66
C ASN B 335 48.19 10.81 8.30
N LEU B 336 48.82 9.68 7.99
CA LEU B 336 49.51 9.56 6.71
C LEU B 336 48.52 9.48 5.55
N ALA B 337 47.41 8.77 5.74
CA ALA B 337 46.43 8.62 4.67
C ALA B 337 45.80 9.97 4.31
N MET B 338 45.44 10.76 5.33
CA MET B 338 44.81 12.05 5.06
C MET B 338 45.80 13.04 4.48
N ALA B 339 47.09 12.90 4.81
CA ALA B 339 48.10 13.81 4.28
C ALA B 339 48.17 13.71 2.76
N ILE B 340 48.14 12.50 2.22
CA ILE B 340 48.13 12.33 0.77
C ILE B 340 46.86 12.90 0.18
N ALA B 341 45.72 12.68 0.85
CA ALA B 341 44.44 13.13 0.32
C ALA B 341 44.40 14.65 0.22
N LYS B 342 44.97 15.35 1.20
CA LYS B 342 44.94 16.81 1.17
C LYS B 342 45.80 17.40 0.05
N SER B 343 46.69 16.60 -0.54
CA SER B 343 47.56 17.09 -1.60
C SER B 343 46.96 16.95 -2.99
N VAL B 344 46.17 15.90 -3.24
CA VAL B 344 45.58 15.67 -4.56
C VAL B 344 44.52 16.73 -4.80
N PRO B 345 44.13 16.99 -6.06
CA PRO B 345 43.14 18.04 -6.35
C PRO B 345 41.84 17.90 -5.56
N VAL B 346 41.19 16.74 -5.68
CA VAL B 346 39.92 16.51 -5.00
C VAL B 346 39.84 15.02 -4.64
N TYR B 347 39.28 14.73 -3.46
CA TYR B 347 39.16 13.36 -2.97
C TYR B 347 37.76 13.14 -2.42
N GLY B 348 37.32 11.88 -2.45
CA GLY B 348 36.03 11.48 -1.92
C GLY B 348 36.20 10.46 -0.81
N MET B 349 35.38 10.56 0.22
CA MET B 349 35.41 9.66 1.37
C MET B 349 34.13 8.85 1.41
N VAL B 350 34.28 7.54 1.63
CA VAL B 350 33.12 6.65 1.68
C VAL B 350 32.23 6.98 2.87
N ASN B 351 32.81 7.53 3.94
CA ASN B 351 32.02 7.85 5.14
C ASN B 351 30.96 8.91 4.86
N TRP B 352 31.19 9.80 3.91
CA TRP B 352 30.20 10.84 3.60
C TRP B 352 28.94 10.25 2.99
N ASN B 353 29.09 9.25 2.13
CA ASN B 353 27.97 8.73 1.35
C ASN B 353 26.96 8.03 2.24
N ASN B 354 25.78 7.79 1.67
CA ASN B 354 24.66 7.27 2.45
C ASN B 354 24.92 5.83 2.89
N GLU B 355 24.06 5.35 3.78
CA GLU B 355 24.24 4.04 4.40
C GLU B 355 24.28 2.92 3.36
N ASN B 356 23.24 2.85 2.51
CA ASN B 356 23.08 1.75 1.57
C ASN B 356 23.77 1.99 0.24
N PHE B 357 24.27 3.21 -0.01
CA PHE B 357 24.93 3.54 -1.27
C PHE B 357 26.26 4.20 -0.98
N PRO B 358 27.28 3.41 -0.64
CA PRO B 358 28.58 4.01 -0.29
C PRO B 358 29.38 4.49 -1.48
N PHE B 359 29.22 3.84 -2.63
CA PHE B 359 30.07 4.11 -3.79
C PHE B 359 29.48 5.14 -4.75
N ASN B 360 28.67 6.07 -4.24
CA ASN B 360 28.19 7.17 -5.07
C ASN B 360 29.23 8.28 -5.14
N ASP B 361 29.08 9.15 -6.13
CA ASP B 361 29.90 10.35 -6.28
C ASP B 361 31.38 9.97 -6.48
N VAL B 362 31.62 8.74 -6.94
CA VAL B 362 32.99 8.30 -7.18
C VAL B 362 33.57 8.94 -8.44
N ALA B 363 32.75 9.17 -9.46
CA ALA B 363 33.25 9.68 -10.73
C ALA B 363 33.84 11.08 -10.56
N GLY B 364 34.89 11.35 -11.34
CA GLY B 364 35.56 12.64 -11.29
C GLY B 364 36.29 12.92 -10.01
N LYS B 365 36.90 11.90 -9.40
CA LYS B 365 37.67 12.05 -8.18
C LYS B 365 39.07 11.50 -8.37
N SER B 366 40.02 12.04 -7.60
CA SER B 366 41.40 11.60 -7.70
C SER B 366 41.71 10.44 -6.76
N LEU B 367 41.18 10.49 -5.54
CA LEU B 367 41.50 9.50 -4.52
C LEU B 367 40.26 9.22 -3.68
N VAL B 368 40.12 7.96 -3.26
CA VAL B 368 39.03 7.53 -2.39
C VAL B 368 39.61 7.10 -1.06
N VAL B 369 39.15 7.71 0.02
CA VAL B 369 39.63 7.42 1.36
C VAL B 369 38.54 6.68 2.13
N TRP B 370 38.92 5.60 2.79
CA TRP B 370 37.99 4.75 3.53
C TRP B 370 38.67 4.33 4.82
N ASP B 371 38.30 4.95 5.94
CA ASP B 371 38.91 4.69 7.22
C ASP B 371 38.00 3.83 8.09
N GLU B 372 38.60 2.88 8.81
CA GLU B 372 37.87 1.93 9.65
C GLU B 372 36.78 1.21 8.88
N GLY B 373 37.08 0.82 7.64
CA GLY B 373 36.06 0.26 6.78
C GLY B 373 35.82 -1.21 7.06
N ILE B 374 34.56 -1.62 6.96
CA ILE B 374 34.14 -3.02 7.08
C ILE B 374 33.29 -3.35 5.87
N ILE B 375 33.60 -4.46 5.21
CA ILE B 375 32.90 -4.88 4.01
C ILE B 375 31.78 -5.85 4.40
N LYS B 376 30.56 -5.48 4.08
CA LYS B 376 29.40 -6.35 4.32
C LYS B 376 29.15 -7.23 3.11
N SER B 377 28.52 -8.38 3.35
CA SER B 377 28.24 -9.32 2.27
C SER B 377 27.21 -8.77 1.29
N THR B 378 26.36 -7.84 1.73
CA THR B 378 25.35 -7.28 0.82
C THR B 378 26.00 -6.48 -0.31
N ILE B 379 27.04 -5.71 -0.01
CA ILE B 379 27.68 -4.86 -1.00
C ILE B 379 29.09 -5.31 -1.35
N VAL B 380 29.48 -6.55 -1.03
CA VAL B 380 30.83 -7.01 -1.34
C VAL B 380 31.04 -7.09 -2.85
N GLU B 381 30.00 -7.44 -3.61
CA GLU B 381 30.12 -7.50 -5.06
C GLU B 381 30.39 -6.13 -5.68
N ALA B 382 29.72 -5.07 -5.22
CA ALA B 382 30.01 -3.74 -5.73
C ALA B 382 31.35 -3.24 -5.21
N ALA B 383 31.78 -3.72 -4.04
CA ALA B 383 33.06 -3.29 -3.49
C ALA B 383 34.22 -3.82 -4.31
N LYS B 384 34.11 -5.06 -4.80
CA LYS B 384 35.22 -5.67 -5.54
C LYS B 384 35.55 -4.91 -6.82
N ALA B 385 34.53 -4.29 -7.44
CA ALA B 385 34.77 -3.59 -8.70
C ALA B 385 35.71 -2.41 -8.52
N ILE B 386 35.41 -1.53 -7.56
CA ILE B 386 36.24 -0.35 -7.35
C ILE B 386 37.59 -0.72 -6.75
N LEU B 387 37.58 -1.63 -5.77
CA LEU B 387 38.84 -2.04 -5.16
C LEU B 387 39.76 -2.78 -6.13
N GLY B 388 39.22 -3.29 -7.22
CA GLY B 388 40.01 -3.95 -8.25
C GLY B 388 40.40 -3.06 -9.40
N GLY B 389 39.98 -1.80 -9.42
CA GLY B 389 40.26 -0.93 -10.52
C GLY B 389 39.31 -1.05 -11.69
N GLN B 390 38.35 -1.96 -11.60
CA GLN B 390 37.35 -2.09 -12.65
C GLN B 390 36.39 -0.91 -12.62
N PRO B 391 35.96 -0.43 -13.78
CA PRO B 391 35.08 0.75 -13.82
C PRO B 391 33.65 0.37 -13.46
N THR B 392 32.91 1.33 -12.89
CA THR B 392 31.49 1.12 -12.62
C THR B 392 30.72 0.96 -13.93
N ARG B 393 29.66 0.15 -13.88
CA ARG B 393 28.91 -0.15 -15.09
C ARG B 393 28.15 1.06 -15.62
N VAL B 394 27.77 2.00 -14.76
CA VAL B 394 27.05 3.18 -15.22
C VAL B 394 27.93 4.05 -16.10
N ASP B 395 29.23 4.12 -15.77
CA ASP B 395 30.16 4.88 -16.62
C ASP B 395 30.35 4.21 -17.97
N GLN B 396 30.14 2.89 -18.05
CA GLN B 396 30.32 2.20 -19.32
C GLN B 396 29.31 2.65 -20.36
N LYS B 397 28.12 3.08 -19.93
CA LYS B 397 27.06 3.47 -20.85
C LYS B 397 26.81 4.98 -20.87
N MET B 398 26.89 5.62 -19.69
CA MET B 398 26.72 7.09 -19.65
C MET B 398 27.91 7.69 -20.40
N ARG B 399 29.09 7.07 -20.31
CA ARG B 399 30.22 7.53 -21.15
C ARG B 399 30.05 6.81 -22.49
N GLY B 400 29.96 5.48 -22.47
CA GLY B 400 29.33 4.83 -23.64
C GLY B 400 30.14 3.67 -24.19
N SER B 401 31.29 3.36 -23.60
CA SER B 401 32.07 2.17 -24.03
C SER B 401 32.82 1.63 -22.83
N VAL B 402 33.49 0.49 -22.97
CA VAL B 402 34.33 0.03 -21.83
C VAL B 402 35.69 0.69 -21.94
N ALA B 403 35.71 2.03 -21.96
CA ALA B 403 36.98 2.80 -21.97
C ALA B 403 37.05 3.61 -20.68
N VAL B 404 36.07 3.45 -19.79
CA VAL B 404 36.00 4.27 -18.56
C VAL B 404 37.04 3.78 -17.55
N PRO B 405 37.76 4.68 -16.84
CA PRO B 405 38.83 4.28 -15.91
C PRO B 405 38.33 4.03 -14.49
N GLY B 406 39.24 3.86 -13.53
CA GLY B 406 38.78 3.73 -12.15
C GLY B 406 39.54 4.68 -11.25
N VAL B 407 39.24 4.57 -9.96
CA VAL B 407 39.81 5.49 -8.97
C VAL B 407 40.66 4.70 -7.98
N PRO B 408 41.85 5.21 -7.61
CA PRO B 408 42.62 4.57 -6.54
C PRO B 408 41.90 4.65 -5.20
N VAL B 409 42.10 3.64 -4.37
CA VAL B 409 41.45 3.54 -3.07
C VAL B 409 42.52 3.27 -2.01
N VAL B 410 42.41 3.97 -0.88
CA VAL B 410 43.27 3.74 0.28
C VAL B 410 42.38 3.45 1.49
N ILE B 411 42.72 2.39 2.22
CA ILE B 411 41.90 1.91 3.34
C ILE B 411 42.77 1.86 4.59
N THR B 412 42.26 2.39 5.69
CA THR B 412 42.87 2.26 7.00
C THR B 412 41.88 1.57 7.94
N SER B 413 42.35 0.53 8.62
CA SER B 413 41.46 -0.29 9.45
C SER B 413 42.20 -0.77 10.68
N ASN B 414 41.46 -0.93 11.78
CA ASN B 414 42.02 -1.50 13.01
C ASN B 414 41.99 -3.02 13.01
N GLY B 415 41.07 -3.63 12.28
CA GLY B 415 40.98 -5.07 12.16
C GLY B 415 41.09 -5.51 10.72
N ASP B 416 41.07 -6.85 10.54
CA ASP B 416 41.14 -7.43 9.21
C ASP B 416 39.87 -7.10 8.44
N ILE B 417 40.03 -6.73 7.17
CA ILE B 417 38.87 -6.42 6.33
C ILE B 417 38.53 -7.54 5.35
N THR B 418 39.38 -8.56 5.25
CA THR B 418 39.05 -9.71 4.42
C THR B 418 37.94 -10.56 5.02
N PHE B 419 37.64 -10.36 6.30
CA PHE B 419 36.54 -11.06 6.97
C PHE B 419 35.25 -10.28 6.68
N VAL B 420 34.58 -10.62 5.59
CA VAL B 420 33.37 -9.91 5.22
C VAL B 420 32.23 -10.32 6.15
N VAL B 421 31.48 -9.33 6.62
CA VAL B 421 30.39 -9.57 7.56
C VAL B 421 29.16 -10.04 6.80
N SER B 422 28.56 -11.14 7.25
CA SER B 422 27.33 -11.65 6.68
C SER B 422 26.34 -11.92 7.80
N GLY B 423 25.31 -11.07 7.88
CA GLY B 423 24.32 -11.22 8.94
C GLY B 423 24.94 -10.96 10.29
N ASN B 424 25.07 -12.02 11.08
CA ASN B 424 25.73 -11.98 12.39
C ASN B 424 26.82 -13.05 12.48
N THR B 425 27.53 -13.26 11.38
CA THR B 425 28.55 -14.30 11.33
C THR B 425 29.64 -13.89 10.34
N THR B 426 30.87 -14.24 10.67
CA THR B 426 32.01 -13.97 9.80
C THR B 426 32.21 -15.11 8.81
N THR B 427 32.46 -14.75 7.56
CA THR B 427 32.74 -15.73 6.50
C THR B 427 34.00 -15.31 5.75
N THR B 428 34.75 -16.31 5.29
CA THR B 428 36.04 -16.09 4.64
C THR B 428 36.07 -16.55 3.19
N VAL B 429 34.92 -16.73 2.55
CA VAL B 429 34.91 -17.18 1.16
C VAL B 429 35.51 -16.11 0.25
N HIS B 430 35.26 -14.84 0.55
CA HIS B 430 35.71 -13.74 -0.30
C HIS B 430 37.14 -13.32 0.00
N ALA B 431 37.82 -13.96 0.94
CA ALA B 431 39.17 -13.56 1.30
C ALA B 431 40.15 -13.73 0.13
N LYS B 432 39.94 -14.77 -0.68
CA LYS B 432 40.86 -15.03 -1.79
C LYS B 432 40.82 -13.90 -2.82
N ALA B 433 39.61 -13.47 -3.20
CA ALA B 433 39.49 -12.44 -4.24
C ALA B 433 40.07 -11.11 -3.79
N LEU B 434 39.83 -10.72 -2.54
CA LEU B 434 40.29 -9.42 -2.05
C LEU B 434 41.81 -9.34 -2.01
N LYS B 435 42.48 -10.43 -1.61
CA LYS B 435 43.93 -10.42 -1.51
C LYS B 435 44.62 -10.26 -2.85
N GLU B 436 43.93 -10.59 -3.95
CA GLU B 436 44.53 -10.43 -5.28
C GLU B 436 44.71 -8.97 -5.63
N ARG B 437 43.94 -8.08 -5.01
CA ARG B 437 43.83 -6.70 -5.44
C ARG B 437 44.45 -5.72 -4.46
N MET B 438 45.15 -6.18 -3.42
CA MET B 438 45.43 -5.34 -2.28
C MET B 438 46.89 -5.46 -1.84
N VAL B 439 47.36 -4.41 -1.17
CA VAL B 439 48.70 -4.33 -0.61
C VAL B 439 48.58 -3.89 0.84
N LYS B 440 49.30 -4.55 1.74
CA LYS B 440 49.12 -4.39 3.17
C LYS B 440 50.33 -3.72 3.79
N LEU B 441 50.07 -2.88 4.80
CA LEU B 441 51.09 -2.26 5.64
C LEU B 441 50.68 -2.42 7.10
N ASN B 442 51.67 -2.46 7.98
CA ASN B 442 51.45 -2.75 9.40
C ASN B 442 52.01 -1.60 10.26
N PHE B 443 51.12 -0.76 10.78
CA PHE B 443 51.49 0.30 11.70
C PHE B 443 51.40 -0.22 13.14
N THR B 444 52.42 -0.99 13.51
CA THR B 444 52.43 -1.63 14.83
C THR B 444 53.04 -0.75 15.90
N VAL B 445 54.17 -0.10 15.61
CA VAL B 445 54.90 0.69 16.60
C VAL B 445 54.18 2.02 16.76
N ARG B 446 53.59 2.24 17.94
CA ARG B 446 52.93 3.49 18.22
C ARG B 446 53.95 4.62 18.29
N CYS B 447 53.57 5.79 17.76
CA CYS B 447 54.45 6.95 17.78
C CYS B 447 54.13 7.83 18.98
N SER B 448 55.09 8.68 19.34
CA SER B 448 54.90 9.62 20.43
C SER B 448 53.85 10.65 20.06
N PRO B 449 53.04 11.11 21.02
CA PRO B 449 51.99 12.09 20.71
C PRO B 449 52.53 13.49 20.51
N ASP B 450 53.55 13.64 19.65
CA ASP B 450 54.12 14.95 19.36
C ASP B 450 54.44 15.12 17.88
N MET B 451 54.00 14.18 17.03
CA MET B 451 54.30 14.29 15.61
C MET B 451 53.53 15.43 14.95
N GLY B 452 52.36 15.77 15.48
CA GLY B 452 51.59 16.86 14.92
C GLY B 452 50.91 16.50 13.62
N LEU B 453 50.13 17.45 13.12
CA LEU B 453 49.42 17.26 11.86
C LEU B 453 50.39 17.35 10.69
N LEU B 454 50.49 16.28 9.92
CA LEU B 454 51.34 16.29 8.74
C LEU B 454 50.79 17.23 7.69
N THR B 455 51.70 17.83 6.91
CA THR B 455 51.35 18.85 5.93
C THR B 455 51.64 18.34 4.53
N GLU B 456 50.92 18.89 3.56
CA GLU B 456 51.10 18.51 2.17
C GLU B 456 52.50 18.87 1.67
N ALA B 457 53.15 19.85 2.32
CA ALA B 457 54.53 20.18 1.95
C ALA B 457 55.46 19.01 2.21
N ASP B 458 55.24 18.27 3.30
CA ASP B 458 56.03 17.08 3.58
C ASP B 458 55.83 16.03 2.49
N VAL B 459 54.57 15.83 2.05
CA VAL B 459 54.29 14.87 1.00
C VAL B 459 54.98 15.26 -0.30
N GLN B 460 54.89 16.54 -0.67
CA GLN B 460 55.51 17.00 -1.91
C GLN B 460 57.03 16.87 -1.84
N GLN B 461 57.62 17.19 -0.69
CA GLN B 461 59.06 17.04 -0.52
C GLN B 461 59.47 15.58 -0.62
N TRP B 462 58.77 14.70 0.11
CA TRP B 462 59.14 13.29 0.13
C TRP B 462 58.97 12.66 -1.24
N LEU B 463 57.86 12.96 -1.92
CA LEU B 463 57.61 12.37 -3.23
C LEU B 463 58.59 12.86 -4.28
N THR B 464 59.01 14.13 -4.20
CA THR B 464 59.98 14.65 -5.15
C THR B 464 61.31 13.90 -5.05
N TRP B 465 61.76 13.64 -3.83
CA TRP B 465 63.02 12.92 -3.63
C TRP B 465 62.93 11.49 -4.16
N CYS B 466 61.79 10.83 -3.95
CA CYS B 466 61.65 9.44 -4.38
C CYS B 466 61.81 9.29 -5.89
N ASN B 467 61.23 10.20 -6.67
CA ASN B 467 61.36 10.12 -8.11
C ASN B 467 62.77 10.44 -8.58
N ALA B 468 63.52 11.22 -7.78
CA ALA B 468 64.87 11.60 -8.17
C ALA B 468 65.88 10.47 -8.08
N GLN B 469 65.57 9.42 -7.32
CA GLN B 469 66.50 8.31 -7.16
C GLN B 469 66.27 7.26 -8.24
N SER B 470 66.93 6.11 -8.09
CA SER B 470 66.81 5.05 -9.07
C SER B 470 65.43 4.39 -8.99
N TRP B 471 64.94 3.91 -10.13
CA TRP B 471 63.64 3.26 -10.18
C TRP B 471 63.72 1.76 -10.44
N ASP B 472 64.91 1.25 -10.78
CA ASP B 472 65.05 -0.19 -10.99
C ASP B 472 64.87 -0.95 -9.68
N HIS B 473 65.16 -0.30 -8.55
CA HIS B 473 65.00 -0.95 -7.25
C HIS B 473 63.55 -1.36 -7.01
N TYR B 474 62.60 -0.49 -7.37
CA TYR B 474 61.20 -0.84 -7.28
C TYR B 474 60.80 -1.82 -8.37
N GLU B 475 61.43 -1.73 -9.54
CA GLU B 475 61.06 -2.58 -10.67
C GLU B 475 61.29 -4.06 -10.38
N ASN B 476 62.29 -4.38 -9.54
CA ASN B 476 62.52 -5.77 -9.18
C ASN B 476 61.32 -6.37 -8.45
N TRP B 477 60.74 -5.61 -7.53
CA TRP B 477 59.55 -6.08 -6.82
C TRP B 477 58.30 -5.98 -7.70
N ALA B 478 58.36 -5.17 -8.76
CA ALA B 478 57.21 -5.01 -9.64
C ALA B 478 56.98 -6.19 -10.56
N ILE B 479 57.92 -7.14 -10.62
CA ILE B 479 57.75 -8.30 -11.50
C ILE B 479 56.54 -9.12 -11.07
N ASN B 480 56.38 -9.32 -9.76
CA ASN B 480 55.22 -10.03 -9.23
C ASN B 480 54.90 -9.42 -7.87
N TYR B 481 53.83 -8.63 -7.80
CA TYR B 481 53.49 -7.91 -6.58
C TYR B 481 53.13 -8.89 -5.46
N THR B 482 53.63 -8.60 -4.27
CA THR B 482 53.30 -9.41 -3.10
C THR B 482 52.21 -8.72 -2.28
N PHE B 483 51.37 -9.54 -1.65
CA PHE B 483 50.30 -8.99 -0.81
C PHE B 483 50.87 -8.21 0.36
N ASP B 484 51.91 -8.73 1.00
CA ASP B 484 52.54 -8.04 2.11
C ASP B 484 53.72 -7.22 1.61
N PHE B 485 53.99 -6.12 2.29
CA PHE B 485 55.07 -5.22 1.89
C PHE B 485 56.36 -5.61 2.60
N PRO B 486 57.43 -5.93 1.88
CA PRO B 486 58.68 -6.34 2.53
C PRO B 486 59.23 -5.24 3.43
N GLY B 487 59.85 -5.67 4.53
CA GLY B 487 60.36 -4.74 5.51
C GLY B 487 61.70 -4.14 5.12
N ILE B 488 62.28 -3.39 6.06
CA ILE B 488 63.54 -2.70 5.81
C ILE B 488 64.65 -3.71 5.59
N ASN B 489 65.41 -3.52 4.51
CA ASN B 489 66.62 -4.28 4.24
C ASN B 489 67.81 -3.34 4.46
N ALA B 490 68.67 -3.69 5.41
CA ALA B 490 69.77 -2.81 5.77
C ALA B 490 70.77 -2.62 4.64
N ASP B 491 70.94 -3.62 3.78
CA ASP B 491 71.84 -3.47 2.64
C ASP B 491 71.26 -2.54 1.58
N ALA B 492 69.95 -2.60 1.37
CA ALA B 492 69.31 -1.84 0.30
C ALA B 492 68.95 -0.41 0.70
N LEU B 493 69.20 -0.02 1.95
CA LEU B 493 68.84 1.31 2.40
C LEU B 493 69.63 2.36 1.63
N HIS B 494 68.99 3.49 1.36
CA HIS B 494 69.62 4.55 0.59
C HIS B 494 70.81 5.11 1.38
N PRO B 495 71.90 5.48 0.69
CA PRO B 495 73.07 6.00 1.41
C PRO B 495 72.78 7.20 2.28
N ASP B 496 71.90 8.11 1.84
CA ASP B 496 71.57 9.28 2.64
C ASP B 496 70.84 8.90 3.93
N LEU B 497 69.92 7.95 3.88
CA LEU B 497 69.11 7.59 5.03
C LEU B 497 69.89 6.89 6.14
N GLN B 498 71.06 6.31 5.82
CA GLN B 498 71.87 5.63 6.82
C GLN B 498 72.54 6.63 7.75
N VAL C 201 12.40 15.00 -54.53
CA VAL C 201 11.84 16.30 -54.88
C VAL C 201 12.83 17.39 -54.47
N VAL C 202 12.77 18.52 -55.16
CA VAL C 202 13.68 19.65 -54.90
C VAL C 202 13.50 20.12 -53.47
N PRO C 203 14.57 20.21 -52.68
CA PRO C 203 14.46 20.68 -51.30
C PRO C 203 14.04 22.14 -51.25
N PHE C 204 13.86 22.64 -50.02
CA PHE C 204 13.44 24.01 -49.83
C PHE C 204 14.53 24.97 -50.28
N ASN C 205 14.14 26.03 -50.98
CA ASN C 205 15.06 27.04 -51.49
C ASN C 205 15.37 28.08 -50.42
N GLY C 206 15.95 27.62 -49.33
CA GLY C 206 16.33 28.48 -48.22
C GLY C 206 17.63 29.20 -48.49
N LYS C 207 18.07 29.94 -47.46
CA LYS C 207 19.31 30.70 -47.53
C LYS C 207 19.94 30.69 -46.14
N GLY C 208 20.84 29.74 -45.90
CA GLY C 208 21.50 29.62 -44.62
C GLY C 208 22.35 30.82 -44.24
N THR C 209 22.20 31.30 -43.02
CA THR C 209 23.00 32.42 -42.56
C THR C 209 24.44 31.99 -42.31
N LYS C 210 25.27 32.96 -41.90
CA LYS C 210 26.67 32.70 -41.64
C LYS C 210 26.85 31.73 -40.47
N ALA C 211 26.07 31.93 -39.40
CA ALA C 211 26.21 31.09 -38.21
C ALA C 211 25.79 29.66 -38.49
N SER C 212 24.70 29.47 -39.25
CA SER C 212 24.18 28.13 -39.50
C SER C 212 25.17 27.27 -40.28
N ILE C 213 25.87 27.87 -41.25
CA ILE C 213 26.86 27.12 -42.02
C ILE C 213 27.99 26.63 -41.13
N LYS C 214 28.37 27.40 -40.11
CA LYS C 214 29.35 26.92 -39.14
C LYS C 214 28.84 25.69 -38.42
N PHE C 215 27.56 25.70 -38.03
CA PHE C 215 26.97 24.53 -37.38
C PHE C 215 26.98 23.32 -38.30
N GLN C 216 26.66 23.53 -39.58
CA GLN C 216 26.70 22.42 -40.54
C GLN C 216 28.10 21.86 -40.67
N THR C 217 29.10 22.75 -40.76
CA THR C 217 30.48 22.28 -40.88
C THR C 217 30.92 21.53 -39.63
N MET C 218 30.50 22.00 -38.46
CA MET C 218 30.84 21.30 -37.21
C MET C 218 30.19 19.92 -37.17
N VAL C 219 28.93 19.82 -37.60
CA VAL C 219 28.27 18.52 -37.63
C VAL C 219 28.98 17.58 -38.60
N ASN C 220 29.39 18.09 -39.76
CA ASN C 220 30.13 17.25 -40.71
C ASN C 220 31.46 16.79 -40.11
N TRP C 221 32.17 17.70 -39.44
CA TRP C 221 33.47 17.35 -38.86
C TRP C 221 33.31 16.30 -37.77
N LEU C 222 32.26 16.41 -36.95
CA LEU C 222 32.03 15.42 -35.90
C LEU C 222 31.82 14.04 -36.49
N CYS C 223 31.03 13.94 -37.56
CA CYS C 223 30.83 12.66 -38.23
C CYS C 223 32.12 12.15 -38.85
N GLU C 224 32.93 13.06 -39.39
CA GLU C 224 34.15 12.64 -40.08
C GLU C 224 35.14 11.97 -39.13
N ASN C 225 35.31 12.49 -37.93
CA ASN C 225 36.30 11.98 -36.98
C ASN C 225 35.71 11.05 -35.95
N ARG C 226 34.45 10.64 -36.12
CA ARG C 226 33.79 9.69 -35.22
C ARG C 226 33.79 10.18 -33.77
N VAL C 227 33.42 11.45 -33.58
CA VAL C 227 33.28 12.02 -32.25
C VAL C 227 31.82 12.06 -31.87
N PHE C 228 31.35 11.05 -31.14
CA PHE C 228 29.93 10.90 -30.86
C PHE C 228 29.56 11.10 -29.39
N THR C 229 30.53 11.38 -28.53
CA THR C 229 30.23 11.57 -27.11
C THR C 229 31.00 12.78 -26.60
N GLU C 230 30.46 13.39 -25.54
CA GLU C 230 31.11 14.57 -24.96
C GLU C 230 32.48 14.22 -24.40
N ASP C 231 32.62 13.07 -23.76
CA ASP C 231 33.92 12.62 -23.26
C ASP C 231 34.91 12.38 -24.39
N LYS C 232 34.45 11.92 -25.54
CA LYS C 232 35.34 11.80 -26.71
C LYS C 232 35.72 13.17 -27.24
N TRP C 233 34.76 14.12 -27.25
CA TRP C 233 35.05 15.46 -27.75
C TRP C 233 36.07 16.16 -26.87
N LYS C 234 35.97 15.99 -25.55
CA LYS C 234 36.93 16.64 -24.65
C LYS C 234 38.34 16.14 -24.89
N LEU C 235 38.51 14.83 -25.10
CA LEU C 235 39.83 14.29 -25.38
C LEU C 235 40.35 14.71 -26.75
N VAL C 236 39.49 14.63 -27.78
CA VAL C 236 39.92 14.93 -29.13
C VAL C 236 40.25 16.41 -29.29
N ASP C 237 39.35 17.29 -28.84
CA ASP C 237 39.55 18.73 -29.01
C ASP C 237 38.91 19.44 -27.80
N PHE C 238 39.75 19.74 -26.81
CA PHE C 238 39.27 20.48 -25.64
C PHE C 238 39.07 21.96 -25.95
N ASN C 239 39.85 22.51 -26.88
CA ASN C 239 39.77 23.93 -27.19
C ASN C 239 38.38 24.30 -27.69
N GLN C 240 37.96 23.69 -28.81
CA GLN C 240 36.66 24.01 -29.38
C GLN C 240 35.53 23.69 -28.41
N TYR C 241 35.69 22.64 -27.61
CA TYR C 241 34.67 22.31 -26.62
C TYR C 241 34.52 23.42 -25.60
N THR C 242 35.64 23.96 -25.10
CA THR C 242 35.56 25.06 -24.15
C THR C 242 34.97 26.31 -24.81
N LEU C 243 35.40 26.62 -26.03
CA LEU C 243 34.87 27.79 -26.72
C LEU C 243 33.36 27.69 -26.90
N LEU C 244 32.87 26.51 -27.26
CA LEU C 244 31.42 26.32 -27.38
C LEU C 244 30.74 26.44 -26.03
N SER C 245 31.23 25.71 -25.03
CA SER C 245 30.60 25.72 -23.71
C SER C 245 30.80 27.03 -22.97
N SER C 246 31.43 28.02 -23.60
CA SER C 246 31.52 29.35 -23.00
C SER C 246 30.17 30.01 -22.81
N SER C 247 29.12 29.54 -23.49
CA SER C 247 27.82 30.19 -23.41
C SER C 247 26.72 29.17 -23.62
N HIS C 248 25.49 29.62 -23.38
CA HIS C 248 24.32 28.75 -23.50
C HIS C 248 24.13 28.27 -24.94
N SER C 249 24.28 29.18 -25.90
CA SER C 249 24.08 28.83 -27.31
C SER C 249 25.06 27.75 -27.75
N GLY C 250 26.31 27.83 -27.29
CA GLY C 250 27.29 26.81 -27.63
C GLY C 250 26.91 25.45 -27.06
N SER C 251 26.42 25.41 -25.82
CA SER C 251 26.00 24.15 -25.23
C SER C 251 24.82 23.56 -26.00
N PHE C 252 23.86 24.40 -26.37
CA PHE C 252 22.73 23.91 -27.16
C PHE C 252 23.20 23.39 -28.51
N GLN C 253 24.15 24.08 -29.14
CA GLN C 253 24.70 23.62 -30.41
C GLN C 253 25.41 22.28 -30.25
N ILE C 254 26.14 22.10 -29.14
CA ILE C 254 26.79 20.82 -28.87
C ILE C 254 25.75 19.71 -28.77
N GLN C 255 24.70 19.95 -27.98
CA GLN C 255 23.68 18.91 -27.77
C GLN C 255 22.97 18.56 -29.06
N SER C 256 22.64 19.56 -29.89
CA SER C 256 21.98 19.28 -31.16
C SER C 256 22.93 18.58 -32.13
N ALA C 257 24.19 19.02 -32.20
CA ALA C 257 25.12 18.48 -33.17
C ALA C 257 25.46 17.03 -32.86
N LEU C 258 25.54 16.67 -31.57
CA LEU C 258 25.80 15.27 -31.23
C LEU C 258 24.70 14.36 -31.76
N LYS C 259 23.44 14.74 -31.53
CA LYS C 259 22.33 13.93 -32.02
C LYS C 259 22.30 13.88 -33.54
N LEU C 260 22.57 15.02 -34.19
CA LEU C 260 22.57 15.03 -35.66
C LEU C 260 23.68 14.14 -36.21
N ALA C 261 24.87 14.18 -35.61
CA ALA C 261 25.96 13.33 -36.07
C ALA C 261 25.63 11.86 -35.85
N ILE C 262 25.01 11.51 -34.72
CA ILE C 262 24.63 10.13 -34.48
C ILE C 262 23.62 9.67 -35.51
N TYR C 263 22.63 10.51 -35.80
CA TYR C 263 21.62 10.15 -36.80
C TYR C 263 22.24 9.98 -38.18
N LYS C 264 23.15 10.89 -38.55
CA LYS C 264 23.80 10.78 -39.86
C LYS C 264 24.65 9.52 -39.96
N ALA C 265 25.37 9.18 -38.90
CA ALA C 265 26.22 8.00 -38.94
C ALA C 265 25.45 6.69 -38.80
N THR C 266 24.21 6.74 -38.29
CA THR C 266 23.44 5.52 -38.10
C THR C 266 22.51 5.23 -39.28
N ASN C 267 21.66 6.17 -39.65
CA ASN C 267 20.62 5.95 -40.65
C ASN C 267 21.03 6.35 -42.05
N LEU C 268 21.43 7.60 -42.26
CA LEU C 268 21.64 8.13 -43.59
C LEU C 268 22.91 7.61 -44.27
N VAL C 269 23.82 7.00 -43.51
CA VAL C 269 25.06 6.49 -44.10
C VAL C 269 25.21 5.02 -43.73
N PRO C 270 25.50 4.15 -44.69
CA PRO C 270 25.70 2.73 -44.35
C PRO C 270 26.88 2.55 -43.41
N THR C 271 26.74 1.58 -42.50
CA THR C 271 27.79 1.32 -41.51
C THR C 271 29.05 0.76 -42.16
N SER C 272 28.89 -0.05 -43.22
CA SER C 272 30.05 -0.69 -43.85
C SER C 272 31.06 0.32 -44.36
N THR C 273 30.61 1.54 -44.69
CA THR C 273 31.53 2.57 -45.15
C THR C 273 32.61 2.88 -44.12
N PHE C 274 32.32 2.69 -42.83
CA PHE C 274 33.32 2.92 -41.79
C PHE C 274 34.16 1.69 -41.49
N LEU C 275 33.84 0.54 -42.09
CA LEU C 275 34.66 -0.65 -41.94
C LEU C 275 35.67 -0.80 -43.07
N LEU C 276 35.23 -0.56 -44.32
CA LEU C 276 36.13 -0.64 -45.45
C LEU C 276 37.17 0.48 -45.38
N HIS C 277 38.41 0.15 -45.70
CA HIS C 277 39.50 1.12 -45.65
C HIS C 277 39.30 2.23 -46.67
N CYS C 285 51.62 -10.26 -46.53
CA CYS C 285 50.33 -10.26 -47.20
C CYS C 285 49.19 -10.52 -46.24
N ILE C 286 48.11 -11.11 -46.74
CA ILE C 286 46.96 -11.43 -45.89
C ILE C 286 47.31 -12.53 -44.90
N LYS C 287 48.35 -13.31 -45.19
CA LYS C 287 48.77 -14.37 -44.27
C LYS C 287 49.25 -13.82 -42.92
N ASP C 288 49.60 -12.53 -42.87
CA ASP C 288 50.12 -11.94 -41.65
C ASP C 288 49.02 -11.47 -40.70
N ASN C 289 47.76 -11.51 -41.11
CA ASN C 289 46.67 -11.02 -40.29
C ASN C 289 46.31 -12.02 -39.21
N LYS C 290 46.12 -11.54 -37.98
CA LYS C 290 45.79 -12.42 -36.87
C LYS C 290 44.44 -13.10 -37.08
N ILE C 291 43.44 -12.35 -37.52
CA ILE C 291 42.10 -12.90 -37.66
C ILE C 291 42.06 -13.98 -38.74
N VAL C 292 42.86 -13.81 -39.80
CA VAL C 292 42.87 -14.80 -40.87
C VAL C 292 43.36 -16.15 -40.35
N LYS C 293 44.46 -16.14 -39.58
CA LYS C 293 44.96 -17.39 -39.00
C LYS C 293 43.96 -17.98 -38.01
N LEU C 294 43.27 -17.12 -37.26
CA LEU C 294 42.35 -17.59 -36.23
C LEU C 294 41.25 -18.49 -36.80
N LEU C 295 40.67 -18.07 -37.93
CA LEU C 295 39.56 -18.84 -38.49
C LEU C 295 40.04 -20.16 -39.09
N LEU C 296 41.31 -20.22 -39.49
CA LEU C 296 41.87 -21.50 -39.92
C LEU C 296 41.97 -22.49 -38.76
N CYS C 297 42.27 -21.97 -37.56
CA CYS C 297 42.30 -22.84 -36.37
C CYS C 297 40.92 -23.44 -36.11
N GLN C 298 39.87 -22.62 -36.23
CA GLN C 298 38.50 -23.07 -36.02
C GLN C 298 37.86 -23.65 -37.28
N ASN C 299 38.65 -23.91 -38.32
CA ASN C 299 38.17 -24.50 -39.57
C ASN C 299 37.06 -23.66 -40.21
N TYR C 300 37.25 -22.34 -40.25
CA TYR C 300 36.33 -21.43 -40.93
C TYR C 300 37.09 -20.61 -41.96
N ASP C 301 36.48 -20.43 -43.12
CA ASP C 301 37.12 -19.69 -44.20
C ASP C 301 37.07 -18.20 -43.91
N PRO C 302 38.21 -17.51 -43.82
CA PRO C 302 38.17 -16.07 -43.54
C PRO C 302 37.41 -15.26 -44.58
N LEU C 303 37.45 -15.67 -45.85
CA LEU C 303 36.78 -14.91 -46.90
C LEU C 303 35.27 -14.93 -46.72
N LEU C 304 34.70 -16.12 -46.51
CA LEU C 304 33.25 -16.22 -46.32
C LEU C 304 32.80 -15.50 -45.06
N VAL C 305 33.56 -15.63 -43.97
CA VAL C 305 33.23 -14.92 -42.73
C VAL C 305 33.28 -13.42 -42.96
N GLY C 306 34.32 -12.95 -43.65
CA GLY C 306 34.42 -11.52 -43.94
C GLY C 306 33.28 -11.02 -44.80
N GLN C 307 32.93 -11.79 -45.84
CA GLN C 307 31.85 -11.38 -46.74
C GLN C 307 30.50 -11.43 -46.03
N HIS C 308 30.28 -12.45 -45.20
CA HIS C 308 29.01 -12.57 -44.50
C HIS C 308 28.80 -11.44 -43.51
N VAL C 309 29.86 -11.05 -42.80
CA VAL C 309 29.75 -9.98 -41.81
C VAL C 309 29.40 -8.67 -42.49
N LEU C 310 30.00 -8.40 -43.66
CA LEU C 310 29.74 -7.14 -44.36
C LEU C 310 28.28 -7.02 -44.74
N LYS C 311 27.67 -8.10 -45.23
CA LYS C 311 26.25 -8.06 -45.56
C LYS C 311 25.38 -8.05 -44.30
N TRP C 312 25.86 -8.69 -43.22
CA TRP C 312 25.06 -8.78 -42.02
C TRP C 312 24.97 -7.43 -41.30
N ILE C 313 26.07 -6.69 -41.27
CA ILE C 313 26.10 -5.44 -40.52
C ILE C 313 25.15 -4.41 -41.13
N ASP C 314 24.85 -4.53 -42.41
CA ASP C 314 23.95 -3.60 -43.09
C ASP C 314 22.54 -4.16 -43.25
N LYS C 315 22.15 -5.14 -42.43
CA LYS C 315 20.80 -5.68 -42.37
C LYS C 315 20.34 -6.27 -43.70
N LYS C 316 21.26 -6.78 -44.51
CA LYS C 316 20.90 -7.35 -45.81
C LYS C 316 20.48 -8.81 -45.72
N CYS C 317 20.71 -9.48 -44.59
CA CYS C 317 20.43 -10.90 -44.47
C CYS C 317 18.97 -11.20 -44.18
N GLY C 318 18.16 -10.20 -43.86
CA GLY C 318 16.75 -10.42 -43.63
C GLY C 318 16.42 -11.07 -42.31
N LYS C 319 15.94 -12.32 -42.35
CA LYS C 319 15.49 -12.98 -41.14
C LYS C 319 16.66 -13.36 -40.23
N LYS C 320 17.74 -13.90 -40.79
CA LYS C 320 18.90 -14.31 -40.01
C LYS C 320 19.73 -13.09 -39.60
N ASN C 321 19.25 -12.41 -38.56
CA ASN C 321 19.85 -11.15 -38.13
C ASN C 321 20.87 -11.33 -37.01
N THR C 322 21.02 -12.53 -36.46
CA THR C 322 21.86 -12.76 -35.29
C THR C 322 22.98 -13.73 -35.62
N LEU C 323 24.19 -13.40 -35.20
CA LEU C 323 25.34 -14.29 -35.29
C LEU C 323 25.69 -14.79 -33.90
N TRP C 324 26.00 -16.08 -33.79
CA TRP C 324 26.21 -16.73 -32.51
C TRP C 324 27.60 -17.35 -32.47
N PHE C 325 28.37 -17.00 -31.44
CA PHE C 325 29.66 -17.62 -31.17
C PHE C 325 29.53 -18.57 -30.00
N TYR C 326 29.93 -19.82 -30.21
CA TYR C 326 29.81 -20.87 -29.20
C TYR C 326 31.09 -21.68 -29.15
N GLY C 327 31.42 -22.18 -27.96
CA GLY C 327 32.59 -23.02 -27.81
C GLY C 327 33.11 -23.08 -26.39
N PRO C 328 34.17 -23.84 -26.17
CA PRO C 328 34.78 -23.92 -24.84
C PRO C 328 35.35 -22.57 -24.43
N PRO C 329 35.61 -22.38 -23.14
CA PRO C 329 36.15 -21.09 -22.69
C PRO C 329 37.57 -20.87 -23.17
N SER C 330 37.97 -19.60 -23.18
CA SER C 330 39.32 -19.14 -23.52
C SER C 330 39.71 -19.42 -24.97
N THR C 331 38.73 -19.62 -25.86
CA THR C 331 39.01 -19.80 -27.28
C THR C 331 38.97 -18.50 -28.06
N GLY C 332 38.83 -17.36 -27.39
CA GLY C 332 38.78 -16.08 -28.07
C GLY C 332 37.42 -15.67 -28.58
N LYS C 333 36.34 -16.23 -28.04
CA LYS C 333 35.00 -15.85 -28.49
C LYS C 333 34.72 -14.38 -28.20
N THR C 334 35.07 -13.91 -27.01
CA THR C 334 34.82 -12.51 -26.65
C THR C 334 35.80 -11.57 -27.35
N ASN C 335 37.03 -12.03 -27.60
CA ASN C 335 38.03 -11.16 -28.22
C ASN C 335 37.61 -10.70 -29.60
N LEU C 336 37.12 -11.63 -30.43
CA LEU C 336 36.73 -11.29 -31.79
C LEU C 336 35.52 -10.34 -31.80
N ALA C 337 34.54 -10.61 -30.93
CA ALA C 337 33.33 -9.79 -30.91
C ALA C 337 33.62 -8.36 -30.48
N MET C 338 34.50 -8.19 -29.49
CA MET C 338 34.82 -6.85 -29.01
C MET C 338 35.51 -6.02 -30.09
N ALA C 339 36.43 -6.64 -30.84
CA ALA C 339 37.16 -5.90 -31.87
C ALA C 339 36.21 -5.37 -32.94
N ILE C 340 35.28 -6.21 -33.39
CA ILE C 340 34.31 -5.79 -34.41
C ILE C 340 33.39 -4.72 -33.83
N ALA C 341 33.00 -4.89 -32.56
CA ALA C 341 32.08 -3.94 -31.94
C ALA C 341 32.67 -2.54 -31.86
N LYS C 342 33.94 -2.43 -31.45
CA LYS C 342 34.54 -1.11 -31.30
C LYS C 342 34.88 -0.47 -32.64
N SER C 343 34.78 -1.20 -33.74
CA SER C 343 35.01 -0.63 -35.07
C SER C 343 33.85 0.22 -35.55
N VAL C 344 32.61 -0.17 -35.25
CA VAL C 344 31.44 0.59 -35.68
C VAL C 344 31.28 1.78 -34.74
N PRO C 345 30.60 2.86 -35.16
CA PRO C 345 30.56 4.07 -34.32
C PRO C 345 29.96 3.85 -32.94
N VAL C 346 28.71 3.40 -32.85
CA VAL C 346 28.01 3.31 -31.58
C VAL C 346 27.46 1.90 -31.44
N TYR C 347 27.73 1.28 -30.28
CA TYR C 347 27.23 -0.06 -29.99
C TYR C 347 26.76 -0.10 -28.55
N GLY C 348 25.76 -0.94 -28.29
CA GLY C 348 25.27 -1.14 -26.94
C GLY C 348 25.43 -2.58 -26.49
N MET C 349 25.45 -2.81 -25.18
CA MET C 349 25.55 -4.15 -24.64
C MET C 349 24.31 -4.46 -23.80
N VAL C 350 23.82 -5.69 -23.93
CA VAL C 350 22.72 -6.15 -23.08
C VAL C 350 23.16 -6.17 -21.62
N ASN C 351 24.44 -6.39 -21.38
CA ASN C 351 24.96 -6.43 -20.01
C ASN C 351 24.78 -5.10 -19.30
N TRP C 352 25.03 -3.99 -19.98
CA TRP C 352 24.89 -2.67 -19.36
C TRP C 352 23.45 -2.36 -18.99
N ASN C 353 22.49 -2.81 -19.79
CA ASN C 353 21.10 -2.44 -19.59
C ASN C 353 20.56 -3.05 -18.29
N ASN C 354 19.38 -2.58 -17.91
CA ASN C 354 18.74 -3.07 -16.69
C ASN C 354 18.40 -4.55 -16.82
N GLU C 355 18.50 -5.27 -15.70
CA GLU C 355 18.23 -6.71 -15.73
C GLU C 355 16.79 -7.00 -16.13
N ASN C 356 15.83 -6.23 -15.61
CA ASN C 356 14.43 -6.46 -15.94
C ASN C 356 14.07 -5.90 -17.32
N PHE C 357 14.86 -4.96 -17.83
CA PHE C 357 14.64 -4.41 -19.16
C PHE C 357 15.93 -4.49 -19.99
N PRO C 358 16.34 -5.70 -20.39
CA PRO C 358 17.61 -5.82 -21.12
C PRO C 358 17.60 -5.20 -22.50
N PHE C 359 16.43 -5.02 -23.11
CA PHE C 359 16.33 -4.50 -24.47
C PHE C 359 15.91 -3.04 -24.51
N ASN C 360 16.19 -2.28 -23.45
CA ASN C 360 16.00 -0.84 -23.51
C ASN C 360 17.17 -0.19 -24.26
N ASP C 361 16.94 1.04 -24.72
CA ASP C 361 17.95 1.83 -25.42
C ASP C 361 18.48 1.12 -26.66
N VAL C 362 17.59 0.43 -27.38
CA VAL C 362 18.00 -0.25 -28.62
C VAL C 362 18.20 0.71 -29.78
N ALA C 363 17.32 1.69 -29.97
CA ALA C 363 17.44 2.60 -31.09
C ALA C 363 18.69 3.46 -30.97
N GLY C 364 19.27 3.81 -32.12
CA GLY C 364 20.48 4.62 -32.13
C GLY C 364 21.76 3.83 -31.95
N LYS C 365 21.72 2.52 -32.10
CA LYS C 365 22.90 1.67 -31.98
C LYS C 365 23.16 0.95 -33.29
N SER C 366 24.42 0.99 -33.74
CA SER C 366 24.79 0.30 -34.96
C SER C 366 25.04 -1.20 -34.74
N LEU C 367 25.14 -1.63 -33.49
CA LEU C 367 25.40 -3.03 -33.18
C LEU C 367 25.04 -3.28 -31.72
N VAL C 368 24.54 -4.49 -31.45
CA VAL C 368 24.21 -4.91 -30.10
C VAL C 368 25.05 -6.13 -29.75
N VAL C 369 25.73 -6.07 -28.61
CA VAL C 369 26.61 -7.14 -28.16
C VAL C 369 26.02 -7.77 -26.91
N TRP C 370 25.96 -9.10 -26.90
CA TRP C 370 25.41 -9.85 -25.79
C TRP C 370 26.39 -10.96 -25.43
N ASP C 371 27.05 -10.84 -24.29
CA ASP C 371 28.12 -11.75 -23.89
C ASP C 371 27.63 -12.72 -22.83
N GLU C 372 27.84 -14.01 -23.09
CA GLU C 372 27.47 -15.09 -22.16
C GLU C 372 25.99 -15.02 -21.79
N GLY C 373 25.15 -14.69 -22.77
CA GLY C 373 23.75 -14.48 -22.47
C GLY C 373 22.98 -15.76 -22.27
N ILE C 374 21.91 -15.66 -21.48
CA ILE C 374 20.96 -16.75 -21.27
C ILE C 374 19.56 -16.17 -21.39
N ILE C 375 18.71 -16.85 -22.16
CA ILE C 375 17.37 -16.37 -22.47
C ILE C 375 16.42 -16.84 -21.38
N LYS C 376 15.65 -15.92 -20.82
CA LYS C 376 14.69 -16.22 -19.76
C LYS C 376 13.27 -16.25 -20.32
N SER C 377 12.41 -17.04 -19.66
CA SER C 377 11.02 -17.17 -20.12
C SER C 377 10.23 -15.88 -19.94
N THR C 378 10.60 -15.04 -18.96
CA THR C 378 9.90 -13.78 -18.77
C THR C 378 10.09 -12.82 -19.93
N ILE C 379 11.26 -12.83 -20.57
CA ILE C 379 11.56 -11.96 -21.70
C ILE C 379 11.71 -12.71 -23.00
N VAL C 380 11.19 -13.94 -23.09
CA VAL C 380 11.38 -14.74 -24.30
C VAL C 380 10.67 -14.12 -25.49
N GLU C 381 9.52 -13.48 -25.28
CA GLU C 381 8.77 -12.91 -26.40
C GLU C 381 9.48 -11.71 -27.01
N ALA C 382 10.02 -10.82 -26.17
CA ALA C 382 10.72 -9.65 -26.69
C ALA C 382 12.01 -10.05 -27.40
N ALA C 383 12.60 -11.18 -27.01
CA ALA C 383 13.85 -11.62 -27.62
C ALA C 383 13.64 -12.04 -29.07
N LYS C 384 12.47 -12.62 -29.38
CA LYS C 384 12.21 -13.08 -30.73
C LYS C 384 12.20 -11.92 -31.72
N ALA C 385 11.64 -10.78 -31.31
CA ALA C 385 11.57 -9.62 -32.20
C ALA C 385 12.96 -9.04 -32.45
N ILE C 386 13.75 -8.88 -31.39
CA ILE C 386 15.06 -8.26 -31.53
C ILE C 386 16.01 -9.15 -32.34
N LEU C 387 16.03 -10.45 -32.04
CA LEU C 387 16.91 -11.36 -32.77
C LEU C 387 16.49 -11.51 -34.22
N GLY C 388 15.22 -11.27 -34.55
CA GLY C 388 14.73 -11.34 -35.89
C GLY C 388 14.67 -10.04 -36.63
N GLY C 389 15.14 -8.95 -36.03
CA GLY C 389 15.08 -7.65 -36.67
C GLY C 389 13.74 -6.96 -36.61
N GLN C 390 12.81 -7.48 -35.80
CA GLN C 390 11.49 -6.86 -35.72
C GLN C 390 11.54 -5.67 -34.76
N PRO C 391 11.23 -4.46 -35.23
CA PRO C 391 11.30 -3.29 -34.35
C PRO C 391 10.20 -3.30 -33.30
N THR C 392 10.48 -2.61 -32.19
CA THR C 392 9.49 -2.48 -31.14
C THR C 392 8.39 -1.51 -31.54
N ARG C 393 7.35 -1.43 -30.70
CA ARG C 393 6.23 -0.53 -30.98
C ARG C 393 6.66 0.92 -30.91
N VAL C 394 7.73 1.22 -30.16
CA VAL C 394 8.25 2.59 -30.12
C VAL C 394 8.73 3.01 -31.51
N ASP C 395 9.45 2.11 -32.19
CA ASP C 395 9.92 2.40 -33.53
C ASP C 395 8.78 2.40 -34.54
N GLN C 396 7.59 1.95 -34.13
CA GLN C 396 6.47 1.88 -35.05
C GLN C 396 5.57 3.12 -34.91
N LYS C 397 5.07 3.38 -33.70
CA LYS C 397 4.05 4.41 -33.54
C LYS C 397 4.65 5.81 -33.41
N MET C 398 5.88 5.88 -32.93
CA MET C 398 6.52 7.21 -32.76
C MET C 398 7.31 7.50 -34.04
N ARG C 399 7.68 6.44 -34.74
CA ARG C 399 8.33 6.68 -36.05
C ARG C 399 7.27 6.50 -37.14
N GLY C 400 6.03 6.18 -36.74
CA GLY C 400 4.83 6.36 -37.58
C GLY C 400 4.82 5.45 -38.80
N SER C 401 5.20 4.19 -38.64
CA SER C 401 5.25 3.21 -39.76
C SER C 401 5.18 1.80 -39.18
N VAL C 402 5.43 0.79 -40.00
CA VAL C 402 5.31 -0.60 -39.51
C VAL C 402 6.69 -1.08 -39.07
N ALA C 403 7.75 -0.62 -39.74
CA ALA C 403 9.11 -1.10 -39.40
C ALA C 403 10.17 -0.14 -39.95
N VAL C 404 11.26 0.06 -39.19
CA VAL C 404 12.29 1.05 -39.65
C VAL C 404 13.70 0.46 -39.49
N PRO C 405 14.26 0.27 -38.28
CA PRO C 405 15.65 -0.15 -38.13
C PRO C 405 15.87 -1.63 -38.40
N GLY C 406 17.12 -2.10 -38.25
CA GLY C 406 17.37 -3.51 -38.40
C GLY C 406 18.13 -4.10 -37.23
N VAL C 407 18.84 -3.24 -36.50
CA VAL C 407 19.49 -3.52 -35.22
C VAL C 407 20.22 -4.87 -35.25
N PRO C 408 21.39 -4.96 -35.90
CA PRO C 408 22.15 -6.22 -35.86
C PRO C 408 22.55 -6.59 -34.43
N VAL C 409 22.55 -7.88 -34.12
CA VAL C 409 22.82 -8.38 -32.78
C VAL C 409 23.79 -9.54 -32.86
N VAL C 410 24.74 -9.57 -31.93
CA VAL C 410 25.72 -10.65 -31.83
C VAL C 410 25.63 -11.25 -30.43
N ILE C 411 25.72 -12.58 -30.35
CA ILE C 411 25.59 -13.31 -29.10
C ILE C 411 26.75 -14.28 -28.96
N THR C 412 27.33 -14.34 -27.77
CA THR C 412 28.40 -15.27 -27.43
C THR C 412 28.00 -16.03 -26.18
N SER C 413 28.40 -17.31 -26.10
CA SER C 413 28.03 -18.13 -24.96
C SER C 413 28.93 -19.36 -24.91
N ASN C 414 28.92 -20.01 -23.75
CA ASN C 414 29.63 -21.28 -23.56
C ASN C 414 28.71 -22.49 -23.72
N GLY C 415 27.39 -22.30 -23.57
CA GLY C 415 26.43 -23.37 -23.70
C GLY C 415 25.41 -23.10 -24.78
N ASP C 416 24.35 -23.89 -24.77
CA ASP C 416 23.27 -23.74 -25.73
C ASP C 416 22.25 -22.75 -25.20
N ILE C 417 22.06 -21.64 -25.92
CA ILE C 417 21.13 -20.61 -25.47
C ILE C 417 19.71 -20.89 -25.94
N THR C 418 19.53 -21.80 -26.89
CA THR C 418 18.18 -22.13 -27.37
C THR C 418 17.34 -22.81 -26.30
N PHE C 419 17.94 -23.30 -25.22
CA PHE C 419 17.21 -23.90 -24.12
C PHE C 419 16.84 -22.79 -23.14
N VAL C 420 15.67 -22.16 -23.35
CA VAL C 420 15.26 -21.06 -22.51
C VAL C 420 14.88 -21.57 -21.12
N VAL C 421 15.40 -20.90 -20.09
CA VAL C 421 15.09 -21.28 -18.72
C VAL C 421 13.65 -20.91 -18.42
N SER C 422 12.92 -21.85 -17.80
CA SER C 422 11.56 -21.62 -17.36
C SER C 422 11.47 -21.95 -15.88
N GLY C 423 11.41 -20.91 -15.05
CA GLY C 423 11.44 -21.11 -13.62
C GLY C 423 12.73 -21.75 -13.17
N ASN C 424 12.66 -23.00 -12.73
CA ASN C 424 13.82 -23.80 -12.38
C ASN C 424 13.94 -25.02 -13.29
N THR C 425 13.43 -24.90 -14.51
CA THR C 425 13.37 -26.03 -15.43
C THR C 425 13.83 -25.57 -16.81
N THR C 426 14.27 -26.55 -17.61
CA THR C 426 14.71 -26.31 -18.98
C THR C 426 13.67 -26.85 -19.95
N THR C 427 13.33 -26.05 -20.96
CA THR C 427 12.33 -26.41 -21.95
C THR C 427 12.85 -26.15 -23.35
N THR C 428 12.35 -26.93 -24.31
CA THR C 428 12.77 -26.83 -25.70
C THR C 428 11.67 -26.37 -26.63
N VAL C 429 10.65 -25.67 -26.11
CA VAL C 429 9.52 -25.26 -26.95
C VAL C 429 9.97 -24.27 -28.02
N HIS C 430 10.79 -23.30 -27.63
CA HIS C 430 11.18 -22.22 -28.54
C HIS C 430 12.39 -22.57 -29.41
N ALA C 431 12.83 -23.82 -29.40
CA ALA C 431 13.99 -24.21 -30.20
C ALA C 431 13.73 -23.99 -31.69
N LYS C 432 12.53 -24.33 -32.16
CA LYS C 432 12.23 -24.20 -33.59
C LYS C 432 12.26 -22.75 -34.04
N ALA C 433 11.67 -21.84 -33.25
CA ALA C 433 11.54 -20.46 -33.70
C ALA C 433 12.88 -19.74 -33.70
N LEU C 434 13.69 -19.92 -32.65
CA LEU C 434 14.93 -19.18 -32.51
C LEU C 434 16.01 -19.66 -33.47
N LYS C 435 16.11 -20.96 -33.71
CA LYS C 435 17.16 -21.50 -34.57
C LYS C 435 17.06 -20.99 -36.01
N GLU C 436 15.88 -20.52 -36.44
CA GLU C 436 15.78 -19.93 -37.76
C GLU C 436 16.38 -18.54 -37.81
N ARG C 437 16.30 -17.80 -36.70
CA ARG C 437 16.77 -16.42 -36.68
C ARG C 437 18.28 -16.29 -36.52
N MET C 438 18.96 -17.34 -36.11
CA MET C 438 20.37 -17.24 -35.75
C MET C 438 21.27 -17.95 -36.74
N VAL C 439 22.56 -17.65 -36.65
CA VAL C 439 23.62 -18.36 -37.35
C VAL C 439 24.66 -18.77 -36.33
N LYS C 440 25.05 -20.04 -36.35
CA LYS C 440 25.87 -20.63 -35.30
C LYS C 440 27.29 -20.85 -35.78
N LEU C 441 28.25 -20.42 -34.96
CA LEU C 441 29.67 -20.67 -35.19
C LEU C 441 30.26 -21.33 -33.95
N ASN C 442 31.11 -22.33 -34.17
CA ASN C 442 31.70 -23.10 -33.08
C ASN C 442 33.20 -22.85 -33.04
N PHE C 443 33.70 -22.42 -31.87
CA PHE C 443 35.13 -22.19 -31.66
C PHE C 443 35.70 -23.39 -30.92
N THR C 444 35.98 -24.45 -31.67
CA THR C 444 36.39 -25.72 -31.09
C THR C 444 37.82 -25.72 -30.57
N VAL C 445 38.76 -25.09 -31.27
CA VAL C 445 40.18 -25.21 -30.98
C VAL C 445 40.62 -24.03 -30.12
N ARG C 446 41.27 -24.33 -29.01
CA ARG C 446 41.86 -23.30 -28.15
C ARG C 446 43.12 -22.75 -28.82
N CYS C 447 43.23 -21.44 -28.89
CA CYS C 447 44.36 -20.81 -29.57
C CYS C 447 45.48 -20.51 -28.57
N SER C 448 46.54 -19.90 -29.08
CA SER C 448 47.71 -19.62 -28.26
C SER C 448 47.38 -18.61 -27.17
N PRO C 449 47.94 -18.75 -25.97
CA PRO C 449 47.69 -17.76 -24.92
C PRO C 449 48.25 -16.38 -25.22
N ASP C 450 49.15 -16.25 -26.22
CA ASP C 450 49.79 -14.99 -26.54
C ASP C 450 49.23 -14.36 -27.81
N MET C 451 47.96 -14.60 -28.12
CA MET C 451 47.36 -13.97 -29.29
C MET C 451 47.24 -12.47 -29.11
N GLY C 452 46.94 -12.01 -27.90
CA GLY C 452 46.88 -10.59 -27.61
C GLY C 452 45.55 -9.96 -28.00
N LEU C 453 45.45 -8.66 -27.72
CA LEU C 453 44.24 -7.92 -28.02
C LEU C 453 44.23 -7.49 -29.48
N LEU C 454 43.12 -7.75 -30.16
CA LEU C 454 42.96 -7.27 -31.52
C LEU C 454 42.55 -5.79 -31.51
N THR C 455 42.79 -5.13 -32.63
CA THR C 455 42.50 -3.70 -32.76
C THR C 455 41.67 -3.48 -34.02
N GLU C 456 41.18 -2.24 -34.15
CA GLU C 456 40.39 -1.88 -35.33
C GLU C 456 41.20 -2.00 -36.61
N ALA C 457 42.52 -1.80 -36.51
CA ALA C 457 43.38 -1.94 -37.69
C ALA C 457 43.32 -3.36 -38.26
N ASP C 458 43.34 -4.36 -37.40
CA ASP C 458 43.19 -5.75 -37.85
C ASP C 458 41.80 -5.98 -38.44
N VAL C 459 40.78 -5.37 -37.84
CA VAL C 459 39.41 -5.55 -38.31
C VAL C 459 39.24 -4.94 -39.70
N GLN C 460 39.71 -3.71 -39.88
CA GLN C 460 39.53 -3.02 -41.16
C GLN C 460 40.28 -3.73 -42.29
N GLN C 461 41.52 -4.16 -42.01
CA GLN C 461 42.32 -4.82 -43.03
C GLN C 461 41.69 -6.13 -43.47
N TRP C 462 41.18 -6.91 -42.52
CA TRP C 462 40.57 -8.19 -42.85
C TRP C 462 39.33 -7.98 -43.72
N LEU C 463 38.47 -7.03 -43.33
CA LEU C 463 37.26 -6.76 -44.11
C LEU C 463 37.59 -6.20 -45.49
N THR C 464 38.60 -5.32 -45.56
CA THR C 464 38.96 -4.72 -46.84
C THR C 464 39.45 -5.77 -47.81
N TRP C 465 40.28 -6.71 -47.33
CA TRP C 465 40.78 -7.78 -48.20
C TRP C 465 39.64 -8.65 -48.70
N CYS C 466 38.67 -8.96 -47.83
CA CYS C 466 37.54 -9.78 -48.24
C CYS C 466 36.65 -9.04 -49.25
N ASN C 467 36.68 -7.72 -49.26
CA ASN C 467 35.86 -6.95 -50.18
C ASN C 467 36.31 -7.12 -51.63
N ALA C 468 37.63 -7.10 -51.86
CA ALA C 468 38.13 -7.13 -53.23
C ALA C 468 38.02 -8.49 -53.88
N GLN C 469 37.91 -9.57 -53.09
CA GLN C 469 37.85 -10.91 -53.64
C GLN C 469 36.50 -11.15 -54.31
N SER C 470 36.36 -12.35 -54.88
CA SER C 470 35.16 -12.69 -55.63
C SER C 470 33.94 -12.73 -54.71
N TRP C 471 32.82 -12.24 -55.21
CA TRP C 471 31.54 -12.26 -54.49
C TRP C 471 30.63 -13.38 -54.95
N ASP C 472 30.75 -13.82 -56.20
CA ASP C 472 29.80 -14.79 -56.76
C ASP C 472 29.80 -16.09 -55.98
N HIS C 473 30.91 -16.42 -55.31
CA HIS C 473 30.96 -17.64 -54.49
C HIS C 473 30.03 -17.53 -53.29
N TYR C 474 29.88 -16.32 -52.74
CA TYR C 474 29.10 -16.15 -51.52
C TYR C 474 27.62 -16.45 -51.73
N GLU C 475 27.01 -15.86 -52.76
CA GLU C 475 25.58 -16.04 -52.95
C GLU C 475 25.21 -17.44 -53.44
N ASN C 476 26.21 -18.26 -53.79
CA ASN C 476 25.92 -19.66 -54.07
C ASN C 476 25.29 -20.34 -52.86
N TRP C 477 25.72 -19.97 -51.66
CA TRP C 477 25.08 -20.46 -50.45
C TRP C 477 24.07 -19.47 -49.89
N ALA C 478 24.28 -18.17 -50.14
CA ALA C 478 23.48 -17.12 -49.49
C ALA C 478 22.02 -17.14 -49.91
N ILE C 479 21.66 -17.85 -50.99
CA ILE C 479 20.26 -17.94 -51.38
C ILE C 479 19.46 -18.67 -50.30
N ASN C 480 20.06 -19.68 -49.67
CA ASN C 480 19.40 -20.42 -48.59
C ASN C 480 20.46 -20.74 -47.55
N TYR C 481 20.54 -19.90 -46.51
CA TYR C 481 21.51 -20.10 -45.45
C TYR C 481 21.16 -21.33 -44.61
N THR C 482 22.19 -21.94 -44.03
CA THR C 482 21.99 -23.00 -43.05
C THR C 482 22.24 -22.47 -41.64
N PHE C 483 21.68 -23.16 -40.66
CA PHE C 483 21.85 -22.76 -39.26
C PHE C 483 23.31 -22.85 -38.85
N ASP C 484 23.98 -23.94 -39.20
CA ASP C 484 25.39 -24.09 -38.90
C ASP C 484 26.24 -23.52 -40.03
N PHE C 485 27.24 -22.74 -39.65
CA PHE C 485 28.10 -22.12 -40.65
C PHE C 485 28.98 -23.18 -41.30
N PRO C 486 29.04 -23.23 -42.63
CA PRO C 486 29.87 -24.24 -43.30
C PRO C 486 31.34 -24.03 -43.03
N GLY C 487 32.09 -25.12 -43.06
CA GLY C 487 33.52 -25.08 -42.79
C GLY C 487 34.37 -24.93 -44.03
N ILE C 488 35.68 -25.09 -43.83
CA ILE C 488 36.63 -24.93 -44.92
C ILE C 488 36.63 -26.17 -45.81
N ASN C 489 36.67 -25.94 -47.13
CA ASN C 489 36.97 -26.96 -48.11
C ASN C 489 38.21 -26.51 -48.88
N ALA C 490 39.09 -27.47 -49.16
CA ALA C 490 40.35 -27.13 -49.82
C ALA C 490 40.13 -26.51 -51.19
N ASP C 491 39.05 -26.88 -51.88
CA ASP C 491 38.73 -26.26 -53.15
C ASP C 491 38.33 -24.80 -52.98
N ALA C 492 37.54 -24.48 -51.96
CA ALA C 492 37.05 -23.13 -51.75
C ALA C 492 38.09 -22.21 -51.15
N LEU C 493 39.22 -22.75 -50.69
CA LEU C 493 40.25 -21.91 -50.08
C LEU C 493 40.91 -21.04 -51.15
N HIS C 494 41.04 -19.76 -50.86
CA HIS C 494 41.62 -18.84 -51.83
C HIS C 494 43.12 -19.11 -51.98
N PRO C 495 43.69 -18.88 -53.16
CA PRO C 495 45.14 -19.09 -53.33
C PRO C 495 46.00 -18.24 -52.40
N ASP C 496 45.49 -17.09 -51.95
CA ASP C 496 46.27 -16.24 -51.06
C ASP C 496 46.56 -16.91 -49.72
N LEU C 497 45.83 -17.98 -49.37
CA LEU C 497 46.03 -18.69 -48.12
C LEU C 497 46.65 -20.06 -48.31
N GLN C 498 46.65 -20.61 -49.52
CA GLN C 498 47.28 -21.89 -49.79
C GLN C 498 48.79 -21.81 -49.62
N VAL D 201 -17.19 36.64 -41.59
CA VAL D 201 -15.96 35.97 -41.16
C VAL D 201 -14.81 36.31 -42.09
N VAL D 202 -14.73 37.57 -42.49
CA VAL D 202 -13.65 38.05 -43.36
C VAL D 202 -12.32 37.85 -42.64
N PRO D 203 -11.28 37.36 -43.32
CA PRO D 203 -10.01 37.13 -42.64
C PRO D 203 -9.40 38.43 -42.12
N PHE D 204 -8.65 38.30 -41.02
CA PHE D 204 -7.91 39.43 -40.48
C PHE D 204 -6.85 39.88 -41.49
N ASN D 205 -6.52 41.17 -41.44
CA ASN D 205 -5.57 41.72 -42.41
C ASN D 205 -4.17 41.21 -42.12
N GLY D 206 -3.64 41.55 -40.94
CA GLY D 206 -2.41 40.99 -40.42
C GLY D 206 -1.26 40.85 -41.42
N LYS D 207 -0.76 41.97 -41.93
CA LYS D 207 0.35 41.91 -42.87
C LYS D 207 1.60 41.37 -42.20
N GLY D 208 2.03 40.18 -42.63
CA GLY D 208 3.17 39.53 -42.01
C GLY D 208 4.49 39.87 -42.65
N THR D 209 5.57 39.67 -41.88
CA THR D 209 6.91 39.91 -42.35
C THR D 209 7.46 38.69 -43.08
N LYS D 210 8.64 38.86 -43.68
CA LYS D 210 9.23 37.78 -44.47
C LYS D 210 9.53 36.53 -43.64
N ALA D 211 9.84 36.70 -42.35
CA ALA D 211 10.12 35.54 -41.51
C ALA D 211 8.89 34.65 -41.40
N SER D 212 7.71 35.24 -41.23
CA SER D 212 6.49 34.45 -41.15
C SER D 212 6.08 33.90 -42.51
N ILE D 213 6.32 34.66 -43.58
CA ILE D 213 5.99 34.20 -44.91
C ILE D 213 6.81 32.98 -45.29
N LYS D 214 8.10 32.98 -44.94
CA LYS D 214 8.92 31.80 -45.21
C LYS D 214 8.44 30.59 -44.42
N PHE D 215 8.02 30.80 -43.18
CA PHE D 215 7.49 29.70 -42.38
C PHE D 215 6.20 29.15 -43.00
N GLN D 216 5.34 30.04 -43.50
CA GLN D 216 4.12 29.59 -44.16
C GLN D 216 4.43 28.81 -45.43
N THR D 217 5.41 29.27 -46.20
CA THR D 217 5.83 28.53 -47.38
C THR D 217 6.36 27.15 -47.01
N MET D 218 7.11 27.06 -45.91
CA MET D 218 7.59 25.77 -45.44
C MET D 218 6.42 24.87 -45.01
N VAL D 219 5.42 25.45 -44.36
CA VAL D 219 4.24 24.66 -43.97
C VAL D 219 3.54 24.10 -45.19
N ASN D 220 3.37 24.92 -46.23
CA ASN D 220 2.75 24.45 -47.46
C ASN D 220 3.60 23.37 -48.14
N TRP D 221 4.92 23.57 -48.16
CA TRP D 221 5.82 22.59 -48.74
C TRP D 221 5.77 21.26 -48.00
N LEU D 222 5.51 21.30 -46.70
CA LEU D 222 5.39 20.07 -45.93
C LEU D 222 4.19 19.25 -46.42
N CYS D 223 3.03 19.89 -46.56
CA CYS D 223 1.84 19.18 -47.03
C CYS D 223 2.01 18.72 -48.46
N GLU D 224 2.66 19.54 -49.29
CA GLU D 224 2.75 19.23 -50.71
C GLU D 224 3.55 17.96 -50.97
N ASN D 225 4.63 17.74 -50.23
CA ASN D 225 5.47 16.55 -50.39
C ASN D 225 5.17 15.46 -49.36
N ARG D 226 4.09 15.60 -48.60
CA ARG D 226 3.69 14.60 -47.60
C ARG D 226 4.80 14.36 -46.58
N VAL D 227 5.25 15.42 -45.93
CA VAL D 227 6.26 15.30 -44.87
C VAL D 227 5.54 15.63 -43.57
N PHE D 228 5.20 14.59 -42.81
CA PHE D 228 4.41 14.74 -41.61
C PHE D 228 5.13 14.26 -40.36
N THR D 229 6.32 13.68 -40.49
CA THR D 229 7.06 13.16 -39.35
C THR D 229 8.51 13.65 -39.42
N GLU D 230 9.14 13.71 -38.24
CA GLU D 230 10.52 14.16 -38.16
C GLU D 230 11.45 13.22 -38.91
N ASP D 231 11.21 11.91 -38.81
CA ASP D 231 12.06 10.94 -39.49
C ASP D 231 11.96 11.11 -41.01
N LYS D 232 10.75 11.33 -41.52
CA LYS D 232 10.59 11.56 -42.95
C LYS D 232 11.29 12.84 -43.39
N TRP D 233 11.21 13.89 -42.57
CA TRP D 233 11.90 15.14 -42.88
C TRP D 233 13.40 14.92 -42.95
N LYS D 234 13.95 14.18 -42.00
CA LYS D 234 15.39 13.88 -42.03
C LYS D 234 15.77 13.05 -43.24
N LEU D 235 14.91 12.08 -43.59
CA LEU D 235 15.22 11.21 -44.73
C LEU D 235 15.11 11.94 -46.06
N VAL D 236 14.29 12.99 -46.13
CA VAL D 236 14.04 13.68 -47.40
C VAL D 236 14.98 14.86 -47.57
N ASP D 237 14.93 15.84 -46.66
CA ASP D 237 15.69 17.08 -46.79
C ASP D 237 16.55 17.25 -45.52
N PHE D 238 17.76 16.71 -45.58
CA PHE D 238 18.65 16.77 -44.42
C PHE D 238 19.27 18.15 -44.24
N ASN D 239 19.60 18.84 -45.33
CA ASN D 239 20.25 20.13 -45.22
C ASN D 239 19.35 21.16 -44.52
N GLN D 240 18.07 21.19 -44.91
CA GLN D 240 17.15 22.14 -44.29
C GLN D 240 16.96 21.83 -42.80
N TYR D 241 16.87 20.54 -42.46
CA TYR D 241 16.73 20.17 -41.06
C TYR D 241 17.96 20.56 -40.25
N THR D 242 19.16 20.37 -40.83
CA THR D 242 20.38 20.77 -40.16
C THR D 242 20.43 22.28 -39.94
N LEU D 243 20.04 23.04 -40.97
CA LEU D 243 20.03 24.49 -40.85
C LEU D 243 19.03 24.94 -39.79
N LEU D 244 17.86 24.31 -39.74
CA LEU D 244 16.82 24.73 -38.82
C LEU D 244 17.17 24.44 -37.37
N SER D 245 18.08 23.49 -37.14
CA SER D 245 18.44 23.08 -35.78
C SER D 245 19.63 23.85 -35.23
N SER D 246 20.10 24.87 -35.94
CA SER D 246 21.24 25.65 -35.48
C SER D 246 20.94 26.52 -34.27
N SER D 247 19.67 26.70 -33.92
CA SER D 247 19.31 27.55 -32.80
C SER D 247 18.01 27.06 -32.19
N HIS D 248 17.79 27.43 -30.93
CA HIS D 248 16.56 27.06 -30.23
C HIS D 248 15.34 27.67 -30.90
N SER D 249 15.42 28.95 -31.26
CA SER D 249 14.32 29.62 -31.94
C SER D 249 14.05 29.03 -33.31
N GLY D 250 15.05 28.40 -33.93
CA GLY D 250 14.86 27.73 -35.20
C GLY D 250 14.36 26.31 -35.01
N SER D 251 14.70 25.71 -33.86
CA SER D 251 14.23 24.36 -33.57
C SER D 251 12.76 24.36 -33.17
N PHE D 252 12.29 25.44 -32.54
CA PHE D 252 10.88 25.55 -32.20
C PHE D 252 9.99 25.56 -33.45
N GLN D 253 10.52 26.10 -34.55
CA GLN D 253 9.72 26.22 -35.77
C GLN D 253 9.39 24.87 -36.38
N ILE D 254 10.26 23.86 -36.19
CA ILE D 254 9.97 22.53 -36.73
C ILE D 254 8.73 21.95 -36.07
N GLN D 255 8.69 21.99 -34.73
CA GLN D 255 7.52 21.51 -34.01
C GLN D 255 6.30 22.38 -34.27
N SER D 256 6.48 23.67 -34.52
CA SER D 256 5.35 24.52 -34.88
C SER D 256 4.78 24.13 -36.25
N ALA D 257 5.66 23.83 -37.21
CA ALA D 257 5.22 23.60 -38.57
C ALA D 257 4.59 22.21 -38.74
N LEU D 258 5.14 21.21 -38.05
CA LEU D 258 4.64 19.85 -38.25
C LEU D 258 3.19 19.72 -37.81
N LYS D 259 2.85 20.30 -36.65
CA LYS D 259 1.48 20.22 -36.17
C LYS D 259 0.51 20.89 -37.13
N LEU D 260 0.87 22.07 -37.65
CA LEU D 260 -0.01 22.78 -38.58
C LEU D 260 -0.15 22.00 -39.88
N ALA D 261 0.93 21.40 -40.37
CA ALA D 261 0.85 20.60 -41.59
C ALA D 261 -0.08 19.40 -41.39
N ILE D 262 0.05 18.72 -40.26
CA ILE D 262 -0.81 17.57 -39.98
C ILE D 262 -2.27 18.01 -39.90
N TYR D 263 -2.53 19.12 -39.22
CA TYR D 263 -3.90 19.60 -39.09
C TYR D 263 -4.48 19.98 -40.45
N LYS D 264 -3.68 20.64 -41.29
CA LYS D 264 -4.14 21.02 -42.62
C LYS D 264 -4.48 19.78 -43.44
N ALA D 265 -3.62 18.77 -43.40
CA ALA D 265 -3.89 17.55 -44.16
C ALA D 265 -5.06 16.76 -43.59
N THR D 266 -5.38 16.94 -42.31
CA THR D 266 -6.46 16.18 -41.70
C THR D 266 -7.83 16.84 -41.88
N ASN D 267 -7.93 18.15 -41.69
CA ASN D 267 -9.23 18.80 -41.63
C ASN D 267 -9.49 19.80 -42.76
N LEU D 268 -8.46 20.47 -43.27
CA LEU D 268 -8.65 21.51 -44.26
C LEU D 268 -8.57 21.00 -45.70
N VAL D 269 -8.33 19.70 -45.89
CA VAL D 269 -8.21 19.14 -47.24
C VAL D 269 -9.04 17.87 -47.30
N PRO D 270 -9.80 17.63 -48.37
CA PRO D 270 -10.53 16.36 -48.51
C PRO D 270 -9.56 15.21 -48.69
N THR D 271 -9.78 14.13 -47.92
CA THR D 271 -8.84 13.01 -47.92
C THR D 271 -8.77 12.34 -49.28
N SER D 272 -9.91 12.23 -49.97
CA SER D 272 -9.94 11.58 -51.27
C SER D 272 -9.03 12.24 -52.29
N THR D 273 -8.74 13.54 -52.11
CA THR D 273 -7.83 14.23 -53.02
C THR D 273 -6.42 13.67 -52.96
N PHE D 274 -6.02 13.09 -51.82
CA PHE D 274 -4.72 12.44 -51.73
C PHE D 274 -4.69 11.11 -52.46
N LEU D 275 -5.85 10.54 -52.80
CA LEU D 275 -5.92 9.28 -53.52
C LEU D 275 -6.00 9.50 -55.03
N LEU D 276 -7.01 10.27 -55.47
CA LEU D 276 -7.19 10.53 -56.89
C LEU D 276 -6.00 11.31 -57.45
N HIS D 277 -5.53 10.91 -58.63
CA HIS D 277 -4.41 11.57 -59.27
C HIS D 277 -4.85 12.89 -59.90
N CYS D 285 -2.90 -0.85 -68.62
CA CYS D 285 -4.32 -0.51 -68.71
C CYS D 285 -5.05 -0.87 -67.42
N ILE D 286 -6.35 -0.52 -67.37
CA ILE D 286 -7.15 -0.82 -66.20
C ILE D 286 -7.28 -2.31 -65.98
N LYS D 287 -7.46 -3.08 -67.06
CA LYS D 287 -7.66 -4.52 -66.96
C LYS D 287 -6.39 -5.27 -66.55
N ASP D 288 -5.31 -4.56 -66.22
CA ASP D 288 -4.10 -5.19 -65.70
C ASP D 288 -3.79 -4.74 -64.28
N ASN D 289 -4.67 -3.99 -63.65
CA ASN D 289 -4.45 -3.57 -62.27
C ASN D 289 -4.70 -4.74 -61.33
N LYS D 290 -3.79 -4.91 -60.36
CA LYS D 290 -3.84 -6.08 -59.49
C LYS D 290 -5.11 -6.08 -58.64
N ILE D 291 -5.46 -4.94 -58.07
CA ILE D 291 -6.65 -4.88 -57.21
C ILE D 291 -7.91 -5.19 -58.00
N VAL D 292 -8.01 -4.64 -59.22
CA VAL D 292 -9.14 -4.98 -60.09
C VAL D 292 -9.15 -6.47 -60.38
N LYS D 293 -7.97 -7.03 -60.66
CA LYS D 293 -7.87 -8.48 -60.83
C LYS D 293 -8.17 -9.23 -59.54
N LEU D 294 -7.68 -8.71 -58.41
CA LEU D 294 -7.88 -9.38 -57.13
C LEU D 294 -9.36 -9.39 -56.74
N LEU D 295 -10.02 -8.23 -56.85
CA LEU D 295 -11.43 -8.15 -56.47
C LEU D 295 -12.30 -9.01 -57.37
N LEU D 296 -11.92 -9.20 -58.63
CA LEU D 296 -12.68 -10.09 -59.51
C LEU D 296 -12.49 -11.55 -59.10
N CYS D 297 -11.32 -11.89 -58.57
CA CYS D 297 -11.11 -13.25 -58.08
C CYS D 297 -12.01 -13.56 -56.90
N GLN D 298 -12.37 -12.54 -56.12
CA GLN D 298 -13.27 -12.72 -54.98
C GLN D 298 -14.74 -12.59 -55.37
N ASN D 299 -15.03 -12.43 -56.66
CA ASN D 299 -16.40 -12.34 -57.18
C ASN D 299 -17.14 -11.11 -56.66
N TYR D 300 -16.43 -9.98 -56.60
CA TYR D 300 -17.02 -8.68 -56.31
C TYR D 300 -16.74 -7.72 -57.45
N ASP D 301 -17.66 -6.79 -57.65
CA ASP D 301 -17.51 -5.83 -58.74
C ASP D 301 -16.50 -4.76 -58.34
N PRO D 302 -15.36 -4.65 -59.04
CA PRO D 302 -14.36 -3.64 -58.65
C PRO D 302 -14.86 -2.21 -58.69
N LEU D 303 -15.74 -1.89 -59.65
CA LEU D 303 -16.19 -0.50 -59.78
C LEU D 303 -16.98 -0.06 -58.56
N LEU D 304 -17.88 -0.90 -58.08
CA LEU D 304 -18.67 -0.53 -56.89
C LEU D 304 -17.79 -0.44 -55.65
N VAL D 305 -16.82 -1.34 -55.53
CA VAL D 305 -15.91 -1.31 -54.38
C VAL D 305 -15.11 -0.02 -54.38
N GLY D 306 -14.52 0.32 -55.53
CA GLY D 306 -13.74 1.55 -55.62
C GLY D 306 -14.58 2.79 -55.40
N GLN D 307 -15.79 2.82 -55.97
CA GLN D 307 -16.67 3.96 -55.78
C GLN D 307 -17.09 4.09 -54.32
N HIS D 308 -17.37 2.97 -53.65
CA HIS D 308 -17.78 3.02 -52.25
C HIS D 308 -16.65 3.50 -51.36
N VAL D 309 -15.41 3.07 -51.64
CA VAL D 309 -14.27 3.44 -50.81
C VAL D 309 -14.09 4.96 -50.78
N LEU D 310 -14.15 5.58 -51.95
CA LEU D 310 -14.00 7.04 -52.01
C LEU D 310 -15.10 7.73 -51.23
N LYS D 311 -16.34 7.26 -51.36
CA LYS D 311 -17.43 7.81 -50.56
C LYS D 311 -17.23 7.51 -49.08
N TRP D 312 -16.63 6.36 -48.76
CA TRP D 312 -16.44 5.98 -47.37
C TRP D 312 -15.32 6.78 -46.71
N ILE D 313 -14.21 6.98 -47.43
CA ILE D 313 -13.05 7.63 -46.84
C ILE D 313 -13.36 9.08 -46.47
N ASP D 314 -14.29 9.71 -47.18
CA ASP D 314 -14.73 11.06 -46.86
C ASP D 314 -15.87 11.08 -45.84
N LYS D 315 -16.10 9.96 -45.14
CA LYS D 315 -17.10 9.86 -44.08
C LYS D 315 -18.51 10.17 -44.56
N LYS D 316 -18.81 9.87 -45.82
CA LYS D 316 -20.11 10.20 -46.38
C LYS D 316 -21.07 9.01 -46.48
N CYS D 317 -20.69 7.85 -45.94
CA CYS D 317 -21.58 6.70 -45.96
C CYS D 317 -22.66 6.76 -44.88
N GLY D 318 -22.60 7.75 -43.99
CA GLY D 318 -23.58 7.84 -42.92
C GLY D 318 -23.11 7.17 -41.64
N LYS D 319 -23.85 6.15 -41.20
CA LYS D 319 -23.49 5.46 -39.96
C LYS D 319 -22.69 4.19 -40.22
N LYS D 320 -22.67 3.69 -41.46
CA LYS D 320 -21.86 2.52 -41.80
C LYS D 320 -20.41 2.94 -42.05
N ASN D 321 -19.75 3.35 -40.97
CA ASN D 321 -18.41 3.89 -41.06
C ASN D 321 -17.36 2.81 -41.28
N THR D 322 -17.51 1.65 -40.66
CA THR D 322 -16.45 0.64 -40.58
C THR D 322 -16.59 -0.39 -41.70
N LEU D 323 -15.49 -0.70 -42.35
CA LEU D 323 -15.42 -1.85 -43.25
C LEU D 323 -14.81 -3.04 -42.52
N TRP D 324 -15.23 -4.24 -42.90
CA TRP D 324 -14.77 -5.47 -42.29
C TRP D 324 -14.40 -6.45 -43.38
N PHE D 325 -13.17 -6.95 -43.35
CA PHE D 325 -12.69 -7.98 -44.25
C PHE D 325 -12.60 -9.29 -43.48
N TYR D 326 -13.27 -10.33 -43.98
CA TYR D 326 -13.30 -11.63 -43.32
C TYR D 326 -13.06 -12.74 -44.33
N GLY D 327 -12.32 -13.76 -43.90
CA GLY D 327 -12.05 -14.90 -44.74
C GLY D 327 -10.93 -15.77 -44.22
N PRO D 328 -10.70 -16.90 -44.88
CA PRO D 328 -9.59 -17.78 -44.48
C PRO D 328 -8.26 -17.10 -44.67
N PRO D 329 -7.19 -17.63 -44.07
CA PRO D 329 -5.87 -16.99 -44.22
C PRO D 329 -5.31 -17.16 -45.62
N SER D 330 -4.29 -16.36 -45.92
CA SER D 330 -3.59 -16.38 -47.21
C SER D 330 -4.50 -16.04 -48.38
N THR D 331 -5.51 -15.20 -48.13
CA THR D 331 -6.38 -14.71 -49.20
C THR D 331 -6.14 -13.24 -49.53
N GLY D 332 -5.10 -12.63 -48.95
CA GLY D 332 -4.73 -11.28 -49.28
C GLY D 332 -5.52 -10.18 -48.59
N LYS D 333 -6.27 -10.50 -47.53
CA LYS D 333 -7.05 -9.49 -46.82
C LYS D 333 -6.14 -8.43 -46.21
N THR D 334 -5.07 -8.86 -45.54
CA THR D 334 -4.17 -7.91 -44.88
C THR D 334 -3.43 -7.06 -45.89
N ASN D 335 -3.02 -7.65 -47.02
CA ASN D 335 -2.23 -6.92 -48.01
C ASN D 335 -3.02 -5.75 -48.59
N LEU D 336 -4.31 -5.95 -48.88
CA LEU D 336 -5.12 -4.87 -49.42
C LEU D 336 -5.30 -3.75 -48.41
N ALA D 337 -5.51 -4.11 -47.14
CA ALA D 337 -5.72 -3.09 -46.10
C ALA D 337 -4.49 -2.21 -45.92
N MET D 338 -3.30 -2.79 -46.03
CA MET D 338 -2.08 -2.00 -45.88
C MET D 338 -1.94 -0.98 -46.99
N ALA D 339 -2.31 -1.35 -48.23
CA ALA D 339 -2.16 -0.43 -49.35
C ALA D 339 -2.99 0.82 -49.17
N ILE D 340 -4.23 0.67 -48.70
CA ILE D 340 -5.08 1.84 -48.46
C ILE D 340 -4.49 2.70 -47.34
N ALA D 341 -4.02 2.06 -46.27
CA ALA D 341 -3.48 2.81 -45.14
C ALA D 341 -2.19 3.53 -45.53
N LYS D 342 -1.41 2.96 -46.43
CA LYS D 342 -0.17 3.61 -46.85
C LYS D 342 -0.41 4.88 -47.66
N SER D 343 -1.62 5.05 -48.20
CA SER D 343 -1.90 6.17 -49.09
C SER D 343 -2.47 7.39 -48.39
N VAL D 344 -3.11 7.23 -47.24
CA VAL D 344 -3.64 8.37 -46.49
C VAL D 344 -2.46 9.13 -45.87
N PRO D 345 -2.62 10.41 -45.51
CA PRO D 345 -1.51 11.15 -44.91
C PRO D 345 -0.91 10.46 -43.69
N VAL D 346 -1.75 10.19 -42.69
CA VAL D 346 -1.32 9.55 -41.46
C VAL D 346 -2.35 8.46 -41.12
N TYR D 347 -1.86 7.31 -40.66
CA TYR D 347 -2.72 6.22 -40.26
C TYR D 347 -2.24 5.66 -38.93
N GLY D 348 -3.18 5.02 -38.21
CA GLY D 348 -2.88 4.44 -36.92
C GLY D 348 -3.36 3.01 -36.86
N MET D 349 -2.95 2.33 -35.79
CA MET D 349 -3.28 0.93 -35.58
C MET D 349 -3.84 0.72 -34.17
N VAL D 350 -4.72 -0.27 -34.04
CA VAL D 350 -5.14 -0.71 -32.72
C VAL D 350 -4.13 -1.67 -32.13
N ASN D 351 -3.29 -2.28 -32.98
CA ASN D 351 -2.24 -3.16 -32.50
C ASN D 351 -1.16 -2.41 -31.74
N TRP D 352 -0.84 -1.17 -32.13
CA TRP D 352 0.20 -0.39 -31.48
C TRP D 352 -0.21 0.12 -30.11
N ASN D 353 -1.51 0.34 -29.90
CA ASN D 353 -1.97 0.94 -28.67
C ASN D 353 -1.87 -0.05 -27.51
N ASN D 354 -2.00 0.48 -26.30
CA ASN D 354 -1.94 -0.35 -25.09
C ASN D 354 -3.15 -1.27 -25.05
N GLU D 355 -2.96 -2.43 -24.41
CA GLU D 355 -4.01 -3.45 -24.39
C GLU D 355 -5.27 -2.96 -23.66
N ASN D 356 -5.10 -2.28 -22.53
CA ASN D 356 -6.26 -1.83 -21.76
C ASN D 356 -6.87 -0.55 -22.31
N PHE D 357 -6.14 0.20 -23.14
CA PHE D 357 -6.65 1.42 -23.77
C PHE D 357 -6.32 1.40 -25.26
N PRO D 358 -6.98 0.54 -26.03
CA PRO D 358 -6.61 0.40 -27.45
C PRO D 358 -7.13 1.52 -28.32
N PHE D 359 -8.05 2.36 -27.84
CA PHE D 359 -8.66 3.41 -28.64
C PHE D 359 -8.16 4.79 -28.26
N ASN D 360 -6.89 4.91 -27.89
CA ASN D 360 -6.28 6.20 -27.65
C ASN D 360 -5.57 6.71 -28.90
N ASP D 361 -5.22 8.00 -28.89
CA ASP D 361 -4.56 8.66 -30.02
C ASP D 361 -5.40 8.56 -31.29
N VAL D 362 -6.72 8.59 -31.14
CA VAL D 362 -7.61 8.53 -32.30
C VAL D 362 -7.51 9.81 -33.13
N ALA D 363 -7.53 10.96 -32.48
CA ALA D 363 -7.50 12.23 -33.19
C ALA D 363 -6.17 12.40 -33.93
N GLY D 364 -6.21 13.18 -35.01
CA GLY D 364 -5.03 13.41 -35.82
C GLY D 364 -4.71 12.31 -36.80
N LYS D 365 -5.59 11.33 -36.96
CA LYS D 365 -5.39 10.23 -37.87
C LYS D 365 -6.51 10.19 -38.90
N SER D 366 -6.16 9.78 -40.12
CA SER D 366 -7.15 9.69 -41.19
C SER D 366 -7.75 8.30 -41.33
N LEU D 367 -7.10 7.27 -40.79
CA LEU D 367 -7.59 5.90 -40.90
C LEU D 367 -7.00 5.06 -39.78
N VAL D 368 -7.85 4.29 -39.11
CA VAL D 368 -7.45 3.39 -38.05
C VAL D 368 -7.56 1.97 -38.56
N VAL D 369 -6.45 1.23 -38.50
CA VAL D 369 -6.39 -0.15 -38.98
C VAL D 369 -6.38 -1.08 -37.78
N TRP D 370 -7.21 -2.12 -37.83
CA TRP D 370 -7.30 -3.12 -36.77
C TRP D 370 -7.09 -4.48 -37.43
N ASP D 371 -5.89 -5.04 -37.27
CA ASP D 371 -5.52 -6.27 -37.94
C ASP D 371 -5.67 -7.43 -36.96
N GLU D 372 -6.25 -8.54 -37.44
CA GLU D 372 -6.52 -9.72 -36.62
C GLU D 372 -7.37 -9.36 -35.41
N GLY D 373 -8.37 -8.50 -35.60
CA GLY D 373 -9.10 -7.95 -34.48
C GLY D 373 -10.08 -8.92 -33.86
N ILE D 374 -10.45 -8.62 -32.62
CA ILE D 374 -11.49 -9.33 -31.89
C ILE D 374 -12.00 -8.41 -30.79
N ILE D 375 -13.28 -8.54 -30.45
CA ILE D 375 -13.95 -7.62 -29.55
C ILE D 375 -14.23 -8.35 -28.24
N LYS D 376 -13.85 -7.71 -27.13
CA LYS D 376 -14.12 -8.24 -25.80
C LYS D 376 -15.20 -7.40 -25.11
N SER D 377 -15.82 -8.00 -24.09
CA SER D 377 -16.91 -7.34 -23.39
C SER D 377 -16.45 -6.14 -22.59
N THR D 378 -15.18 -6.08 -22.21
CA THR D 378 -14.68 -4.95 -21.44
C THR D 378 -14.50 -3.68 -22.27
N ILE D 379 -14.49 -3.81 -23.59
CA ILE D 379 -14.34 -2.66 -24.49
C ILE D 379 -15.48 -2.52 -25.47
N VAL D 380 -16.61 -3.19 -25.25
CA VAL D 380 -17.71 -3.16 -26.21
C VAL D 380 -18.31 -1.77 -26.29
N GLU D 381 -18.36 -1.04 -25.17
CA GLU D 381 -18.95 0.30 -25.20
C GLU D 381 -18.08 1.28 -25.97
N ALA D 382 -16.77 1.14 -25.90
CA ALA D 382 -15.88 2.03 -26.65
C ALA D 382 -15.88 1.68 -28.13
N ALA D 383 -15.84 0.39 -28.46
CA ALA D 383 -15.81 -0.03 -29.86
C ALA D 383 -17.08 0.37 -30.59
N LYS D 384 -18.22 0.32 -29.91
CA LYS D 384 -19.49 0.67 -30.54
C LYS D 384 -19.48 2.13 -31.01
N ALA D 385 -18.95 3.03 -30.17
CA ALA D 385 -18.92 4.45 -30.53
C ALA D 385 -17.93 4.70 -31.66
N ILE D 386 -16.73 4.11 -31.58
CA ILE D 386 -15.70 4.40 -32.57
C ILE D 386 -16.06 3.77 -33.93
N LEU D 387 -16.55 2.53 -33.93
CA LEU D 387 -16.88 1.88 -35.19
C LEU D 387 -18.03 2.57 -35.90
N GLY D 388 -18.93 3.20 -35.15
CA GLY D 388 -20.06 3.90 -35.70
C GLY D 388 -19.83 5.35 -36.07
N GLY D 389 -18.60 5.83 -35.94
CA GLY D 389 -18.29 7.20 -36.29
C GLY D 389 -18.64 8.23 -35.24
N GLN D 390 -19.17 7.81 -34.09
CA GLN D 390 -19.51 8.76 -33.04
C GLN D 390 -18.25 9.33 -32.43
N PRO D 391 -18.16 10.66 -32.27
CA PRO D 391 -16.95 11.25 -31.68
C PRO D 391 -16.81 10.86 -30.22
N THR D 392 -15.56 10.66 -29.80
CA THR D 392 -15.28 10.35 -28.41
C THR D 392 -15.45 11.59 -27.55
N ARG D 393 -15.61 11.37 -26.23
CA ARG D 393 -15.78 12.48 -25.31
C ARG D 393 -14.54 13.37 -25.24
N VAL D 394 -13.38 12.87 -25.67
CA VAL D 394 -12.18 13.69 -25.70
C VAL D 394 -12.36 14.85 -26.68
N ASP D 395 -12.84 14.55 -27.88
CA ASP D 395 -13.11 15.57 -28.88
C ASP D 395 -14.22 16.51 -28.39
N GLN D 396 -15.22 15.95 -27.70
CA GLN D 396 -16.31 16.75 -27.17
C GLN D 396 -15.83 17.76 -26.14
N LYS D 397 -14.89 17.39 -25.29
CA LYS D 397 -14.38 18.30 -24.26
C LYS D 397 -13.15 19.08 -24.71
N MET D 398 -12.66 18.78 -25.91
CA MET D 398 -11.52 19.53 -26.47
C MET D 398 -12.05 20.43 -27.57
N ARG D 399 -12.83 19.89 -28.50
CA ARG D 399 -13.47 20.77 -29.52
C ARG D 399 -14.72 21.40 -28.93
N GLY D 400 -15.75 21.62 -29.75
CA GLY D 400 -16.92 22.38 -29.32
C GLY D 400 -18.19 21.56 -29.43
N SER D 401 -18.51 20.81 -28.38
CA SER D 401 -19.76 20.01 -28.36
C SER D 401 -19.73 18.89 -29.41
N VAL D 402 -20.82 18.11 -29.50
CA VAL D 402 -20.87 16.96 -30.44
C VAL D 402 -20.37 17.40 -31.82
N ALA D 403 -19.11 17.13 -32.13
CA ALA D 403 -18.55 17.47 -33.46
C ALA D 403 -18.81 16.32 -34.41
N VAL D 404 -17.83 15.98 -35.25
CA VAL D 404 -18.05 14.92 -36.28
C VAL D 404 -16.74 14.22 -36.66
N PRO D 405 -15.58 14.90 -36.84
CA PRO D 405 -14.36 14.26 -37.32
C PRO D 405 -14.41 12.73 -37.31
N GLY D 406 -14.65 12.13 -36.16
CA GLY D 406 -14.58 10.67 -36.02
C GLY D 406 -13.33 10.13 -36.65
N VAL D 407 -13.45 8.93 -37.23
CA VAL D 407 -12.38 8.33 -38.03
C VAL D 407 -12.91 7.10 -38.75
N PRO D 408 -12.50 6.85 -40.00
CA PRO D 408 -12.83 5.57 -40.63
C PRO D 408 -12.05 4.43 -39.97
N VAL D 409 -12.59 3.21 -40.09
CA VAL D 409 -11.97 2.02 -39.53
C VAL D 409 -12.02 0.92 -40.58
N VAL D 410 -10.93 0.15 -40.68
CA VAL D 410 -10.87 -1.04 -41.52
C VAL D 410 -10.41 -2.21 -40.65
N ILE D 411 -11.09 -3.35 -40.79
CA ILE D 411 -10.86 -4.51 -39.94
C ILE D 411 -10.58 -5.72 -40.82
N THR D 412 -9.55 -6.48 -40.46
CA THR D 412 -9.28 -7.78 -41.05
C THR D 412 -9.38 -8.84 -39.96
N SER D 413 -9.96 -9.98 -40.32
CA SER D 413 -10.22 -11.02 -39.32
C SER D 413 -10.28 -12.38 -39.99
N ASN D 414 -9.86 -13.40 -39.26
CA ASN D 414 -10.02 -14.79 -39.66
C ASN D 414 -11.23 -15.45 -39.03
N GLY D 415 -12.00 -14.70 -38.24
CA GLY D 415 -13.18 -15.24 -37.60
C GLY D 415 -14.23 -14.16 -37.43
N ASP D 416 -15.46 -14.60 -37.16
CA ASP D 416 -16.59 -13.69 -37.02
C ASP D 416 -16.37 -12.80 -35.80
N ILE D 417 -16.29 -11.49 -36.02
CA ILE D 417 -16.05 -10.55 -34.93
C ILE D 417 -17.32 -10.12 -34.21
N THR D 418 -18.49 -10.48 -34.73
CA THR D 418 -19.74 -10.15 -34.07
C THR D 418 -19.94 -10.92 -32.77
N PHE D 419 -19.13 -11.93 -32.50
CA PHE D 419 -19.23 -12.72 -31.28
C PHE D 419 -18.37 -12.06 -30.20
N VAL D 420 -19.01 -11.40 -29.25
CA VAL D 420 -18.30 -10.72 -28.18
C VAL D 420 -17.75 -11.76 -27.20
N VAL D 421 -16.48 -11.61 -26.84
CA VAL D 421 -15.83 -12.51 -25.90
C VAL D 421 -16.02 -11.98 -24.49
N SER D 422 -16.64 -12.78 -23.63
CA SER D 422 -16.82 -12.41 -22.22
C SER D 422 -16.44 -13.59 -21.35
N GLY D 423 -15.53 -13.35 -20.42
CA GLY D 423 -15.05 -14.43 -19.57
C GLY D 423 -14.43 -15.53 -20.40
N ASN D 424 -14.95 -16.75 -20.23
CA ASN D 424 -14.57 -17.89 -21.05
C ASN D 424 -15.77 -18.39 -21.85
N THR D 425 -16.62 -17.47 -22.28
CA THR D 425 -17.87 -17.82 -22.97
C THR D 425 -18.09 -16.85 -24.12
N THR D 426 -18.55 -17.39 -25.25
CA THR D 426 -18.91 -16.57 -26.40
C THR D 426 -20.37 -16.16 -26.29
N THR D 427 -20.64 -14.86 -26.45
CA THR D 427 -21.99 -14.32 -26.30
C THR D 427 -22.38 -13.57 -27.56
N THR D 428 -23.69 -13.41 -27.74
CA THR D 428 -24.24 -12.73 -28.92
C THR D 428 -25.23 -11.65 -28.54
N VAL D 429 -24.99 -10.93 -27.43
CA VAL D 429 -25.91 -9.88 -27.01
C VAL D 429 -25.89 -8.71 -27.99
N HIS D 430 -24.71 -8.36 -28.51
CA HIS D 430 -24.54 -7.18 -29.35
C HIS D 430 -24.41 -7.52 -30.83
N ALA D 431 -24.78 -8.73 -31.25
CA ALA D 431 -24.60 -9.12 -32.64
C ALA D 431 -25.41 -8.24 -33.59
N LYS D 432 -26.66 -7.94 -33.23
CA LYS D 432 -27.48 -7.10 -34.07
C LYS D 432 -26.94 -5.67 -34.13
N ALA D 433 -26.51 -5.15 -32.98
CA ALA D 433 -26.02 -3.77 -32.92
C ALA D 433 -24.78 -3.57 -33.76
N LEU D 434 -23.85 -4.53 -33.74
CA LEU D 434 -22.60 -4.37 -34.48
C LEU D 434 -22.84 -4.40 -35.99
N LYS D 435 -23.67 -5.32 -36.47
CA LYS D 435 -23.82 -5.53 -37.91
C LYS D 435 -24.27 -4.29 -38.66
N GLU D 436 -25.04 -3.41 -38.02
CA GLU D 436 -25.54 -2.22 -38.72
C GLU D 436 -24.40 -1.27 -39.05
N ARG D 437 -23.25 -1.41 -38.40
CA ARG D 437 -22.15 -0.47 -38.56
C ARG D 437 -21.07 -0.92 -39.54
N MET D 438 -21.13 -2.13 -40.06
CA MET D 438 -20.11 -2.62 -40.97
C MET D 438 -20.71 -3.13 -42.27
N VAL D 439 -19.88 -3.14 -43.31
CA VAL D 439 -20.18 -3.80 -44.58
C VAL D 439 -19.20 -4.96 -44.71
N LYS D 440 -19.74 -6.18 -44.86
CA LYS D 440 -18.96 -7.40 -44.74
C LYS D 440 -18.56 -7.91 -46.12
N LEU D 441 -17.30 -8.31 -46.25
CA LEU D 441 -16.77 -8.90 -47.47
C LEU D 441 -16.15 -10.25 -47.15
N ASN D 442 -16.51 -11.26 -47.95
CA ASN D 442 -16.02 -12.61 -47.74
C ASN D 442 -14.90 -12.91 -48.72
N PHE D 443 -13.67 -12.98 -48.20
CA PHE D 443 -12.49 -13.26 -49.03
C PHE D 443 -12.21 -14.77 -48.95
N THR D 444 -12.85 -15.51 -49.85
CA THR D 444 -12.85 -16.96 -49.77
C THR D 444 -11.79 -17.62 -50.65
N VAL D 445 -11.44 -17.04 -51.78
CA VAL D 445 -10.54 -17.66 -52.75
C VAL D 445 -9.10 -17.35 -52.38
N ARG D 446 -8.29 -18.40 -52.23
CA ARG D 446 -6.88 -18.21 -51.93
C ARG D 446 -6.17 -17.57 -53.13
N CYS D 447 -5.24 -16.67 -52.83
CA CYS D 447 -4.52 -15.94 -53.87
C CYS D 447 -3.19 -16.65 -54.19
N SER D 448 -2.59 -16.24 -55.30
CA SER D 448 -1.32 -16.81 -55.71
C SER D 448 -0.24 -16.42 -54.70
N PRO D 449 0.65 -17.34 -54.34
CA PRO D 449 1.68 -17.03 -53.33
C PRO D 449 2.62 -15.90 -53.72
N ASP D 450 2.84 -15.69 -55.02
CA ASP D 450 3.83 -14.72 -55.48
C ASP D 450 3.21 -13.43 -56.00
N MET D 451 2.03 -13.05 -55.50
CA MET D 451 1.41 -11.81 -55.95
C MET D 451 2.23 -10.60 -55.54
N GLY D 452 2.75 -10.59 -54.32
CA GLY D 452 3.55 -9.49 -53.83
C GLY D 452 2.70 -8.40 -53.18
N LEU D 453 3.39 -7.48 -52.52
CA LEU D 453 2.71 -6.39 -51.82
C LEU D 453 2.15 -5.38 -52.81
N LEU D 454 1.13 -4.65 -52.37
CA LEU D 454 0.52 -3.61 -53.19
C LEU D 454 1.08 -2.24 -52.80
N THR D 455 1.10 -1.34 -53.77
CA THR D 455 1.69 -0.02 -53.59
C THR D 455 0.67 1.05 -53.92
N GLU D 456 1.08 2.32 -53.76
CA GLU D 456 0.19 3.44 -54.02
C GLU D 456 -0.18 3.51 -55.50
N ALA D 457 0.78 3.29 -56.39
CA ALA D 457 0.52 3.42 -57.82
C ALA D 457 -0.55 2.43 -58.26
N ASP D 458 -0.65 1.28 -57.60
CA ASP D 458 -1.70 0.33 -57.94
C ASP D 458 -3.07 0.82 -57.46
N VAL D 459 -3.14 1.36 -56.24
CA VAL D 459 -4.40 1.81 -55.69
C VAL D 459 -4.90 3.07 -56.41
N GLN D 460 -4.00 4.04 -56.65
CA GLN D 460 -4.41 5.28 -57.29
C GLN D 460 -4.88 5.06 -58.72
N GLN D 461 -4.18 4.20 -59.46
CA GLN D 461 -4.62 3.85 -60.80
C GLN D 461 -6.00 3.22 -60.78
N TRP D 462 -6.24 2.32 -59.83
CA TRP D 462 -7.55 1.70 -59.69
C TRP D 462 -8.61 2.74 -59.33
N LEU D 463 -8.29 3.63 -58.39
CA LEU D 463 -9.26 4.61 -57.95
C LEU D 463 -9.48 5.70 -59.01
N THR D 464 -8.49 5.92 -59.88
CA THR D 464 -8.65 6.92 -60.94
C THR D 464 -9.75 6.50 -61.90
N TRP D 465 -9.79 5.23 -62.29
CA TRP D 465 -10.81 4.75 -63.21
C TRP D 465 -12.20 4.84 -62.61
N CYS D 466 -12.34 4.47 -61.33
CA CYS D 466 -13.65 4.36 -60.71
C CYS D 466 -14.35 5.72 -60.64
N ASN D 467 -13.59 6.79 -60.33
CA ASN D 467 -14.21 8.10 -60.18
C ASN D 467 -14.78 8.63 -61.49
N ALA D 468 -14.26 8.17 -62.62
CA ALA D 468 -14.68 8.67 -63.91
C ALA D 468 -16.03 8.11 -64.37
N GLN D 469 -16.55 7.10 -63.70
CA GLN D 469 -17.80 6.47 -64.11
C GLN D 469 -18.99 7.13 -63.40
N SER D 470 -20.18 6.81 -63.91
CA SER D 470 -21.40 7.42 -63.38
C SER D 470 -21.69 6.92 -61.98
N TRP D 471 -22.28 7.80 -61.16
CA TRP D 471 -22.65 7.46 -59.80
C TRP D 471 -24.03 6.79 -59.71
N ASP D 472 -24.71 6.61 -60.84
CA ASP D 472 -26.05 6.06 -60.82
C ASP D 472 -26.08 4.64 -60.27
N HIS D 473 -25.09 3.81 -60.64
CA HIS D 473 -25.06 2.43 -60.19
C HIS D 473 -24.90 2.34 -58.68
N TYR D 474 -24.03 3.18 -58.11
CA TYR D 474 -23.82 3.16 -56.66
C TYR D 474 -24.99 3.77 -55.92
N GLU D 475 -25.48 4.93 -56.37
CA GLU D 475 -26.50 5.66 -55.61
C GLU D 475 -27.81 4.90 -55.51
N ASN D 476 -28.07 3.97 -56.42
CA ASN D 476 -29.29 3.17 -56.33
C ASN D 476 -29.26 2.26 -55.10
N TRP D 477 -28.13 1.58 -54.86
CA TRP D 477 -28.00 0.75 -53.67
C TRP D 477 -27.81 1.61 -52.43
N ALA D 478 -27.20 2.78 -52.59
CA ALA D 478 -26.90 3.64 -51.43
C ALA D 478 -28.16 4.14 -50.73
N ILE D 479 -29.31 4.06 -51.38
CA ILE D 479 -30.55 4.51 -50.75
C ILE D 479 -30.88 3.66 -49.53
N ASN D 480 -30.68 2.34 -49.63
CA ASN D 480 -30.95 1.41 -48.53
C ASN D 480 -29.69 0.58 -48.29
N TYR D 481 -28.90 1.00 -47.30
CA TYR D 481 -27.64 0.34 -47.01
C TYR D 481 -27.87 -1.05 -46.42
N THR D 482 -27.18 -2.04 -46.96
CA THR D 482 -27.29 -3.41 -46.48
C THR D 482 -26.02 -3.82 -45.73
N PHE D 483 -26.18 -4.77 -44.80
CA PHE D 483 -25.03 -5.26 -44.05
C PHE D 483 -24.01 -5.94 -44.95
N ASP D 484 -24.48 -6.71 -45.94
CA ASP D 484 -23.58 -7.34 -46.88
C ASP D 484 -23.41 -6.47 -48.13
N PHE D 485 -22.38 -6.79 -48.91
CA PHE D 485 -22.09 -6.07 -50.14
C PHE D 485 -22.48 -6.93 -51.34
N PRO D 486 -23.19 -6.37 -52.31
CA PRO D 486 -23.65 -7.18 -53.45
C PRO D 486 -22.49 -7.70 -54.27
N GLY D 487 -22.68 -8.87 -54.86
CA GLY D 487 -21.67 -9.49 -55.70
C GLY D 487 -21.76 -9.02 -57.14
N ILE D 488 -20.98 -9.70 -57.99
CA ILE D 488 -20.95 -9.36 -59.41
C ILE D 488 -22.31 -9.61 -60.04
N ASN D 489 -22.80 -8.64 -60.79
CA ASN D 489 -24.03 -8.76 -61.56
C ASN D 489 -23.67 -8.68 -63.04
N ALA D 490 -23.83 -9.80 -63.75
CA ALA D 490 -23.47 -9.84 -65.16
C ALA D 490 -24.36 -8.93 -66.00
N ASP D 491 -25.51 -8.53 -65.50
CA ASP D 491 -26.40 -7.62 -66.21
C ASP D 491 -25.95 -6.17 -66.12
N ALA D 492 -24.96 -5.86 -65.29
CA ALA D 492 -24.50 -4.49 -65.14
C ALA D 492 -22.97 -4.36 -65.11
N LEU D 493 -22.21 -5.42 -65.37
CA LEU D 493 -20.77 -5.32 -65.38
C LEU D 493 -20.30 -4.32 -66.42
N HIS D 494 -19.32 -3.51 -66.07
CA HIS D 494 -18.87 -2.44 -66.94
C HIS D 494 -18.21 -3.03 -68.18
N PRO D 495 -18.40 -2.44 -69.36
CA PRO D 495 -17.85 -3.04 -70.59
C PRO D 495 -16.34 -3.25 -70.58
N ASP D 496 -15.59 -2.39 -69.89
CA ASP D 496 -14.13 -2.56 -69.85
C ASP D 496 -13.74 -3.87 -69.17
N LEU D 497 -14.54 -4.32 -68.21
CA LEU D 497 -14.24 -5.53 -67.46
C LEU D 497 -14.89 -6.78 -68.04
N GLN D 498 -15.58 -6.66 -69.17
CA GLN D 498 -16.22 -7.81 -69.79
C GLN D 498 -15.22 -8.61 -70.63
N VAL E 201 -13.82 56.01 -12.51
CA VAL E 201 -12.43 55.64 -12.35
C VAL E 201 -11.61 56.09 -13.55
N VAL E 202 -10.62 56.94 -13.31
CA VAL E 202 -9.73 57.41 -14.37
C VAL E 202 -8.79 56.27 -14.77
N PRO E 203 -8.80 55.85 -16.03
CA PRO E 203 -7.89 54.77 -16.44
C PRO E 203 -6.43 55.21 -16.34
N PHE E 204 -5.56 54.23 -16.10
CA PHE E 204 -4.14 54.51 -16.03
C PHE E 204 -3.66 55.12 -17.34
N ASN E 205 -2.92 56.23 -17.24
CA ASN E 205 -2.53 57.01 -18.41
C ASN E 205 -1.34 56.41 -19.15
N GLY E 206 -1.41 55.12 -19.50
CA GLY E 206 -0.39 54.53 -20.34
C GLY E 206 -0.81 54.50 -21.79
N LYS E 207 0.19 54.38 -22.66
CA LYS E 207 -0.05 54.29 -24.09
C LYS E 207 0.76 53.15 -24.67
N GLY E 208 0.13 52.37 -25.54
CA GLY E 208 0.76 51.17 -26.07
C GLY E 208 1.40 51.42 -27.43
N THR E 209 2.30 50.52 -27.81
CA THR E 209 2.97 50.61 -29.09
C THR E 209 2.06 50.11 -30.21
N LYS E 210 2.63 50.02 -31.41
CA LYS E 210 1.89 49.51 -32.56
C LYS E 210 1.45 48.07 -32.35
N ALA E 211 2.35 47.24 -31.81
CA ALA E 211 2.02 45.83 -31.56
C ALA E 211 0.90 45.67 -30.54
N SER E 212 0.88 46.48 -29.48
CA SER E 212 -0.20 46.41 -28.51
C SER E 212 -1.55 46.80 -29.10
N ILE E 213 -1.58 47.85 -29.92
CA ILE E 213 -2.82 48.24 -30.58
C ILE E 213 -3.29 47.15 -31.53
N LYS E 214 -2.35 46.55 -32.28
CA LYS E 214 -2.71 45.44 -33.17
C LYS E 214 -3.27 44.27 -32.38
N PHE E 215 -2.66 43.95 -31.24
CA PHE E 215 -3.15 42.85 -30.42
C PHE E 215 -4.55 43.14 -29.85
N GLN E 216 -4.79 44.38 -29.42
CA GLN E 216 -6.11 44.73 -28.94
C GLN E 216 -7.15 44.64 -30.05
N THR E 217 -6.78 45.07 -31.26
CA THR E 217 -7.69 44.95 -32.40
C THR E 217 -7.98 43.48 -32.71
N MET E 218 -6.97 42.62 -32.60
CA MET E 218 -7.18 41.19 -32.81
C MET E 218 -8.09 40.60 -31.75
N VAL E 219 -7.94 41.03 -30.49
CA VAL E 219 -8.84 40.58 -29.44
C VAL E 219 -10.28 40.98 -29.75
N ASN E 220 -10.48 42.22 -30.19
CA ASN E 220 -11.82 42.64 -30.58
C ASN E 220 -12.35 41.81 -31.74
N TRP E 221 -11.51 41.55 -32.74
CA TRP E 221 -11.94 40.77 -33.90
C TRP E 221 -12.35 39.36 -33.49
N LEU E 222 -11.62 38.75 -32.57
CA LEU E 222 -12.00 37.43 -32.08
C LEU E 222 -13.36 37.45 -31.41
N CYS E 223 -13.66 38.50 -30.65
CA CYS E 223 -14.96 38.61 -30.01
C CYS E 223 -16.07 38.78 -31.03
N GLU E 224 -15.84 39.59 -32.07
CA GLU E 224 -16.90 39.88 -33.03
C GLU E 224 -17.25 38.68 -33.91
N ASN E 225 -16.34 37.73 -34.10
CA ASN E 225 -16.55 36.62 -35.02
C ASN E 225 -16.90 35.32 -34.31
N ARG E 226 -17.11 35.36 -33.00
CA ARG E 226 -17.52 34.18 -32.21
C ARG E 226 -16.52 33.03 -32.37
N VAL E 227 -15.24 33.36 -32.25
CA VAL E 227 -14.17 32.36 -32.25
C VAL E 227 -13.62 32.28 -30.84
N PHE E 228 -13.62 31.08 -30.26
CA PHE E 228 -13.22 30.89 -28.87
C PHE E 228 -12.35 29.65 -28.66
N THR E 229 -12.05 28.90 -29.71
CA THR E 229 -11.23 27.70 -29.59
C THR E 229 -10.15 27.72 -30.67
N GLU E 230 -9.12 26.92 -30.46
CA GLU E 230 -8.07 26.78 -31.46
C GLU E 230 -8.61 26.17 -32.74
N ASP E 231 -9.46 25.15 -32.62
CA ASP E 231 -10.02 24.50 -33.81
C ASP E 231 -10.90 25.45 -34.60
N LYS E 232 -11.72 26.25 -33.91
CA LYS E 232 -12.56 27.23 -34.60
C LYS E 232 -11.71 28.26 -35.33
N TRP E 233 -10.61 28.71 -34.70
CA TRP E 233 -9.72 29.66 -35.35
C TRP E 233 -9.07 29.05 -36.58
N LYS E 234 -8.63 27.80 -36.49
CA LYS E 234 -8.03 27.14 -37.64
C LYS E 234 -9.04 26.95 -38.76
N LEU E 235 -10.29 26.64 -38.44
CA LEU E 235 -11.32 26.47 -39.46
C LEU E 235 -11.66 27.79 -40.13
N VAL E 236 -11.79 28.86 -39.34
CA VAL E 236 -12.19 30.16 -39.90
C VAL E 236 -11.04 30.78 -40.68
N ASP E 237 -9.90 31.03 -40.00
CA ASP E 237 -8.80 31.75 -40.63
C ASP E 237 -7.50 31.00 -40.32
N PHE E 238 -7.04 30.23 -41.31
CA PHE E 238 -5.78 29.49 -41.16
C PHE E 238 -4.56 30.39 -41.36
N ASN E 239 -4.67 31.42 -42.20
CA ASN E 239 -3.51 32.24 -42.52
C ASN E 239 -3.02 33.01 -41.30
N GLN E 240 -3.94 33.70 -40.61
CA GLN E 240 -3.54 34.46 -39.42
C GLN E 240 -3.00 33.54 -38.34
N TYR E 241 -3.60 32.36 -38.17
CA TYR E 241 -3.10 31.41 -37.19
C TYR E 241 -1.68 30.98 -37.52
N THR E 242 -1.42 30.68 -38.80
CA THR E 242 -0.06 30.30 -39.20
C THR E 242 0.92 31.44 -38.95
N LEU E 243 0.55 32.67 -39.32
CA LEU E 243 1.42 33.81 -39.09
C LEU E 243 1.73 34.00 -37.61
N LEU E 244 0.71 33.83 -36.75
CA LEU E 244 0.94 33.98 -35.32
C LEU E 244 1.81 32.85 -34.78
N SER E 245 1.62 31.63 -35.27
CA SER E 245 2.37 30.48 -34.77
C SER E 245 3.74 30.34 -35.44
N SER E 246 4.09 31.25 -36.35
CA SER E 246 5.40 31.22 -36.98
C SER E 246 6.53 31.51 -36.00
N SER E 247 6.25 32.10 -34.84
CA SER E 247 7.29 32.50 -33.92
C SER E 247 6.85 32.22 -32.50
N HIS E 248 7.81 32.23 -31.58
CA HIS E 248 7.51 31.96 -30.17
C HIS E 248 6.66 33.08 -29.56
N SER E 249 6.88 34.32 -30.00
CA SER E 249 6.13 35.44 -29.43
C SER E 249 4.65 35.31 -29.74
N GLY E 250 4.31 34.93 -30.96
CA GLY E 250 2.92 34.83 -31.37
C GLY E 250 2.17 33.68 -30.75
N SER E 251 2.88 32.61 -30.39
CA SER E 251 2.23 31.49 -29.73
C SER E 251 1.69 31.87 -28.36
N PHE E 252 2.38 32.76 -27.65
CA PHE E 252 1.85 33.28 -26.39
C PHE E 252 0.73 34.28 -26.64
N GLN E 253 0.83 35.05 -27.73
CA GLN E 253 -0.22 36.00 -28.07
C GLN E 253 -1.53 35.31 -28.38
N ILE E 254 -1.47 34.15 -29.04
CA ILE E 254 -2.68 33.40 -29.34
C ILE E 254 -3.42 33.03 -28.05
N GLN E 255 -2.67 32.47 -27.09
CA GLN E 255 -3.28 32.05 -25.84
C GLN E 255 -3.82 33.24 -25.05
N SER E 256 -3.06 34.34 -24.99
CA SER E 256 -3.54 35.52 -24.28
C SER E 256 -4.79 36.08 -24.93
N ALA E 257 -4.82 36.14 -26.26
CA ALA E 257 -5.99 36.66 -26.97
C ALA E 257 -7.21 35.79 -26.73
N LEU E 258 -7.04 34.46 -26.78
CA LEU E 258 -8.17 33.58 -26.53
C LEU E 258 -8.69 33.72 -25.10
N LYS E 259 -7.77 33.77 -24.12
CA LYS E 259 -8.18 33.89 -22.73
C LYS E 259 -8.88 35.22 -22.47
N LEU E 260 -8.45 36.29 -23.14
CA LEU E 260 -9.11 37.58 -22.96
C LEU E 260 -10.45 37.62 -23.69
N ALA E 261 -10.54 37.01 -24.87
CA ALA E 261 -11.78 37.03 -25.62
C ALA E 261 -12.87 36.24 -24.90
N ILE E 262 -12.51 35.10 -24.32
CA ILE E 262 -13.50 34.31 -23.58
C ILE E 262 -14.04 35.12 -22.41
N TYR E 263 -13.15 35.78 -21.67
CA TYR E 263 -13.59 36.60 -20.54
C TYR E 263 -14.46 37.76 -20.99
N LYS E 264 -14.08 38.42 -22.08
CA LYS E 264 -14.88 39.54 -22.57
C LYS E 264 -16.27 39.09 -22.99
N ALA E 265 -16.36 37.95 -23.67
CA ALA E 265 -17.65 37.46 -24.12
C ALA E 265 -18.52 36.98 -22.97
N THR E 266 -17.90 36.40 -21.93
CA THR E 266 -18.70 35.80 -20.87
C THR E 266 -19.08 36.78 -19.76
N ASN E 267 -18.18 37.68 -19.38
CA ASN E 267 -18.38 38.51 -18.20
C ASN E 267 -18.58 39.99 -18.50
N LEU E 268 -18.06 40.51 -19.60
CA LEU E 268 -18.14 41.94 -19.87
C LEU E 268 -19.35 42.33 -20.70
N VAL E 269 -19.82 41.44 -21.56
CA VAL E 269 -20.95 41.70 -22.45
C VAL E 269 -22.11 40.81 -22.02
N PRO E 270 -23.30 41.35 -21.79
CA PRO E 270 -24.44 40.51 -21.41
C PRO E 270 -24.73 39.46 -22.47
N THR E 271 -25.09 38.26 -22.01
CA THR E 271 -25.28 37.14 -22.94
C THR E 271 -26.45 37.38 -23.87
N SER E 272 -27.50 38.04 -23.37
CA SER E 272 -28.70 38.25 -24.18
C SER E 272 -28.42 39.07 -25.43
N THR E 273 -27.43 39.96 -25.40
CA THR E 273 -27.05 40.72 -26.58
C THR E 273 -26.51 39.84 -27.69
N PHE E 274 -26.01 38.64 -27.36
CA PHE E 274 -25.61 37.68 -28.37
C PHE E 274 -26.78 36.90 -28.95
N LEU E 275 -27.95 36.96 -28.30
CA LEU E 275 -29.14 36.28 -28.79
C LEU E 275 -29.95 37.16 -29.75
N LEU E 276 -30.18 38.41 -29.38
CA LEU E 276 -30.98 39.31 -30.19
C LEU E 276 -30.26 39.64 -31.49
N HIS E 277 -31.03 39.81 -32.56
CA HIS E 277 -30.48 40.18 -33.85
C HIS E 277 -30.21 41.69 -33.89
N ALA E 278 -29.33 42.09 -34.80
CA ALA E 278 -28.98 43.49 -34.97
C ALA E 278 -30.13 44.26 -35.60
N CYS E 285 -43.59 37.13 -40.96
CA CYS E 285 -43.47 35.69 -41.10
C CYS E 285 -43.34 35.01 -39.73
N ILE E 286 -43.82 35.71 -38.70
CA ILE E 286 -43.76 35.17 -37.34
C ILE E 286 -44.64 33.92 -37.22
N LYS E 287 -45.67 33.80 -38.06
CA LYS E 287 -46.53 32.63 -38.02
C LYS E 287 -45.78 31.36 -38.40
N ASP E 288 -44.74 31.46 -39.21
CA ASP E 288 -44.08 30.30 -39.80
C ASP E 288 -42.83 29.86 -39.05
N ASN E 289 -42.51 30.50 -37.93
CA ASN E 289 -41.32 30.13 -37.17
C ASN E 289 -41.50 28.74 -36.59
N LYS E 290 -40.46 27.90 -36.73
CA LYS E 290 -40.55 26.52 -36.30
C LYS E 290 -40.72 26.41 -34.79
N ILE E 291 -40.00 27.22 -34.02
CA ILE E 291 -40.08 27.16 -32.57
C ILE E 291 -41.47 27.57 -32.10
N VAL E 292 -42.07 28.56 -32.77
CA VAL E 292 -43.42 28.99 -32.41
C VAL E 292 -44.41 27.84 -32.60
N LYS E 293 -44.29 27.11 -33.71
CA LYS E 293 -45.15 25.96 -33.94
C LYS E 293 -44.92 24.88 -32.89
N LEU E 294 -43.65 24.60 -32.57
CA LEU E 294 -43.34 23.55 -31.61
C LEU E 294 -43.90 23.88 -30.23
N LEU E 295 -43.80 25.13 -29.81
CA LEU E 295 -44.36 25.53 -28.52
C LEU E 295 -45.89 25.42 -28.54
N LEU E 296 -46.53 25.76 -29.66
CA LEU E 296 -47.98 25.65 -29.75
C LEU E 296 -48.42 24.20 -29.76
N CYS E 297 -47.63 23.32 -30.37
CA CYS E 297 -47.95 21.89 -30.35
C CYS E 297 -47.95 21.35 -28.91
N GLN E 298 -46.99 21.79 -28.10
CA GLN E 298 -46.90 21.37 -26.71
C GLN E 298 -47.71 22.25 -25.77
N ASN E 299 -48.63 23.07 -26.31
CA ASN E 299 -49.55 23.87 -25.50
C ASN E 299 -48.82 24.83 -24.58
N TYR E 300 -48.06 25.76 -25.17
CA TYR E 300 -47.42 26.83 -24.43
C TYR E 300 -47.36 28.09 -25.29
N ASP E 301 -47.44 29.23 -24.64
CA ASP E 301 -47.44 30.52 -25.32
C ASP E 301 -46.02 30.88 -25.75
N PRO E 302 -45.75 31.07 -27.04
CA PRO E 302 -44.39 31.46 -27.44
C PRO E 302 -43.94 32.79 -26.88
N LEU E 303 -44.87 33.68 -26.53
CA LEU E 303 -44.49 34.98 -26.00
C LEU E 303 -43.86 34.84 -24.61
N LEU E 304 -44.49 34.06 -23.74
CA LEU E 304 -43.99 33.94 -22.36
C LEU E 304 -42.72 33.10 -22.30
N VAL E 305 -42.59 32.09 -23.16
CA VAL E 305 -41.39 31.26 -23.15
C VAL E 305 -40.18 32.09 -23.56
N GLY E 306 -40.32 32.89 -24.62
CA GLY E 306 -39.21 33.70 -25.08
C GLY E 306 -38.82 34.78 -24.10
N GLN E 307 -39.81 35.45 -23.51
CA GLN E 307 -39.52 36.53 -22.57
C GLN E 307 -38.83 36.02 -21.32
N HIS E 308 -39.21 34.84 -20.84
CA HIS E 308 -38.57 34.28 -19.65
C HIS E 308 -37.12 33.92 -19.92
N VAL E 309 -36.81 33.46 -21.13
CA VAL E 309 -35.44 33.10 -21.48
C VAL E 309 -34.53 34.32 -21.41
N LEU E 310 -35.02 35.47 -21.88
CA LEU E 310 -34.21 36.69 -21.89
C LEU E 310 -33.86 37.16 -20.48
N LYS E 311 -34.55 36.68 -19.46
CA LYS E 311 -34.18 36.96 -18.08
C LYS E 311 -33.39 35.82 -17.44
N TRP E 312 -33.76 34.58 -17.74
CA TRP E 312 -33.04 33.43 -17.20
C TRP E 312 -31.60 33.39 -17.73
N ILE E 313 -31.42 33.67 -19.02
CA ILE E 313 -30.08 33.67 -19.60
C ILE E 313 -29.24 34.83 -19.06
N ASP E 314 -29.88 35.87 -18.51
CA ASP E 314 -29.18 37.01 -17.97
C ASP E 314 -29.04 36.96 -16.46
N LYS E 315 -29.36 35.83 -15.84
CA LYS E 315 -29.27 35.65 -14.39
C LYS E 315 -30.09 36.67 -13.62
N LYS E 316 -31.22 37.10 -14.18
CA LYS E 316 -32.06 38.10 -13.55
C LYS E 316 -33.30 37.51 -12.88
N CYS E 317 -33.46 36.19 -12.90
CA CYS E 317 -34.64 35.55 -12.32
C CYS E 317 -34.51 35.28 -10.83
N GLY E 318 -33.38 35.60 -10.22
CA GLY E 318 -33.25 35.37 -8.79
C GLY E 318 -32.87 33.93 -8.51
N LYS E 319 -33.64 33.29 -7.63
CA LYS E 319 -33.31 31.94 -7.18
C LYS E 319 -33.61 30.88 -8.24
N LYS E 320 -34.68 31.05 -9.02
CA LYS E 320 -35.03 30.07 -10.05
C LYS E 320 -34.09 30.24 -11.25
N ASN E 321 -33.00 29.49 -11.21
CA ASN E 321 -31.94 29.62 -12.20
C ASN E 321 -31.95 28.52 -13.26
N THR E 322 -32.88 27.56 -13.18
CA THR E 322 -32.84 26.39 -14.03
C THR E 322 -34.15 26.21 -14.79
N LEU E 323 -34.06 25.65 -15.99
CA LEU E 323 -35.22 25.23 -16.77
C LEU E 323 -35.21 23.71 -16.88
N TRP E 324 -36.38 23.10 -16.78
CA TRP E 324 -36.52 21.66 -16.78
C TRP E 324 -37.47 21.24 -17.89
N PHE E 325 -37.01 20.35 -18.75
CA PHE E 325 -37.83 19.79 -19.82
C PHE E 325 -38.23 18.37 -19.45
N TYR E 326 -39.52 18.08 -19.49
CA TYR E 326 -40.06 16.80 -19.07
C TYR E 326 -41.07 16.30 -20.09
N GLY E 327 -41.07 14.99 -20.33
CA GLY E 327 -42.02 14.39 -21.24
C GLY E 327 -41.54 13.09 -21.84
N PRO E 328 -42.41 12.44 -22.60
CA PRO E 328 -42.04 11.18 -23.26
C PRO E 328 -40.95 11.40 -24.30
N PRO E 329 -40.29 10.33 -24.74
CA PRO E 329 -39.26 10.49 -25.78
C PRO E 329 -39.86 10.91 -27.11
N SER E 330 -39.02 11.56 -27.92
CA SER E 330 -39.36 11.99 -29.28
C SER E 330 -40.46 13.05 -29.30
N THR E 331 -40.54 13.90 -28.27
CA THR E 331 -41.47 15.02 -28.25
C THR E 331 -40.80 16.36 -28.52
N GLY E 332 -39.49 16.38 -28.76
CA GLY E 332 -38.79 17.61 -29.08
C GLY E 332 -38.09 18.29 -27.93
N LYS E 333 -37.81 17.57 -26.85
CA LYS E 333 -37.12 18.18 -25.71
C LYS E 333 -35.66 18.49 -26.06
N THR E 334 -34.96 17.52 -26.65
CA THR E 334 -33.55 17.72 -26.98
C THR E 334 -33.34 18.79 -28.03
N ASN E 335 -34.20 18.84 -29.05
CA ASN E 335 -34.00 19.76 -30.16
C ASN E 335 -34.02 21.21 -29.70
N LEU E 336 -35.04 21.59 -28.91
CA LEU E 336 -35.12 22.96 -28.44
C LEU E 336 -33.97 23.29 -27.50
N ALA E 337 -33.60 22.35 -26.63
CA ALA E 337 -32.53 22.61 -25.66
C ALA E 337 -31.21 22.91 -26.36
N MET E 338 -30.88 22.15 -27.40
CA MET E 338 -29.62 22.40 -28.12
C MET E 338 -29.70 23.65 -28.98
N ALA E 339 -30.91 24.09 -29.32
CA ALA E 339 -31.05 25.30 -30.13
C ALA E 339 -30.60 26.53 -29.35
N ILE E 340 -30.94 26.61 -28.07
CA ILE E 340 -30.50 27.73 -27.24
C ILE E 340 -28.98 27.71 -27.08
N ALA E 341 -28.42 26.51 -26.91
CA ALA E 341 -26.98 26.39 -26.67
C ALA E 341 -26.17 26.89 -27.87
N LYS E 342 -26.63 26.60 -29.09
CA LYS E 342 -25.88 26.99 -30.28
C LYS E 342 -25.83 28.50 -30.47
N SER E 343 -26.66 29.26 -29.76
CA SER E 343 -26.67 30.71 -29.90
C SER E 343 -25.74 31.42 -28.94
N VAL E 344 -25.58 30.91 -27.71
CA VAL E 344 -24.68 31.52 -26.74
C VAL E 344 -23.24 31.26 -27.18
N PRO E 345 -22.28 32.10 -26.76
CA PRO E 345 -20.89 31.93 -27.24
C PRO E 345 -20.29 30.58 -26.89
N VAL E 346 -20.22 30.26 -25.60
CA VAL E 346 -19.58 29.03 -25.13
C VAL E 346 -20.48 28.41 -24.05
N TYR E 347 -20.68 27.11 -24.15
CA TYR E 347 -21.45 26.35 -23.17
C TYR E 347 -20.78 25.02 -22.91
N GLY E 348 -21.09 24.43 -21.77
CA GLY E 348 -20.58 23.13 -21.40
C GLY E 348 -21.70 22.17 -21.05
N MET E 349 -21.59 20.93 -21.53
CA MET E 349 -22.59 19.89 -21.29
C MET E 349 -22.05 18.90 -20.28
N VAL E 350 -22.92 18.43 -19.38
CA VAL E 350 -22.46 17.65 -18.23
C VAL E 350 -21.93 16.28 -18.64
N ASN E 351 -22.46 15.72 -19.72
CA ASN E 351 -22.09 14.36 -20.12
C ASN E 351 -20.62 14.23 -20.49
N TRP E 352 -19.93 15.33 -20.75
CA TRP E 352 -18.50 15.28 -21.04
C TRP E 352 -17.67 14.93 -19.80
N ASN E 353 -18.05 15.44 -18.64
CA ASN E 353 -17.24 15.35 -17.45
C ASN E 353 -17.17 13.90 -16.93
N ASN E 354 -16.28 13.70 -15.96
CA ASN E 354 -16.15 12.41 -15.31
C ASN E 354 -17.41 12.10 -14.50
N GLU E 355 -17.71 10.81 -14.36
CA GLU E 355 -18.92 10.40 -13.65
C GLU E 355 -18.93 10.85 -12.20
N ASN E 356 -17.79 10.75 -11.52
CA ASN E 356 -17.69 11.14 -10.12
C ASN E 356 -17.52 12.65 -9.96
N PHE E 357 -17.01 13.34 -10.97
CA PHE E 357 -16.83 14.79 -10.94
C PHE E 357 -17.69 15.41 -12.05
N PRO E 358 -18.95 15.73 -11.74
CA PRO E 358 -19.85 16.21 -12.80
C PRO E 358 -19.68 17.68 -13.12
N PHE E 359 -19.22 18.50 -12.19
CA PHE E 359 -19.26 19.95 -12.32
C PHE E 359 -17.89 20.57 -12.56
N ASN E 360 -17.04 19.93 -13.35
CA ASN E 360 -15.78 20.55 -13.74
C ASN E 360 -15.99 21.57 -14.85
N ASP E 361 -15.16 22.61 -14.85
CA ASP E 361 -15.15 23.63 -15.89
C ASP E 361 -16.49 24.34 -16.01
N VAL E 362 -17.26 24.36 -14.92
CA VAL E 362 -18.54 25.08 -14.94
C VAL E 362 -18.32 26.58 -15.04
N ALA E 363 -17.27 27.09 -14.40
CA ALA E 363 -16.96 28.51 -14.48
C ALA E 363 -16.46 28.86 -15.88
N GLY E 364 -16.78 30.07 -16.32
CA GLY E 364 -16.38 30.51 -17.64
C GLY E 364 -17.28 30.04 -18.77
N LYS E 365 -18.47 29.54 -18.46
CA LYS E 365 -19.42 29.09 -19.47
C LYS E 365 -20.68 29.94 -19.39
N SER E 366 -21.31 30.12 -20.55
CA SER E 366 -22.56 30.89 -20.59
C SER E 366 -23.78 30.03 -20.27
N LEU E 367 -23.68 28.71 -20.50
CA LEU E 367 -24.81 27.82 -20.31
C LEU E 367 -24.30 26.43 -19.92
N VAL E 368 -25.06 25.74 -19.08
CA VAL E 368 -24.76 24.38 -18.66
C VAL E 368 -25.89 23.48 -19.15
N VAL E 369 -25.53 22.44 -19.90
CA VAL E 369 -26.50 21.53 -20.52
C VAL E 369 -26.41 20.19 -19.82
N TRP E 370 -27.56 19.71 -19.32
CA TRP E 370 -27.65 18.39 -18.69
C TRP E 370 -28.76 17.63 -19.40
N ASP E 371 -28.40 16.59 -20.15
CA ASP E 371 -29.33 15.88 -21.00
C ASP E 371 -29.69 14.54 -20.37
N GLU E 372 -30.99 14.32 -20.15
CA GLU E 372 -31.54 13.04 -19.66
C GLU E 372 -30.78 12.54 -18.42
N GLY E 373 -30.30 13.48 -17.61
CA GLY E 373 -29.56 13.13 -16.42
C GLY E 373 -30.45 12.86 -15.22
N ILE E 374 -29.87 12.19 -14.22
CA ILE E 374 -30.57 11.84 -13.00
C ILE E 374 -29.65 12.15 -11.82
N ILE E 375 -30.23 12.69 -10.75
CA ILE E 375 -29.46 13.15 -9.60
C ILE E 375 -29.24 12.01 -8.62
N LYS E 376 -28.00 11.82 -8.19
CA LYS E 376 -27.66 10.85 -7.17
C LYS E 376 -27.42 11.54 -5.84
N SER E 377 -27.65 10.80 -4.75
CA SER E 377 -27.46 11.35 -3.41
C SER E 377 -25.98 11.63 -3.10
N THR E 378 -25.06 10.96 -3.79
CA THR E 378 -23.64 11.20 -3.55
C THR E 378 -23.20 12.58 -4.02
N ILE E 379 -23.94 13.19 -4.94
CA ILE E 379 -23.56 14.49 -5.49
C ILE E 379 -24.74 15.45 -5.39
N VAL E 380 -25.76 15.08 -4.61
CA VAL E 380 -26.91 15.95 -4.45
C VAL E 380 -26.52 17.23 -3.73
N GLU E 381 -25.52 17.17 -2.86
CA GLU E 381 -25.05 18.37 -2.16
C GLU E 381 -24.47 19.41 -3.11
N ALA E 382 -23.69 18.98 -4.11
CA ALA E 382 -23.17 19.92 -5.10
C ALA E 382 -24.23 20.31 -6.12
N ALA E 383 -25.23 19.45 -6.33
CA ALA E 383 -26.28 19.77 -7.30
C ALA E 383 -27.11 20.98 -6.85
N LYS E 384 -27.46 21.03 -5.56
CA LYS E 384 -28.22 22.17 -5.05
C LYS E 384 -27.45 23.48 -5.18
N ALA E 385 -26.13 23.41 -5.38
CA ALA E 385 -25.34 24.63 -5.50
C ALA E 385 -25.50 25.27 -6.87
N ILE E 386 -25.14 24.53 -7.93
CA ILE E 386 -25.24 25.08 -9.28
C ILE E 386 -26.69 25.34 -9.66
N LEU E 387 -27.59 24.41 -9.31
CA LEU E 387 -29.00 24.64 -9.62
C LEU E 387 -29.58 25.81 -8.84
N GLY E 388 -28.93 26.25 -7.78
CA GLY E 388 -29.35 27.39 -7.01
C GLY E 388 -28.70 28.70 -7.38
N GLY E 389 -27.69 28.67 -8.25
CA GLY E 389 -27.05 29.89 -8.70
C GLY E 389 -25.99 30.45 -7.77
N GLN E 390 -25.64 29.74 -6.69
CA GLN E 390 -24.58 30.25 -5.82
C GLN E 390 -23.25 29.59 -6.17
N PRO E 391 -22.17 30.36 -6.29
CA PRO E 391 -20.90 29.82 -6.79
C PRO E 391 -20.23 28.86 -5.82
N THR E 392 -19.41 27.97 -6.38
CA THR E 392 -18.71 26.98 -5.57
C THR E 392 -17.65 27.65 -4.69
N ARG E 393 -17.18 26.89 -3.69
CA ARG E 393 -16.27 27.45 -2.70
C ARG E 393 -14.97 27.93 -3.31
N VAL E 394 -14.43 27.18 -4.28
CA VAL E 394 -13.17 27.56 -4.90
C VAL E 394 -13.33 28.85 -5.70
N ASP E 395 -14.55 29.18 -6.12
CA ASP E 395 -14.77 30.36 -6.95
C ASP E 395 -14.46 31.64 -6.17
N GLN E 396 -14.89 31.71 -4.91
CA GLN E 396 -14.63 32.91 -4.10
C GLN E 396 -13.13 33.07 -3.83
N LYS E 397 -12.47 31.97 -3.48
CA LYS E 397 -11.07 32.00 -3.08
C LYS E 397 -10.17 32.51 -4.21
N MET E 398 -10.22 31.81 -5.33
CA MET E 398 -9.40 32.26 -6.49
C MET E 398 -9.85 33.65 -6.92
N ARG E 399 -11.09 34.06 -6.57
CA ARG E 399 -11.60 35.38 -7.08
C ARG E 399 -12.06 36.30 -5.95
N GLY E 400 -11.57 36.09 -4.73
CA GLY E 400 -11.51 37.14 -3.70
C GLY E 400 -12.86 37.53 -3.13
N SER E 401 -13.94 37.50 -3.94
CA SER E 401 -15.26 37.99 -3.46
C SER E 401 -16.12 36.82 -2.98
N VAL E 402 -16.80 36.99 -1.85
CA VAL E 402 -17.70 35.92 -1.32
C VAL E 402 -18.83 35.63 -2.32
N ALA E 403 -18.99 36.44 -3.36
CA ALA E 403 -20.15 36.22 -4.24
C ALA E 403 -19.82 36.57 -5.69
N VAL E 404 -20.06 35.62 -6.60
CA VAL E 404 -19.88 35.88 -8.05
C VAL E 404 -21.03 35.14 -8.72
N PRO E 405 -21.87 35.78 -9.55
CA PRO E 405 -23.06 35.09 -10.09
C PRO E 405 -22.84 33.71 -10.70
N GLY E 406 -23.90 32.91 -10.81
CA GLY E 406 -23.76 31.53 -11.32
C GLY E 406 -24.13 31.38 -12.78
N VAL E 407 -24.08 30.15 -13.30
CA VAL E 407 -24.36 29.86 -14.71
C VAL E 407 -25.80 29.33 -14.82
N PRO E 408 -26.57 29.79 -15.82
CA PRO E 408 -27.88 29.18 -16.04
C PRO E 408 -27.75 27.73 -16.48
N VAL E 409 -28.76 26.93 -16.12
CA VAL E 409 -28.75 25.49 -16.36
C VAL E 409 -30.05 25.11 -17.06
N VAL E 410 -29.95 24.21 -18.04
CA VAL E 410 -31.10 23.64 -18.72
C VAL E 410 -31.02 22.13 -18.62
N ILE E 411 -32.11 21.49 -18.21
CA ILE E 411 -32.14 20.05 -17.97
C ILE E 411 -33.30 19.44 -18.75
N THR E 412 -33.02 18.32 -19.43
CA THR E 412 -34.03 17.51 -20.09
C THR E 412 -34.14 16.18 -19.36
N SER E 413 -35.35 15.66 -19.25
CA SER E 413 -35.55 14.42 -18.51
C SER E 413 -36.80 13.70 -19.02
N ASN E 414 -36.73 12.37 -19.05
CA ASN E 414 -37.90 11.54 -19.33
C ASN E 414 -38.70 11.24 -18.06
N GLY E 415 -38.07 11.30 -16.90
CA GLY E 415 -38.75 11.01 -15.65
C GLY E 415 -38.49 12.09 -14.63
N ASP E 416 -39.25 12.02 -13.53
CA ASP E 416 -39.16 13.01 -12.46
C ASP E 416 -37.79 12.93 -11.80
N ILE E 417 -37.01 14.00 -11.90
CA ILE E 417 -35.69 14.02 -11.28
C ILE E 417 -35.71 14.56 -9.86
N THR E 418 -36.85 15.06 -9.39
CA THR E 418 -36.95 15.54 -8.02
C THR E 418 -36.78 14.42 -7.00
N PHE E 419 -36.87 13.17 -7.42
CA PHE E 419 -36.56 12.03 -6.57
C PHE E 419 -35.10 11.64 -6.77
N VAL E 420 -34.39 11.51 -5.66
CA VAL E 420 -32.94 11.33 -5.67
C VAL E 420 -32.61 9.84 -5.52
N VAL E 421 -31.69 9.36 -6.36
CA VAL E 421 -31.23 7.99 -6.24
C VAL E 421 -30.37 7.84 -4.98
N SER E 422 -30.68 6.83 -4.17
CA SER E 422 -29.91 6.57 -2.95
C SER E 422 -29.71 5.04 -2.88
N GLY E 423 -28.56 4.59 -3.40
CA GLY E 423 -28.35 3.16 -3.52
C GLY E 423 -29.36 2.55 -4.48
N ASN E 424 -29.78 1.34 -4.17
CA ASN E 424 -30.88 0.69 -4.90
C ASN E 424 -32.24 1.09 -4.36
N THR E 425 -32.49 2.38 -4.19
CA THR E 425 -33.70 2.87 -3.55
C THR E 425 -33.90 4.32 -3.94
N THR E 426 -35.15 4.73 -4.05
CA THR E 426 -35.52 6.10 -4.38
C THR E 426 -35.95 6.84 -3.12
N THR E 427 -35.34 8.01 -2.88
CA THR E 427 -35.66 8.82 -1.71
C THR E 427 -36.17 10.19 -2.16
N THR E 428 -37.11 10.74 -1.39
CA THR E 428 -37.75 12.00 -1.70
C THR E 428 -37.48 13.09 -0.67
N VAL E 429 -36.42 12.95 0.13
CA VAL E 429 -36.14 13.92 1.18
C VAL E 429 -35.76 15.27 0.58
N HIS E 430 -35.08 15.26 -0.56
CA HIS E 430 -34.68 16.51 -1.22
C HIS E 430 -35.72 17.03 -2.20
N ALA E 431 -36.90 16.40 -2.27
CA ALA E 431 -37.90 16.81 -3.26
C ALA E 431 -38.33 18.26 -3.07
N LYS E 432 -38.54 18.69 -1.83
CA LYS E 432 -39.00 20.04 -1.59
C LYS E 432 -37.96 21.07 -1.98
N ALA E 433 -36.68 20.80 -1.69
CA ALA E 433 -35.63 21.80 -1.91
C ALA E 433 -35.43 22.11 -3.39
N LEU E 434 -35.73 21.16 -4.27
CA LEU E 434 -35.46 21.39 -5.69
C LEU E 434 -36.53 22.25 -6.34
N LYS E 435 -37.73 22.29 -5.75
CA LYS E 435 -38.87 22.90 -6.42
C LYS E 435 -38.79 24.42 -6.51
N GLU E 436 -38.10 25.08 -5.56
CA GLU E 436 -37.98 26.53 -5.68
C GLU E 436 -36.76 26.94 -6.50
N ARG E 437 -35.94 25.97 -6.90
CA ARG E 437 -34.81 26.25 -7.77
C ARG E 437 -35.10 25.97 -9.24
N MET E 438 -36.26 25.39 -9.56
CA MET E 438 -36.52 24.89 -10.90
C MET E 438 -37.80 25.47 -11.49
N VAL E 439 -37.91 25.36 -12.81
CA VAL E 439 -39.12 25.71 -13.55
C VAL E 439 -39.40 24.58 -14.52
N LYS E 440 -40.65 24.13 -14.57
CA LYS E 440 -41.02 22.90 -15.25
C LYS E 440 -41.81 23.19 -16.52
N LEU E 441 -41.49 22.46 -17.58
CA LEU E 441 -42.23 22.50 -18.84
C LEU E 441 -42.53 21.07 -19.26
N ASN E 442 -43.75 20.84 -19.77
CA ASN E 442 -44.20 19.50 -20.12
C ASN E 442 -44.34 19.39 -21.63
N PHE E 443 -43.65 18.41 -22.23
CA PHE E 443 -43.76 18.12 -23.66
C PHE E 443 -44.52 16.80 -23.80
N THR E 444 -45.85 16.92 -23.86
CA THR E 444 -46.72 15.74 -23.83
C THR E 444 -47.21 15.32 -25.20
N VAL E 445 -46.74 15.94 -26.28
CA VAL E 445 -47.21 15.62 -27.62
C VAL E 445 -46.02 15.18 -28.45
N ARG E 446 -46.16 14.03 -29.12
CA ARG E 446 -45.10 13.54 -30.00
C ARG E 446 -45.05 14.38 -31.28
N CYS E 447 -43.92 14.28 -31.99
CA CYS E 447 -43.71 15.06 -33.20
C CYS E 447 -43.36 14.14 -34.35
N SER E 448 -43.86 14.50 -35.54
CA SER E 448 -43.59 13.74 -36.74
C SER E 448 -42.19 14.04 -37.25
N PRO E 449 -41.55 13.08 -37.95
CA PRO E 449 -40.22 13.34 -38.50
C PRO E 449 -40.23 14.29 -39.69
N ASP E 450 -40.86 15.45 -39.51
CA ASP E 450 -40.88 16.49 -40.54
C ASP E 450 -40.31 17.80 -40.03
N MET E 451 -39.65 17.80 -38.88
CA MET E 451 -39.05 18.99 -38.28
C MET E 451 -37.60 18.67 -37.95
N GLY E 452 -36.70 19.03 -38.85
CA GLY E 452 -35.29 18.76 -38.67
C GLY E 452 -34.68 19.57 -37.52
N LEU E 453 -33.36 19.52 -37.45
CA LEU E 453 -32.63 20.21 -36.39
C LEU E 453 -32.91 21.72 -36.44
N LEU E 454 -33.11 22.33 -35.29
CA LEU E 454 -33.35 23.76 -35.23
C LEU E 454 -32.05 24.52 -35.44
N THR E 455 -32.18 25.78 -35.87
CA THR E 455 -31.02 26.58 -36.23
C THR E 455 -31.03 27.86 -35.42
N GLU E 456 -29.86 28.51 -35.37
CA GLU E 456 -29.72 29.77 -34.65
C GLU E 456 -30.61 30.85 -35.26
N ALA E 457 -30.86 30.77 -36.57
CA ALA E 457 -31.71 31.75 -37.22
C ALA E 457 -33.12 31.73 -36.64
N ASP E 458 -33.65 30.54 -36.35
CA ASP E 458 -34.96 30.44 -35.74
C ASP E 458 -34.97 31.03 -34.34
N VAL E 459 -33.92 30.76 -33.55
CA VAL E 459 -33.86 31.25 -32.18
C VAL E 459 -33.79 32.78 -32.17
N GLN E 460 -32.95 33.35 -33.02
CA GLN E 460 -32.78 34.80 -33.03
C GLN E 460 -34.07 35.51 -33.41
N GLN E 461 -34.77 35.01 -34.43
CA GLN E 461 -36.03 35.61 -34.84
C GLN E 461 -37.08 35.50 -33.74
N TRP E 462 -37.14 34.35 -33.08
CA TRP E 462 -38.13 34.13 -32.02
C TRP E 462 -37.90 35.09 -30.86
N LEU E 463 -36.65 35.20 -30.41
CA LEU E 463 -36.34 36.07 -29.27
C LEU E 463 -36.46 37.54 -29.64
N THR E 464 -36.19 37.89 -30.89
CA THR E 464 -36.30 39.28 -31.31
C THR E 464 -37.74 39.78 -31.18
N TRP E 465 -38.71 38.98 -31.63
CA TRP E 465 -40.10 39.37 -31.52
C TRP E 465 -40.54 39.47 -30.06
N CYS E 466 -40.11 38.51 -29.22
CA CYS E 466 -40.52 38.52 -27.83
C CYS E 466 -39.98 39.73 -27.08
N ASN E 467 -38.85 40.29 -27.54
CA ASN E 467 -38.29 41.46 -26.89
C ASN E 467 -39.07 42.73 -27.23
N ALA E 468 -39.62 42.80 -28.44
CA ALA E 468 -40.34 44.00 -28.88
C ALA E 468 -41.72 44.14 -28.24
N GLN E 469 -42.37 43.04 -27.89
CA GLN E 469 -43.71 43.10 -27.34
C GLN E 469 -43.68 43.65 -25.91
N SER E 470 -44.87 43.95 -25.40
CA SER E 470 -44.99 44.46 -24.04
C SER E 470 -44.66 43.37 -23.02
N TRP E 471 -44.21 43.80 -21.85
CA TRP E 471 -43.78 42.90 -20.80
C TRP E 471 -44.79 42.77 -19.67
N ASP E 472 -45.99 43.33 -19.83
CA ASP E 472 -47.00 43.26 -18.78
C ASP E 472 -47.41 41.82 -18.49
N HIS E 473 -47.57 41.01 -19.54
CA HIS E 473 -47.95 39.62 -19.37
C HIS E 473 -46.88 38.81 -18.63
N TYR E 474 -45.64 39.28 -18.62
CA TYR E 474 -44.60 38.60 -17.86
C TYR E 474 -44.48 39.16 -16.45
N GLU E 475 -44.69 40.46 -16.29
CA GLU E 475 -44.54 41.08 -14.97
C GLU E 475 -45.58 40.57 -13.99
N ASN E 476 -46.76 40.17 -14.49
CA ASN E 476 -47.79 39.64 -13.61
C ASN E 476 -47.33 38.35 -12.94
N TRP E 477 -46.73 37.44 -13.69
CA TRP E 477 -46.24 36.18 -13.14
C TRP E 477 -44.93 36.35 -12.41
N ALA E 478 -44.07 37.27 -12.87
CA ALA E 478 -42.74 37.43 -12.29
C ALA E 478 -42.77 37.94 -10.86
N ILE E 479 -43.89 38.49 -10.40
CA ILE E 479 -43.97 38.98 -9.02
C ILE E 479 -43.76 37.83 -8.05
N ASN E 480 -44.42 36.69 -8.28
CA ASN E 480 -44.24 35.51 -7.44
C ASN E 480 -44.09 34.32 -8.38
N TYR E 481 -42.85 33.85 -8.55
CA TYR E 481 -42.59 32.75 -9.46
C TYR E 481 -43.23 31.46 -8.95
N THR E 482 -43.71 30.66 -9.90
CA THR E 482 -44.35 29.38 -9.60
C THR E 482 -43.53 28.25 -10.21
N PHE E 483 -43.49 27.11 -9.49
CA PHE E 483 -42.78 25.94 -10.00
C PHE E 483 -43.37 25.46 -11.32
N ASP E 484 -44.66 25.67 -11.53
CA ASP E 484 -45.30 25.27 -12.76
C ASP E 484 -45.41 26.46 -13.71
N PHE E 485 -44.98 26.26 -14.94
CA PHE E 485 -45.07 27.32 -15.94
C PHE E 485 -46.48 27.32 -16.54
N PRO E 486 -47.23 28.42 -16.38
CA PRO E 486 -48.62 28.43 -16.87
C PRO E 486 -48.70 28.22 -18.38
N GLY E 487 -49.75 27.51 -18.79
CA GLY E 487 -49.94 27.17 -20.18
C GLY E 487 -50.65 28.25 -20.97
N ILE E 488 -51.11 27.86 -22.16
CA ILE E 488 -51.78 28.80 -23.06
C ILE E 488 -53.04 29.35 -22.41
N ASN E 489 -53.23 30.66 -22.55
CA ASN E 489 -54.48 31.32 -22.19
C ASN E 489 -55.22 31.64 -23.49
N ALA E 490 -56.47 31.23 -23.58
CA ALA E 490 -57.20 31.29 -24.85
C ALA E 490 -57.35 32.70 -25.38
N ASP E 491 -57.65 33.68 -24.52
CA ASP E 491 -57.86 35.05 -24.97
C ASP E 491 -56.62 35.92 -24.89
N ALA E 492 -55.65 35.56 -24.04
CA ALA E 492 -54.46 36.40 -23.88
C ALA E 492 -53.51 36.28 -25.07
N LEU E 493 -53.67 35.24 -25.89
CA LEU E 493 -52.81 35.08 -27.06
C LEU E 493 -53.00 36.24 -28.03
N HIS E 494 -51.89 36.91 -28.35
CA HIS E 494 -51.95 38.09 -29.18
C HIS E 494 -52.30 37.71 -30.62
N PRO E 495 -52.96 38.60 -31.37
CA PRO E 495 -53.34 38.27 -32.75
C PRO E 495 -52.16 37.94 -33.66
N ASP E 496 -50.94 38.34 -33.30
CA ASP E 496 -49.78 37.98 -34.12
C ASP E 496 -49.52 36.48 -34.12
N LEU E 497 -50.14 35.73 -33.21
CA LEU E 497 -49.99 34.28 -33.17
C LEU E 497 -51.32 33.53 -33.22
N GLN E 498 -52.45 34.23 -33.20
CA GLN E 498 -53.75 33.58 -33.25
C GLN E 498 -53.97 32.85 -34.58
N VAL F 201 18.78 55.09 8.08
CA VAL F 201 19.48 54.40 7.00
C VAL F 201 19.30 55.16 5.69
N VAL F 202 20.38 55.34 4.96
CA VAL F 202 20.39 56.11 3.71
C VAL F 202 20.02 55.17 2.56
N PRO F 203 19.03 55.52 1.74
CA PRO F 203 18.66 54.65 0.62
C PRO F 203 19.79 54.57 -0.41
N PHE F 204 19.66 53.60 -1.31
CA PHE F 204 20.68 53.37 -2.32
C PHE F 204 20.69 54.50 -3.34
N ASN F 205 21.74 54.51 -4.16
CA ASN F 205 21.95 55.54 -5.17
C ASN F 205 21.39 55.16 -6.54
N GLY F 206 20.71 54.02 -6.64
CA GLY F 206 20.20 53.55 -7.92
C GLY F 206 19.23 54.50 -8.60
N LYS F 207 19.46 54.77 -9.87
CA LYS F 207 18.59 55.62 -10.67
C LYS F 207 17.90 54.77 -11.72
N GLY F 208 16.57 54.80 -11.76
CA GLY F 208 15.83 53.95 -12.66
C GLY F 208 15.58 54.62 -14.00
N THR F 209 15.27 53.78 -14.99
CA THR F 209 14.94 54.27 -16.33
C THR F 209 13.47 54.66 -16.41
N LYS F 210 13.03 54.97 -17.63
CA LYS F 210 11.64 55.34 -17.85
C LYS F 210 10.70 54.19 -17.51
N ALA F 211 11.06 52.98 -17.94
CA ALA F 211 10.21 51.82 -17.71
C ALA F 211 10.04 51.54 -16.22
N SER F 212 11.13 51.64 -15.45
CA SER F 212 11.05 51.36 -14.02
C SER F 212 10.18 52.38 -13.31
N ILE F 213 10.32 53.66 -13.66
CA ILE F 213 9.49 54.69 -13.04
C ILE F 213 8.02 54.50 -13.44
N LYS F 214 7.77 54.09 -14.69
CA LYS F 214 6.41 53.79 -15.11
C LYS F 214 5.83 52.65 -14.30
N PHE F 215 6.62 51.60 -14.07
CA PHE F 215 6.17 50.48 -13.25
C PHE F 215 5.86 50.92 -11.83
N GLN F 216 6.72 51.78 -11.27
CA GLN F 216 6.48 52.28 -9.91
C GLN F 216 5.21 53.11 -9.84
N THR F 217 4.94 53.91 -10.87
CA THR F 217 3.70 54.67 -10.92
C THR F 217 2.50 53.74 -11.06
N MET F 218 2.64 52.66 -11.83
CA MET F 218 1.56 51.69 -11.96
C MET F 218 1.26 51.03 -10.62
N VAL F 219 2.29 50.73 -9.84
CA VAL F 219 2.08 50.15 -8.51
C VAL F 219 1.30 51.12 -7.62
N ASN F 220 1.66 52.40 -7.64
CA ASN F 220 0.93 53.40 -6.85
C ASN F 220 -0.51 53.50 -7.31
N TRP F 221 -0.74 53.47 -8.62
CA TRP F 221 -2.11 53.54 -9.15
C TRP F 221 -2.93 52.34 -8.68
N LEU F 222 -2.35 51.14 -8.75
CA LEU F 222 -3.06 49.95 -8.27
C LEU F 222 -3.37 50.04 -6.79
N CYS F 223 -2.41 50.49 -5.99
CA CYS F 223 -2.62 50.60 -4.55
C CYS F 223 -3.70 51.64 -4.23
N GLU F 224 -3.74 52.73 -4.99
CA GLU F 224 -4.66 53.82 -4.68
C GLU F 224 -6.10 53.43 -4.97
N ASN F 225 -6.34 52.62 -6.00
CA ASN F 225 -7.69 52.27 -6.42
C ASN F 225 -8.17 50.95 -5.86
N ARG F 226 -7.46 50.38 -4.89
CA ARG F 226 -7.84 49.11 -4.26
C ARG F 226 -8.03 48.00 -5.28
N VAL F 227 -7.14 47.94 -6.27
CA VAL F 227 -7.17 46.91 -7.28
C VAL F 227 -6.14 45.84 -6.93
N PHE F 228 -6.56 44.81 -6.20
CA PHE F 228 -5.64 43.79 -5.71
C PHE F 228 -5.83 42.43 -6.37
N THR F 229 -6.78 42.28 -7.29
CA THR F 229 -7.04 41.01 -7.94
C THR F 229 -7.13 41.21 -9.45
N GLU F 230 -6.85 40.13 -10.18
CA GLU F 230 -6.91 40.18 -11.64
C GLU F 230 -8.33 40.45 -12.12
N ASP F 231 -9.32 39.82 -11.48
CA ASP F 231 -10.71 40.04 -11.88
C ASP F 231 -11.12 41.49 -11.69
N LYS F 232 -10.73 42.09 -10.56
CA LYS F 232 -11.04 43.50 -10.33
C LYS F 232 -10.36 44.38 -11.36
N TRP F 233 -9.11 44.06 -11.71
CA TRP F 233 -8.40 44.84 -12.71
C TRP F 233 -9.10 44.76 -14.07
N LYS F 234 -9.55 43.57 -14.44
CA LYS F 234 -10.29 43.41 -15.70
C LYS F 234 -11.60 44.19 -15.65
N LEU F 235 -12.29 44.18 -14.51
CA LEU F 235 -13.57 44.86 -14.42
C LEU F 235 -13.41 46.37 -14.42
N VAL F 236 -12.29 46.88 -13.91
CA VAL F 236 -12.11 48.33 -13.77
C VAL F 236 -11.48 48.93 -15.03
N ASP F 237 -10.28 48.48 -15.39
CA ASP F 237 -9.54 49.03 -16.52
C ASP F 237 -9.13 47.88 -17.44
N PHE F 238 -10.01 47.53 -18.37
CA PHE F 238 -9.72 46.44 -19.30
C PHE F 238 -8.70 46.84 -20.35
N ASN F 239 -8.67 48.14 -20.72
CA ASN F 239 -7.75 48.58 -21.76
C ASN F 239 -6.30 48.41 -21.34
N GLN F 240 -5.97 48.85 -20.12
CA GLN F 240 -4.59 48.73 -19.64
C GLN F 240 -4.20 47.28 -19.47
N TYR F 241 -5.11 46.45 -18.98
CA TYR F 241 -4.83 45.02 -18.83
C TYR F 241 -4.56 44.37 -20.18
N THR F 242 -5.37 44.71 -21.19
CA THR F 242 -5.14 44.18 -22.53
C THR F 242 -3.80 44.66 -23.10
N LEU F 243 -3.46 45.92 -22.85
CA LEU F 243 -2.17 46.43 -23.32
C LEU F 243 -1.01 45.70 -22.67
N LEU F 244 -1.10 45.48 -21.35
CA LEU F 244 0.01 44.84 -20.63
C LEU F 244 0.13 43.37 -21.01
N SER F 245 -0.99 42.69 -21.24
CA SER F 245 -0.93 41.25 -21.49
C SER F 245 -0.41 40.90 -22.88
N SER F 246 0.17 41.84 -23.62
CA SER F 246 0.59 41.58 -25.00
C SER F 246 1.84 40.73 -25.09
N SER F 247 2.65 40.66 -24.03
CA SER F 247 3.94 39.97 -24.11
C SER F 247 4.38 39.54 -22.72
N HIS F 248 5.50 38.82 -22.69
CA HIS F 248 6.04 38.30 -21.43
C HIS F 248 6.40 39.43 -20.47
N SER F 249 7.13 40.43 -20.97
CA SER F 249 7.58 41.51 -20.11
C SER F 249 6.43 42.35 -19.59
N GLY F 250 5.27 42.28 -20.23
CA GLY F 250 4.09 42.96 -19.74
C GLY F 250 3.33 42.12 -18.74
N SER F 251 3.24 40.81 -19.02
CA SER F 251 2.53 39.90 -18.12
C SER F 251 3.24 39.74 -16.78
N PHE F 252 4.57 39.71 -16.78
CA PHE F 252 5.31 39.59 -15.52
C PHE F 252 5.08 40.80 -14.63
N GLN F 253 5.03 42.00 -15.23
CA GLN F 253 4.81 43.21 -14.46
C GLN F 253 3.45 43.20 -13.77
N ILE F 254 2.45 42.52 -14.35
CA ILE F 254 1.15 42.45 -13.71
C ILE F 254 1.26 41.76 -12.36
N GLN F 255 1.89 40.58 -12.34
CA GLN F 255 2.05 39.84 -11.09
C GLN F 255 2.93 40.61 -10.11
N SER F 256 4.03 41.19 -10.59
CA SER F 256 4.93 41.92 -9.70
C SER F 256 4.22 43.11 -9.07
N ALA F 257 3.48 43.89 -9.88
CA ALA F 257 2.76 45.04 -9.36
C ALA F 257 1.67 44.63 -8.39
N LEU F 258 0.96 43.53 -8.68
CA LEU F 258 -0.07 43.07 -7.77
C LEU F 258 0.54 42.69 -6.41
N LYS F 259 1.65 41.95 -6.43
CA LYS F 259 2.29 41.56 -5.17
C LYS F 259 2.77 42.78 -4.39
N LEU F 260 3.42 43.72 -5.07
CA LEU F 260 3.94 44.90 -4.39
C LEU F 260 2.80 45.76 -3.85
N ALA F 261 1.70 45.88 -4.60
CA ALA F 261 0.55 46.64 -4.13
C ALA F 261 -0.06 46.02 -2.90
N ILE F 262 -0.20 44.68 -2.89
CA ILE F 262 -0.75 44.01 -1.73
C ILE F 262 0.14 44.24 -0.51
N TYR F 263 1.46 44.09 -0.69
CA TYR F 263 2.38 44.29 0.43
C TYR F 263 2.31 45.72 0.95
N LYS F 264 2.28 46.69 0.03
CA LYS F 264 2.23 48.10 0.44
C LYS F 264 0.94 48.40 1.19
N ALA F 265 -0.19 47.87 0.70
CA ALA F 265 -1.47 48.16 1.33
C ALA F 265 -1.66 47.41 2.65
N THR F 266 -0.93 46.31 2.87
CA THR F 266 -1.08 45.53 4.08
C THR F 266 -0.09 45.85 5.18
N ASN F 267 1.21 45.95 4.85
CA ASN F 267 2.24 46.06 5.88
C ASN F 267 2.78 47.47 6.07
N LEU F 268 2.98 48.23 4.99
CA LEU F 268 3.63 49.53 5.08
C LEU F 268 2.68 50.67 5.35
N VAL F 269 1.37 50.42 5.36
CA VAL F 269 0.38 51.48 5.59
C VAL F 269 -0.59 51.02 6.67
N PRO F 270 -0.91 51.84 7.65
CA PRO F 270 -1.91 51.45 8.66
C PRO F 270 -3.26 51.20 8.01
N THR F 271 -3.89 50.09 8.40
CA THR F 271 -5.16 49.71 7.77
C THR F 271 -6.27 50.69 8.11
N SER F 272 -6.23 51.28 9.30
CA SER F 272 -7.29 52.20 9.72
C SER F 272 -7.44 53.37 8.75
N THR F 273 -6.34 53.85 8.18
CA THR F 273 -6.41 54.95 7.23
C THR F 273 -7.19 54.59 5.97
N PHE F 274 -7.25 53.30 5.61
CA PHE F 274 -8.11 52.87 4.51
C PHE F 274 -9.59 53.01 4.84
N LEU F 275 -9.95 52.95 6.12
CA LEU F 275 -11.34 53.04 6.53
C LEU F 275 -11.78 54.49 6.73
N LEU F 276 -10.93 55.31 7.35
CA LEU F 276 -11.24 56.71 7.54
C LEU F 276 -11.26 57.43 6.19
N HIS F 277 -12.24 58.30 6.01
CA HIS F 277 -12.38 59.04 4.75
C HIS F 277 -11.79 60.44 4.88
N CYS F 285 -25.08 64.39 9.90
CA CYS F 285 -26.11 63.62 10.57
C CYS F 285 -25.61 62.23 10.97
N ILE F 286 -24.95 62.17 12.13
CA ILE F 286 -24.42 60.89 12.61
C ILE F 286 -25.56 59.94 12.95
N LYS F 287 -26.67 60.45 13.49
CA LYS F 287 -27.76 59.59 13.91
C LYS F 287 -28.41 58.87 12.73
N ASP F 288 -28.30 59.42 11.52
CA ASP F 288 -28.97 58.86 10.36
C ASP F 288 -28.31 57.57 9.86
N ASN F 289 -27.07 57.29 10.26
CA ASN F 289 -26.39 56.09 9.82
C ASN F 289 -27.10 54.85 10.36
N LYS F 290 -27.26 53.84 9.50
CA LYS F 290 -27.95 52.62 9.90
C LYS F 290 -27.24 51.91 11.05
N ILE F 291 -25.90 51.86 10.99
CA ILE F 291 -25.14 51.13 11.99
C ILE F 291 -25.28 51.79 13.37
N VAL F 292 -25.37 53.11 13.41
CA VAL F 292 -25.50 53.81 14.68
C VAL F 292 -26.79 53.39 15.39
N LYS F 293 -27.90 53.31 14.64
CA LYS F 293 -29.15 52.84 15.21
C LYS F 293 -29.05 51.38 15.66
N LEU F 294 -28.37 50.56 14.84
CA LEU F 294 -28.32 49.12 15.13
C LEU F 294 -27.63 48.85 16.46
N LEU F 295 -26.52 49.53 16.73
CA LEU F 295 -25.83 49.33 18.00
C LEU F 295 -26.65 49.87 19.17
N LEU F 296 -27.44 50.93 18.95
CA LEU F 296 -28.29 51.46 20.00
C LEU F 296 -29.37 50.46 20.38
N CYS F 297 -29.93 49.75 19.40
CA CYS F 297 -30.95 48.75 19.69
C CYS F 297 -30.39 47.62 20.55
N GLN F 298 -29.16 47.18 20.26
CA GLN F 298 -28.50 46.13 21.03
C GLN F 298 -27.93 46.63 22.35
N ASN F 299 -28.25 47.86 22.75
CA ASN F 299 -27.81 48.44 24.02
C ASN F 299 -26.28 48.54 24.09
N TYR F 300 -25.63 48.76 22.96
CA TYR F 300 -24.19 48.97 22.90
C TYR F 300 -23.89 50.38 22.43
N ASP F 301 -22.93 51.02 23.09
CA ASP F 301 -22.56 52.39 22.77
C ASP F 301 -21.89 52.44 21.40
N PRO F 302 -22.44 53.16 20.42
CA PRO F 302 -21.80 53.21 19.10
C PRO F 302 -20.39 53.80 19.13
N LEU F 303 -20.14 54.77 20.00
CA LEU F 303 -18.83 55.41 20.03
C LEU F 303 -17.75 54.44 20.51
N LEU F 304 -18.01 53.75 21.63
CA LEU F 304 -17.00 52.87 22.20
C LEU F 304 -16.67 51.71 21.28
N VAL F 305 -17.69 51.09 20.68
CA VAL F 305 -17.43 49.95 19.79
C VAL F 305 -16.69 50.42 18.54
N GLY F 306 -17.00 51.63 18.06
CA GLY F 306 -16.28 52.17 16.92
C GLY F 306 -14.82 52.39 17.20
N GLN F 307 -14.52 52.94 18.38
CA GLN F 307 -13.13 53.19 18.75
C GLN F 307 -12.36 51.88 18.92
N HIS F 308 -13.00 50.87 19.51
CA HIS F 308 -12.33 49.59 19.71
C HIS F 308 -11.95 48.95 18.38
N VAL F 309 -12.83 49.05 17.37
CA VAL F 309 -12.54 48.45 16.07
C VAL F 309 -11.29 49.05 15.47
N LEU F 310 -11.12 50.38 15.61
CA LEU F 310 -9.92 51.02 15.07
C LEU F 310 -8.66 50.50 15.74
N LYS F 311 -8.69 50.35 17.07
CA LYS F 311 -7.55 49.77 17.77
C LYS F 311 -7.40 48.29 17.45
N TRP F 312 -8.52 47.57 17.36
CA TRP F 312 -8.47 46.14 17.09
C TRP F 312 -7.89 45.86 15.69
N ILE F 313 -8.29 46.66 14.71
CA ILE F 313 -7.75 46.48 13.35
C ILE F 313 -6.30 46.93 13.29
N ASP F 314 -5.85 47.75 14.26
CA ASP F 314 -4.49 48.23 14.28
C ASP F 314 -3.59 47.45 15.23
N LYS F 315 -4.06 46.31 15.75
CA LYS F 315 -3.27 45.43 16.60
C LYS F 315 -2.70 46.16 17.82
N LYS F 316 -3.50 47.04 18.42
CA LYS F 316 -3.08 47.79 19.59
C LYS F 316 -3.82 47.39 20.87
N CYS F 317 -4.53 46.26 20.85
CA CYS F 317 -5.29 45.79 22.01
C CYS F 317 -4.60 44.65 22.73
N GLY F 318 -3.33 44.40 22.45
CA GLY F 318 -2.62 43.34 23.15
C GLY F 318 -3.04 41.97 22.64
N LYS F 319 -3.35 41.07 23.56
CA LYS F 319 -3.68 39.69 23.19
C LYS F 319 -5.10 39.57 22.66
N LYS F 320 -5.97 40.56 22.95
CA LYS F 320 -7.36 40.51 22.51
C LYS F 320 -7.45 40.84 21.03
N ASN F 321 -7.06 39.86 20.21
CA ASN F 321 -7.01 40.02 18.77
C ASN F 321 -8.28 39.54 18.06
N THR F 322 -9.26 39.02 18.80
CA THR F 322 -10.44 38.41 18.21
C THR F 322 -11.70 39.07 18.74
N LEU F 323 -12.64 39.36 17.82
CA LEU F 323 -13.96 39.85 18.18
C LEU F 323 -14.98 38.75 17.97
N TRP F 324 -16.02 38.76 18.80
CA TRP F 324 -17.04 37.71 18.80
C TRP F 324 -18.42 38.34 18.83
N PHE F 325 -19.23 38.06 17.82
CA PHE F 325 -20.64 38.45 17.79
C PHE F 325 -21.49 37.25 18.16
N TYR F 326 -22.34 37.41 19.17
CA TYR F 326 -23.17 36.33 19.68
C TYR F 326 -24.62 36.79 19.75
N GLY F 327 -25.53 35.89 19.39
CA GLY F 327 -26.95 36.19 19.46
C GLY F 327 -27.80 35.18 18.72
N PRO F 328 -29.12 35.35 18.79
CA PRO F 328 -30.03 34.47 18.06
C PRO F 328 -29.86 34.61 16.56
N PRO F 329 -30.34 33.65 15.77
CA PRO F 329 -30.21 33.76 14.31
C PRO F 329 -31.01 34.92 13.75
N SER F 330 -30.51 35.45 12.63
CA SER F 330 -31.17 36.52 11.88
C SER F 330 -31.31 37.79 12.74
N THR F 331 -30.24 38.16 13.43
CA THR F 331 -30.19 39.40 14.17
C THR F 331 -29.21 40.41 13.57
N GLY F 332 -28.74 40.17 12.35
CA GLY F 332 -27.86 41.10 11.67
C GLY F 332 -26.39 40.96 11.96
N LYS F 333 -25.96 39.83 12.53
CA LYS F 333 -24.56 39.64 12.89
C LYS F 333 -23.68 39.59 11.64
N THR F 334 -24.05 38.76 10.67
CA THR F 334 -23.23 38.61 9.47
C THR F 334 -23.26 39.86 8.60
N ASN F 335 -24.38 40.59 8.61
CA ASN F 335 -24.48 41.80 7.80
C ASN F 335 -23.46 42.83 8.25
N LEU F 336 -23.34 43.04 9.56
CA LEU F 336 -22.35 43.98 10.06
C LEU F 336 -20.93 43.46 9.86
N ALA F 337 -20.70 42.18 10.12
CA ALA F 337 -19.36 41.61 10.00
C ALA F 337 -18.87 41.66 8.56
N MET F 338 -19.75 41.34 7.60
CA MET F 338 -19.32 41.34 6.20
C MET F 338 -19.12 42.75 5.68
N ALA F 339 -19.75 43.75 6.30
CA ALA F 339 -19.55 45.13 5.88
C ALA F 339 -18.12 45.58 6.10
N ILE F 340 -17.52 45.17 7.22
CA ILE F 340 -16.12 45.53 7.50
C ILE F 340 -15.19 44.83 6.53
N ALA F 341 -15.48 43.57 6.19
CA ALA F 341 -14.61 42.82 5.28
C ALA F 341 -14.54 43.46 3.90
N LYS F 342 -15.59 44.16 3.49
CA LYS F 342 -15.58 44.86 2.21
C LYS F 342 -14.96 46.24 2.30
N SER F 343 -14.67 46.73 3.50
CA SER F 343 -14.06 48.04 3.68
C SER F 343 -12.54 47.96 3.75
N VAL F 344 -12.00 46.91 4.36
CA VAL F 344 -10.55 46.71 4.43
C VAL F 344 -10.03 46.34 3.04
N PRO F 345 -8.75 46.56 2.75
CA PRO F 345 -8.22 46.23 1.42
C PRO F 345 -8.45 44.78 1.01
N VAL F 346 -7.98 43.83 1.83
CA VAL F 346 -8.08 42.42 1.51
C VAL F 346 -8.59 41.68 2.73
N TYR F 347 -9.51 40.73 2.50
CA TYR F 347 -10.07 39.93 3.58
C TYR F 347 -10.09 38.47 3.15
N GLY F 348 -10.09 37.58 4.15
CA GLY F 348 -10.17 36.16 3.90
C GLY F 348 -11.10 35.46 4.86
N MET F 349 -11.83 34.47 4.38
CA MET F 349 -12.79 33.74 5.19
C MET F 349 -12.27 32.34 5.50
N VAL F 350 -12.56 31.86 6.71
CA VAL F 350 -12.18 30.50 7.08
C VAL F 350 -12.97 29.49 6.25
N ASN F 351 -14.22 29.82 5.91
CA ASN F 351 -15.08 28.89 5.21
C ASN F 351 -14.53 28.48 3.85
N TRP F 352 -13.83 29.36 3.15
CA TRP F 352 -13.27 29.03 1.85
C TRP F 352 -12.11 28.05 1.94
N ASN F 353 -11.42 27.99 3.07
CA ASN F 353 -10.25 27.13 3.21
C ASN F 353 -10.67 25.67 3.29
N ASN F 354 -9.67 24.79 3.21
CA ASN F 354 -9.92 23.35 3.28
C ASN F 354 -10.45 23.00 4.67
N GLU F 355 -11.26 21.94 4.73
CA GLU F 355 -11.94 21.58 5.97
C GLU F 355 -10.95 21.24 7.07
N ASN F 356 -9.88 20.51 6.75
CA ASN F 356 -8.88 20.13 7.74
C ASN F 356 -7.69 21.08 7.78
N PHE F 357 -7.66 22.08 6.90
CA PHE F 357 -6.62 23.11 6.93
C PHE F 357 -7.28 24.48 6.86
N PRO F 358 -7.97 24.89 7.94
CA PRO F 358 -8.74 26.14 7.88
C PRO F 358 -7.89 27.39 7.85
N PHE F 359 -6.60 27.31 8.19
CA PHE F 359 -5.77 28.49 8.36
C PHE F 359 -4.66 28.58 7.32
N ASN F 360 -4.98 28.26 6.06
CA ASN F 360 -4.05 28.51 4.97
C ASN F 360 -4.24 29.92 4.44
N ASP F 361 -3.14 30.50 3.96
CA ASP F 361 -3.14 31.86 3.40
C ASP F 361 -3.67 32.87 4.41
N VAL F 362 -3.13 32.80 5.64
CA VAL F 362 -3.50 33.79 6.65
C VAL F 362 -2.65 35.04 6.52
N ALA F 363 -1.36 34.88 6.20
CA ALA F 363 -0.48 36.04 6.01
C ALA F 363 -0.87 36.80 4.75
N GLY F 364 -0.85 38.12 4.83
CA GLY F 364 -1.26 38.97 3.73
C GLY F 364 -2.69 39.47 3.81
N LYS F 365 -3.51 38.92 4.70
CA LYS F 365 -4.88 39.37 4.86
C LYS F 365 -4.96 40.46 5.91
N SER F 366 -5.75 41.50 5.62
CA SER F 366 -5.99 42.55 6.59
C SER F 366 -7.00 42.12 7.65
N LEU F 367 -7.78 41.08 7.37
CA LEU F 367 -8.82 40.63 8.29
C LEU F 367 -9.24 39.22 7.90
N VAL F 368 -9.46 38.38 8.91
CA VAL F 368 -9.94 37.01 8.73
C VAL F 368 -11.34 36.92 9.33
N VAL F 369 -12.29 36.42 8.55
CA VAL F 369 -13.68 36.33 8.96
C VAL F 369 -14.05 34.86 9.12
N TRP F 370 -14.69 34.54 10.24
CA TRP F 370 -15.11 33.17 10.57
C TRP F 370 -16.60 33.21 10.87
N ASP F 371 -17.43 32.83 9.89
CA ASP F 371 -18.88 32.93 10.01
C ASP F 371 -19.47 31.58 10.39
N GLU F 372 -20.30 31.58 11.43
CA GLU F 372 -21.00 30.38 11.90
C GLU F 372 -20.02 29.24 12.17
N GLY F 373 -18.90 29.58 12.79
CA GLY F 373 -17.83 28.63 13.01
C GLY F 373 -17.93 27.88 14.32
N ILE F 374 -17.26 26.73 14.38
CA ILE F 374 -17.16 25.93 15.59
C ILE F 374 -15.77 25.30 15.62
N ILE F 375 -15.24 25.11 16.83
CA ILE F 375 -13.86 24.71 17.03
C ILE F 375 -13.81 23.23 17.35
N LYS F 376 -13.03 22.49 16.55
CA LYS F 376 -12.80 21.07 16.80
C LYS F 376 -11.54 20.89 17.64
N SER F 377 -11.61 19.93 18.57
CA SER F 377 -10.47 19.69 19.46
C SER F 377 -9.24 19.20 18.70
N THR F 378 -9.41 18.64 17.51
CA THR F 378 -8.27 18.18 16.73
C THR F 378 -7.42 19.35 16.23
N ILE F 379 -8.01 20.53 16.07
CA ILE F 379 -7.30 21.71 15.59
C ILE F 379 -7.34 22.86 16.60
N VAL F 380 -7.67 22.58 17.86
CA VAL F 380 -7.81 23.66 18.83
C VAL F 380 -6.47 24.34 19.10
N GLU F 381 -5.36 23.58 19.05
CA GLU F 381 -4.06 24.15 19.37
C GLU F 381 -3.67 25.25 18.38
N ALA F 382 -4.04 25.10 17.11
CA ALA F 382 -3.79 26.16 16.13
C ALA F 382 -4.64 27.39 16.43
N ALA F 383 -5.86 27.18 16.93
CA ALA F 383 -6.75 28.30 17.21
C ALA F 383 -6.21 29.17 18.33
N LYS F 384 -5.52 28.56 19.30
CA LYS F 384 -4.98 29.33 20.43
C LYS F 384 -3.96 30.36 19.95
N ALA F 385 -3.25 30.06 18.85
CA ALA F 385 -2.23 30.96 18.36
C ALA F 385 -2.83 32.13 17.59
N ILE F 386 -3.59 31.83 16.53
CA ILE F 386 -4.10 32.88 15.65
C ILE F 386 -5.07 33.78 16.39
N LEU F 387 -6.00 33.20 17.16
CA LEU F 387 -6.92 34.02 17.94
C LEU F 387 -6.19 34.87 18.98
N GLY F 388 -5.01 34.44 19.43
CA GLY F 388 -4.18 35.23 20.31
C GLY F 388 -3.26 36.20 19.61
N GLY F 389 -3.16 36.12 18.27
CA GLY F 389 -2.31 37.02 17.53
C GLY F 389 -0.86 36.62 17.42
N GLN F 390 -0.50 35.44 17.91
CA GLN F 390 0.88 34.97 17.80
C GLN F 390 1.17 34.57 16.36
N PRO F 391 2.29 34.98 15.79
CA PRO F 391 2.62 34.59 14.41
C PRO F 391 2.85 33.10 14.29
N THR F 392 2.49 32.55 13.12
CA THR F 392 2.70 31.14 12.84
C THR F 392 4.19 30.84 12.77
N ARG F 393 4.56 29.61 13.15
CA ARG F 393 5.96 29.21 13.12
C ARG F 393 6.55 29.30 11.72
N VAL F 394 5.73 29.07 10.69
CA VAL F 394 6.20 29.21 9.32
C VAL F 394 6.57 30.66 9.03
N ASP F 395 5.79 31.61 9.54
CA ASP F 395 6.12 33.02 9.38
C ASP F 395 7.46 33.34 10.04
N GLN F 396 7.71 32.80 11.22
CA GLN F 396 8.97 33.03 11.91
C GLN F 396 10.15 32.47 11.11
N LYS F 397 9.99 31.27 10.55
CA LYS F 397 11.10 30.63 9.84
C LYS F 397 11.46 31.38 8.56
N MET F 398 10.46 31.71 7.75
CA MET F 398 10.73 32.38 6.47
C MET F 398 11.26 33.80 6.67
N ARG F 399 10.74 34.53 7.63
CA ARG F 399 11.19 35.90 7.87
C ARG F 399 12.40 35.94 8.79
N PRO F 405 3.82 39.34 12.71
CA PRO F 405 2.61 40.09 13.05
C PRO F 405 1.33 39.28 12.84
N GLY F 406 0.40 39.39 13.78
CA GLY F 406 -0.85 38.65 13.68
C GLY F 406 -1.85 39.35 12.79
N VAL F 407 -2.96 38.65 12.54
CA VAL F 407 -4.05 39.13 11.71
C VAL F 407 -5.32 39.15 12.56
N PRO F 408 -6.07 40.24 12.59
CA PRO F 408 -7.32 40.25 13.36
C PRO F 408 -8.31 39.23 12.81
N VAL F 409 -9.09 38.64 13.72
CA VAL F 409 -10.05 37.61 13.39
C VAL F 409 -11.39 37.98 14.01
N VAL F 410 -12.47 37.80 13.24
CA VAL F 410 -13.82 38.06 13.71
C VAL F 410 -14.64 36.78 13.57
N ILE F 411 -15.40 36.45 14.61
CA ILE F 411 -16.16 35.21 14.68
C ILE F 411 -17.61 35.54 15.01
N THR F 412 -18.53 35.01 14.20
CA THR F 412 -19.96 35.12 14.44
C THR F 412 -20.55 33.72 14.52
N SER F 413 -21.42 33.50 15.50
CA SER F 413 -22.00 32.18 15.71
C SER F 413 -23.28 32.33 16.53
N ASN F 414 -24.05 31.24 16.58
CA ASN F 414 -25.31 31.20 17.31
C ASN F 414 -25.16 30.71 18.75
N GLY F 415 -24.34 29.69 18.98
CA GLY F 415 -24.15 29.15 20.32
C GLY F 415 -22.91 29.70 21.00
N ASP F 416 -22.52 29.04 22.07
CA ASP F 416 -21.34 29.42 22.83
C ASP F 416 -20.12 28.75 22.21
N ILE F 417 -19.18 29.55 21.72
CA ILE F 417 -18.00 29.02 21.04
C ILE F 417 -16.94 28.52 22.00
N THR F 418 -16.97 28.96 23.26
CA THR F 418 -15.97 28.53 24.24
C THR F 418 -16.00 27.03 24.47
N PHE F 419 -17.13 26.37 24.25
CA PHE F 419 -17.20 24.92 24.33
C PHE F 419 -16.55 24.32 23.09
N VAL F 420 -15.70 23.31 23.29
CA VAL F 420 -14.96 22.68 22.22
C VAL F 420 -15.44 21.24 22.07
N VAL F 421 -15.80 20.87 20.84
CA VAL F 421 -16.23 19.50 20.57
C VAL F 421 -15.02 18.57 20.62
N SER F 422 -15.15 17.48 21.37
CA SER F 422 -14.10 16.47 21.47
C SER F 422 -14.77 15.11 21.31
N GLY F 423 -14.68 14.56 20.10
CA GLY F 423 -15.44 13.36 19.84
C GLY F 423 -16.92 13.69 19.73
N ASN F 424 -17.72 12.74 20.21
CA ASN F 424 -19.18 12.94 20.24
C ASN F 424 -19.61 13.61 21.53
N THR F 425 -18.68 14.29 22.21
CA THR F 425 -18.96 14.89 23.51
C THR F 425 -18.33 16.27 23.58
N THR F 426 -18.96 17.16 24.33
CA THR F 426 -18.46 18.51 24.56
C THR F 426 -17.56 18.52 25.79
N THR F 427 -16.53 19.35 25.75
CA THR F 427 -15.58 19.46 26.84
C THR F 427 -15.25 20.93 27.08
N THR F 428 -14.82 21.23 28.31
CA THR F 428 -14.50 22.60 28.71
C THR F 428 -13.05 22.75 29.17
N VAL F 429 -12.13 21.95 28.64
CA VAL F 429 -10.73 22.06 29.02
C VAL F 429 -10.16 23.40 28.60
N HIS F 430 -10.47 23.84 27.38
CA HIS F 430 -9.91 25.05 26.81
C HIS F 430 -10.76 26.29 27.03
N ALA F 431 -11.82 26.20 27.85
CA ALA F 431 -12.71 27.33 28.04
C ALA F 431 -12.00 28.52 28.68
N LYS F 432 -11.04 28.27 29.55
CA LYS F 432 -10.37 29.37 30.24
C LYS F 432 -9.46 30.16 29.30
N ALA F 433 -8.67 29.46 28.49
CA ALA F 433 -7.67 30.13 27.68
C ALA F 433 -8.30 30.96 26.57
N LEU F 434 -9.42 30.50 26.02
CA LEU F 434 -10.05 31.23 24.92
C LEU F 434 -10.72 32.52 25.39
N LYS F 435 -11.03 32.62 26.68
CA LYS F 435 -11.74 33.79 27.18
C LYS F 435 -10.89 35.05 27.18
N GLU F 436 -9.58 34.93 27.44
CA GLU F 436 -8.75 36.13 27.52
C GLU F 436 -8.55 36.78 26.15
N ARG F 437 -8.57 35.98 25.09
CA ARG F 437 -8.24 36.46 23.76
C ARG F 437 -9.42 37.07 23.01
N MET F 438 -10.61 37.07 23.60
CA MET F 438 -11.82 37.40 22.86
C MET F 438 -12.63 38.47 23.57
N VAL F 439 -13.45 39.18 22.79
CA VAL F 439 -14.41 40.16 23.29
C VAL F 439 -15.78 39.76 22.78
N LYS F 440 -16.77 39.76 23.68
CA LYS F 440 -18.10 39.25 23.39
C LYS F 440 -19.08 40.41 23.19
N LEU F 441 -19.86 40.33 22.12
CA LEU F 441 -20.95 41.27 21.84
C LEU F 441 -22.24 40.49 21.69
N ASN F 442 -23.32 41.03 22.26
CA ASN F 442 -24.62 40.36 22.28
C ASN F 442 -25.56 41.07 21.30
N PHE F 443 -25.98 40.34 20.26
CA PHE F 443 -26.95 40.85 19.29
C PHE F 443 -28.24 40.05 19.48
N THR F 444 -29.12 40.57 20.34
CA THR F 444 -30.30 39.83 20.75
C THR F 444 -31.55 40.15 19.94
N VAL F 445 -31.77 41.42 19.59
CA VAL F 445 -33.00 41.86 18.96
C VAL F 445 -32.97 41.49 17.49
N ARG F 446 -34.04 40.87 17.02
CA ARG F 446 -34.15 40.49 15.61
C ARG F 446 -34.25 41.74 14.73
N CYS F 447 -33.64 41.67 13.56
CA CYS F 447 -33.62 42.80 12.65
C CYS F 447 -34.79 42.75 11.67
N SER F 448 -35.28 43.93 11.30
CA SER F 448 -36.35 44.03 10.33
C SER F 448 -35.83 43.65 8.95
N PRO F 449 -36.65 42.99 8.12
CA PRO F 449 -36.16 42.54 6.80
C PRO F 449 -35.75 43.68 5.87
N ASP F 450 -36.21 44.91 6.10
CA ASP F 450 -35.98 46.00 5.17
C ASP F 450 -34.61 46.64 5.33
N MET F 451 -33.81 46.19 6.29
CA MET F 451 -32.50 46.80 6.50
C MET F 451 -31.59 46.64 5.29
N GLY F 452 -31.57 45.45 4.69
CA GLY F 452 -30.76 45.25 3.50
C GLY F 452 -29.27 45.22 3.80
N LEU F 453 -28.50 45.28 2.71
CA LEU F 453 -27.05 45.28 2.82
C LEU F 453 -26.55 46.58 3.41
N LEU F 454 -25.52 46.49 4.26
CA LEU F 454 -24.88 47.68 4.77
C LEU F 454 -23.77 48.12 3.83
N THR F 455 -23.77 49.40 3.47
CA THR F 455 -22.81 49.94 2.53
C THR F 455 -21.47 50.21 3.20
N GLU F 456 -20.41 50.17 2.39
CA GLU F 456 -19.08 50.48 2.92
C GLU F 456 -19.00 51.90 3.43
N ALA F 457 -19.76 52.82 2.84
CA ALA F 457 -19.79 54.19 3.31
C ALA F 457 -20.33 54.28 4.74
N ASP F 458 -21.40 53.52 5.02
CA ASP F 458 -21.99 53.54 6.36
C ASP F 458 -20.95 53.21 7.43
N VAL F 459 -20.06 52.26 7.13
CA VAL F 459 -18.93 52.01 8.02
C VAL F 459 -17.98 53.20 8.03
N GLN F 460 -17.74 53.79 6.85
CA GLN F 460 -16.77 54.88 6.75
C GLN F 460 -17.21 56.10 7.54
N GLN F 461 -18.47 56.51 7.40
CA GLN F 461 -18.94 57.67 8.16
C GLN F 461 -18.97 57.36 9.66
N TRP F 462 -19.35 56.15 10.04
CA TRP F 462 -19.42 55.78 11.44
C TRP F 462 -18.04 55.82 12.08
N LEU F 463 -17.05 55.18 11.44
CA LEU F 463 -15.71 55.14 11.99
C LEU F 463 -15.07 56.52 11.99
N THR F 464 -15.26 57.29 10.93
CA THR F 464 -14.67 58.63 10.86
C THR F 464 -15.20 59.53 11.97
N TRP F 465 -16.52 59.48 12.21
CA TRP F 465 -17.11 60.30 13.26
C TRP F 465 -16.60 59.89 14.64
N CYS F 466 -16.48 58.59 14.89
CA CYS F 466 -16.01 58.13 16.18
C CYS F 466 -14.53 58.46 16.39
N ASN F 467 -13.77 58.63 15.31
CA ASN F 467 -12.35 58.93 15.43
C ASN F 467 -12.11 60.30 16.07
N ALA F 468 -12.93 61.29 15.71
CA ALA F 468 -12.70 62.66 16.16
C ALA F 468 -13.17 62.91 17.59
N GLN F 469 -13.94 62.01 18.17
CA GLN F 469 -14.45 62.21 19.52
C GLN F 469 -13.34 62.04 20.55
N SER F 470 -13.62 62.43 21.79
CA SER F 470 -12.66 62.33 22.87
C SER F 470 -12.30 60.87 23.13
N TRP F 471 -11.01 60.57 23.17
CA TRP F 471 -10.54 59.19 23.29
C TRP F 471 -10.31 58.75 24.71
N ASP F 472 -10.30 59.68 25.68
CA ASP F 472 -9.91 59.32 27.04
C ASP F 472 -10.90 58.35 27.67
N HIS F 473 -12.17 58.41 27.26
CA HIS F 473 -13.16 57.48 27.80
C HIS F 473 -12.82 56.04 27.46
N TYR F 474 -12.35 55.78 26.25
CA TYR F 474 -11.99 54.42 25.85
C TYR F 474 -10.78 53.93 26.62
N GLU F 475 -9.83 54.83 26.93
CA GLU F 475 -8.62 54.43 27.63
C GLU F 475 -8.92 53.94 29.04
N ASN F 476 -9.94 54.51 29.69
CA ASN F 476 -10.29 54.09 31.04
C ASN F 476 -10.65 52.61 31.07
N TRP F 477 -11.53 52.18 30.16
CA TRP F 477 -11.86 50.76 30.08
C TRP F 477 -10.69 49.94 29.54
N ALA F 478 -9.82 50.56 28.73
CA ALA F 478 -8.67 49.87 28.16
C ALA F 478 -7.64 49.47 29.20
N ILE F 479 -7.72 50.02 30.42
CA ILE F 479 -6.76 49.64 31.46
C ILE F 479 -6.89 48.16 31.80
N ASN F 480 -8.13 47.69 31.97
CA ASN F 480 -8.40 46.27 32.24
C ASN F 480 -9.39 45.79 31.19
N TYR F 481 -8.86 45.19 30.12
CA TYR F 481 -9.71 44.71 29.04
C TYR F 481 -10.52 43.50 29.48
N THR F 482 -11.80 43.72 29.73
CA THR F 482 -12.68 42.65 30.17
C THR F 482 -13.11 41.78 28.99
N PHE F 483 -13.41 40.51 29.27
CA PHE F 483 -13.92 39.62 28.24
C PHE F 483 -15.28 40.08 27.74
N ASP F 484 -16.12 40.59 28.64
CA ASP F 484 -17.45 41.06 28.27
C ASP F 484 -17.36 42.53 27.89
N PHE F 485 -18.09 42.92 26.84
CA PHE F 485 -18.14 44.31 26.42
C PHE F 485 -19.22 45.05 27.21
N PRO F 486 -18.87 46.16 27.86
CA PRO F 486 -19.85 46.88 28.67
C PRO F 486 -20.96 47.48 27.82
N GLY F 487 -22.14 47.60 28.43
CA GLY F 487 -23.29 48.14 27.75
C GLY F 487 -23.33 49.66 27.74
N ILE F 488 -24.46 50.19 27.28
CA ILE F 488 -24.61 51.64 27.17
C ILE F 488 -24.65 52.25 28.56
N ASN F 489 -23.81 53.27 28.76
CA ASN F 489 -23.87 54.10 29.95
C ASN F 489 -24.68 55.35 29.60
N ALA F 490 -25.87 55.48 30.19
CA ALA F 490 -26.75 56.59 29.85
C ALA F 490 -26.16 57.95 30.20
N ASP F 491 -25.26 57.99 31.19
CA ASP F 491 -24.63 59.26 31.57
C ASP F 491 -23.55 59.70 30.59
N ALA F 492 -23.08 58.80 29.74
CA ALA F 492 -22.01 59.11 28.80
C ALA F 492 -22.46 59.19 27.35
N LEU F 493 -23.76 59.06 27.08
CA LEU F 493 -24.27 59.11 25.72
C LEU F 493 -23.96 60.47 25.07
N HIS F 494 -23.45 60.46 23.86
CA HIS F 494 -23.12 61.70 23.18
C HIS F 494 -24.40 62.44 22.78
N PRO F 495 -24.42 63.77 22.89
CA PRO F 495 -25.63 64.52 22.52
C PRO F 495 -26.08 64.32 21.08
N ASP F 496 -25.15 64.20 20.13
CA ASP F 496 -25.54 64.05 18.73
C ASP F 496 -26.14 62.67 18.45
N LEU F 497 -25.81 61.68 19.27
CA LEU F 497 -26.35 60.33 19.09
C LEU F 497 -27.81 60.23 19.51
N GLN F 498 -28.28 61.12 20.37
CA GLN F 498 -29.67 61.10 20.82
C GLN F 498 -30.63 61.35 19.67
N VAL G 201 -50.97 -22.22 18.79
CA VAL G 201 -49.68 -22.31 19.45
C VAL G 201 -49.79 -23.14 20.72
N VAL G 202 -49.12 -24.29 20.74
CA VAL G 202 -49.12 -25.19 21.89
C VAL G 202 -47.68 -25.56 22.21
N PRO G 203 -47.28 -25.55 23.49
CA PRO G 203 -45.90 -25.92 23.84
C PRO G 203 -45.61 -27.37 23.45
N PHE G 204 -44.34 -27.64 23.16
CA PHE G 204 -43.92 -28.96 22.73
C PHE G 204 -44.14 -29.99 23.82
N ASN G 205 -44.38 -31.23 23.42
CA ASN G 205 -44.71 -32.32 24.33
C ASN G 205 -43.49 -32.92 25.02
N GLY G 206 -42.29 -32.39 24.76
CA GLY G 206 -41.09 -32.92 25.37
C GLY G 206 -41.00 -32.60 26.85
N LYS G 207 -40.15 -33.35 27.54
CA LYS G 207 -39.96 -33.21 28.97
C LYS G 207 -38.48 -33.14 29.28
N GLY G 208 -38.12 -32.28 30.23
CA GLY G 208 -36.73 -32.11 30.58
C GLY G 208 -36.32 -32.97 31.76
N THR G 209 -35.05 -33.38 31.75
CA THR G 209 -34.51 -34.19 32.83
C THR G 209 -34.28 -33.35 34.08
N LYS G 210 -33.74 -34.00 35.11
CA LYS G 210 -33.47 -33.31 36.37
C LYS G 210 -32.44 -32.19 36.20
N ALA G 211 -31.39 -32.44 35.40
CA ALA G 211 -30.33 -31.45 35.24
C ALA G 211 -30.86 -30.19 34.55
N SER G 212 -31.71 -30.35 33.53
CA SER G 212 -32.20 -29.20 32.79
C SER G 212 -33.10 -28.33 33.66
N ILE G 213 -33.82 -28.93 34.60
CA ILE G 213 -34.65 -28.15 35.51
C ILE G 213 -33.78 -27.26 36.39
N LYS G 214 -32.61 -27.73 36.79
CA LYS G 214 -31.69 -26.89 37.56
C LYS G 214 -31.24 -25.67 36.77
N PHE G 215 -30.93 -25.87 35.48
CA PHE G 215 -30.54 -24.74 34.65
C PHE G 215 -31.70 -23.77 34.45
N GLN G 216 -32.92 -24.31 34.28
CA GLN G 216 -34.09 -23.45 34.16
C GLN G 216 -34.30 -22.64 35.42
N THR G 217 -34.08 -23.24 36.58
CA THR G 217 -34.19 -22.50 37.84
C THR G 217 -33.10 -21.44 37.96
N MET G 218 -31.89 -21.76 37.51
CA MET G 218 -30.80 -20.79 37.55
C MET G 218 -31.10 -19.59 36.68
N VAL G 219 -31.67 -19.83 35.49
CA VAL G 219 -32.02 -18.72 34.61
C VAL G 219 -33.04 -17.80 35.26
N ASN G 220 -34.04 -18.37 35.93
CA ASN G 220 -35.02 -17.56 36.64
C ASN G 220 -34.39 -16.80 37.81
N TRP G 221 -33.47 -17.46 38.52
CA TRP G 221 -32.80 -16.81 39.64
C TRP G 221 -31.97 -15.63 39.20
N LEU G 222 -31.29 -15.73 38.06
CA LEU G 222 -30.50 -14.61 37.56
C LEU G 222 -31.38 -13.40 37.27
N CYS G 223 -32.53 -13.63 36.62
CA CYS G 223 -33.45 -12.53 36.35
C CYS G 223 -34.04 -11.96 37.63
N GLU G 224 -34.28 -12.83 38.62
CA GLU G 224 -34.92 -12.39 39.86
C GLU G 224 -34.05 -11.40 40.62
N ASN G 225 -32.73 -11.57 40.59
CA ASN G 225 -31.81 -10.73 41.35
C ASN G 225 -31.04 -9.75 40.47
N ARG G 226 -31.44 -9.60 39.20
CA ARG G 226 -30.83 -8.61 38.30
C ARG G 226 -29.33 -8.85 38.14
N VAL G 227 -28.94 -10.10 37.97
CA VAL G 227 -27.53 -10.46 37.79
C VAL G 227 -27.34 -10.75 36.30
N PHE G 228 -26.86 -9.76 35.56
CA PHE G 228 -26.68 -9.88 34.12
C PHE G 228 -25.23 -9.85 33.67
N THR G 229 -24.29 -9.64 34.58
CA THR G 229 -22.88 -9.55 34.23
C THR G 229 -22.06 -10.50 35.10
N GLU G 230 -20.91 -10.92 34.56
CA GLU G 230 -20.06 -11.85 35.29
C GLU G 230 -19.53 -11.23 36.58
N ASP G 231 -19.16 -9.95 36.53
CA ASP G 231 -18.69 -9.28 37.74
C ASP G 231 -19.77 -9.23 38.81
N LYS G 232 -21.02 -8.94 38.40
CA LYS G 232 -22.12 -8.94 39.37
C LYS G 232 -22.31 -10.33 39.97
N TRP G 233 -22.21 -11.38 39.15
CA TRP G 233 -22.35 -12.74 39.66
C TRP G 233 -21.25 -13.06 40.66
N LYS G 234 -20.01 -12.69 40.35
CA LYS G 234 -18.91 -12.93 41.28
C LYS G 234 -19.11 -12.16 42.58
N LEU G 235 -19.55 -10.91 42.49
CA LEU G 235 -19.73 -10.09 43.70
C LEU G 235 -20.86 -10.61 44.57
N VAL G 236 -21.97 -11.04 43.97
CA VAL G 236 -23.14 -11.42 44.76
C VAL G 236 -23.01 -12.84 45.29
N ASP G 237 -22.60 -13.79 44.45
CA ASP G 237 -22.53 -15.19 44.88
C ASP G 237 -21.27 -15.80 44.26
N PHE G 238 -20.24 -15.95 45.10
CA PHE G 238 -18.97 -16.49 44.61
C PHE G 238 -18.95 -18.02 44.65
N ASN G 239 -19.65 -18.63 45.61
CA ASN G 239 -19.61 -20.09 45.75
C ASN G 239 -20.19 -20.77 44.51
N GLN G 240 -21.35 -20.31 44.05
CA GLN G 240 -21.97 -20.93 42.88
C GLN G 240 -21.14 -20.71 41.63
N TYR G 241 -20.55 -19.53 41.47
CA TYR G 241 -19.71 -19.28 40.31
C TYR G 241 -18.48 -20.19 40.32
N THR G 242 -17.84 -20.34 41.48
CA THR G 242 -16.69 -21.21 41.59
C THR G 242 -17.06 -22.67 41.31
N LEU G 243 -18.22 -23.10 41.82
CA LEU G 243 -18.67 -24.47 41.56
C LEU G 243 -18.93 -24.69 40.08
N LEU G 244 -19.56 -23.71 39.42
CA LEU G 244 -19.85 -23.84 37.99
C LEU G 244 -18.57 -23.86 37.17
N SER G 245 -17.59 -23.04 37.53
CA SER G 245 -16.36 -22.93 36.75
C SER G 245 -15.44 -24.13 36.93
N SER G 246 -15.91 -25.21 37.55
CA SER G 246 -15.06 -26.36 37.80
C SER G 246 -14.74 -27.16 36.54
N SER G 247 -15.48 -26.97 35.46
CA SER G 247 -15.28 -27.77 34.26
C SER G 247 -15.88 -27.06 33.06
N HIS G 248 -15.81 -27.73 31.90
CA HIS G 248 -16.25 -27.14 30.64
C HIS G 248 -17.75 -26.89 30.64
N SER G 249 -18.53 -27.91 31.01
CA SER G 249 -19.99 -27.81 30.93
C SER G 249 -20.53 -26.71 31.84
N GLY G 250 -20.01 -26.62 33.07
CA GLY G 250 -20.44 -25.55 33.95
C GLY G 250 -20.11 -24.17 33.42
N SER G 251 -18.93 -24.01 32.81
CA SER G 251 -18.58 -22.73 32.22
C SER G 251 -19.49 -22.37 31.07
N PHE G 252 -19.82 -23.34 30.20
CA PHE G 252 -20.74 -23.06 29.11
C PHE G 252 -22.13 -22.72 29.62
N GLN G 253 -22.56 -23.36 30.71
CA GLN G 253 -23.85 -23.04 31.30
C GLN G 253 -23.89 -21.60 31.80
N ILE G 254 -22.75 -21.05 32.23
CA ILE G 254 -22.72 -19.66 32.67
C ILE G 254 -23.07 -18.73 31.52
N GLN G 255 -22.42 -18.94 30.36
CA GLN G 255 -22.71 -18.11 29.19
C GLN G 255 -24.15 -18.28 28.75
N SER G 256 -24.64 -19.52 28.70
CA SER G 256 -26.02 -19.75 28.27
C SER G 256 -27.01 -19.09 29.22
N ALA G 257 -26.80 -19.21 30.54
CA ALA G 257 -27.69 -18.60 31.51
C ALA G 257 -27.66 -17.08 31.40
N LEU G 258 -26.47 -16.49 31.20
CA LEU G 258 -26.39 -15.05 31.04
C LEU G 258 -27.17 -14.58 29.83
N LYS G 259 -26.98 -15.25 28.69
CA LYS G 259 -27.69 -14.84 27.47
C LYS G 259 -29.20 -14.98 27.63
N LEU G 260 -29.65 -16.10 28.17
CA LEU G 260 -31.09 -16.30 28.34
C LEU G 260 -31.69 -15.32 29.34
N ALA G 261 -30.97 -15.04 30.44
CA ALA G 261 -31.48 -14.08 31.41
C ALA G 261 -31.58 -12.69 30.80
N ILE G 262 -30.57 -12.28 30.01
CA ILE G 262 -30.60 -10.98 29.37
C ILE G 262 -31.80 -10.90 28.41
N TYR G 263 -31.99 -11.94 27.60
CA TYR G 263 -33.09 -11.94 26.65
C TYR G 263 -34.44 -11.88 27.38
N LYS G 264 -34.60 -12.67 28.43
CA LYS G 264 -35.87 -12.69 29.16
C LYS G 264 -36.14 -11.35 29.82
N ALA G 265 -35.10 -10.71 30.36
CA ALA G 265 -35.30 -9.43 31.03
C ALA G 265 -35.59 -8.31 30.05
N THR G 266 -35.02 -8.35 28.84
CA THR G 266 -35.15 -7.23 27.93
C THR G 266 -36.27 -7.38 26.91
N ASN G 267 -36.72 -8.60 26.60
CA ASN G 267 -37.68 -8.81 25.53
C ASN G 267 -39.02 -9.38 25.98
N LEU G 268 -39.06 -10.27 26.97
CA LEU G 268 -40.28 -10.97 27.33
C LEU G 268 -41.01 -10.36 28.51
N VAL G 269 -40.49 -9.28 29.10
CA VAL G 269 -41.12 -8.63 30.24
C VAL G 269 -41.13 -7.14 30.02
N PRO G 270 -42.25 -6.45 30.25
CA PRO G 270 -42.26 -4.97 30.15
C PRO G 270 -41.28 -4.36 31.14
N THR G 271 -40.55 -3.35 30.67
CA THR G 271 -39.54 -2.70 31.51
C THR G 271 -40.17 -2.04 32.72
N SER G 272 -41.40 -1.55 32.58
CA SER G 272 -42.05 -0.83 33.67
C SER G 272 -42.21 -1.70 34.91
N THR G 273 -42.21 -3.02 34.74
CA THR G 273 -42.25 -3.91 35.89
C THR G 273 -41.04 -3.73 36.80
N PHE G 274 -39.84 -3.56 36.22
CA PHE G 274 -38.64 -3.33 37.02
C PHE G 274 -38.64 -1.97 37.70
N LEU G 275 -39.46 -1.03 37.24
CA LEU G 275 -39.58 0.28 37.85
C LEU G 275 -40.62 0.34 38.97
N LEU G 276 -41.40 -0.72 39.14
CA LEU G 276 -42.45 -0.73 40.16
C LEU G 276 -42.17 -1.80 41.21
N CYS G 285 -47.40 11.97 51.47
CA CYS G 285 -46.12 11.43 51.92
C CYS G 285 -45.10 11.46 50.78
N ILE G 286 -45.59 11.63 49.55
CA ILE G 286 -44.72 11.66 48.39
C ILE G 286 -43.90 12.94 48.34
N LYS G 287 -44.27 13.93 49.16
CA LYS G 287 -43.60 15.23 49.13
C LYS G 287 -42.13 15.13 49.53
N ASP G 288 -41.75 14.07 50.25
CA ASP G 288 -40.39 13.93 50.75
C ASP G 288 -39.43 13.34 49.71
N ASN G 289 -39.93 12.97 48.53
CA ASN G 289 -39.08 12.40 47.49
C ASN G 289 -38.26 13.50 46.84
N LYS G 290 -36.95 13.26 46.71
CA LYS G 290 -36.06 14.30 46.19
C LYS G 290 -36.30 14.56 44.71
N ILE G 291 -36.68 13.52 43.96
CA ILE G 291 -36.94 13.70 42.53
C ILE G 291 -38.11 14.64 42.31
N VAL G 292 -39.13 14.56 43.17
CA VAL G 292 -40.26 15.48 43.07
C VAL G 292 -39.80 16.91 43.33
N LYS G 293 -38.91 17.09 44.31
CA LYS G 293 -38.38 18.43 44.59
C LYS G 293 -37.59 18.96 43.40
N LEU G 294 -36.85 18.09 42.71
CA LEU G 294 -36.05 18.51 41.58
C LEU G 294 -36.93 19.07 40.45
N LEU G 295 -37.97 18.33 40.08
CA LEU G 295 -38.83 18.78 38.99
C LEU G 295 -39.60 20.04 39.34
N LEU G 296 -39.96 20.22 40.61
CA LEU G 296 -40.66 21.43 41.03
C LEU G 296 -39.75 22.65 40.88
N CYS G 297 -38.46 22.50 41.15
CA CYS G 297 -37.53 23.60 40.95
C CYS G 297 -37.44 23.98 39.48
N GLN G 298 -37.45 22.98 38.60
CA GLN G 298 -37.39 23.22 37.15
C GLN G 298 -38.73 23.61 36.55
N ASN G 299 -39.75 23.81 37.40
CA ASN G 299 -41.08 24.24 36.96
C ASN G 299 -41.74 23.22 36.02
N TYR G 300 -41.75 21.96 36.42
CA TYR G 300 -42.43 20.90 35.67
C TYR G 300 -43.33 20.12 36.61
N ASP G 301 -44.40 19.58 36.06
CA ASP G 301 -45.37 18.84 36.85
C ASP G 301 -44.79 17.48 37.24
N PRO G 302 -44.62 17.17 38.52
CA PRO G 302 -44.08 15.86 38.90
C PRO G 302 -44.95 14.70 38.46
N LEU G 303 -46.27 14.86 38.50
CA LEU G 303 -47.17 13.77 38.14
C LEU G 303 -47.20 13.55 36.63
N LEU G 304 -47.24 14.64 35.85
CA LEU G 304 -47.36 14.50 34.40
C LEU G 304 -46.10 13.90 33.79
N VAL G 305 -44.93 14.31 34.27
CA VAL G 305 -43.68 13.80 33.70
C VAL G 305 -43.53 12.30 33.95
N GLY G 306 -43.86 11.86 35.17
CA GLY G 306 -43.69 10.46 35.51
C GLY G 306 -44.50 9.53 34.63
N GLN G 307 -45.74 9.91 34.31
CA GLN G 307 -46.56 9.08 33.45
C GLN G 307 -45.97 8.97 32.05
N HIS G 308 -45.43 10.07 31.52
CA HIS G 308 -44.76 10.02 30.22
C HIS G 308 -43.55 9.11 30.27
N VAL G 309 -42.79 9.14 31.38
CA VAL G 309 -41.63 8.27 31.53
C VAL G 309 -42.05 6.82 31.44
N LEU G 310 -43.15 6.46 32.10
CA LEU G 310 -43.64 5.09 32.07
C LEU G 310 -44.04 4.68 30.65
N LYS G 311 -44.71 5.56 29.93
CA LYS G 311 -45.10 5.25 28.56
C LYS G 311 -43.90 5.23 27.63
N TRP G 312 -42.96 6.15 27.82
CA TRP G 312 -41.80 6.23 26.93
C TRP G 312 -40.91 5.00 27.07
N ILE G 313 -40.67 4.56 28.31
CA ILE G 313 -39.80 3.40 28.52
C ILE G 313 -40.43 2.14 27.95
N ASP G 314 -41.76 2.12 27.83
CA ASP G 314 -42.46 0.97 27.28
C ASP G 314 -42.71 1.09 25.78
N LYS G 315 -42.08 2.07 25.11
CA LYS G 315 -42.21 2.30 23.68
C LYS G 315 -43.65 2.51 23.24
N LYS G 316 -44.44 3.22 24.04
CA LYS G 316 -45.84 3.48 23.74
C LYS G 316 -46.08 4.92 23.32
N CYS G 317 -45.04 5.62 22.87
CA CYS G 317 -45.16 7.03 22.48
C CYS G 317 -45.05 7.20 20.98
N GLY G 318 -45.06 6.12 20.22
CA GLY G 318 -45.02 6.24 18.76
C GLY G 318 -43.67 6.72 18.27
N LYS G 319 -43.68 7.81 17.52
CA LYS G 319 -42.46 8.31 16.89
C LYS G 319 -41.54 9.03 17.87
N LYS G 320 -42.09 9.78 18.84
CA LYS G 320 -41.27 10.55 19.77
C LYS G 320 -40.63 9.63 20.81
N ASN G 321 -39.52 9.02 20.39
CA ASN G 321 -38.86 8.00 21.20
C ASN G 321 -37.78 8.57 22.12
N THR G 322 -37.33 9.80 21.88
CA THR G 322 -36.14 10.33 22.53
C THR G 322 -36.51 11.49 23.45
N LEU G 323 -35.94 11.47 24.66
CA LEU G 323 -36.03 12.60 25.59
C LEU G 323 -34.77 13.44 25.48
N TRP G 324 -34.88 14.70 25.90
CA TRP G 324 -33.76 15.63 25.84
C TRP G 324 -33.81 16.54 27.06
N PHE G 325 -32.69 16.65 27.76
CA PHE G 325 -32.55 17.57 28.89
C PHE G 325 -31.65 18.72 28.48
N TYR G 326 -32.06 19.94 28.81
CA TYR G 326 -31.35 21.15 28.41
C TYR G 326 -31.29 22.11 29.59
N GLY G 327 -30.19 22.86 29.66
CA GLY G 327 -30.02 23.85 30.70
C GLY G 327 -28.56 24.11 31.05
N PRO G 328 -28.32 25.12 31.87
CA PRO G 328 -26.96 25.42 32.32
C PRO G 328 -26.38 24.27 33.13
N PRO G 329 -25.06 24.16 33.22
CA PRO G 329 -24.46 23.03 33.94
C PRO G 329 -24.72 23.11 35.43
N SER G 330 -24.55 21.95 36.10
CA SER G 330 -24.73 21.82 37.54
C SER G 330 -26.16 22.17 37.97
N THR G 331 -27.14 21.66 37.21
CA THR G 331 -28.54 21.84 37.54
C THR G 331 -29.31 20.53 37.62
N GLY G 332 -28.61 19.40 37.65
CA GLY G 332 -29.26 18.11 37.79
C GLY G 332 -29.56 17.38 36.50
N LYS G 333 -29.01 17.83 35.37
CA LYS G 333 -29.28 17.17 34.10
C LYS G 333 -28.78 15.73 34.10
N THR G 334 -27.51 15.53 34.44
CA THR G 334 -26.90 14.21 34.40
C THR G 334 -27.35 13.31 35.53
N ASN G 335 -27.57 13.86 36.73
CA ASN G 335 -27.90 13.05 37.89
C ASN G 335 -29.21 12.30 37.69
N LEU G 336 -30.23 12.99 37.18
CA LEU G 336 -31.53 12.36 36.98
C LEU G 336 -31.45 11.29 35.90
N ALA G 337 -30.69 11.55 34.83
CA ALA G 337 -30.60 10.58 33.73
C ALA G 337 -29.93 9.29 34.19
N MET G 338 -28.87 9.39 35.00
CA MET G 338 -28.19 8.19 35.47
C MET G 338 -29.05 7.40 36.45
N ALA G 339 -29.85 8.08 37.27
CA ALA G 339 -30.71 7.38 38.22
C ALA G 339 -31.72 6.50 37.50
N ILE G 340 -32.34 7.03 36.44
CA ILE G 340 -33.28 6.22 35.65
C ILE G 340 -32.54 5.07 35.00
N ALA G 341 -31.34 5.33 34.47
CA ALA G 341 -30.55 4.28 33.83
C ALA G 341 -30.19 3.18 34.82
N LYS G 342 -29.95 3.52 36.08
CA LYS G 342 -29.61 2.49 37.07
C LYS G 342 -30.81 1.61 37.38
N SER G 343 -32.01 2.17 37.40
CA SER G 343 -33.19 1.40 37.77
C SER G 343 -33.51 0.28 36.76
N VAL G 344 -33.36 0.56 35.47
CA VAL G 344 -33.65 -0.44 34.44
C VAL G 344 -32.56 -1.51 34.50
N PRO G 345 -32.81 -2.74 34.00
CA PRO G 345 -31.82 -3.81 34.14
C PRO G 345 -30.48 -3.48 33.51
N VAL G 346 -30.46 -3.20 32.20
CA VAL G 346 -29.24 -2.95 31.47
C VAL G 346 -29.37 -1.62 30.72
N TYR G 347 -28.31 -0.83 30.72
CA TYR G 347 -28.30 0.42 29.97
C TYR G 347 -26.99 0.53 29.22
N GLY G 348 -27.01 1.30 28.15
CA GLY G 348 -25.83 1.54 27.35
C GLY G 348 -25.54 3.03 27.24
N MET G 349 -24.27 3.37 27.09
CA MET G 349 -23.83 4.75 26.99
C MET G 349 -23.19 4.99 25.64
N VAL G 350 -23.54 6.11 25.00
CA VAL G 350 -22.97 6.45 23.71
C VAL G 350 -21.48 6.73 23.81
N ASN G 351 -21.05 7.36 24.91
CA ASN G 351 -19.66 7.76 25.06
C ASN G 351 -18.70 6.57 25.09
N TRP G 352 -19.17 5.40 25.46
CA TRP G 352 -18.30 4.22 25.55
C TRP G 352 -17.91 3.68 24.18
N ASN G 353 -18.79 3.77 23.18
CA ASN G 353 -18.52 3.18 21.89
C ASN G 353 -17.50 4.01 21.11
N ASN G 354 -17.02 3.43 20.00
CA ASN G 354 -16.01 4.08 19.19
C ASN G 354 -16.58 5.34 18.53
N GLU G 355 -15.70 6.30 18.26
CA GLU G 355 -16.13 7.57 17.67
C GLU G 355 -16.80 7.39 16.33
N ASN G 356 -16.18 6.62 15.43
CA ASN G 356 -16.75 6.43 14.10
C ASN G 356 -17.95 5.50 14.09
N PHE G 357 -18.15 4.71 15.15
CA PHE G 357 -19.30 3.81 15.27
C PHE G 357 -19.96 4.04 16.61
N PRO G 358 -20.68 5.16 16.76
CA PRO G 358 -21.26 5.50 18.07
C PRO G 358 -22.49 4.66 18.43
N PHE G 359 -23.04 3.90 17.49
CA PHE G 359 -24.27 3.15 17.73
C PHE G 359 -24.06 1.65 17.55
N ASN G 360 -22.87 1.16 17.86
CA ASN G 360 -22.64 -0.28 17.86
C ASN G 360 -23.18 -0.89 19.14
N ASP G 361 -23.69 -2.12 19.02
CA ASP G 361 -24.26 -2.87 20.14
C ASP G 361 -25.40 -2.11 20.82
N VAL G 362 -26.24 -1.46 20.02
CA VAL G 362 -27.39 -0.75 20.58
C VAL G 362 -28.45 -1.74 21.08
N ALA G 363 -28.71 -2.78 20.32
CA ALA G 363 -29.74 -3.74 20.70
C ALA G 363 -29.31 -4.51 21.96
N GLY G 364 -30.31 -5.01 22.69
CA GLY G 364 -30.06 -5.69 23.93
C GLY G 364 -30.04 -4.80 25.16
N LYS G 365 -30.15 -3.49 25.00
CA LYS G 365 -30.18 -2.56 26.11
C LYS G 365 -31.59 -2.06 26.34
N SER G 366 -31.93 -1.86 27.63
CA SER G 366 -33.23 -1.28 27.96
C SER G 366 -33.22 0.23 27.78
N LEU G 367 -32.04 0.83 27.67
CA LEU G 367 -31.92 2.28 27.56
C LEU G 367 -30.54 2.63 27.03
N VAL G 368 -30.48 3.68 26.22
CA VAL G 368 -29.22 4.21 25.70
C VAL G 368 -29.09 5.65 26.17
N VAL G 369 -27.96 5.96 26.81
CA VAL G 369 -27.72 7.25 27.43
C VAL G 369 -26.69 8.02 26.62
N TRP G 370 -27.00 9.28 26.33
CA TRP G 370 -26.08 10.16 25.60
C TRP G 370 -25.87 11.41 26.45
N ASP G 371 -24.64 11.63 26.90
CA ASP G 371 -24.33 12.71 27.83
C ASP G 371 -23.48 13.76 27.11
N GLU G 372 -23.89 15.03 27.23
CA GLU G 372 -23.18 16.14 26.60
C GLU G 372 -22.95 15.88 25.11
N GLY G 373 -24.03 15.49 24.43
CA GLY G 373 -23.90 15.02 23.07
C GLY G 373 -23.85 16.15 22.05
N ILE G 374 -23.33 15.81 20.88
CA ILE G 374 -23.30 16.69 19.72
C ILE G 374 -23.34 15.81 18.47
N ILE G 375 -23.97 16.31 17.42
CA ILE G 375 -24.23 15.51 16.22
C ILE G 375 -23.33 16.00 15.11
N LYS G 376 -22.52 15.09 14.56
CA LYS G 376 -21.70 15.38 13.40
C LYS G 376 -22.49 15.10 12.12
N SER G 377 -22.17 15.86 11.06
CA SER G 377 -22.86 15.68 9.79
C SER G 377 -22.64 14.30 9.20
N THR G 378 -21.51 13.66 9.50
CA THR G 378 -21.25 12.32 8.96
C THR G 378 -22.22 11.30 9.53
N ILE G 379 -22.57 11.42 10.81
CA ILE G 379 -23.44 10.44 11.47
C ILE G 379 -24.85 10.96 11.67
N VAL G 380 -25.24 12.05 10.99
CA VAL G 380 -26.58 12.60 11.18
C VAL G 380 -27.64 11.65 10.65
N GLU G 381 -27.32 10.89 9.60
CA GLU G 381 -28.32 9.97 9.03
C GLU G 381 -28.64 8.83 9.98
N ALA G 382 -27.63 8.21 10.59
CA ALA G 382 -27.89 7.14 11.54
C ALA G 382 -28.59 7.65 12.79
N ALA G 383 -28.37 8.92 13.13
CA ALA G 383 -29.00 9.50 14.31
C ALA G 383 -30.51 9.62 14.12
N LYS G 384 -30.95 9.94 12.91
CA LYS G 384 -32.37 10.15 12.66
C LYS G 384 -33.19 8.90 12.95
N ALA G 385 -32.70 7.74 12.49
CA ALA G 385 -33.46 6.51 12.64
C ALA G 385 -33.54 6.07 14.11
N ILE G 386 -32.40 6.05 14.80
CA ILE G 386 -32.37 5.52 16.15
C ILE G 386 -33.09 6.44 17.12
N LEU G 387 -32.87 7.75 17.01
CA LEU G 387 -33.55 8.69 17.90
C LEU G 387 -35.06 8.66 17.69
N GLY G 388 -35.52 8.35 16.48
CA GLY G 388 -36.93 8.27 16.19
C GLY G 388 -37.58 6.95 16.54
N GLY G 389 -36.83 6.02 17.13
CA GLY G 389 -37.37 4.71 17.46
C GLY G 389 -37.43 3.73 16.32
N GLN G 390 -36.91 4.11 15.15
CA GLN G 390 -36.92 3.20 14.01
C GLN G 390 -35.95 2.05 14.26
N PRO G 391 -36.33 0.81 13.95
CA PRO G 391 -35.41 -0.31 14.15
C PRO G 391 -34.21 -0.22 13.21
N THR G 392 -33.08 -0.74 13.66
CA THR G 392 -31.88 -0.74 12.83
C THR G 392 -32.02 -1.77 11.71
N ARG G 393 -31.29 -1.53 10.62
CA ARG G 393 -31.31 -2.44 9.49
C ARG G 393 -30.68 -3.78 9.86
N VAL G 394 -29.69 -3.75 10.76
CA VAL G 394 -28.97 -4.96 11.12
C VAL G 394 -29.92 -6.00 11.71
N ASP G 395 -30.80 -5.57 12.62
CA ASP G 395 -31.71 -6.51 13.26
C ASP G 395 -32.77 -7.01 12.27
N GLN G 396 -33.16 -6.15 11.32
CA GLN G 396 -34.14 -6.55 10.32
C GLN G 396 -33.61 -7.70 9.46
N LYS G 397 -32.34 -7.63 9.08
CA LYS G 397 -31.73 -8.70 8.30
C LYS G 397 -31.58 -9.97 9.12
N MET G 398 -31.37 -9.83 10.43
CA MET G 398 -31.14 -10.99 11.29
C MET G 398 -32.47 -11.59 11.74
N ARG G 399 -33.31 -10.79 12.39
CA ARG G 399 -34.57 -11.28 12.94
C ARG G 399 -35.50 -11.77 11.83
N GLY G 400 -35.63 -11.01 10.75
CA GLY G 400 -36.45 -11.41 9.64
C GLY G 400 -37.59 -10.47 9.33
N SER G 401 -38.07 -9.75 10.35
CA SER G 401 -39.18 -8.83 10.24
C SER G 401 -38.66 -7.47 9.75
N VAL G 402 -39.51 -6.45 9.79
CA VAL G 402 -39.15 -5.12 9.32
C VAL G 402 -39.10 -4.14 10.50
N ALA G 403 -39.58 -4.58 11.66
CA ALA G 403 -39.56 -3.74 12.86
C ALA G 403 -39.70 -4.63 14.07
N VAL G 404 -38.69 -4.63 14.95
CA VAL G 404 -38.69 -5.51 16.11
C VAL G 404 -38.15 -4.79 17.35
N PRO G 405 -36.81 -4.57 17.47
CA PRO G 405 -36.23 -4.40 18.81
C PRO G 405 -36.76 -3.24 19.63
N GLY G 406 -36.59 -2.01 19.15
CA GLY G 406 -37.07 -0.85 19.89
C GLY G 406 -36.09 -0.44 20.98
N VAL G 407 -35.59 0.79 20.92
CA VAL G 407 -34.67 1.27 21.96
C VAL G 407 -35.02 2.70 22.35
N PRO G 408 -35.44 2.94 23.60
CA PRO G 408 -35.56 4.32 24.07
C PRO G 408 -34.19 4.97 24.18
N VAL G 409 -34.15 6.29 23.99
CA VAL G 409 -32.91 7.06 24.04
C VAL G 409 -33.13 8.29 24.91
N VAL G 410 -32.16 8.58 25.78
CA VAL G 410 -32.17 9.78 26.61
C VAL G 410 -30.91 10.57 26.31
N ILE G 411 -31.07 11.88 26.14
CA ILE G 411 -29.98 12.77 25.77
C ILE G 411 -29.93 13.93 26.77
N THR G 412 -28.74 14.20 27.29
CA THR G 412 -28.47 15.37 28.10
C THR G 412 -27.35 16.17 27.48
N SER G 413 -27.55 17.48 27.34
CA SER G 413 -26.57 18.32 26.67
C SER G 413 -26.68 19.74 27.20
N ASN G 414 -25.53 20.44 27.18
CA ASN G 414 -25.48 21.84 27.59
C ASN G 414 -25.63 22.81 26.42
N GLY G 415 -25.76 22.29 25.19
CA GLY G 415 -25.92 23.14 24.04
C GLY G 415 -27.05 22.64 23.15
N ASP G 416 -27.43 23.48 22.20
CA ASP G 416 -28.52 23.17 21.28
C ASP G 416 -28.05 22.09 20.31
N ILE G 417 -28.71 20.94 20.33
CA ILE G 417 -28.30 19.78 19.55
C ILE G 417 -29.07 19.74 18.23
N THR G 418 -30.04 20.64 18.07
CA THR G 418 -30.76 20.72 16.80
C THR G 418 -29.82 21.11 15.67
N PHE G 419 -28.91 22.05 15.93
CA PHE G 419 -27.87 22.36 14.95
C PHE G 419 -26.93 21.18 14.79
N VAL G 420 -26.52 20.93 13.56
CA VAL G 420 -25.64 19.82 13.22
C VAL G 420 -24.29 20.38 12.83
N VAL G 421 -23.23 19.79 13.38
CA VAL G 421 -21.86 20.21 13.08
C VAL G 421 -21.46 19.61 11.73
N SER G 422 -21.14 20.48 10.78
CA SER G 422 -20.68 20.05 9.46
C SER G 422 -19.42 20.83 9.11
N GLY G 423 -18.35 20.10 8.81
CA GLY G 423 -17.08 20.76 8.56
C GLY G 423 -16.66 21.58 9.76
N ASN G 424 -16.31 22.84 9.53
CA ASN G 424 -15.98 23.78 10.59
C ASN G 424 -17.09 24.79 10.81
N THR G 425 -18.33 24.43 10.50
CA THR G 425 -19.45 25.36 10.58
C THR G 425 -20.70 24.63 11.03
N THR G 426 -21.78 25.41 11.16
CA THR G 426 -23.06 24.94 11.66
C THR G 426 -24.10 24.98 10.54
N THR G 427 -24.95 23.95 10.47
CA THR G 427 -26.00 23.87 9.47
C THR G 427 -27.34 23.61 10.16
N THR G 428 -28.41 24.07 9.51
CA THR G 428 -29.75 23.92 10.04
C THR G 428 -30.67 23.11 9.14
N VAL G 429 -30.14 22.28 8.25
CA VAL G 429 -30.97 21.49 7.35
C VAL G 429 -31.80 20.48 8.13
N HIS G 430 -31.20 19.82 9.11
CA HIS G 430 -31.84 18.74 9.83
C HIS G 430 -32.59 19.20 11.07
N ALA G 431 -32.79 20.51 11.25
CA ALA G 431 -33.40 21.00 12.48
C ALA G 431 -34.82 20.51 12.65
N LYS G 432 -35.63 20.61 11.59
CA LYS G 432 -37.04 20.22 11.71
C LYS G 432 -37.20 18.72 11.87
N ALA G 433 -36.37 17.94 11.16
CA ALA G 433 -36.51 16.49 11.21
C ALA G 433 -36.27 15.95 12.61
N LEU G 434 -35.30 16.50 13.33
CA LEU G 434 -35.01 16.02 14.68
C LEU G 434 -36.07 16.47 15.68
N LYS G 435 -36.72 17.60 15.42
CA LYS G 435 -37.73 18.10 16.35
C LYS G 435 -38.94 17.19 16.43
N GLU G 436 -39.27 16.51 15.33
CA GLU G 436 -40.42 15.60 15.34
C GLU G 436 -40.16 14.40 16.26
N ARG G 437 -38.91 13.99 16.37
CA ARG G 437 -38.57 12.74 17.05
C ARG G 437 -38.15 12.94 18.51
N MET G 438 -38.21 14.15 19.03
CA MET G 438 -37.63 14.44 20.34
C MET G 438 -38.58 15.28 21.20
N VAL G 439 -38.30 15.26 22.51
CA VAL G 439 -39.04 16.04 23.49
C VAL G 439 -38.03 16.82 24.32
N LYS G 440 -38.31 18.11 24.55
CA LYS G 440 -37.35 19.03 25.13
C LYS G 440 -37.75 19.42 26.55
N LEU G 441 -36.77 19.43 27.45
CA LEU G 441 -36.94 19.86 28.83
C LEU G 441 -35.88 20.88 29.18
N ASN G 442 -36.27 21.92 29.91
CA ASN G 442 -35.38 23.03 30.25
C ASN G 442 -35.07 22.99 31.73
N PHE G 443 -33.79 22.74 32.07
CA PHE G 443 -33.31 22.78 33.45
C PHE G 443 -32.61 24.11 33.68
N THR G 444 -33.42 25.15 33.86
CA THR G 444 -32.90 26.52 33.92
C THR G 444 -32.70 27.05 35.34
N VAL G 445 -32.79 26.20 36.36
CA VAL G 445 -32.67 26.72 37.77
C VAL G 445 -31.50 26.02 38.47
N ARG G 446 -30.76 26.72 39.34
CA ARG G 446 -29.54 26.14 39.98
C ARG G 446 -29.89 25.00 40.96
N CYS G 447 -28.88 24.28 41.45
CA CYS G 447 -29.10 23.12 42.36
C CYS G 447 -28.04 23.08 43.45
N SER G 448 -28.41 22.65 44.67
CA SER G 448 -27.48 22.67 45.85
C SER G 448 -26.17 21.95 45.60
N PRO G 449 -25.08 22.38 46.26
CA PRO G 449 -23.75 21.77 46.05
C PRO G 449 -23.64 20.26 46.32
N ASP G 450 -24.65 19.65 46.95
CA ASP G 450 -24.55 18.22 47.32
C ASP G 450 -25.53 17.36 46.49
N MET G 451 -26.84 17.53 46.70
CA MET G 451 -27.87 16.73 45.98
C MET G 451 -27.29 15.33 45.73
N GLY G 452 -27.08 14.55 46.78
CA GLY G 452 -26.40 13.25 46.65
C GLY G 452 -26.85 12.39 45.49
N LEU G 453 -25.93 11.57 44.97
CA LEU G 453 -26.25 10.62 43.87
C LEU G 453 -27.61 9.98 44.10
N LEU G 454 -28.55 10.19 43.20
CA LEU G 454 -29.87 9.57 43.22
C LEU G 454 -29.73 8.06 43.04
N THR G 455 -30.58 7.32 43.75
CA THR G 455 -30.51 5.87 43.79
C THR G 455 -31.75 5.25 43.16
N GLU G 456 -31.65 3.96 42.86
CA GLU G 456 -32.77 3.24 42.26
C GLU G 456 -33.99 3.26 43.17
N ALA G 457 -33.77 3.25 44.49
CA ALA G 457 -34.90 3.31 45.42
C ALA G 457 -35.67 4.62 45.27
N ASP G 458 -34.96 5.73 45.06
CA ASP G 458 -35.62 7.01 44.88
C ASP G 458 -36.47 7.03 43.62
N VAL G 459 -35.96 6.42 42.54
CA VAL G 459 -36.71 6.41 41.28
C VAL G 459 -37.96 5.55 41.41
N GLN G 460 -37.83 4.38 42.04
CA GLN G 460 -38.93 3.43 42.10
C GLN G 460 -40.13 4.00 42.86
N GLN G 461 -39.88 4.70 43.96
CA GLN G 461 -40.98 5.28 44.74
C GLN G 461 -41.73 6.31 43.92
N TRP G 462 -41.01 7.17 43.19
CA TRP G 462 -41.65 8.26 42.46
C TRP G 462 -42.57 7.73 41.36
N LEU G 463 -42.09 6.76 40.58
CA LEU G 463 -42.89 6.27 39.46
C LEU G 463 -44.09 5.45 39.94
N THR G 464 -43.95 4.75 41.07
CA THR G 464 -45.06 3.96 41.59
C THR G 464 -46.23 4.87 41.98
N TRP G 465 -45.94 5.99 42.63
CA TRP G 465 -46.99 6.92 43.01
C TRP G 465 -47.66 7.53 41.78
N CYS G 466 -46.88 7.87 40.76
CA CYS G 466 -47.45 8.46 39.56
C CYS G 466 -48.38 7.49 38.84
N ASN G 467 -48.01 6.21 38.78
CA ASN G 467 -48.86 5.22 38.12
C ASN G 467 -50.17 5.01 38.86
N ALA G 468 -50.15 5.20 40.18
CA ALA G 468 -51.35 4.98 40.99
C ALA G 468 -52.41 6.04 40.75
N GLN G 469 -52.02 7.28 40.43
CA GLN G 469 -52.99 8.35 40.24
C GLN G 469 -53.76 8.16 38.93
N SER G 470 -54.74 9.03 38.72
CA SER G 470 -55.58 8.93 37.53
C SER G 470 -54.78 9.29 36.29
N TRP G 471 -55.02 8.55 35.22
CA TRP G 471 -54.28 8.69 33.97
C TRP G 471 -54.97 9.59 32.95
N ASP G 472 -56.13 10.16 33.29
CA ASP G 472 -56.94 10.88 32.30
C ASP G 472 -56.21 12.11 31.78
N HIS G 473 -55.49 12.82 32.65
CA HIS G 473 -54.88 14.08 32.25
C HIS G 473 -53.77 13.87 31.22
N TYR G 474 -53.29 12.63 31.08
CA TYR G 474 -52.16 12.38 30.19
C TYR G 474 -52.59 12.34 28.73
N GLU G 475 -53.53 11.46 28.39
CA GLU G 475 -53.82 11.19 26.98
C GLU G 475 -54.35 12.41 26.23
N ASN G 476 -54.84 13.45 26.93
CA ASN G 476 -55.19 14.69 26.25
C ASN G 476 -53.97 15.30 25.56
N TRP G 477 -52.84 15.35 26.28
CA TRP G 477 -51.60 15.79 25.67
C TRP G 477 -51.10 14.79 24.64
N ALA G 478 -51.40 13.50 24.84
CA ALA G 478 -50.97 12.47 23.91
C ALA G 478 -51.73 12.49 22.59
N ILE G 479 -52.81 13.28 22.49
CA ILE G 479 -53.50 13.42 21.22
C ILE G 479 -52.56 14.01 20.17
N ASN G 480 -51.81 15.05 20.54
CA ASN G 480 -50.81 15.63 19.64
C ASN G 480 -49.59 15.94 20.49
N TYR G 481 -48.50 15.19 20.27
CA TYR G 481 -47.30 15.35 21.09
C TYR G 481 -46.59 16.64 20.71
N THR G 482 -46.49 17.56 21.67
CA THR G 482 -45.82 18.83 21.43
C THR G 482 -44.32 18.68 21.60
N PHE G 483 -43.56 19.45 20.82
CA PHE G 483 -42.10 19.44 20.94
C PHE G 483 -41.66 19.91 22.32
N ASP G 484 -42.16 21.06 22.75
CA ASP G 484 -41.82 21.57 24.07
C ASP G 484 -42.76 20.98 25.12
N PHE G 485 -42.20 20.54 26.23
CA PHE G 485 -43.01 19.94 27.28
C PHE G 485 -43.74 21.03 28.06
N PRO G 486 -45.06 20.89 28.25
CA PRO G 486 -45.82 21.93 28.94
C PRO G 486 -45.35 22.12 30.37
N GLY G 487 -45.43 23.36 30.83
CA GLY G 487 -44.97 23.71 32.16
C GLY G 487 -46.03 23.43 33.23
N ILE G 488 -45.72 23.89 34.44
CA ILE G 488 -46.59 23.66 35.58
C ILE G 488 -47.91 24.41 35.39
N ASN G 489 -49.02 23.70 35.60
CA ASN G 489 -50.34 24.31 35.69
C ASN G 489 -50.75 24.28 37.16
N ALA G 490 -50.64 25.44 37.83
CA ALA G 490 -50.90 25.50 39.26
C ALA G 490 -52.35 25.13 39.59
N ASP G 491 -53.26 25.29 38.63
CA ASP G 491 -54.64 24.89 38.84
C ASP G 491 -54.83 23.38 38.83
N ALA G 492 -54.09 22.66 37.99
CA ALA G 492 -54.25 21.22 37.86
C ALA G 492 -53.22 20.43 38.66
N LEU G 493 -52.38 21.09 39.43
CA LEU G 493 -51.37 20.39 40.23
C LEU G 493 -52.06 19.56 41.32
N HIS G 494 -51.54 18.37 41.55
CA HIS G 494 -52.23 17.42 42.42
C HIS G 494 -52.31 17.96 43.84
N PRO G 495 -53.45 17.78 44.52
CA PRO G 495 -53.60 18.36 45.87
C PRO G 495 -52.57 17.90 46.87
N ASP G 496 -52.06 16.67 46.73
CA ASP G 496 -51.05 16.17 47.66
C ASP G 496 -49.78 17.01 47.59
N LEU G 497 -49.43 17.51 46.40
CA LEU G 497 -48.24 18.32 46.23
C LEU G 497 -48.52 19.82 46.31
N GLN G 498 -49.75 20.22 46.57
CA GLN G 498 -50.08 21.64 46.71
C GLN G 498 -49.66 22.15 48.09
N VAL H 201 -37.09 -44.86 -5.63
CA VAL H 201 -35.96 -45.30 -4.82
C VAL H 201 -36.45 -45.76 -3.45
N VAL H 202 -36.18 -47.01 -3.12
CA VAL H 202 -36.62 -47.56 -1.83
C VAL H 202 -35.85 -46.87 -0.70
N PRO H 203 -36.53 -46.46 0.38
CA PRO H 203 -35.81 -45.86 1.51
C PRO H 203 -34.90 -46.84 2.23
N PHE H 204 -33.87 -46.33 2.90
CA PHE H 204 -32.96 -47.17 3.66
C PHE H 204 -33.67 -47.76 4.88
N ASN H 205 -33.17 -48.89 5.36
CA ASN H 205 -33.81 -49.61 6.45
C ASN H 205 -33.27 -49.15 7.80
N GLY H 206 -32.76 -47.92 7.87
CA GLY H 206 -32.21 -47.41 9.10
C GLY H 206 -33.26 -47.17 10.17
N LYS H 207 -32.79 -47.11 11.42
CA LYS H 207 -33.67 -46.88 12.56
C LYS H 207 -32.93 -46.00 13.56
N GLY H 208 -33.70 -45.35 14.42
CA GLY H 208 -33.13 -44.42 15.39
C GLY H 208 -33.72 -44.62 16.76
N THR H 209 -33.01 -44.09 17.76
CA THR H 209 -33.41 -44.22 19.15
C THR H 209 -34.47 -43.17 19.50
N LYS H 210 -34.75 -43.07 20.81
CA LYS H 210 -35.74 -42.12 21.30
C LYS H 210 -35.38 -40.68 20.98
N ALA H 211 -34.10 -40.34 21.16
CA ALA H 211 -33.67 -38.96 20.92
C ALA H 211 -33.85 -38.54 19.47
N SER H 212 -33.52 -39.42 18.53
CA SER H 212 -33.69 -39.09 17.11
C SER H 212 -35.15 -38.92 16.74
N ILE H 213 -36.04 -39.78 17.24
CA ILE H 213 -37.46 -39.63 16.95
C ILE H 213 -38.00 -38.35 17.59
N LYS H 214 -37.52 -38.01 18.78
CA LYS H 214 -37.91 -36.74 19.39
C LYS H 214 -37.44 -35.55 18.54
N PHE H 215 -36.23 -35.65 17.99
CA PHE H 215 -35.72 -34.59 17.13
C PHE H 215 -36.57 -34.44 15.87
N GLN H 216 -36.97 -35.57 15.28
CA GLN H 216 -37.83 -35.52 14.10
C GLN H 216 -39.19 -34.92 14.44
N THR H 217 -39.74 -35.28 15.61
CA THR H 217 -41.00 -34.69 16.04
C THR H 217 -40.86 -33.19 16.26
N MET H 218 -39.72 -32.75 16.80
CA MET H 218 -39.47 -31.32 16.96
C MET H 218 -39.40 -30.62 15.61
N VAL H 219 -38.75 -31.25 14.63
CA VAL H 219 -38.70 -30.69 13.28
C VAL H 219 -40.10 -30.53 12.71
N ASN H 220 -40.92 -31.58 12.87
CA ASN H 220 -42.30 -31.51 12.40
C ASN H 220 -43.09 -30.41 13.10
N TRP H 221 -42.88 -30.25 14.41
CA TRP H 221 -43.54 -29.18 15.15
C TRP H 221 -43.13 -27.81 14.63
N LEU H 222 -41.83 -27.61 14.37
CA LEU H 222 -41.37 -26.35 13.80
C LEU H 222 -42.00 -26.08 12.44
N CYS H 223 -42.05 -27.11 11.58
CA CYS H 223 -42.66 -26.94 10.27
C CYS H 223 -44.15 -26.62 10.37
N GLU H 224 -44.86 -27.25 11.29
CA GLU H 224 -46.30 -27.09 11.37
C GLU H 224 -46.68 -25.77 12.03
N ASN H 225 -45.88 -25.31 12.99
CA ASN H 225 -46.17 -24.08 13.71
C ASN H 225 -45.55 -22.85 13.08
N ARG H 226 -44.85 -23.01 11.95
CA ARG H 226 -44.24 -21.90 11.22
C ARG H 226 -43.26 -21.12 12.09
N VAL H 227 -42.25 -21.84 12.56
CA VAL H 227 -41.14 -21.26 13.32
C VAL H 227 -39.88 -21.44 12.50
N PHE H 228 -39.21 -20.32 12.17
CA PHE H 228 -38.05 -20.39 11.30
C PHE H 228 -36.89 -19.53 11.79
N THR H 229 -37.03 -18.82 12.91
CA THR H 229 -35.96 -18.02 13.48
C THR H 229 -35.90 -18.28 14.97
N GLU H 230 -34.70 -18.07 15.54
CA GLU H 230 -34.51 -18.28 16.97
C GLU H 230 -35.36 -17.31 17.78
N ASP H 231 -35.49 -16.07 17.30
CA ASP H 231 -36.33 -15.09 18.00
C ASP H 231 -37.79 -15.51 18.01
N LYS H 232 -38.30 -16.03 16.88
CA LYS H 232 -39.67 -16.51 16.82
C LYS H 232 -39.85 -17.72 17.75
N TRP H 233 -38.85 -18.59 17.81
CA TRP H 233 -38.91 -19.73 18.72
C TRP H 233 -38.99 -19.26 20.17
N LYS H 234 -38.17 -18.27 20.52
CA LYS H 234 -38.19 -17.76 21.90
C LYS H 234 -39.54 -17.14 22.23
N LEU H 235 -40.12 -16.39 21.30
CA LEU H 235 -41.43 -15.79 21.54
C LEU H 235 -42.51 -16.87 21.68
N VAL H 236 -42.51 -17.87 20.81
CA VAL H 236 -43.57 -18.87 20.81
C VAL H 236 -43.42 -19.80 22.01
N ASP H 237 -42.25 -20.43 22.17
CA ASP H 237 -42.05 -21.44 23.20
C ASP H 237 -40.68 -21.19 23.86
N PHE H 238 -40.70 -20.40 24.94
CA PHE H 238 -39.47 -20.11 25.66
C PHE H 238 -39.02 -21.27 26.54
N ASN H 239 -39.96 -22.05 27.07
CA ASN H 239 -39.60 -23.14 27.98
C ASN H 239 -38.75 -24.19 27.27
N GLN H 240 -39.17 -24.61 26.07
CA GLN H 240 -38.41 -25.61 25.33
C GLN H 240 -37.04 -25.10 24.93
N TYR H 241 -36.96 -23.82 24.51
CA TYR H 241 -35.68 -23.24 24.18
C TYR H 241 -34.74 -23.20 25.37
N THR H 242 -35.25 -22.81 26.55
CA THR H 242 -34.44 -22.80 27.75
C THR H 242 -33.97 -24.20 28.12
N LEU H 243 -34.85 -25.20 28.03
CA LEU H 243 -34.46 -26.57 28.34
C LEU H 243 -33.40 -27.07 27.36
N LEU H 244 -33.53 -26.73 26.08
CA LEU H 244 -32.57 -27.19 25.09
C LEU H 244 -31.22 -26.51 25.25
N SER H 245 -31.20 -25.22 25.57
CA SER H 245 -29.95 -24.47 25.64
C SER H 245 -29.14 -24.76 26.90
N SER H 246 -29.47 -25.82 27.64
CA SER H 246 -28.77 -26.13 28.88
C SER H 246 -27.43 -26.83 28.63
N SER H 247 -27.16 -27.27 27.41
CA SER H 247 -25.94 -28.02 27.12
C SER H 247 -25.61 -27.90 25.64
N HIS H 248 -24.46 -28.46 25.27
CA HIS H 248 -24.00 -28.39 23.88
C HIS H 248 -24.92 -29.16 22.94
N SER H 249 -25.42 -30.32 23.39
CA SER H 249 -26.27 -31.14 22.53
C SER H 249 -27.51 -30.39 22.11
N GLY H 250 -28.16 -29.70 23.06
CA GLY H 250 -29.33 -28.92 22.72
C GLY H 250 -29.01 -27.77 21.79
N SER H 251 -27.86 -27.13 21.98
CA SER H 251 -27.46 -26.03 21.11
C SER H 251 -27.21 -26.49 19.68
N PHE H 252 -26.65 -27.69 19.49
CA PHE H 252 -26.50 -28.23 18.14
C PHE H 252 -27.84 -28.65 17.56
N GLN H 253 -28.70 -29.24 18.40
CA GLN H 253 -29.99 -29.71 17.92
C GLN H 253 -30.88 -28.55 17.48
N ILE H 254 -30.78 -27.41 18.16
CA ILE H 254 -31.58 -26.24 17.76
C ILE H 254 -31.24 -25.82 16.35
N GLN H 255 -29.95 -25.67 16.06
CA GLN H 255 -29.52 -25.27 14.72
C GLN H 255 -29.90 -26.30 13.68
N SER H 256 -29.68 -27.59 13.98
CA SER H 256 -30.02 -28.63 13.01
C SER H 256 -31.52 -28.65 12.72
N ALA H 257 -32.34 -28.54 13.76
CA ALA H 257 -33.79 -28.54 13.58
C ALA H 257 -34.24 -27.33 12.77
N LEU H 258 -33.68 -26.15 13.07
CA LEU H 258 -34.07 -24.96 12.34
C LEU H 258 -33.72 -25.07 10.87
N LYS H 259 -32.50 -25.54 10.57
CA LYS H 259 -32.09 -25.69 9.18
C LYS H 259 -32.98 -26.70 8.45
N LEU H 260 -33.25 -27.84 9.09
CA LEU H 260 -34.07 -28.87 8.44
C LEU H 260 -35.49 -28.38 8.21
N ALA H 261 -36.07 -27.67 9.19
CA ALA H 261 -37.41 -27.15 9.03
C ALA H 261 -37.48 -26.13 7.91
N ILE H 262 -36.48 -25.24 7.83
CA ILE H 262 -36.46 -24.25 6.76
C ILE H 262 -36.38 -24.93 5.41
N TYR H 263 -35.49 -25.91 5.27
CA TYR H 263 -35.33 -26.59 3.98
C TYR H 263 -36.60 -27.35 3.60
N LYS H 264 -37.23 -28.01 4.58
CA LYS H 264 -38.46 -28.75 4.29
C LYS H 264 -39.57 -27.82 3.84
N ALA H 265 -39.76 -26.71 4.55
CA ALA H 265 -40.80 -25.76 4.18
C ALA H 265 -40.46 -24.97 2.93
N THR H 266 -39.23 -25.02 2.46
CA THR H 266 -38.85 -24.32 1.24
C THR H 266 -38.90 -25.20 0.00
N ASN H 267 -38.36 -26.41 0.05
CA ASN H 267 -38.15 -27.19 -1.17
C ASN H 267 -38.98 -28.46 -1.28
N LEU H 268 -39.51 -29.00 -0.18
CA LEU H 268 -40.28 -30.23 -0.22
C LEU H 268 -41.78 -30.02 -0.17
N VAL H 269 -42.24 -28.79 -0.01
CA VAL H 269 -43.67 -28.49 0.06
C VAL H 269 -43.96 -27.31 -0.85
N PRO H 270 -44.96 -27.38 -1.71
CA PRO H 270 -45.32 -26.23 -2.54
C PRO H 270 -45.73 -25.04 -1.68
N THR H 271 -45.32 -23.85 -2.10
CA THR H 271 -45.61 -22.64 -1.32
C THR H 271 -47.10 -22.34 -1.31
N SER H 272 -47.81 -22.73 -2.37
CA SER H 272 -49.24 -22.45 -2.46
C SER H 272 -50.01 -23.10 -1.31
N THR H 273 -49.56 -24.26 -0.83
CA THR H 273 -50.20 -24.91 0.30
C THR H 273 -50.11 -24.10 1.58
N PHE H 274 -49.14 -23.18 1.68
CA PHE H 274 -49.08 -22.25 2.80
C PHE H 274 -50.02 -21.06 2.62
N LEU H 275 -50.61 -20.90 1.43
CA LEU H 275 -51.58 -19.85 1.17
C LEU H 275 -53.02 -20.34 1.17
N LEU H 276 -53.27 -21.52 0.64
CA LEU H 276 -54.61 -22.07 0.61
C LEU H 276 -55.05 -22.49 2.02
N HIS H 277 -56.36 -22.54 2.21
CA HIS H 277 -56.92 -22.94 3.51
C HIS H 277 -58.17 -23.79 3.33
N CYS H 285 -68.09 -12.72 3.90
CA CYS H 285 -68.55 -12.32 2.58
C CYS H 285 -67.36 -11.99 1.66
N ILE H 286 -67.45 -12.48 0.41
CA ILE H 286 -66.36 -12.23 -0.54
C ILE H 286 -66.30 -10.75 -0.90
N LYS H 287 -67.46 -10.08 -0.96
CA LYS H 287 -67.47 -8.67 -1.31
C LYS H 287 -66.97 -7.78 -0.18
N ASP H 288 -66.89 -8.31 1.04
CA ASP H 288 -66.43 -7.55 2.19
C ASP H 288 -64.91 -7.40 2.20
N ASN H 289 -64.18 -8.38 1.65
CA ASN H 289 -62.72 -8.42 1.76
C ASN H 289 -62.10 -7.15 1.19
N LYS H 290 -61.15 -6.57 1.92
CA LYS H 290 -60.55 -5.30 1.51
C LYS H 290 -59.78 -5.44 0.21
N ILE H 291 -59.07 -6.56 0.03
CA ILE H 291 -58.29 -6.76 -1.19
C ILE H 291 -59.19 -6.76 -2.41
N VAL H 292 -60.39 -7.34 -2.30
CA VAL H 292 -61.33 -7.33 -3.41
C VAL H 292 -61.74 -5.91 -3.75
N LYS H 293 -62.02 -5.09 -2.74
CA LYS H 293 -62.43 -3.71 -2.98
C LYS H 293 -61.32 -2.91 -3.64
N LEU H 294 -60.07 -3.13 -3.20
CA LEU H 294 -58.95 -2.38 -3.75
C LEU H 294 -58.78 -2.63 -5.24
N LEU H 295 -58.80 -3.91 -5.65
CA LEU H 295 -58.57 -4.24 -7.05
C LEU H 295 -59.70 -3.74 -7.94
N LEU H 296 -60.91 -3.63 -7.39
CA LEU H 296 -62.02 -3.07 -8.16
C LEU H 296 -61.78 -1.61 -8.50
N CYS H 297 -61.26 -0.83 -7.53
CA CYS H 297 -61.00 0.58 -7.77
C CYS H 297 -59.89 0.78 -8.80
N GLN H 298 -58.99 -0.20 -8.92
CA GLN H 298 -57.84 -0.07 -9.82
C GLN H 298 -58.08 -0.69 -11.19
N ASN H 299 -59.32 -0.99 -11.56
CA ASN H 299 -59.64 -1.49 -12.91
C ASN H 299 -58.93 -2.80 -13.19
N TYR H 300 -58.99 -3.73 -12.23
CA TYR H 300 -58.42 -5.07 -12.39
C TYR H 300 -59.39 -6.11 -11.87
N ASP H 301 -59.36 -7.29 -12.48
CA ASP H 301 -60.26 -8.39 -12.12
C ASP H 301 -59.69 -9.13 -10.91
N PRO H 302 -60.35 -9.06 -9.75
CA PRO H 302 -59.84 -9.79 -8.58
C PRO H 302 -59.74 -11.29 -8.80
N LEU H 303 -60.63 -11.87 -9.60
CA LEU H 303 -60.58 -13.30 -9.86
C LEU H 303 -59.35 -13.68 -10.69
N LEU H 304 -59.05 -12.89 -11.72
CA LEU H 304 -57.92 -13.22 -12.59
C LEU H 304 -56.59 -12.95 -11.90
N VAL H 305 -56.50 -11.86 -11.14
CA VAL H 305 -55.26 -11.53 -10.44
C VAL H 305 -54.94 -12.58 -9.39
N GLY H 306 -55.95 -12.99 -8.62
CA GLY H 306 -55.73 -13.97 -7.57
C GLY H 306 -55.23 -15.30 -8.10
N GLN H 307 -55.78 -15.75 -9.22
CA GLN H 307 -55.36 -17.03 -9.79
C GLN H 307 -53.96 -16.95 -10.38
N HIS H 308 -53.55 -15.77 -10.86
CA HIS H 308 -52.20 -15.61 -11.37
C HIS H 308 -51.17 -15.72 -10.26
N VAL H 309 -51.49 -15.18 -9.08
CA VAL H 309 -50.55 -15.23 -7.96
C VAL H 309 -50.26 -16.67 -7.56
N LEU H 310 -51.30 -17.50 -7.53
CA LEU H 310 -51.12 -18.90 -7.15
C LEU H 310 -50.18 -19.65 -8.09
N LYS H 311 -50.03 -19.18 -9.33
CA LYS H 311 -49.11 -19.84 -10.26
C LYS H 311 -47.75 -19.16 -10.28
N TRP H 312 -47.71 -17.86 -9.97
CA TRP H 312 -46.44 -17.15 -9.94
C TRP H 312 -45.60 -17.53 -8.73
N ILE H 313 -46.24 -17.71 -7.59
CA ILE H 313 -45.51 -18.09 -6.37
C ILE H 313 -44.95 -19.50 -6.50
N ASP H 314 -45.58 -20.34 -7.33
CA ASP H 314 -45.12 -21.70 -7.56
C ASP H 314 -44.18 -21.81 -8.75
N LYS H 315 -43.59 -20.71 -9.19
CA LYS H 315 -42.63 -20.62 -10.29
C LYS H 315 -43.07 -21.42 -11.53
N LYS H 316 -44.37 -21.47 -11.80
CA LYS H 316 -44.86 -22.16 -12.99
C LYS H 316 -45.09 -21.23 -14.16
N CYS H 317 -44.86 -19.92 -13.99
CA CYS H 317 -45.07 -18.95 -15.06
C CYS H 317 -43.93 -18.91 -16.07
N GLY H 318 -42.99 -19.86 -16.01
CA GLY H 318 -41.91 -19.86 -16.98
C GLY H 318 -40.95 -18.70 -16.77
N LYS H 319 -40.67 -17.97 -17.85
CA LYS H 319 -39.69 -16.89 -17.78
C LYS H 319 -40.19 -15.71 -16.98
N LYS H 320 -41.48 -15.39 -17.07
CA LYS H 320 -42.05 -14.22 -16.39
C LYS H 320 -42.19 -14.53 -14.90
N ASN H 321 -41.14 -14.19 -14.16
CA ASN H 321 -41.06 -14.49 -12.74
C ASN H 321 -41.26 -13.28 -11.84
N THR H 322 -41.46 -12.09 -12.41
CA THR H 322 -41.46 -10.85 -11.64
C THR H 322 -42.79 -10.13 -11.80
N LEU H 323 -43.29 -9.60 -10.68
CA LEU H 323 -44.44 -8.70 -10.68
C LEU H 323 -43.94 -7.28 -10.42
N TRP H 324 -44.69 -6.29 -10.89
CA TRP H 324 -44.34 -4.89 -10.72
C TRP H 324 -45.59 -4.09 -10.41
N PHE H 325 -45.54 -3.27 -9.37
CA PHE H 325 -46.60 -2.34 -9.03
C PHE H 325 -46.13 -0.93 -9.40
N TYR H 326 -46.96 -0.23 -10.16
CA TYR H 326 -46.60 1.07 -10.72
C TYR H 326 -47.72 2.08 -10.45
N GLY H 327 -47.33 3.32 -10.17
CA GLY H 327 -48.29 4.38 -9.98
C GLY H 327 -47.85 5.43 -8.97
N PRO H 328 -48.70 6.43 -8.75
CA PRO H 328 -48.38 7.50 -7.80
C PRO H 328 -48.30 6.95 -6.39
N PRO H 329 -47.72 7.72 -5.45
CA PRO H 329 -47.65 7.25 -4.06
C PRO H 329 -49.01 7.29 -3.38
N SER H 330 -49.05 6.65 -2.21
CA SER H 330 -50.23 6.58 -1.36
C SER H 330 -51.42 5.88 -2.04
N THR H 331 -51.15 5.00 -3.00
CA THR H 331 -52.18 4.19 -3.62
C THR H 331 -52.20 2.76 -3.09
N GLY H 332 -51.37 2.44 -2.10
CA GLY H 332 -51.35 1.13 -1.50
C GLY H 332 -50.48 0.10 -2.18
N LYS H 333 -49.50 0.52 -2.98
CA LYS H 333 -48.64 -0.43 -3.68
C LYS H 333 -47.82 -1.26 -2.69
N THR H 334 -47.27 -0.60 -1.66
CA THR H 334 -46.43 -1.31 -0.71
C THR H 334 -47.27 -2.13 0.27
N ASN H 335 -48.48 -1.66 0.59
CA ASN H 335 -49.33 -2.35 1.54
C ASN H 335 -49.70 -3.75 1.05
N LEU H 336 -50.05 -3.86 -0.24
CA LEU H 336 -50.40 -5.16 -0.80
C LEU H 336 -49.18 -6.07 -0.86
N ALA H 337 -48.01 -5.50 -1.15
CA ALA H 337 -46.79 -6.31 -1.22
C ALA H 337 -46.46 -6.94 0.12
N MET H 338 -46.59 -6.18 1.20
CA MET H 338 -46.30 -6.72 2.52
C MET H 338 -47.27 -7.83 2.89
N ALA H 339 -48.56 -7.68 2.56
CA ALA H 339 -49.54 -8.69 2.92
C ALA H 339 -49.22 -10.03 2.25
N ILE H 340 -48.84 -10.00 0.98
CA ILE H 340 -48.45 -11.24 0.29
C ILE H 340 -47.16 -11.78 0.90
N ALA H 341 -46.18 -10.90 1.13
CA ALA H 341 -44.88 -11.35 1.61
C ALA H 341 -44.96 -11.89 3.03
N LYS H 342 -45.81 -11.30 3.87
CA LYS H 342 -45.92 -11.76 5.25
C LYS H 342 -46.57 -13.14 5.35
N SER H 343 -47.37 -13.53 4.36
CA SER H 343 -48.08 -14.81 4.42
C SER H 343 -47.17 -16.00 4.18
N VAL H 344 -46.20 -15.90 3.28
CA VAL H 344 -45.28 -17.00 3.01
C VAL H 344 -44.35 -17.16 4.20
N PRO H 345 -43.75 -18.34 4.42
CA PRO H 345 -42.90 -18.54 5.61
C PRO H 345 -41.74 -17.57 5.71
N VAL H 346 -40.89 -17.51 4.69
CA VAL H 346 -39.68 -16.70 4.73
C VAL H 346 -39.65 -15.82 3.49
N TYR H 347 -39.18 -14.58 3.66
CA TYR H 347 -39.00 -13.65 2.55
C TYR H 347 -37.81 -12.76 2.83
N GLY H 348 -37.27 -12.16 1.76
CA GLY H 348 -36.11 -11.29 1.85
C GLY H 348 -36.36 -9.97 1.15
N MET H 349 -35.72 -8.91 1.65
CA MET H 349 -35.83 -7.58 1.09
C MET H 349 -34.47 -7.19 0.50
N VAL H 350 -34.47 -6.72 -0.75
CA VAL H 350 -33.23 -6.28 -1.38
C VAL H 350 -32.65 -5.09 -0.64
N ASN H 351 -33.50 -4.26 -0.04
CA ASN H 351 -33.03 -3.09 0.70
C ASN H 351 -32.15 -3.46 1.88
N TRP H 352 -32.32 -4.66 2.43
CA TRP H 352 -31.50 -5.09 3.56
C TRP H 352 -30.06 -5.33 3.15
N ASN H 353 -29.87 -5.93 1.97
CA ASN H 353 -28.54 -6.29 1.52
C ASN H 353 -27.70 -5.05 1.21
N ASN H 354 -26.39 -5.25 1.12
CA ASN H 354 -25.49 -4.15 0.82
C ASN H 354 -25.66 -3.69 -0.62
N GLU H 355 -25.23 -2.46 -0.89
CA GLU H 355 -25.45 -1.85 -2.20
C GLU H 355 -24.71 -2.60 -3.30
N ASN H 356 -23.47 -2.99 -3.03
CA ASN H 356 -22.64 -3.62 -4.04
C ASN H 356 -23.02 -5.07 -4.35
N PHE H 357 -23.67 -5.75 -3.42
CA PHE H 357 -24.11 -7.13 -3.63
C PHE H 357 -25.56 -7.28 -3.18
N PRO H 358 -26.49 -6.64 -3.90
CA PRO H 358 -27.89 -6.67 -3.44
C PRO H 358 -28.53 -8.04 -3.53
N PHE H 359 -28.03 -8.92 -4.39
CA PHE H 359 -28.65 -10.22 -4.63
C PHE H 359 -27.93 -11.36 -3.92
N ASN H 360 -27.38 -11.12 -2.74
CA ASN H 360 -26.84 -12.22 -1.94
C ASN H 360 -27.98 -12.95 -1.24
N ASP H 361 -27.61 -14.05 -0.57
CA ASP H 361 -28.49 -14.88 0.29
C ASP H 361 -29.89 -15.05 -0.29
N VAL H 362 -29.99 -15.11 -1.62
CA VAL H 362 -31.30 -15.30 -2.25
C VAL H 362 -31.81 -16.71 -2.02
N ALA H 363 -30.94 -17.72 -2.08
CA ALA H 363 -31.38 -19.09 -1.94
C ALA H 363 -31.97 -19.35 -0.55
N GLY H 364 -32.90 -20.29 -0.48
CA GLY H 364 -33.57 -20.59 0.76
C GLY H 364 -34.63 -19.60 1.16
N LYS H 365 -35.13 -18.81 0.22
CA LYS H 365 -36.16 -17.81 0.48
C LYS H 365 -37.34 -18.04 -0.46
N SER H 366 -38.55 -17.91 0.10
CA SER H 366 -39.75 -18.15 -0.70
C SER H 366 -40.04 -17.00 -1.66
N LEU H 367 -39.78 -15.77 -1.24
CA LEU H 367 -40.14 -14.60 -2.03
C LEU H 367 -39.18 -13.47 -1.72
N VAL H 368 -38.88 -12.65 -2.73
CA VAL H 368 -37.99 -11.50 -2.58
C VAL H 368 -38.80 -10.24 -2.87
N VAL H 369 -38.74 -9.28 -1.95
CA VAL H 369 -39.45 -8.02 -2.08
C VAL H 369 -38.43 -6.91 -2.32
N TRP H 370 -38.79 -5.95 -3.17
CA TRP H 370 -37.89 -4.87 -3.55
C TRP H 370 -38.72 -3.61 -3.68
N ASP H 371 -38.52 -2.65 -2.78
CA ASP H 371 -39.32 -1.44 -2.71
C ASP H 371 -38.62 -0.28 -3.43
N GLU H 372 -39.39 0.44 -4.24
CA GLU H 372 -38.91 1.53 -5.10
C GLU H 372 -37.51 1.26 -5.66
N GLY H 373 -37.31 0.06 -6.21
CA GLY H 373 -36.00 -0.31 -6.71
C GLY H 373 -35.64 0.45 -7.98
N ILE H 374 -34.35 0.73 -8.12
CA ILE H 374 -33.79 1.35 -9.32
C ILE H 374 -32.59 0.52 -9.75
N ILE H 375 -32.55 0.16 -11.03
CA ILE H 375 -31.49 -0.71 -11.55
C ILE H 375 -30.32 0.15 -12.00
N LYS H 376 -29.12 -0.18 -11.52
CA LYS H 376 -27.91 0.48 -11.96
C LYS H 376 -27.22 -0.35 -13.04
N SER H 377 -26.43 0.34 -13.88
CA SER H 377 -25.74 -0.35 -14.96
C SER H 377 -24.68 -1.32 -14.47
N THR H 378 -24.16 -1.12 -13.26
CA THR H 378 -23.17 -2.05 -12.73
C THR H 378 -23.78 -3.41 -12.43
N ILE H 379 -25.00 -3.45 -11.89
CA ILE H 379 -25.66 -4.69 -11.50
C ILE H 379 -26.76 -5.10 -12.45
N VAL H 380 -26.85 -4.51 -13.63
CA VAL H 380 -27.95 -4.82 -14.55
C VAL H 380 -27.92 -6.29 -14.97
N GLU H 381 -26.73 -6.83 -15.23
CA GLU H 381 -26.63 -8.22 -15.66
C GLU H 381 -27.03 -9.20 -14.57
N ALA H 382 -26.67 -8.95 -13.32
CA ALA H 382 -27.08 -9.83 -12.22
C ALA H 382 -28.59 -9.77 -12.01
N ALA H 383 -29.19 -8.60 -12.18
CA ALA H 383 -30.63 -8.46 -12.02
C ALA H 383 -31.37 -9.27 -13.08
N LYS H 384 -30.87 -9.26 -14.32
CA LYS H 384 -31.51 -10.01 -15.39
C LYS H 384 -31.60 -11.50 -15.08
N ALA H 385 -30.61 -12.04 -14.38
CA ALA H 385 -30.63 -13.47 -14.07
C ALA H 385 -31.70 -13.80 -13.04
N ILE H 386 -31.79 -13.00 -11.97
CA ILE H 386 -32.69 -13.34 -10.88
C ILE H 386 -34.13 -12.94 -11.22
N LEU H 387 -34.31 -11.86 -11.98
CA LEU H 387 -35.66 -11.45 -12.35
C LEU H 387 -36.33 -12.46 -13.27
N GLY H 388 -35.57 -13.17 -14.10
CA GLY H 388 -36.12 -14.17 -14.98
C GLY H 388 -36.20 -15.56 -14.40
N GLY H 389 -35.92 -15.72 -13.11
CA GLY H 389 -35.99 -17.04 -12.50
C GLY H 389 -34.83 -17.94 -12.81
N GLN H 390 -33.79 -17.42 -13.46
CA GLN H 390 -32.61 -18.22 -13.76
C GLN H 390 -31.85 -18.55 -12.47
N PRO H 391 -31.25 -19.73 -12.40
CA PRO H 391 -30.47 -20.08 -11.21
C PRO H 391 -29.24 -19.19 -11.07
N THR H 392 -28.87 -18.89 -9.83
CA THR H 392 -27.68 -18.09 -9.57
C THR H 392 -26.43 -18.88 -9.93
N ARG H 393 -25.37 -18.15 -10.29
CA ARG H 393 -24.13 -18.79 -10.71
C ARG H 393 -23.51 -19.65 -9.62
N VAL H 394 -23.48 -19.18 -8.38
CA VAL H 394 -22.86 -19.93 -7.30
C VAL H 394 -23.63 -21.23 -7.04
N ASP H 395 -24.96 -21.16 -7.00
CA ASP H 395 -25.70 -22.41 -6.64
C ASP H 395 -25.56 -23.42 -7.79
N GLN H 396 -25.52 -22.92 -9.02
CA GLN H 396 -25.48 -23.85 -10.17
C GLN H 396 -24.31 -24.83 -9.94
N LYS H 397 -23.23 -24.35 -9.34
CA LYS H 397 -22.06 -25.23 -9.11
C LYS H 397 -22.16 -25.83 -7.71
N MET H 398 -22.18 -24.96 -6.69
CA MET H 398 -22.19 -25.50 -5.31
C MET H 398 -23.14 -26.71 -5.27
N ARG H 399 -24.37 -26.53 -5.70
CA ARG H 399 -25.35 -27.65 -5.70
C ARG H 399 -24.85 -28.75 -6.65
N GLY H 400 -24.36 -28.37 -7.83
CA GLY H 400 -23.98 -29.40 -8.81
C GLY H 400 -25.12 -29.71 -9.75
N SER H 401 -25.80 -28.68 -10.23
CA SER H 401 -26.93 -28.87 -11.17
C SER H 401 -27.27 -27.55 -11.83
N VAL H 402 -27.56 -27.58 -13.14
CA VAL H 402 -27.97 -26.35 -13.86
C VAL H 402 -29.48 -26.14 -13.70
N ALA H 403 -30.11 -26.81 -12.73
CA ALA H 403 -31.59 -26.69 -12.62
C ALA H 403 -31.98 -26.13 -11.25
N VAL H 404 -31.02 -25.61 -10.49
CA VAL H 404 -31.40 -24.94 -9.21
C VAL H 404 -32.59 -24.03 -9.54
N PRO H 405 -33.70 -24.03 -8.78
CA PRO H 405 -34.81 -23.13 -9.10
C PRO H 405 -34.52 -21.69 -8.73
N GLY H 406 -35.48 -20.80 -8.98
CA GLY H 406 -35.29 -19.41 -8.66
C GLY H 406 -36.37 -18.94 -7.70
N VAL H 407 -36.21 -17.71 -7.24
CA VAL H 407 -37.13 -17.15 -6.25
C VAL H 407 -38.01 -16.09 -6.92
N PRO H 408 -39.32 -16.12 -6.71
CA PRO H 408 -40.18 -15.06 -7.24
C PRO H 408 -39.80 -13.71 -6.65
N VAL H 409 -39.93 -12.67 -7.48
CA VAL H 409 -39.56 -11.31 -7.11
C VAL H 409 -40.76 -10.41 -7.32
N VAL H 410 -41.05 -9.57 -6.32
CA VAL H 410 -42.09 -8.55 -6.41
C VAL H 410 -41.44 -7.19 -6.24
N ILE H 411 -41.82 -6.24 -7.10
CA ILE H 411 -41.21 -4.92 -7.14
C ILE H 411 -42.30 -3.86 -7.10
N THR H 412 -42.11 -2.86 -6.25
CA THR H 412 -42.92 -1.65 -6.25
C THR H 412 -42.04 -0.48 -6.66
N SER H 413 -42.65 0.53 -7.30
CA SER H 413 -41.88 1.67 -7.78
C SER H 413 -42.80 2.85 -8.00
N ASN H 414 -42.20 4.05 -8.04
CA ASN H 414 -42.94 5.26 -8.39
C ASN H 414 -42.74 5.65 -9.85
N GLY H 415 -41.60 5.29 -10.44
CA GLY H 415 -41.32 5.56 -11.83
C GLY H 415 -40.96 4.29 -12.58
N ASP H 416 -40.74 4.45 -13.89
CA ASP H 416 -40.41 3.32 -14.73
C ASP H 416 -39.04 2.79 -14.36
N ILE H 417 -38.93 1.46 -14.20
CA ILE H 417 -37.65 0.85 -13.85
C ILE H 417 -36.95 0.21 -15.03
N THR H 418 -37.56 0.21 -16.21
CA THR H 418 -36.90 -0.30 -17.40
C THR H 418 -35.77 0.60 -17.88
N PHE H 419 -35.67 1.81 -17.34
CA PHE H 419 -34.60 2.73 -17.70
C PHE H 419 -33.42 2.52 -16.78
N VAL H 420 -32.36 1.90 -17.30
CA VAL H 420 -31.18 1.60 -16.51
C VAL H 420 -30.39 2.88 -16.26
N VAL H 421 -29.95 3.07 -15.01
CA VAL H 421 -29.14 4.23 -14.67
C VAL H 421 -27.67 3.89 -14.90
N SER H 422 -27.00 4.69 -15.74
CA SER H 422 -25.59 4.52 -16.03
C SER H 422 -24.89 5.86 -15.88
N GLY H 423 -23.90 5.93 -15.00
CA GLY H 423 -23.26 7.19 -14.72
C GLY H 423 -24.27 8.19 -14.18
N ASN H 424 -24.32 9.36 -14.81
CA ASN H 424 -25.32 10.38 -14.50
C ASN H 424 -26.24 10.62 -15.70
N THR H 425 -26.59 9.55 -16.40
CA THR H 425 -27.47 9.65 -17.57
C THR H 425 -28.33 8.40 -17.65
N THR H 426 -29.46 8.53 -18.33
CA THR H 426 -30.40 7.42 -18.48
C THR H 426 -30.24 6.78 -19.85
N THR H 427 -30.24 5.44 -19.86
CA THR H 427 -30.10 4.66 -21.08
C THR H 427 -31.27 3.70 -21.22
N THR H 428 -31.60 3.34 -22.46
CA THR H 428 -32.70 2.45 -22.76
C THR H 428 -32.28 1.17 -23.48
N VAL H 429 -31.01 0.79 -23.38
CA VAL H 429 -30.54 -0.41 -24.09
C VAL H 429 -31.21 -1.66 -23.55
N HIS H 430 -31.35 -1.76 -22.22
CA HIS H 430 -31.85 -2.98 -21.60
C HIS H 430 -33.36 -2.99 -21.42
N ALA H 431 -34.09 -2.05 -22.01
CA ALA H 431 -35.53 -2.01 -21.84
C ALA H 431 -36.20 -3.23 -22.47
N LYS H 432 -35.63 -3.74 -23.56
CA LYS H 432 -36.24 -4.88 -24.24
C LYS H 432 -36.19 -6.13 -23.38
N ALA H 433 -35.01 -6.44 -22.83
CA ALA H 433 -34.86 -7.68 -22.06
C ALA H 433 -35.68 -7.65 -20.77
N LEU H 434 -35.76 -6.50 -20.11
CA LEU H 434 -36.51 -6.42 -18.86
C LEU H 434 -38.00 -6.65 -19.08
N LYS H 435 -38.54 -6.19 -20.21
CA LYS H 435 -39.95 -6.38 -20.49
C LYS H 435 -40.32 -7.85 -20.65
N GLU H 436 -39.37 -8.69 -21.07
CA GLU H 436 -39.67 -10.10 -21.28
C GLU H 436 -39.90 -10.82 -19.96
N ARG H 437 -39.25 -10.38 -18.88
CA ARG H 437 -39.26 -11.10 -17.62
C ARG H 437 -40.21 -10.50 -16.59
N MET H 438 -41.07 -9.57 -16.98
CA MET H 438 -41.83 -8.79 -16.01
C MET H 438 -43.28 -8.67 -16.41
N VAL H 439 -44.12 -8.40 -15.40
CA VAL H 439 -45.54 -8.13 -15.58
C VAL H 439 -45.88 -6.90 -14.73
N LYS H 440 -46.62 -5.96 -15.32
CA LYS H 440 -46.85 -4.66 -14.71
C LYS H 440 -48.31 -4.48 -14.34
N LEU H 441 -48.55 -3.94 -13.14
CA LEU H 441 -49.87 -3.52 -12.70
C LEU H 441 -49.82 -2.03 -12.33
N ASN H 442 -50.86 -1.30 -12.70
CA ASN H 442 -50.88 0.16 -12.59
C ASN H 442 -51.86 0.57 -11.49
N PHE H 443 -51.31 0.91 -10.31
CA PHE H 443 -52.12 1.40 -9.19
C PHE H 443 -52.33 2.90 -9.35
N THR H 444 -53.11 3.25 -10.37
CA THR H 444 -53.29 4.66 -10.75
C THR H 444 -54.24 5.39 -9.80
N VAL H 445 -55.25 4.72 -9.25
CA VAL H 445 -56.29 5.38 -8.47
C VAL H 445 -55.83 5.42 -7.02
N ARG H 446 -55.85 6.61 -6.42
CA ARG H 446 -55.50 6.76 -5.01
C ARG H 446 -56.60 6.19 -4.13
N CYS H 447 -56.20 5.58 -3.02
CA CYS H 447 -57.14 5.02 -2.06
C CYS H 447 -57.27 5.94 -0.84
N SER H 448 -58.37 5.75 -0.11
CA SER H 448 -58.62 6.57 1.07
C SER H 448 -57.64 6.21 2.19
N PRO H 449 -57.26 7.18 3.03
CA PRO H 449 -56.33 6.88 4.13
C PRO H 449 -57.02 6.24 5.32
N ASP H 450 -57.83 5.21 5.08
CA ASP H 450 -58.52 4.50 6.16
C ASP H 450 -58.49 2.99 5.96
N MET H 451 -57.81 2.50 4.94
CA MET H 451 -57.78 1.06 4.66
C MET H 451 -57.04 0.29 5.76
N GLY H 452 -56.00 0.89 6.34
CA GLY H 452 -55.25 0.22 7.37
C GLY H 452 -54.36 -0.88 6.82
N LEU H 453 -53.77 -1.63 7.74
CA LEU H 453 -52.85 -2.70 7.38
C LEU H 453 -53.63 -3.92 6.92
N LEU H 454 -53.31 -4.41 5.73
CA LEU H 454 -53.92 -5.65 5.25
C LEU H 454 -53.38 -6.84 6.05
N THR H 455 -54.25 -7.80 6.32
CA THR H 455 -53.93 -8.92 7.19
C THR H 455 -53.89 -10.21 6.38
N GLU H 456 -53.28 -11.23 6.97
CA GLU H 456 -53.10 -12.50 6.27
C GLU H 456 -54.43 -13.21 6.05
N ALA H 457 -55.36 -13.09 6.98
CA ALA H 457 -56.68 -13.69 6.79
C ALA H 457 -57.37 -13.14 5.55
N ASP H 458 -57.20 -11.84 5.29
CA ASP H 458 -57.73 -11.27 4.06
C ASP H 458 -57.07 -11.88 2.83
N VAL H 459 -55.75 -12.11 2.89
CA VAL H 459 -55.04 -12.69 1.76
C VAL H 459 -55.50 -14.13 1.53
N GLN H 460 -55.54 -14.93 2.59
CA GLN H 460 -55.92 -16.34 2.44
C GLN H 460 -57.36 -16.49 1.99
N GLN H 461 -58.26 -15.66 2.52
CA GLN H 461 -59.65 -15.69 2.07
C GLN H 461 -59.74 -15.34 0.59
N TRP H 462 -59.00 -14.32 0.17
CA TRP H 462 -59.01 -13.91 -1.24
C TRP H 462 -58.48 -15.02 -2.13
N LEU H 463 -57.37 -15.65 -1.73
CA LEU H 463 -56.75 -16.68 -2.57
C LEU H 463 -57.55 -17.98 -2.56
N THR H 464 -58.19 -18.31 -1.43
CA THR H 464 -58.97 -19.54 -1.36
C THR H 464 -60.17 -19.49 -2.31
N TRP H 465 -60.88 -18.36 -2.33
CA TRP H 465 -62.04 -18.24 -3.20
C TRP H 465 -61.63 -18.31 -4.67
N CYS H 466 -60.52 -17.67 -5.02
CA CYS H 466 -60.08 -17.65 -6.42
C CYS H 466 -59.74 -19.04 -6.93
N ASN H 467 -59.15 -19.88 -6.08
CA ASN H 467 -58.84 -21.25 -6.50
C ASN H 467 -60.11 -22.09 -6.61
N ALA H 468 -61.19 -21.67 -5.96
CA ALA H 468 -62.43 -22.45 -5.95
C ALA H 468 -63.30 -22.21 -7.17
N GLN H 469 -62.94 -21.26 -8.03
CA GLN H 469 -63.74 -20.97 -9.21
C GLN H 469 -63.19 -21.72 -10.42
N SER H 470 -63.78 -21.43 -11.59
CA SER H 470 -63.33 -22.07 -12.82
C SER H 470 -61.90 -21.66 -13.13
N TRP H 471 -61.18 -22.56 -13.81
CA TRP H 471 -59.78 -22.32 -14.12
C TRP H 471 -59.52 -22.07 -15.60
N ASP H 472 -60.49 -22.41 -16.46
CA ASP H 472 -60.27 -22.37 -17.90
C ASP H 472 -60.02 -20.95 -18.39
N HIS H 473 -60.53 -19.95 -17.67
CA HIS H 473 -60.36 -18.56 -18.08
C HIS H 473 -58.88 -18.19 -18.18
N TYR H 474 -58.07 -18.62 -17.21
CA TYR H 474 -56.70 -18.14 -17.07
C TYR H 474 -55.81 -18.55 -18.25
N GLU H 475 -55.94 -19.80 -18.72
CA GLU H 475 -55.05 -20.27 -19.77
C GLU H 475 -55.21 -19.52 -21.08
N ASN H 476 -56.34 -18.86 -21.30
CA ASN H 476 -56.49 -18.05 -22.51
C ASN H 476 -55.43 -16.96 -22.57
N TRP H 477 -55.24 -16.24 -21.46
CA TRP H 477 -54.15 -15.27 -21.39
C TRP H 477 -52.79 -15.94 -21.22
N ALA H 478 -52.78 -17.16 -20.67
CA ALA H 478 -51.52 -17.82 -20.34
C ALA H 478 -50.80 -18.40 -21.54
N ILE H 479 -51.47 -18.55 -22.68
CA ILE H 479 -50.78 -19.06 -23.87
C ILE H 479 -49.67 -18.10 -24.28
N ASN H 480 -49.95 -16.80 -24.24
CA ASN H 480 -48.93 -15.78 -24.50
C ASN H 480 -49.18 -14.62 -23.55
N TYR H 481 -48.40 -14.54 -22.48
CA TYR H 481 -48.59 -13.50 -21.49
C TYR H 481 -48.28 -12.13 -22.07
N THR H 482 -49.13 -11.16 -21.75
CA THR H 482 -48.90 -9.78 -22.14
C THR H 482 -48.10 -9.05 -21.06
N PHE H 483 -47.22 -8.15 -21.50
CA PHE H 483 -46.43 -7.38 -20.56
C PHE H 483 -47.32 -6.59 -19.61
N ASP H 484 -48.39 -6.00 -20.14
CA ASP H 484 -49.38 -5.33 -19.30
C ASP H 484 -50.46 -6.30 -18.88
N PHE H 485 -51.12 -5.98 -17.77
CA PHE H 485 -52.19 -6.85 -17.28
C PHE H 485 -53.53 -6.34 -17.78
N PRO H 486 -54.40 -7.22 -18.29
CA PRO H 486 -55.69 -6.76 -18.82
C PRO H 486 -56.57 -6.16 -17.73
N GLY H 487 -57.38 -5.18 -18.14
CA GLY H 487 -58.25 -4.50 -17.19
C GLY H 487 -59.54 -5.25 -16.94
N ILE H 488 -60.46 -4.56 -16.26
CA ILE H 488 -61.74 -5.17 -15.92
C ILE H 488 -62.56 -5.39 -17.17
N ASN H 489 -63.01 -6.63 -17.36
CA ASN H 489 -63.95 -6.99 -18.42
C ASN H 489 -65.29 -7.26 -17.75
N ALA H 490 -66.20 -6.27 -17.84
CA ALA H 490 -67.48 -6.36 -17.15
C ALA H 490 -68.33 -7.53 -17.64
N ASP H 491 -68.07 -8.04 -18.85
CA ASP H 491 -68.82 -9.19 -19.34
C ASP H 491 -68.39 -10.49 -18.65
N ALA H 492 -67.09 -10.66 -18.41
CA ALA H 492 -66.59 -11.90 -17.84
C ALA H 492 -66.41 -11.84 -16.33
N LEU H 493 -66.79 -10.73 -15.69
CA LEU H 493 -66.65 -10.62 -14.24
C LEU H 493 -67.54 -11.64 -13.54
N HIS H 494 -67.06 -12.16 -12.42
CA HIS H 494 -67.80 -13.18 -11.69
C HIS H 494 -69.09 -12.58 -11.14
N PRO H 495 -70.21 -13.32 -11.18
CA PRO H 495 -71.49 -12.76 -10.73
C PRO H 495 -71.49 -12.30 -9.28
N ASP H 496 -70.78 -13.00 -8.39
CA ASP H 496 -70.78 -12.64 -6.98
C ASP H 496 -70.06 -11.31 -6.72
N LEU H 497 -69.27 -10.83 -7.67
CA LEU H 497 -68.53 -9.59 -7.51
C LEU H 497 -69.16 -8.42 -8.24
N GLN H 498 -70.07 -8.67 -9.17
CA GLN H 498 -70.72 -7.61 -9.93
C GLN H 498 -71.63 -6.77 -9.05
N VAL I 201 -2.18 -58.82 -2.19
CA VAL I 201 -1.89 -58.40 -0.82
C VAL I 201 -3.07 -58.70 0.09
N VAL I 202 -2.82 -59.48 1.14
CA VAL I 202 -3.86 -59.85 2.10
C VAL I 202 -4.36 -58.60 2.81
N PRO I 203 -5.67 -58.37 2.85
CA PRO I 203 -6.20 -57.22 3.59
C PRO I 203 -6.01 -57.40 5.09
N PHE I 204 -6.09 -56.28 5.80
CA PHE I 204 -5.95 -56.30 7.25
C PHE I 204 -7.11 -57.08 7.87
N ASN I 205 -6.78 -57.91 8.87
CA ASN I 205 -7.77 -58.79 9.49
C ASN I 205 -8.43 -58.12 10.68
N GLY I 206 -9.02 -56.95 10.42
CA GLY I 206 -9.77 -56.23 11.43
C GLY I 206 -11.12 -56.86 11.68
N LYS I 207 -11.81 -56.33 12.68
CA LYS I 207 -13.14 -56.81 13.07
C LYS I 207 -14.07 -55.62 13.20
N GLY I 208 -15.10 -55.58 12.37
CA GLY I 208 -16.06 -54.49 12.39
C GLY I 208 -17.08 -54.58 13.50
N THR I 209 -17.26 -53.48 14.22
CA THR I 209 -18.32 -53.42 15.23
C THR I 209 -19.69 -53.34 14.56
N LYS I 210 -20.73 -53.47 15.37
CA LYS I 210 -22.10 -53.43 14.89
C LYS I 210 -22.41 -52.12 14.19
N ALA I 211 -21.93 -51.01 14.76
CA ALA I 211 -22.23 -49.69 14.20
C ALA I 211 -21.49 -49.46 12.88
N SER I 212 -20.27 -50.00 12.75
CA SER I 212 -19.48 -49.77 11.55
C SER I 212 -20.11 -50.41 10.32
N ILE I 213 -20.70 -51.60 10.47
CA ILE I 213 -21.36 -52.25 9.36
C ILE I 213 -22.54 -51.42 8.86
N LYS I 214 -23.23 -50.72 9.75
CA LYS I 214 -24.27 -49.79 9.32
C LYS I 214 -23.67 -48.72 8.40
N PHE I 215 -22.51 -48.17 8.77
CA PHE I 215 -21.87 -47.16 7.95
C PHE I 215 -21.48 -47.71 6.59
N GLN I 216 -20.92 -48.93 6.55
CA GLN I 216 -20.52 -49.50 5.27
C GLN I 216 -21.72 -49.75 4.38
N THR I 217 -22.81 -50.30 4.94
CA THR I 217 -24.02 -50.51 4.15
C THR I 217 -24.59 -49.19 3.67
N MET I 218 -24.53 -48.15 4.50
CA MET I 218 -25.01 -46.84 4.09
C MET I 218 -24.19 -46.27 2.95
N VAL I 219 -22.87 -46.46 2.99
CA VAL I 219 -22.02 -46.02 1.89
C VAL I 219 -22.36 -46.77 0.62
N ASN I 220 -22.58 -48.08 0.71
CA ASN I 220 -22.98 -48.85 -0.47
C ASN I 220 -24.31 -48.36 -1.03
N TRP I 221 -25.27 -48.06 -0.14
CA TRP I 221 -26.58 -47.57 -0.58
C TRP I 221 -26.45 -46.22 -1.26
N LEU I 222 -25.56 -45.35 -0.76
CA LEU I 222 -25.32 -44.07 -1.42
C LEU I 222 -24.78 -44.26 -2.82
N CYS I 223 -23.82 -45.18 -2.99
CA CYS I 223 -23.22 -45.41 -4.30
C CYS I 223 -24.21 -46.01 -5.28
N GLU I 224 -25.04 -46.95 -4.82
CA GLU I 224 -25.93 -47.66 -5.75
C GLU I 224 -27.05 -46.78 -6.27
N ASN I 225 -27.50 -45.80 -5.48
CA ASN I 225 -28.62 -44.95 -5.85
C ASN I 225 -28.20 -43.62 -6.43
N ARG I 226 -26.91 -43.44 -6.74
CA ARG I 226 -26.39 -42.21 -7.33
C ARG I 226 -26.74 -40.98 -6.48
N VAL I 227 -26.61 -41.13 -5.17
CA VAL I 227 -26.82 -40.00 -4.25
C VAL I 227 -25.46 -39.46 -3.84
N PHE I 228 -25.01 -38.40 -4.51
CA PHE I 228 -23.67 -37.88 -4.27
C PHE I 228 -23.66 -36.48 -3.69
N THR I 229 -24.83 -35.89 -3.42
CA THR I 229 -24.89 -34.54 -2.85
C THR I 229 -25.94 -34.51 -1.76
N GLU I 230 -25.80 -33.52 -0.87
CA GLU I 230 -26.78 -33.36 0.20
C GLU I 230 -28.16 -33.03 -0.36
N ASP I 231 -28.21 -32.20 -1.39
CA ASP I 231 -29.48 -31.88 -2.04
C ASP I 231 -30.14 -33.09 -2.66
N LYS I 232 -29.37 -34.00 -3.27
CA LYS I 232 -29.94 -35.23 -3.77
C LYS I 232 -30.45 -36.12 -2.64
N TRP I 233 -29.69 -36.20 -1.54
CA TRP I 233 -30.11 -37.01 -0.40
C TRP I 233 -31.43 -36.50 0.18
N LYS I 234 -31.56 -35.19 0.34
CA LYS I 234 -32.75 -34.63 0.96
C LYS I 234 -34.00 -34.92 0.14
N LEU I 235 -33.88 -34.89 -1.19
CA LEU I 235 -35.01 -35.25 -2.05
C LEU I 235 -35.27 -36.75 -2.02
N VAL I 236 -34.23 -37.57 -2.10
CA VAL I 236 -34.43 -39.02 -2.16
C VAL I 236 -34.91 -39.56 -0.82
N ASP I 237 -34.27 -39.14 0.28
CA ASP I 237 -34.59 -39.70 1.60
C ASP I 237 -34.38 -38.61 2.65
N PHE I 238 -35.50 -38.15 3.22
CA PHE I 238 -35.45 -37.13 4.26
C PHE I 238 -35.40 -37.73 5.66
N ASN I 239 -36.03 -38.88 5.86
CA ASN I 239 -36.09 -39.49 7.18
C ASN I 239 -34.70 -39.87 7.68
N GLN I 240 -33.94 -40.59 6.85
CA GLN I 240 -32.60 -40.98 7.24
C GLN I 240 -31.70 -39.76 7.43
N TYR I 241 -31.86 -38.75 6.60
CA TYR I 241 -31.06 -37.54 6.74
C TYR I 241 -31.33 -36.85 8.07
N THR I 242 -32.60 -36.71 8.45
CA THR I 242 -32.91 -36.11 9.75
C THR I 242 -32.40 -36.95 10.89
N LEU I 243 -32.59 -38.27 10.82
CA LEU I 243 -32.14 -39.16 11.88
C LEU I 243 -30.64 -39.08 12.07
N LEU I 244 -29.89 -38.97 10.97
CA LEU I 244 -28.46 -38.78 11.07
C LEU I 244 -28.11 -37.42 11.66
N SER I 245 -28.72 -36.36 11.14
CA SER I 245 -28.39 -35.02 11.61
C SER I 245 -28.97 -34.71 12.98
N SER I 246 -29.56 -35.71 13.65
CA SER I 246 -30.00 -35.52 15.03
C SER I 246 -28.83 -35.29 16.00
N SER I 247 -27.60 -35.64 15.61
CA SER I 247 -26.47 -35.51 16.53
C SER I 247 -25.18 -35.34 15.74
N HIS I 248 -24.09 -35.11 16.48
CA HIS I 248 -22.78 -34.87 15.87
C HIS I 248 -22.30 -36.09 15.08
N SER I 249 -22.45 -37.28 15.67
CA SER I 249 -21.93 -38.48 15.04
C SER I 249 -22.60 -38.73 13.70
N GLY I 250 -23.90 -38.51 13.61
CA GLY I 250 -24.59 -38.66 12.34
C GLY I 250 -24.10 -37.68 11.29
N SER I 251 -23.86 -36.42 11.69
CA SER I 251 -23.35 -35.44 10.76
C SER I 251 -21.97 -35.83 10.24
N PHE I 252 -21.10 -36.30 11.13
CA PHE I 252 -19.78 -36.75 10.69
C PHE I 252 -19.90 -37.95 9.77
N GLN I 253 -20.82 -38.86 10.07
CA GLN I 253 -21.05 -40.01 9.20
C GLN I 253 -21.50 -39.57 7.82
N ILE I 254 -22.40 -38.59 7.75
CA ILE I 254 -22.83 -38.06 6.45
C ILE I 254 -21.65 -37.49 5.69
N GLN I 255 -20.84 -36.66 6.35
CA GLN I 255 -19.73 -36.00 5.67
C GLN I 255 -18.72 -37.02 5.17
N SER I 256 -18.41 -38.05 5.96
CA SER I 256 -17.45 -39.05 5.51
C SER I 256 -18.04 -39.93 4.42
N ALA I 257 -19.32 -40.31 4.55
CA ALA I 257 -19.94 -41.22 3.60
C ALA I 257 -20.06 -40.59 2.22
N LEU I 258 -20.39 -39.30 2.16
CA LEU I 258 -20.48 -38.64 0.86
C LEU I 258 -19.14 -38.68 0.13
N LYS I 259 -18.05 -38.36 0.84
CA LYS I 259 -16.73 -38.40 0.22
C LYS I 259 -16.36 -39.81 -0.21
N LEU I 260 -16.63 -40.80 0.65
CA LEU I 260 -16.28 -42.17 0.29
C LEU I 260 -17.08 -42.66 -0.91
N ALA I 261 -18.37 -42.33 -0.98
CA ALA I 261 -19.19 -42.72 -2.12
C ALA I 261 -18.70 -42.06 -3.40
N ILE I 262 -18.35 -40.77 -3.32
CA ILE I 262 -17.83 -40.07 -4.50
C ILE I 262 -16.54 -40.73 -4.97
N TYR I 263 -15.64 -41.02 -4.03
CA TYR I 263 -14.37 -41.64 -4.40
C TYR I 263 -14.58 -43.01 -5.03
N LYS I 264 -15.49 -43.81 -4.45
CA LYS I 264 -15.77 -45.12 -5.02
C LYS I 264 -16.35 -45.01 -6.43
N ALA I 265 -17.24 -44.04 -6.65
CA ALA I 265 -17.86 -43.87 -7.95
C ALA I 265 -16.91 -43.34 -9.00
N THR I 266 -15.90 -42.56 -8.62
CA THR I 266 -15.00 -41.99 -9.63
C THR I 266 -13.82 -42.90 -9.95
N ASN I 267 -13.19 -43.50 -8.94
CA ASN I 267 -11.94 -44.23 -9.15
C ASN I 267 -12.11 -45.75 -9.04
N LEU I 268 -12.86 -46.23 -8.05
CA LEU I 268 -12.93 -47.65 -7.79
C LEU I 268 -13.77 -48.42 -8.81
N VAL I 269 -14.60 -47.74 -9.58
CA VAL I 269 -15.44 -48.40 -10.58
C VAL I 269 -15.27 -47.67 -11.92
N PRO I 270 -15.06 -48.38 -13.02
CA PRO I 270 -14.99 -47.71 -14.32
C PRO I 270 -16.28 -46.97 -14.64
N THR I 271 -16.12 -45.81 -15.26
CA THR I 271 -17.28 -44.94 -15.51
C THR I 271 -18.29 -45.58 -16.45
N SER I 272 -17.81 -46.27 -17.50
CA SER I 272 -18.71 -46.84 -18.49
C SER I 272 -19.71 -47.81 -17.87
N THR I 273 -19.34 -48.45 -16.77
CA THR I 273 -20.27 -49.37 -16.10
C THR I 273 -21.55 -48.68 -15.66
N PHE I 274 -21.48 -47.40 -15.29
CA PHE I 274 -22.67 -46.65 -14.92
C PHE I 274 -23.48 -46.19 -16.12
N LEU I 275 -22.92 -46.26 -17.32
CA LEU I 275 -23.67 -45.89 -18.52
C LEU I 275 -24.27 -47.11 -19.21
N LEU I 276 -23.55 -48.23 -19.23
CA LEU I 276 -24.08 -49.45 -19.80
C LEU I 276 -25.24 -49.96 -18.97
N HIS I 277 -26.18 -50.65 -19.62
CA HIS I 277 -27.35 -51.19 -18.92
C HIS I 277 -27.27 -52.70 -18.82
N CYS I 285 -37.57 -49.57 -32.39
CA CYS I 285 -36.38 -50.25 -31.93
C CYS I 285 -35.18 -49.31 -31.91
N ILE I 286 -34.06 -49.77 -32.49
CA ILE I 286 -32.86 -48.95 -32.54
C ILE I 286 -33.07 -47.72 -33.41
N LYS I 287 -33.86 -47.84 -34.48
CA LYS I 287 -34.06 -46.71 -35.39
C LYS I 287 -34.97 -45.65 -34.79
N ASP I 288 -35.65 -45.95 -33.69
CA ASP I 288 -36.55 -44.98 -33.07
C ASP I 288 -35.83 -44.02 -32.13
N ASN I 289 -34.55 -44.23 -31.86
CA ASN I 289 -33.80 -43.38 -30.95
C ASN I 289 -33.60 -42.00 -31.56
N LYS I 290 -33.85 -40.96 -30.76
CA LYS I 290 -33.63 -39.59 -31.23
C LYS I 290 -32.16 -39.34 -31.53
N ILE I 291 -31.26 -39.86 -30.68
CA ILE I 291 -29.84 -39.63 -30.86
C ILE I 291 -29.34 -40.26 -32.15
N VAL I 292 -29.82 -41.46 -32.48
CA VAL I 292 -29.40 -42.13 -33.71
C VAL I 292 -29.83 -41.31 -34.92
N LYS I 293 -31.05 -40.76 -34.89
CA LYS I 293 -31.50 -39.91 -35.98
C LYS I 293 -30.62 -38.67 -36.11
N LEU I 294 -30.13 -38.14 -34.99
CA LEU I 294 -29.28 -36.96 -35.02
C LEU I 294 -27.98 -37.24 -35.78
N LEU I 295 -27.37 -38.40 -35.55
CA LEU I 295 -26.08 -38.68 -36.16
C LEU I 295 -26.21 -38.91 -37.67
N LEU I 296 -27.37 -39.40 -38.11
CA LEU I 296 -27.61 -39.53 -39.55
C LEU I 296 -27.74 -38.16 -40.21
N CYS I 297 -28.35 -37.20 -39.51
CA CYS I 297 -28.47 -35.85 -40.06
C CYS I 297 -27.10 -35.21 -40.25
N GLN I 298 -26.18 -35.43 -39.30
CA GLN I 298 -24.85 -34.85 -39.38
C GLN I 298 -23.85 -35.75 -40.09
N ASN I 299 -24.33 -36.78 -40.80
CA ASN I 299 -23.48 -37.66 -41.61
C ASN I 299 -22.41 -38.36 -40.78
N TYR I 300 -22.79 -38.91 -39.63
CA TYR I 300 -21.89 -39.65 -38.76
C TYR I 300 -22.50 -41.01 -38.44
N ASP I 301 -21.66 -42.04 -38.49
CA ASP I 301 -22.13 -43.40 -38.22
C ASP I 301 -22.35 -43.59 -36.73
N PRO I 302 -23.57 -43.95 -36.29
CA PRO I 302 -23.82 -44.07 -34.85
C PRO I 302 -22.93 -45.07 -34.13
N LEU I 303 -22.52 -46.14 -34.80
CA LEU I 303 -21.68 -47.15 -34.17
C LEU I 303 -20.33 -46.57 -33.77
N LEU I 304 -19.70 -45.82 -34.67
CA LEU I 304 -18.38 -45.27 -34.39
C LEU I 304 -18.44 -44.18 -33.33
N VAL I 305 -19.49 -43.35 -33.36
CA VAL I 305 -19.63 -42.30 -32.35
C VAL I 305 -19.82 -42.91 -30.96
N GLY I 306 -20.71 -43.90 -30.86
CA GLY I 306 -20.97 -44.52 -29.56
C GLY I 306 -19.79 -45.29 -29.03
N GLN I 307 -19.10 -46.03 -29.91
CA GLN I 307 -18.00 -46.88 -29.45
C GLN I 307 -16.79 -46.03 -29.06
N HIS I 308 -16.64 -44.85 -29.67
CA HIS I 308 -15.54 -43.97 -29.30
C HIS I 308 -15.74 -43.39 -27.90
N VAL I 309 -16.99 -43.11 -27.54
CA VAL I 309 -17.29 -42.58 -26.21
C VAL I 309 -16.92 -43.60 -25.14
N LEU I 310 -17.14 -44.89 -25.42
CA LEU I 310 -16.83 -45.93 -24.45
C LEU I 310 -15.35 -45.92 -24.07
N LYS I 311 -14.47 -45.83 -25.06
CA LYS I 311 -13.03 -45.80 -24.76
C LYS I 311 -12.60 -44.44 -24.23
N TRP I 312 -13.21 -43.37 -24.73
CA TRP I 312 -12.81 -42.03 -24.30
C TRP I 312 -13.17 -41.77 -22.85
N ILE I 313 -14.35 -42.21 -22.42
CA ILE I 313 -14.80 -41.90 -21.07
C ILE I 313 -14.06 -42.75 -20.05
N ASP I 314 -13.37 -43.80 -20.50
CA ASP I 314 -12.58 -44.65 -19.61
C ASP I 314 -11.10 -44.32 -19.65
N LYS I 315 -10.72 -43.20 -20.28
CA LYS I 315 -9.35 -42.71 -20.32
C LYS I 315 -8.38 -43.72 -20.94
N LYS I 316 -8.86 -44.61 -21.79
CA LYS I 316 -7.99 -45.59 -22.42
C LYS I 316 -7.52 -45.17 -23.80
N CYS I 317 -7.90 -43.99 -24.27
CA CYS I 317 -7.50 -43.52 -25.59
C CYS I 317 -6.10 -42.90 -25.61
N GLY I 318 -5.51 -42.64 -24.45
CA GLY I 318 -4.17 -42.12 -24.39
C GLY I 318 -4.07 -40.61 -24.53
N LYS I 319 -3.43 -40.16 -25.62
CA LYS I 319 -3.17 -38.73 -25.78
C LYS I 319 -4.43 -37.94 -26.09
N LYS I 320 -5.27 -38.44 -27.00
CA LYS I 320 -6.45 -37.71 -27.45
C LYS I 320 -7.59 -37.86 -26.44
N ASN I 321 -7.66 -36.89 -25.54
CA ASN I 321 -8.57 -36.98 -24.40
C ASN I 321 -9.85 -36.17 -24.57
N THR I 322 -9.92 -35.29 -25.57
CA THR I 322 -10.97 -34.30 -25.66
C THR I 322 -11.80 -34.49 -26.93
N LEU I 323 -13.13 -34.36 -26.79
CA LEU I 323 -14.04 -34.33 -27.92
C LEU I 323 -14.53 -32.91 -28.13
N TRP I 324 -14.62 -32.50 -29.40
CA TRP I 324 -15.01 -31.14 -29.76
C TRP I 324 -16.22 -31.18 -30.68
N PHE I 325 -17.26 -30.44 -30.33
CA PHE I 325 -18.44 -30.27 -31.17
C PHE I 325 -18.41 -28.87 -31.80
N TYR I 326 -18.62 -28.82 -33.11
CA TYR I 326 -18.46 -27.59 -33.88
C TYR I 326 -19.65 -27.44 -34.83
N GLY I 327 -19.91 -26.20 -35.23
CA GLY I 327 -20.94 -25.95 -36.21
C GLY I 327 -21.77 -24.71 -35.93
N PRO I 328 -22.67 -24.39 -36.85
CA PRO I 328 -23.56 -23.22 -36.66
C PRO I 328 -24.46 -23.42 -35.47
N PRO I 329 -25.07 -22.34 -34.96
CA PRO I 329 -25.95 -22.49 -33.80
C PRO I 329 -27.22 -23.27 -34.14
N SER I 330 -27.83 -23.83 -33.09
CA SER I 330 -29.09 -24.56 -33.14
C SER I 330 -29.01 -25.85 -33.94
N THR I 331 -27.83 -26.45 -34.06
CA THR I 331 -27.68 -27.75 -34.70
C THR I 331 -27.71 -28.90 -33.71
N GLY I 332 -27.97 -28.63 -32.43
CA GLY I 332 -28.04 -29.67 -31.42
C GLY I 332 -26.73 -30.01 -30.75
N LYS I 333 -25.73 -29.12 -30.84
CA LYS I 333 -24.45 -29.41 -30.21
C LYS I 333 -24.57 -29.48 -28.69
N THR I 334 -25.27 -28.51 -28.09
CA THR I 334 -25.39 -28.49 -26.64
C THR I 334 -26.30 -29.59 -26.12
N ASN I 335 -27.36 -29.93 -26.86
CA ASN I 335 -28.32 -30.92 -26.38
C ASN I 335 -27.68 -32.28 -26.23
N LEU I 336 -26.86 -32.69 -27.20
CA LEU I 336 -26.21 -34.00 -27.12
C LEU I 336 -25.20 -34.05 -25.97
N ALA I 337 -24.43 -32.97 -25.79
CA ALA I 337 -23.38 -32.99 -24.78
C ALA I 337 -23.95 -33.00 -23.37
N MET I 338 -24.93 -32.13 -23.10
CA MET I 338 -25.48 -32.04 -21.75
C MET I 338 -26.18 -33.31 -21.33
N ALA I 339 -26.75 -34.05 -22.29
CA ALA I 339 -27.41 -35.32 -21.96
C ALA I 339 -26.42 -36.32 -21.40
N ILE I 340 -25.22 -36.38 -21.98
CA ILE I 340 -24.18 -37.27 -21.47
C ILE I 340 -23.74 -36.81 -20.08
N ALA I 341 -23.62 -35.49 -19.88
CA ALA I 341 -23.14 -34.97 -18.61
C ALA I 341 -24.10 -35.31 -17.47
N LYS I 342 -25.40 -35.30 -17.74
CA LYS I 342 -26.36 -35.62 -16.69
C LYS I 342 -26.57 -37.12 -16.52
N SER I 343 -25.87 -37.95 -17.29
CA SER I 343 -25.97 -39.40 -17.15
C SER I 343 -24.83 -39.97 -16.30
N VAL I 344 -23.66 -39.37 -16.34
CA VAL I 344 -22.51 -39.82 -15.54
C VAL I 344 -22.76 -39.44 -14.09
N PRO I 345 -22.09 -40.08 -13.13
CA PRO I 345 -22.37 -39.76 -11.72
C PRO I 345 -22.19 -38.30 -11.36
N VAL I 346 -21.01 -37.72 -11.60
CA VAL I 346 -20.72 -36.34 -11.23
C VAL I 346 -20.07 -35.65 -12.42
N TYR I 347 -20.55 -34.44 -12.74
CA TYR I 347 -20.00 -33.66 -13.83
C TYR I 347 -19.77 -32.23 -13.34
N GLY I 348 -18.76 -31.58 -13.92
CA GLY I 348 -18.49 -30.20 -13.62
C GLY I 348 -18.47 -29.34 -14.87
N MET I 349 -18.77 -28.05 -14.73
CA MET I 349 -18.77 -27.14 -15.87
C MET I 349 -17.70 -26.08 -15.67
N VAL I 350 -16.89 -25.87 -16.71
CA VAL I 350 -15.86 -24.82 -16.67
C VAL I 350 -16.52 -23.45 -16.50
N ASN I 351 -17.75 -23.30 -17.02
CA ASN I 351 -18.43 -22.01 -16.91
C ASN I 351 -18.78 -21.66 -15.48
N TRP I 352 -18.84 -22.66 -14.59
CA TRP I 352 -19.12 -22.40 -13.18
C TRP I 352 -17.93 -21.76 -12.47
N ASN I 353 -16.72 -22.17 -12.81
CA ASN I 353 -15.53 -21.73 -12.08
C ASN I 353 -15.29 -20.24 -12.29
N ASN I 354 -14.39 -19.69 -11.46
CA ASN I 354 -14.04 -18.29 -11.56
C ASN I 354 -13.27 -18.02 -12.85
N GLU I 355 -13.36 -16.78 -13.33
CA GLU I 355 -12.72 -16.42 -14.59
C GLU I 355 -11.21 -16.58 -14.51
N ASN I 356 -10.60 -16.14 -13.41
CA ASN I 356 -9.15 -16.25 -13.26
C ASN I 356 -8.70 -17.68 -12.98
N PHE I 357 -9.57 -18.50 -12.39
CA PHE I 357 -9.25 -19.89 -12.11
C PHE I 357 -10.32 -20.80 -12.71
N PRO I 358 -10.34 -20.99 -14.03
CA PRO I 358 -11.37 -21.84 -14.62
C PRO I 358 -11.17 -23.32 -14.37
N PHE I 359 -9.96 -23.76 -14.02
CA PHE I 359 -9.64 -25.17 -13.89
C PHE I 359 -9.60 -25.62 -12.44
N ASN I 360 -10.09 -24.81 -11.51
CA ASN I 360 -10.14 -25.22 -10.11
C ASN I 360 -11.23 -26.26 -9.91
N ASP I 361 -11.14 -26.97 -8.79
CA ASP I 361 -12.11 -28.00 -8.41
C ASP I 361 -12.27 -29.06 -9.50
N VAL I 362 -11.13 -29.60 -9.97
CA VAL I 362 -11.17 -30.62 -11.01
C VAL I 362 -11.20 -32.03 -10.45
N ALA I 363 -10.58 -32.27 -9.31
CA ALA I 363 -10.57 -33.61 -8.72
C ALA I 363 -11.96 -33.98 -8.21
N GLY I 364 -12.29 -35.26 -8.33
CA GLY I 364 -13.58 -35.74 -7.88
C GLY I 364 -14.69 -35.65 -8.91
N LYS I 365 -14.35 -35.44 -10.17
CA LYS I 365 -15.31 -35.33 -11.25
C LYS I 365 -15.04 -36.40 -12.30
N SER I 366 -16.11 -36.92 -12.89
CA SER I 366 -15.96 -37.91 -13.97
C SER I 366 -15.89 -37.26 -15.34
N LEU I 367 -16.43 -36.06 -15.50
CA LEU I 367 -16.44 -35.38 -16.79
C LEU I 367 -16.58 -33.88 -16.55
N VAL I 368 -15.99 -33.09 -17.44
CA VAL I 368 -16.04 -31.63 -17.36
C VAL I 368 -16.56 -31.09 -18.69
N VAL I 369 -17.38 -30.04 -18.61
CA VAL I 369 -18.06 -29.47 -19.76
C VAL I 369 -17.59 -28.03 -19.96
N TRP I 370 -17.39 -27.65 -21.22
CA TRP I 370 -16.98 -26.30 -21.57
C TRP I 370 -17.86 -25.87 -22.74
N ASP I 371 -18.74 -24.90 -22.51
CA ASP I 371 -19.84 -24.58 -23.41
C ASP I 371 -19.58 -23.24 -24.09
N GLU I 372 -19.49 -23.27 -25.42
CA GLU I 372 -18.89 -22.19 -26.24
C GLU I 372 -17.71 -21.53 -25.54
N GLY I 373 -16.77 -22.34 -25.06
CA GLY I 373 -15.58 -21.80 -24.43
C GLY I 373 -14.61 -21.21 -25.43
N ILE I 374 -13.80 -20.27 -24.95
CA ILE I 374 -12.74 -19.66 -25.74
C ILE I 374 -11.46 -19.68 -24.93
N ILE I 375 -10.34 -19.94 -25.59
CA ILE I 375 -9.06 -20.13 -24.94
C ILE I 375 -8.27 -18.83 -25.02
N LYS I 376 -7.86 -18.30 -23.86
CA LYS I 376 -7.07 -17.10 -23.77
C LYS I 376 -5.60 -17.45 -23.55
N SER I 377 -4.72 -16.50 -23.86
CA SER I 377 -3.29 -16.72 -23.67
C SER I 377 -2.91 -16.84 -22.21
N THR I 378 -3.66 -16.20 -21.30
CA THR I 378 -3.31 -16.23 -19.89
C THR I 378 -3.41 -17.62 -19.29
N ILE I 379 -4.22 -18.50 -19.88
CA ILE I 379 -4.43 -19.85 -19.35
C ILE I 379 -4.07 -20.93 -20.35
N VAL I 380 -3.38 -20.59 -21.45
CA VAL I 380 -3.06 -21.59 -22.46
C VAL I 380 -2.09 -22.64 -21.90
N GLU I 381 -1.18 -22.24 -21.03
CA GLU I 381 -0.23 -23.19 -20.45
C GLU I 381 -0.93 -24.25 -19.62
N ALA I 382 -1.92 -23.86 -18.80
CA ALA I 382 -2.65 -24.83 -18.01
C ALA I 382 -3.64 -25.61 -18.87
N ALA I 383 -4.16 -24.98 -19.93
CA ALA I 383 -5.12 -25.66 -20.79
C ALA I 383 -4.48 -26.85 -21.51
N LYS I 384 -3.23 -26.70 -21.96
CA LYS I 384 -2.58 -27.78 -22.70
C LYS I 384 -2.42 -29.02 -21.85
N ALA I 385 -2.45 -28.88 -20.51
CA ALA I 385 -2.30 -30.03 -19.63
C ALA I 385 -3.61 -30.81 -19.53
N ILE I 386 -4.68 -30.15 -19.13
CA ILE I 386 -5.96 -30.83 -18.96
C ILE I 386 -6.47 -31.34 -20.30
N LEU I 387 -6.38 -30.53 -21.35
CA LEU I 387 -6.85 -30.94 -22.67
C LEU I 387 -6.11 -32.16 -23.19
N GLY I 388 -4.90 -32.42 -22.71
CA GLY I 388 -4.13 -33.57 -23.13
C GLY I 388 -4.13 -34.74 -22.16
N GLY I 389 -4.89 -34.66 -21.08
CA GLY I 389 -4.90 -35.75 -20.11
C GLY I 389 -3.75 -35.74 -19.14
N GLN I 390 -2.93 -34.70 -19.14
CA GLN I 390 -1.81 -34.64 -18.22
C GLN I 390 -2.24 -34.02 -16.90
N PRO I 391 -2.04 -34.71 -15.78
CA PRO I 391 -2.49 -34.17 -14.49
C PRO I 391 -1.70 -32.93 -14.09
N THR I 392 -2.34 -32.09 -13.28
CA THR I 392 -1.68 -30.90 -12.76
C THR I 392 -0.62 -31.28 -11.72
N ARG I 393 0.25 -30.32 -11.43
CA ARG I 393 1.32 -30.56 -10.47
C ARG I 393 0.79 -30.71 -9.05
N VAL I 394 -0.36 -30.12 -8.74
CA VAL I 394 -0.90 -30.17 -7.38
C VAL I 394 -1.26 -31.60 -7.01
N ASP I 395 -2.12 -32.21 -7.80
CA ASP I 395 -2.53 -33.59 -7.51
C ASP I 395 -1.27 -34.44 -7.56
N GLN I 396 -0.13 -33.84 -7.93
CA GLN I 396 1.15 -34.60 -7.94
C GLN I 396 1.85 -34.38 -6.58
N LYS I 397 1.80 -33.17 -6.02
CA LYS I 397 2.46 -32.89 -4.71
C LYS I 397 1.44 -33.05 -3.59
N MET I 398 0.24 -32.50 -3.75
CA MET I 398 -0.80 -32.73 -2.73
C MET I 398 -0.90 -34.25 -2.53
N ARG I 399 -1.00 -35.01 -3.61
CA ARG I 399 -0.99 -36.49 -3.46
C ARG I 399 0.46 -36.93 -3.25
N GLY I 400 1.16 -37.35 -4.31
CA GLY I 400 2.57 -37.76 -4.14
C GLY I 400 3.08 -38.70 -5.21
N SER I 401 2.71 -38.47 -6.47
CA SER I 401 3.24 -39.29 -7.60
C SER I 401 3.19 -38.46 -8.87
N VAL I 402 3.56 -39.05 -10.01
CA VAL I 402 3.44 -38.31 -11.30
C VAL I 402 2.25 -38.88 -12.08
N ALA I 403 1.53 -39.84 -11.49
CA ALA I 403 0.36 -40.46 -12.15
C ALA I 403 -0.91 -40.20 -11.31
N VAL I 404 -1.77 -39.25 -11.73
CA VAL I 404 -2.95 -38.91 -10.88
C VAL I 404 -4.25 -39.06 -11.70
N PRO I 405 -5.00 -38.04 -12.17
CA PRO I 405 -6.27 -38.29 -12.87
C PRO I 405 -6.40 -37.93 -14.36
N GLY I 406 -7.16 -38.75 -15.10
CA GLY I 406 -7.42 -38.45 -16.52
C GLY I 406 -8.31 -37.24 -16.68
N VAL I 407 -9.59 -37.31 -16.24
CA VAL I 407 -10.54 -36.20 -16.38
C VAL I 407 -10.91 -35.95 -17.84
N PRO I 408 -11.73 -36.81 -18.46
CA PRO I 408 -12.14 -36.57 -19.85
C PRO I 408 -12.82 -35.22 -20.04
N VAL I 409 -12.63 -34.61 -21.21
CA VAL I 409 -13.08 -33.24 -21.47
C VAL I 409 -13.92 -33.22 -22.73
N VAL I 410 -14.98 -32.40 -22.73
CA VAL I 410 -15.84 -32.22 -23.89
C VAL I 410 -15.95 -30.73 -24.18
N ILE I 411 -15.92 -30.37 -25.47
CA ILE I 411 -15.93 -28.98 -25.91
C ILE I 411 -17.03 -28.81 -26.95
N THR I 412 -17.83 -27.76 -26.79
CA THR I 412 -18.79 -27.32 -27.79
C THR I 412 -18.54 -25.84 -28.06
N SER I 413 -18.54 -25.45 -29.33
CA SER I 413 -18.27 -24.06 -29.68
C SER I 413 -18.80 -23.76 -31.06
N ASN I 414 -18.92 -22.46 -31.36
CA ASN I 414 -19.36 -21.99 -32.66
C ASN I 414 -18.21 -21.56 -33.56
N GLY I 415 -17.05 -21.23 -32.97
CA GLY I 415 -15.88 -20.83 -33.72
C GLY I 415 -14.75 -21.84 -33.57
N ASP I 416 -13.63 -21.51 -34.21
CA ASP I 416 -12.46 -22.38 -34.17
C ASP I 416 -11.76 -22.22 -32.83
N ILE I 417 -11.58 -23.33 -32.12
CA ILE I 417 -11.02 -23.28 -30.78
C ILE I 417 -9.49 -23.23 -30.80
N THR I 418 -8.86 -23.64 -31.90
CA THR I 418 -7.41 -23.62 -31.99
C THR I 418 -6.83 -22.21 -32.04
N PHE I 419 -7.66 -21.20 -32.29
CA PHE I 419 -7.20 -19.81 -32.35
C PHE I 419 -7.21 -19.23 -30.94
N VAL I 420 -6.02 -19.09 -30.35
CA VAL I 420 -5.92 -18.58 -28.99
C VAL I 420 -5.97 -17.06 -29.01
N VAL I 421 -6.75 -16.48 -28.10
CA VAL I 421 -6.83 -15.04 -27.96
C VAL I 421 -5.55 -14.53 -27.30
N SER I 422 -4.97 -13.47 -27.86
CA SER I 422 -3.77 -12.86 -27.31
C SER I 422 -3.94 -11.35 -27.31
N GLY I 423 -4.23 -10.79 -26.14
CA GLY I 423 -4.50 -9.37 -26.03
C GLY I 423 -5.74 -8.97 -26.81
N ASN I 424 -5.53 -8.23 -27.90
CA ASN I 424 -6.58 -7.89 -28.85
C ASN I 424 -6.23 -8.40 -30.23
N THR I 425 -5.69 -9.62 -30.30
CA THR I 425 -5.19 -10.17 -31.54
C THR I 425 -5.24 -11.69 -31.45
N THR I 426 -5.49 -12.33 -32.59
CA THR I 426 -5.60 -13.78 -32.66
C THR I 426 -4.28 -14.36 -33.19
N THR I 427 -3.83 -15.44 -32.57
CA THR I 427 -2.57 -16.08 -32.92
C THR I 427 -2.80 -17.55 -33.21
N THR I 428 -1.93 -18.12 -34.05
CA THR I 428 -2.02 -19.53 -34.45
C THR I 428 -0.81 -20.34 -34.03
N VAL I 429 0.02 -19.83 -33.12
CA VAL I 429 1.21 -20.58 -32.70
C VAL I 429 0.83 -21.84 -31.95
N HIS I 430 -0.25 -21.79 -31.18
CA HIS I 430 -0.69 -22.93 -30.38
C HIS I 430 -1.57 -23.90 -31.14
N ALA I 431 -1.80 -23.67 -32.44
CA ALA I 431 -2.67 -24.54 -33.21
C ALA I 431 -2.14 -25.96 -33.25
N LYS I 432 -0.83 -26.12 -33.44
CA LYS I 432 -0.25 -27.47 -33.53
C LYS I 432 -0.40 -28.24 -32.23
N ALA I 433 -0.18 -27.58 -31.10
CA ALA I 433 -0.24 -28.26 -29.81
C ALA I 433 -1.64 -28.77 -29.50
N LEU I 434 -2.66 -27.92 -29.68
CA LEU I 434 -4.02 -28.28 -29.35
C LEU I 434 -4.64 -29.25 -30.35
N LYS I 435 -4.28 -29.13 -31.63
CA LYS I 435 -4.85 -30.00 -32.66
C LYS I 435 -4.53 -31.47 -32.42
N GLU I 436 -3.38 -31.79 -31.84
CA GLU I 436 -3.02 -33.19 -31.59
C GLU I 436 -3.80 -33.76 -30.41
N ARG I 437 -4.15 -32.91 -29.44
CA ARG I 437 -4.81 -33.37 -28.23
C ARG I 437 -6.29 -33.67 -28.41
N MET I 438 -6.91 -33.13 -29.45
CA MET I 438 -8.37 -33.16 -29.57
C MET I 438 -8.82 -34.03 -30.75
N VAL I 439 -10.10 -34.37 -30.73
CA VAL I 439 -10.78 -35.03 -31.83
C VAL I 439 -11.99 -34.17 -32.21
N LYS I 440 -12.13 -33.88 -33.49
CA LYS I 440 -13.04 -32.84 -33.97
C LYS I 440 -14.27 -33.47 -34.60
N LEU I 441 -15.44 -33.00 -34.17
CA LEU I 441 -16.72 -33.35 -34.78
C LEU I 441 -17.50 -32.07 -35.04
N ASN I 442 -18.14 -31.99 -36.21
CA ASN I 442 -18.89 -30.79 -36.60
C ASN I 442 -20.32 -31.18 -36.94
N PHE I 443 -21.26 -30.28 -36.63
CA PHE I 443 -22.68 -30.49 -36.91
C PHE I 443 -23.08 -29.55 -38.05
N THR I 444 -22.98 -30.06 -39.28
CA THR I 444 -23.20 -29.24 -40.46
C THR I 444 -24.68 -28.96 -40.73
N VAL I 445 -25.56 -29.94 -40.49
CA VAL I 445 -26.95 -29.85 -40.89
C VAL I 445 -27.80 -29.40 -39.70
N ARG I 446 -28.63 -28.37 -39.92
CA ARG I 446 -29.52 -27.86 -38.89
C ARG I 446 -30.59 -28.90 -38.60
N CYS I 447 -31.02 -28.97 -37.34
CA CYS I 447 -32.04 -29.92 -36.93
C CYS I 447 -33.39 -29.22 -36.74
N SER I 448 -34.44 -30.03 -36.64
CA SER I 448 -35.77 -29.50 -36.44
C SER I 448 -35.90 -28.88 -35.06
N PRO I 449 -36.72 -27.85 -34.88
CA PRO I 449 -36.84 -27.22 -33.56
C PRO I 449 -37.74 -27.97 -32.59
N ASP I 450 -38.37 -29.07 -33.01
CA ASP I 450 -39.27 -29.83 -32.16
C ASP I 450 -38.63 -31.12 -31.66
N MET I 451 -37.30 -31.21 -31.67
CA MET I 451 -36.62 -32.41 -31.22
C MET I 451 -36.83 -32.66 -29.73
N GLY I 452 -36.81 -31.60 -28.92
CA GLY I 452 -36.98 -31.74 -27.48
C GLY I 452 -35.70 -32.16 -26.79
N LEU I 453 -35.81 -32.28 -25.47
CA LEU I 453 -34.67 -32.65 -24.65
C LEU I 453 -34.37 -34.13 -24.77
N LEU I 454 -33.08 -34.47 -24.84
CA LEU I 454 -32.67 -35.87 -24.77
C LEU I 454 -32.64 -36.34 -23.33
N THR I 455 -32.76 -37.65 -23.15
CA THR I 455 -32.83 -38.23 -21.82
C THR I 455 -31.72 -39.26 -21.64
N GLU I 456 -31.48 -39.63 -20.38
CA GLU I 456 -30.45 -40.61 -20.07
C GLU I 456 -30.77 -41.97 -20.68
N ALA I 457 -32.06 -42.35 -20.68
CA ALA I 457 -32.45 -43.64 -21.22
C ALA I 457 -32.08 -43.77 -22.69
N ASP I 458 -32.24 -42.69 -23.46
CA ASP I 458 -31.79 -42.70 -24.84
C ASP I 458 -30.28 -42.87 -24.93
N VAL I 459 -29.53 -42.18 -24.07
CA VAL I 459 -28.07 -42.29 -24.07
C VAL I 459 -27.64 -43.68 -23.65
N GLN I 460 -28.27 -44.21 -22.58
CA GLN I 460 -27.89 -45.52 -22.07
C GLN I 460 -28.19 -46.61 -23.08
N GLN I 461 -29.39 -46.58 -23.68
CA GLN I 461 -29.77 -47.60 -24.66
C GLN I 461 -28.88 -47.55 -25.88
N TRP I 462 -28.54 -46.34 -26.34
CA TRP I 462 -27.68 -46.20 -27.51
C TRP I 462 -26.30 -46.80 -27.26
N LEU I 463 -25.70 -46.48 -26.12
CA LEU I 463 -24.38 -47.03 -25.80
C LEU I 463 -24.45 -48.52 -25.55
N THR I 464 -25.56 -48.99 -24.98
CA THR I 464 -25.72 -50.43 -24.74
C THR I 464 -25.70 -51.21 -26.05
N TRP I 465 -26.39 -50.70 -27.06
CA TRP I 465 -26.38 -51.37 -28.36
C TRP I 465 -24.99 -51.38 -28.97
N CYS I 466 -24.27 -50.26 -28.88
CA CYS I 466 -22.95 -50.16 -29.51
C CYS I 466 -21.95 -51.11 -28.90
N ASN I 467 -22.03 -51.33 -27.57
CA ASN I 467 -21.09 -52.24 -26.92
C ASN I 467 -21.27 -53.67 -27.40
N ALA I 468 -22.51 -54.10 -27.66
CA ALA I 468 -22.76 -55.47 -28.08
C ALA I 468 -22.24 -55.77 -29.48
N GLN I 469 -22.18 -54.78 -30.36
CA GLN I 469 -21.79 -55.01 -31.74
C GLN I 469 -20.29 -55.31 -31.83
N SER I 470 -19.84 -55.65 -33.04
CA SER I 470 -18.45 -56.01 -33.25
C SER I 470 -17.53 -54.84 -32.94
N TRP I 471 -16.32 -55.16 -32.48
CA TRP I 471 -15.35 -54.14 -32.11
C TRP I 471 -14.37 -53.82 -33.24
N ASP I 472 -14.08 -54.80 -34.10
CA ASP I 472 -12.93 -54.70 -35.01
C ASP I 472 -12.99 -53.45 -35.87
N HIS I 473 -14.19 -52.95 -36.19
CA HIS I 473 -14.29 -51.76 -37.01
C HIS I 473 -13.69 -50.54 -36.31
N TYR I 474 -13.73 -50.51 -34.99
CA TYR I 474 -13.28 -49.33 -34.25
C TYR I 474 -11.75 -49.24 -34.22
N GLU I 475 -11.08 -50.23 -33.62
CA GLU I 475 -9.65 -50.09 -33.38
C GLU I 475 -8.81 -50.09 -34.66
N ASN I 476 -9.41 -50.45 -35.80
CA ASN I 476 -8.68 -50.27 -37.06
C ASN I 476 -8.34 -48.81 -37.29
N TRP I 477 -9.28 -47.91 -36.98
CA TRP I 477 -9.00 -46.48 -37.02
C TRP I 477 -8.19 -46.05 -35.80
N ALA I 478 -8.41 -46.68 -34.65
CA ALA I 478 -7.74 -46.28 -33.42
C ALA I 478 -6.26 -46.63 -33.40
N ILE I 479 -5.76 -47.39 -34.38
CA ILE I 479 -4.32 -47.64 -34.45
C ILE I 479 -3.58 -46.31 -34.62
N ASN I 480 -4.12 -45.40 -35.43
CA ASN I 480 -3.54 -44.07 -35.61
C ASN I 480 -4.70 -43.09 -35.74
N TYR I 481 -5.02 -42.42 -34.64
CA TYR I 481 -6.17 -41.54 -34.60
C TYR I 481 -6.00 -40.36 -35.54
N THR I 482 -7.09 -40.02 -36.23
CA THR I 482 -7.12 -38.82 -37.05
C THR I 482 -7.73 -37.66 -36.27
N PHE I 483 -7.42 -36.44 -36.71
CA PHE I 483 -7.95 -35.26 -36.03
C PHE I 483 -9.46 -35.13 -36.25
N ASP I 484 -9.91 -35.33 -37.48
CA ASP I 484 -11.33 -35.24 -37.77
C ASP I 484 -11.98 -36.61 -37.77
N PHE I 485 -13.15 -36.70 -37.15
CA PHE I 485 -13.84 -37.97 -37.05
C PHE I 485 -14.49 -38.29 -38.38
N PRO I 486 -14.14 -39.41 -39.02
CA PRO I 486 -14.69 -39.72 -40.34
C PRO I 486 -16.20 -39.91 -40.30
N GLY I 487 -16.85 -39.57 -41.41
CA GLY I 487 -18.29 -39.60 -41.50
C GLY I 487 -18.83 -40.94 -41.97
N ILE I 488 -20.13 -40.91 -42.32
CA ILE I 488 -20.83 -42.13 -42.73
C ILE I 488 -20.17 -42.75 -43.96
N ASN I 489 -19.99 -44.07 -43.91
CA ASN I 489 -19.59 -44.86 -45.06
C ASN I 489 -20.76 -45.76 -45.44
N ALA I 490 -21.09 -45.78 -46.74
CA ALA I 490 -22.26 -46.53 -47.19
C ALA I 490 -22.11 -48.01 -46.96
N ASP I 491 -20.91 -48.57 -47.21
CA ASP I 491 -20.71 -49.99 -46.99
C ASP I 491 -20.66 -50.35 -45.52
N ALA I 492 -20.17 -49.45 -44.67
CA ALA I 492 -19.95 -49.76 -43.27
C ALA I 492 -21.20 -49.61 -42.42
N LEU I 493 -22.28 -49.05 -42.96
CA LEU I 493 -23.49 -48.85 -42.17
C LEU I 493 -24.10 -50.18 -41.78
N HIS I 494 -24.36 -50.35 -40.48
CA HIS I 494 -24.88 -51.60 -39.96
C HIS I 494 -26.32 -51.80 -40.45
N PRO I 495 -26.68 -53.02 -40.85
CA PRO I 495 -28.03 -53.23 -41.41
C PRO I 495 -29.17 -52.90 -40.46
N ASP I 496 -28.98 -52.99 -39.14
CA ASP I 496 -30.00 -52.50 -38.22
C ASP I 496 -30.26 -51.01 -38.40
N LEU I 497 -29.29 -50.27 -38.91
CA LEU I 497 -29.49 -48.86 -39.24
C LEU I 497 -29.90 -48.64 -40.69
N GLN I 498 -29.93 -49.69 -41.51
CA GLN I 498 -30.33 -49.55 -42.91
C GLN I 498 -31.83 -49.69 -43.07
N VAL J 201 19.04 -45.89 29.13
CA VAL J 201 18.09 -45.81 28.04
C VAL J 201 17.22 -47.06 28.00
N VAL J 202 17.00 -47.65 29.16
CA VAL J 202 16.16 -48.84 29.28
C VAL J 202 14.73 -48.47 28.87
N PRO J 203 14.08 -49.27 28.03
CA PRO J 203 12.71 -48.95 27.61
C PRO J 203 11.76 -48.92 28.80
N PHE J 204 10.78 -48.01 28.71
CA PHE J 204 9.72 -47.96 29.72
C PHE J 204 8.93 -49.26 29.71
N ASN J 205 8.40 -49.62 30.88
CA ASN J 205 7.69 -50.89 30.99
C ASN J 205 6.33 -50.78 30.31
N GLY J 206 5.46 -49.93 30.86
CA GLY J 206 4.26 -49.47 30.18
C GLY J 206 3.49 -50.47 29.36
N LYS J 207 2.95 -51.52 29.99
CA LYS J 207 2.23 -52.54 29.24
C LYS J 207 0.99 -51.93 28.59
N GLY J 208 0.69 -52.38 27.36
CA GLY J 208 -0.36 -51.76 26.59
C GLY J 208 -1.67 -52.54 26.63
N THR J 209 -2.73 -51.85 26.23
CA THR J 209 -4.06 -52.44 26.16
C THR J 209 -4.28 -53.04 24.77
N LYS J 210 -5.42 -53.73 24.61
CA LYS J 210 -5.72 -54.42 23.36
C LYS J 210 -5.80 -53.46 22.18
N ALA J 211 -6.43 -52.30 22.36
CA ALA J 211 -6.54 -51.34 21.26
C ALA J 211 -5.16 -50.85 20.82
N SER J 212 -4.28 -50.56 21.77
CA SER J 212 -2.93 -50.11 21.43
C SER J 212 -2.16 -51.19 20.69
N ILE J 213 -2.32 -52.45 21.10
CA ILE J 213 -1.68 -53.56 20.39
C ILE J 213 -2.21 -53.66 18.97
N LYS J 214 -3.53 -53.50 18.78
CA LYS J 214 -4.09 -53.50 17.44
C LYS J 214 -3.54 -52.35 16.61
N PHE J 215 -3.39 -51.17 17.21
CA PHE J 215 -2.83 -50.04 16.48
C PHE J 215 -1.38 -50.30 16.07
N GLN J 216 -0.60 -50.90 16.97
CA GLN J 216 0.78 -51.23 16.63
C GLN J 216 0.83 -52.26 15.50
N THR J 217 -0.06 -53.25 15.54
CA THR J 217 -0.13 -54.23 14.47
C THR J 217 -0.49 -53.57 13.14
N MET J 218 -1.43 -52.63 13.17
CA MET J 218 -1.79 -51.90 11.94
C MET J 218 -0.62 -51.08 11.42
N VAL J 219 0.14 -50.45 12.32
CA VAL J 219 1.30 -49.67 11.91
C VAL J 219 2.34 -50.58 11.27
N ASN J 220 2.58 -51.75 11.85
CA ASN J 220 3.52 -52.70 11.26
C ASN J 220 3.03 -53.18 9.89
N TRP J 221 1.72 -53.43 9.77
CA TRP J 221 1.15 -53.85 8.50
C TRP J 221 1.31 -52.78 7.43
N LEU J 222 1.14 -51.51 7.79
CA LEU J 222 1.33 -50.42 6.83
C LEU J 222 2.77 -50.39 6.32
N CYS J 223 3.73 -50.51 7.22
CA CYS J 223 5.14 -50.47 6.82
C CYS J 223 5.50 -51.68 5.98
N GLU J 224 4.95 -52.85 6.32
CA GLU J 224 5.28 -54.07 5.61
C GLU J 224 4.85 -54.02 4.15
N ASN J 225 3.67 -53.46 3.86
CA ASN J 225 3.11 -53.44 2.53
C ASN J 225 3.33 -52.12 1.81
N ARG J 226 4.12 -51.21 2.40
CA ARG J 226 4.47 -49.93 1.78
C ARG J 226 3.23 -49.10 1.47
N VAL J 227 2.40 -48.89 2.49
CA VAL J 227 1.19 -48.05 2.33
C VAL J 227 1.47 -46.79 3.14
N PHE J 228 1.85 -45.73 2.42
CA PHE J 228 2.28 -44.49 3.06
C PHE J 228 1.35 -43.31 2.80
N THR J 229 0.25 -43.50 2.09
CA THR J 229 -0.65 -42.40 1.79
C THR J 229 -2.09 -42.90 1.72
N GLU J 230 -3.03 -41.95 1.80
CA GLU J 230 -4.45 -42.30 1.81
C GLU J 230 -4.86 -42.96 0.49
N ASP J 231 -4.36 -42.44 -0.63
CA ASP J 231 -4.75 -43.00 -1.93
C ASP J 231 -4.29 -44.45 -2.07
N LYS J 232 -3.06 -44.75 -1.66
CA LYS J 232 -2.57 -46.12 -1.70
C LYS J 232 -3.39 -47.02 -0.79
N TRP J 233 -3.77 -46.54 0.38
CA TRP J 233 -4.58 -47.33 1.29
C TRP J 233 -5.94 -47.62 0.69
N LYS J 234 -6.55 -46.62 0.04
CA LYS J 234 -7.83 -46.84 -0.62
C LYS J 234 -7.72 -47.85 -1.74
N LEU J 235 -6.64 -47.78 -2.52
CA LEU J 235 -6.43 -48.78 -3.58
C LEU J 235 -6.22 -50.18 -3.02
N VAL J 236 -5.47 -50.31 -1.94
CA VAL J 236 -5.11 -51.63 -1.42
C VAL J 236 -6.24 -52.25 -0.60
N ASP J 237 -6.71 -51.53 0.42
CA ASP J 237 -7.73 -52.06 1.34
C ASP J 237 -8.77 -50.97 1.58
N PHE J 238 -9.86 -51.03 0.82
CA PHE J 238 -10.95 -50.08 1.02
C PHE J 238 -11.77 -50.43 2.26
N ASN J 239 -11.82 -51.71 2.63
CA ASN J 239 -12.65 -52.13 3.76
C ASN J 239 -12.22 -51.44 5.05
N GLN J 240 -10.98 -51.68 5.48
CA GLN J 240 -10.52 -51.13 6.74
C GLN J 240 -10.56 -49.60 6.73
N TYR J 241 -10.28 -49.00 5.57
CA TYR J 241 -10.38 -47.55 5.47
C TYR J 241 -11.81 -47.07 5.72
N THR J 242 -12.80 -47.78 5.16
CA THR J 242 -14.19 -47.41 5.40
C THR J 242 -14.57 -47.60 6.86
N LEU J 243 -14.15 -48.72 7.47
CA LEU J 243 -14.49 -48.98 8.86
C LEU J 243 -13.87 -47.96 9.81
N LEU J 244 -12.62 -47.57 9.56
CA LEU J 244 -11.98 -46.58 10.43
C LEU J 244 -12.68 -45.23 10.35
N SER J 245 -13.19 -44.85 9.19
CA SER J 245 -13.79 -43.54 8.99
C SER J 245 -15.20 -43.43 9.55
N SER J 246 -15.63 -44.40 10.36
CA SER J 246 -16.96 -44.35 10.96
C SER J 246 -17.11 -43.21 11.98
N SER J 247 -16.02 -42.81 12.63
CA SER J 247 -16.08 -41.74 13.63
C SER J 247 -14.72 -41.05 13.67
N HIS J 248 -14.72 -39.85 14.25
CA HIS J 248 -13.49 -39.07 14.34
C HIS J 248 -12.44 -39.79 15.18
N SER J 249 -12.89 -40.52 16.21
CA SER J 249 -11.97 -41.29 17.03
C SER J 249 -11.26 -42.38 16.23
N GLY J 250 -11.83 -42.81 15.13
CA GLY J 250 -11.18 -43.77 14.25
C GLY J 250 -10.42 -43.10 13.12
N SER J 251 -10.98 -41.99 12.61
CA SER J 251 -10.31 -41.26 11.54
C SER J 251 -8.97 -40.69 12.00
N PHE J 252 -8.91 -40.18 13.24
CA PHE J 252 -7.66 -39.66 13.76
C PHE J 252 -6.55 -40.72 13.78
N GLN J 253 -6.93 -41.99 13.98
CA GLN J 253 -5.93 -43.05 13.99
C GLN J 253 -5.26 -43.22 12.64
N ILE J 254 -5.98 -42.93 11.55
CA ILE J 254 -5.37 -43.06 10.22
C ILE J 254 -4.21 -42.08 10.07
N GLN J 255 -4.44 -40.81 10.40
CA GLN J 255 -3.38 -39.81 10.35
C GLN J 255 -2.28 -40.10 11.36
N SER J 256 -2.62 -40.60 12.54
CA SER J 256 -1.58 -40.96 13.51
C SER J 256 -0.71 -42.10 13.00
N ALA J 257 -1.32 -43.08 12.34
CA ALA J 257 -0.56 -44.25 11.89
C ALA J 257 0.29 -43.94 10.67
N LEU J 258 -0.21 -43.09 9.77
CA LEU J 258 0.56 -42.78 8.57
C LEU J 258 1.87 -42.09 8.91
N LYS J 259 1.83 -41.13 9.84
CA LYS J 259 3.05 -40.42 10.23
C LYS J 259 4.07 -41.38 10.83
N LEU J 260 3.62 -42.28 11.71
CA LEU J 260 4.55 -43.23 12.33
C LEU J 260 5.12 -44.19 11.30
N ALA J 261 4.29 -44.64 10.35
CA ALA J 261 4.78 -45.53 9.30
C ALA J 261 5.85 -44.84 8.46
N ILE J 262 5.60 -43.59 8.07
CA ILE J 262 6.58 -42.85 7.27
C ILE J 262 7.87 -42.66 8.06
N TYR J 263 7.75 -42.30 9.34
CA TYR J 263 8.94 -42.08 10.16
C TYR J 263 9.75 -43.37 10.32
N LYS J 264 9.08 -44.49 10.55
CA LYS J 264 9.78 -45.76 10.68
C LYS J 264 10.46 -46.14 9.37
N ALA J 265 9.78 -45.90 8.24
CA ALA J 265 10.36 -46.24 6.95
C ALA J 265 11.57 -45.37 6.61
N THR J 266 11.58 -44.12 7.05
CA THR J 266 12.67 -43.23 6.65
C THR J 266 13.84 -43.23 7.63
N ASN J 267 13.58 -43.33 8.94
CA ASN J 267 14.63 -43.15 9.93
C ASN J 267 15.05 -44.42 10.65
N LEU J 268 14.11 -45.20 11.19
CA LEU J 268 14.44 -46.36 12.00
C LEU J 268 14.89 -47.56 11.18
N VAL J 269 14.84 -47.49 9.86
CA VAL J 269 15.26 -48.59 9.00
C VAL J 269 16.16 -48.05 7.91
N PRO J 270 17.29 -48.70 7.63
CA PRO J 270 18.14 -48.25 6.51
C PRO J 270 17.41 -48.40 5.19
N THR J 271 17.51 -47.38 4.34
CA THR J 271 16.78 -47.37 3.08
C THR J 271 17.25 -48.49 2.15
N SER J 272 18.55 -48.84 2.23
CA SER J 272 19.09 -49.86 1.35
C SER J 272 18.42 -51.21 1.54
N THR J 273 17.81 -51.47 2.70
CA THR J 273 17.09 -52.70 2.91
C THR J 273 15.87 -52.83 2.00
N PHE J 274 15.27 -51.71 1.60
CA PHE J 274 14.11 -51.75 0.72
C PHE J 274 14.47 -52.11 -0.72
N LEU J 275 15.73 -51.94 -1.11
CA LEU J 275 16.16 -52.27 -2.47
C LEU J 275 16.57 -53.74 -2.56
N LEU J 276 17.37 -54.21 -1.61
CA LEU J 276 17.77 -55.61 -1.59
C LEU J 276 16.57 -56.49 -1.28
N HIS J 277 16.49 -57.64 -1.93
CA HIS J 277 15.40 -58.57 -1.72
C HIS J 277 15.67 -59.48 -0.53
N CYS J 285 19.37 -64.43 -14.18
CA CYS J 285 20.56 -64.03 -14.91
C CYS J 285 20.72 -62.52 -14.91
N ILE J 286 21.78 -62.03 -14.25
CA ILE J 286 22.03 -60.60 -14.19
C ILE J 286 22.43 -60.06 -15.56
N LYS J 287 23.04 -60.90 -16.40
CA LYS J 287 23.46 -60.46 -17.73
C LYS J 287 22.28 -60.14 -18.64
N ASP J 288 21.07 -60.58 -18.29
CA ASP J 288 19.87 -60.27 -19.08
C ASP J 288 19.09 -59.10 -18.50
N ASN J 289 19.58 -58.47 -17.44
CA ASN J 289 18.88 -57.34 -16.85
C ASN J 289 19.05 -56.11 -17.73
N LYS J 290 17.96 -55.36 -17.90
CA LYS J 290 17.99 -54.19 -18.78
C LYS J 290 18.95 -53.13 -18.28
N ILE J 291 18.95 -52.86 -16.97
CA ILE J 291 19.84 -51.85 -16.41
C ILE J 291 21.30 -52.23 -16.64
N VAL J 292 21.64 -53.50 -16.48
CA VAL J 292 23.00 -53.96 -16.72
C VAL J 292 23.38 -53.74 -18.18
N LYS J 293 22.46 -54.07 -19.09
CA LYS J 293 22.71 -53.86 -20.52
C LYS J 293 22.87 -52.38 -20.84
N LEU J 294 22.04 -51.53 -20.23
CA LEU J 294 22.07 -50.10 -20.53
C LEU J 294 23.40 -49.49 -20.12
N LEU J 295 23.90 -49.84 -18.93
CA LEU J 295 25.15 -49.26 -18.45
C LEU J 295 26.33 -49.68 -19.32
N LEU J 296 26.32 -50.90 -19.84
CA LEU J 296 27.40 -51.34 -20.71
C LEU J 296 27.44 -50.57 -22.01
N CYS J 297 26.27 -50.10 -22.47
CA CYS J 297 26.23 -49.28 -23.68
C CYS J 297 27.01 -47.98 -23.48
N GLN J 298 26.90 -47.38 -22.29
CA GLN J 298 27.69 -46.22 -21.93
C GLN J 298 29.02 -46.57 -21.30
N ASN J 299 29.57 -47.75 -21.63
CA ASN J 299 30.90 -48.23 -21.21
C ASN J 299 31.20 -47.95 -19.73
N TYR J 300 30.22 -48.25 -18.87
CA TYR J 300 30.40 -48.18 -17.42
C TYR J 300 30.28 -49.57 -16.82
N ASP J 301 30.94 -49.76 -15.69
CA ASP J 301 30.90 -51.03 -14.98
C ASP J 301 29.64 -51.11 -14.12
N PRO J 302 28.67 -51.95 -14.45
CA PRO J 302 27.44 -52.00 -13.65
C PRO J 302 27.68 -52.38 -12.19
N LEU J 303 28.65 -53.27 -11.92
CA LEU J 303 28.91 -53.69 -10.55
C LEU J 303 29.41 -52.51 -9.72
N LEU J 304 30.37 -51.76 -10.24
CA LEU J 304 30.90 -50.61 -9.50
C LEU J 304 29.84 -49.54 -9.32
N VAL J 305 29.01 -49.30 -10.35
CA VAL J 305 27.94 -48.32 -10.24
C VAL J 305 26.93 -48.75 -9.18
N GLY J 306 26.56 -50.03 -9.17
CA GLY J 306 25.57 -50.50 -8.23
C GLY J 306 26.01 -50.40 -6.78
N GLN J 307 27.27 -50.74 -6.51
CA GLN J 307 27.77 -50.70 -5.14
C GLN J 307 27.79 -49.27 -4.61
N HIS J 308 28.11 -48.31 -5.48
CA HIS J 308 28.14 -46.91 -5.04
C HIS J 308 26.75 -46.42 -4.67
N VAL J 309 25.72 -46.86 -5.41
CA VAL J 309 24.36 -46.42 -5.13
C VAL J 309 23.94 -46.85 -3.73
N LEU J 310 24.26 -48.09 -3.36
CA LEU J 310 23.95 -48.58 -2.03
C LEU J 310 24.68 -47.75 -0.97
N LYS J 311 25.94 -47.42 -1.23
CA LYS J 311 26.68 -46.52 -0.33
C LYS J 311 26.06 -45.12 -0.32
N TRP J 312 25.61 -44.65 -1.48
CA TRP J 312 25.10 -43.29 -1.59
C TRP J 312 23.74 -43.16 -0.90
N ILE J 313 22.87 -44.15 -1.07
CA ILE J 313 21.51 -44.04 -0.54
C ILE J 313 21.51 -44.04 0.98
N ASP J 314 22.44 -44.78 1.60
CA ASP J 314 22.54 -44.84 3.06
C ASP J 314 23.41 -43.73 3.64
N LYS J 315 23.69 -42.68 2.86
CA LYS J 315 24.47 -41.53 3.29
C LYS J 315 25.87 -41.91 3.77
N LYS J 316 26.49 -42.91 3.15
CA LYS J 316 27.80 -43.37 3.55
C LYS J 316 28.92 -42.82 2.67
N CYS J 317 28.61 -41.96 1.70
CA CYS J 317 29.65 -41.39 0.85
C CYS J 317 30.27 -40.13 1.42
N GLY J 318 29.76 -39.63 2.56
CA GLY J 318 30.35 -38.47 3.19
C GLY J 318 29.87 -37.15 2.63
N LYS J 319 30.72 -36.49 1.85
CA LYS J 319 30.40 -35.19 1.31
C LYS J 319 29.73 -35.26 -0.07
N LYS J 320 30.15 -36.20 -0.92
CA LYS J 320 29.59 -36.34 -2.26
C LYS J 320 28.20 -36.99 -2.18
N ASN J 321 27.21 -36.13 -1.92
CA ASN J 321 25.85 -36.61 -1.67
C ASN J 321 24.97 -36.58 -2.91
N THR J 322 25.45 -35.99 -4.01
CA THR J 322 24.63 -35.73 -5.17
C THR J 322 25.13 -36.50 -6.38
N LEU J 323 24.21 -37.17 -7.08
CA LEU J 323 24.49 -37.77 -8.37
C LEU J 323 23.98 -36.86 -9.48
N TRP J 324 24.64 -36.91 -10.63
CA TRP J 324 24.27 -36.08 -11.77
C TRP J 324 24.37 -36.92 -13.03
N PHE J 325 23.32 -36.91 -13.84
CA PHE J 325 23.29 -37.57 -15.14
C PHE J 325 23.35 -36.50 -16.22
N TYR J 326 24.28 -36.65 -17.16
CA TYR J 326 24.53 -35.68 -18.21
C TYR J 326 24.65 -36.38 -19.55
N GLY J 327 24.09 -35.76 -20.60
CA GLY J 327 24.19 -36.29 -21.93
C GLY J 327 23.18 -35.69 -22.89
N PRO J 328 23.27 -36.08 -24.16
CA PRO J 328 22.29 -35.64 -25.16
C PRO J 328 20.92 -36.18 -24.82
N PRO J 329 19.85 -35.56 -25.33
CA PRO J 329 18.50 -36.03 -25.01
C PRO J 329 18.23 -37.40 -25.61
N SER J 330 17.20 -38.05 -25.05
CA SER J 330 16.72 -39.36 -25.52
C SER J 330 17.77 -40.44 -25.36
N THR J 331 18.53 -40.41 -24.26
CA THR J 331 19.49 -41.46 -23.95
C THR J 331 19.11 -42.24 -22.69
N GLY J 332 17.94 -41.98 -22.12
CA GLY J 332 17.47 -42.72 -20.96
C GLY J 332 17.95 -42.22 -19.62
N LYS J 333 18.36 -40.95 -19.52
CA LYS J 333 18.84 -40.41 -18.25
C LYS J 333 17.73 -40.36 -17.22
N THR J 334 16.57 -39.79 -17.59
CA THR J 334 15.47 -39.67 -16.65
C THR J 334 14.85 -41.04 -16.33
N ASN J 335 14.95 -41.98 -17.28
CA ASN J 335 14.41 -43.32 -17.06
C ASN J 335 15.00 -43.96 -15.81
N LEU J 336 16.34 -43.99 -15.71
CA LEU J 336 16.98 -44.67 -14.60
C LEU J 336 16.69 -43.97 -13.27
N ALA J 337 16.72 -42.63 -13.29
CA ALA J 337 16.53 -41.88 -12.04
C ALA J 337 15.12 -42.09 -11.47
N MET J 338 14.10 -42.05 -12.33
CA MET J 338 12.73 -42.16 -11.83
C MET J 338 12.45 -43.58 -11.33
N ALA J 339 13.03 -44.60 -11.98
CA ALA J 339 12.80 -45.97 -11.55
C ALA J 339 13.34 -46.21 -10.13
N ILE J 340 14.51 -45.65 -9.81
CA ILE J 340 15.06 -45.76 -8.47
C ILE J 340 14.16 -45.04 -7.47
N ALA J 341 13.67 -43.85 -7.86
CA ALA J 341 12.82 -43.07 -6.95
C ALA J 341 11.50 -43.78 -6.67
N LYS J 342 11.06 -44.64 -7.59
CA LYS J 342 9.84 -45.39 -7.37
C LYS J 342 10.04 -46.55 -6.40
N SER J 343 11.28 -47.01 -6.22
CA SER J 343 11.56 -48.15 -5.35
C SER J 343 11.72 -47.77 -3.88
N VAL J 344 12.20 -46.57 -3.59
CA VAL J 344 12.35 -46.11 -2.21
C VAL J 344 10.95 -45.86 -1.65
N PRO J 345 10.78 -45.89 -0.32
CA PRO J 345 9.45 -45.67 0.26
C PRO J 345 8.80 -44.36 -0.17
N VAL J 346 9.49 -43.25 0.05
CA VAL J 346 8.98 -41.94 -0.28
C VAL J 346 10.00 -41.21 -1.15
N TYR J 347 9.52 -40.53 -2.18
CA TYR J 347 10.37 -39.72 -3.04
C TYR J 347 9.67 -38.41 -3.34
N GLY J 348 10.47 -37.39 -3.65
CA GLY J 348 9.94 -36.10 -4.05
C GLY J 348 10.78 -35.51 -5.17
N MET J 349 10.20 -34.52 -5.85
CA MET J 349 10.86 -33.84 -6.94
C MET J 349 10.80 -32.33 -6.73
N VAL J 350 11.86 -31.65 -7.17
CA VAL J 350 11.94 -30.20 -7.06
C VAL J 350 10.89 -29.52 -7.93
N ASN J 351 10.56 -30.10 -9.08
CA ASN J 351 9.64 -29.48 -10.02
C ASN J 351 8.25 -29.27 -9.44
N TRP J 352 7.88 -30.02 -8.40
CA TRP J 352 6.58 -29.90 -7.77
C TRP J 352 6.45 -28.63 -6.91
N ASN J 353 7.51 -28.26 -6.19
CA ASN J 353 7.38 -27.26 -5.15
C ASN J 353 7.38 -25.85 -5.76
N ASN J 354 7.30 -24.85 -4.88
CA ASN J 354 7.20 -23.47 -5.31
C ASN J 354 8.45 -23.04 -6.07
N GLU J 355 8.27 -22.13 -7.04
CA GLU J 355 9.39 -21.68 -7.84
C GLU J 355 10.40 -20.88 -7.03
N ASN J 356 9.94 -20.05 -6.10
CA ASN J 356 10.85 -19.26 -5.27
C ASN J 356 11.31 -19.99 -4.02
N PHE J 357 10.72 -21.13 -3.71
CA PHE J 357 11.16 -21.99 -2.61
C PHE J 357 11.22 -23.44 -3.07
N PRO J 358 12.12 -23.76 -4.00
CA PRO J 358 12.16 -25.12 -4.55
C PRO J 358 12.54 -26.18 -3.54
N PHE J 359 13.26 -25.83 -2.47
CA PHE J 359 13.86 -26.80 -1.57
C PHE J 359 13.12 -26.87 -0.23
N ASN J 360 11.84 -26.50 -0.22
CA ASN J 360 11.03 -26.69 0.98
C ASN J 360 10.41 -28.08 0.99
N ASP J 361 9.98 -28.50 2.18
CA ASP J 361 9.34 -29.80 2.38
C ASP J 361 10.25 -30.95 1.95
N VAL J 362 11.56 -30.83 2.20
CA VAL J 362 12.48 -31.91 1.89
C VAL J 362 12.56 -32.92 3.03
N ALA J 363 12.16 -32.49 4.23
CA ALA J 363 12.15 -33.41 5.36
C ALA J 363 11.10 -34.49 5.18
N GLY J 364 11.39 -35.68 5.68
CA GLY J 364 10.49 -36.81 5.52
C GLY J 364 10.59 -37.50 4.18
N LYS J 365 11.61 -37.19 3.39
CA LYS J 365 11.82 -37.82 2.10
C LYS J 365 13.10 -38.64 2.13
N SER J 366 13.08 -39.79 1.46
CA SER J 366 14.27 -40.60 1.33
C SER J 366 15.04 -40.30 0.05
N LEU J 367 14.47 -39.53 -0.86
CA LEU J 367 15.13 -39.18 -2.11
C LEU J 367 14.53 -37.88 -2.64
N VAL J 368 15.36 -37.09 -3.31
CA VAL J 368 14.94 -35.88 -3.99
C VAL J 368 15.42 -35.95 -5.43
N VAL J 369 14.53 -35.70 -6.38
CA VAL J 369 14.82 -35.79 -7.80
C VAL J 369 14.72 -34.41 -8.40
N TRP J 370 15.68 -34.05 -9.24
CA TRP J 370 15.69 -32.76 -9.94
C TRP J 370 15.89 -33.05 -11.42
N ASP J 371 14.84 -32.82 -12.22
CA ASP J 371 14.83 -33.18 -13.63
C ASP J 371 15.01 -31.94 -14.49
N GLU J 372 16.05 -31.97 -15.33
CA GLU J 372 16.35 -30.88 -16.27
C GLU J 372 16.36 -29.52 -15.58
N GLY J 373 16.88 -29.46 -14.35
CA GLY J 373 16.96 -28.21 -13.64
C GLY J 373 18.33 -27.56 -13.75
N ILE J 374 18.35 -26.25 -13.50
CA ILE J 374 19.59 -25.49 -13.45
C ILE J 374 19.56 -24.62 -12.20
N ILE J 375 20.73 -24.16 -11.79
CA ILE J 375 20.88 -23.40 -10.55
C ILE J 375 21.07 -21.92 -10.91
N LYS J 376 20.19 -21.08 -10.37
CA LYS J 376 20.29 -19.64 -10.56
C LYS J 376 20.93 -19.00 -9.33
N SER J 377 21.37 -17.75 -9.49
CA SER J 377 22.17 -17.09 -8.46
C SER J 377 21.42 -16.94 -7.14
N THR J 378 20.13 -16.67 -7.16
CA THR J 378 19.39 -16.44 -5.92
C THR J 378 19.13 -17.72 -5.13
N ILE J 379 19.40 -18.89 -5.73
CA ILE J 379 19.19 -20.16 -5.05
C ILE J 379 20.50 -20.92 -4.81
N VAL J 380 21.63 -20.38 -5.28
CA VAL J 380 22.89 -21.13 -5.22
C VAL J 380 23.33 -21.34 -3.76
N GLU J 381 22.98 -20.41 -2.88
CA GLU J 381 23.37 -20.56 -1.48
C GLU J 381 22.64 -21.70 -0.80
N ALA J 382 21.35 -21.89 -1.12
CA ALA J 382 20.60 -23.00 -0.54
C ALA J 382 20.94 -24.32 -1.22
N ALA J 383 21.27 -24.28 -2.52
CA ALA J 383 21.59 -25.49 -3.25
C ALA J 383 22.85 -26.15 -2.71
N LYS J 384 23.85 -25.34 -2.33
CA LYS J 384 25.13 -25.89 -1.88
C LYS J 384 24.96 -26.75 -0.64
N ALA J 385 24.11 -26.32 0.29
CA ALA J 385 23.91 -27.08 1.53
C ALA J 385 23.28 -28.44 1.25
N ILE J 386 22.19 -28.47 0.49
CA ILE J 386 21.48 -29.72 0.24
C ILE J 386 22.30 -30.64 -0.66
N LEU J 387 22.89 -30.10 -1.73
CA LEU J 387 23.66 -30.94 -2.64
C LEU J 387 24.84 -31.60 -1.92
N GLY J 388 25.46 -30.90 -0.98
CA GLY J 388 26.55 -31.43 -0.19
C GLY J 388 26.15 -32.17 1.07
N GLY J 389 24.85 -32.41 1.26
CA GLY J 389 24.40 -33.11 2.45
C GLY J 389 24.40 -32.30 3.72
N GLN J 390 24.63 -31.00 3.63
CA GLN J 390 24.60 -30.16 4.81
C GLN J 390 23.16 -30.00 5.30
N PRO J 391 22.90 -30.29 6.58
CA PRO J 391 21.52 -30.17 7.09
C PRO J 391 21.00 -28.75 6.99
N THR J 392 19.71 -28.62 6.68
CA THR J 392 19.10 -27.31 6.58
C THR J 392 18.83 -26.72 7.96
N ARG J 393 18.59 -25.41 7.99
CA ARG J 393 18.43 -24.71 9.26
C ARG J 393 17.14 -25.06 9.98
N VAL J 394 16.07 -25.37 9.23
CA VAL J 394 14.80 -25.69 9.88
C VAL J 394 14.91 -26.98 10.67
N ASP J 395 15.70 -27.93 10.17
CA ASP J 395 15.95 -29.18 10.88
C ASP J 395 16.71 -28.92 12.16
N GLN J 396 17.62 -27.94 12.15
CA GLN J 396 18.38 -27.60 13.34
C GLN J 396 17.50 -27.00 14.43
N LYS J 397 16.47 -26.25 14.05
CA LYS J 397 15.64 -25.51 15.00
C LYS J 397 14.44 -26.34 15.47
N MET J 398 14.10 -27.36 14.70
CA MET J 398 12.91 -28.16 15.07
C MET J 398 13.32 -28.96 16.30
N ARG J 399 14.43 -29.70 16.21
CA ARG J 399 14.93 -30.39 17.42
C ARG J 399 15.74 -29.38 18.21
N GLY J 400 16.99 -29.14 17.82
CA GLY J 400 18.02 -28.72 18.77
C GLY J 400 19.28 -29.53 18.59
N SER J 401 19.81 -29.61 17.36
CA SER J 401 21.10 -30.29 17.13
C SER J 401 21.72 -29.85 15.80
N VAL J 402 22.97 -30.25 15.56
CA VAL J 402 23.67 -29.91 14.30
C VAL J 402 23.88 -31.20 13.50
N ALA J 403 23.09 -32.24 13.77
CA ALA J 403 23.20 -33.50 13.01
C ALA J 403 22.65 -33.30 11.60
N VAL J 404 22.78 -34.31 10.73
CA VAL J 404 22.38 -34.12 9.30
C VAL J 404 21.16 -34.97 8.96
N PRO J 405 19.92 -34.44 9.00
CA PRO J 405 18.79 -35.18 8.49
C PRO J 405 19.24 -35.36 7.05
N GLY J 406 19.42 -34.27 6.31
CA GLY J 406 19.96 -34.34 4.93
C GLY J 406 19.09 -35.13 3.98
N VAL J 407 19.49 -35.23 2.73
CA VAL J 407 18.73 -36.09 1.80
C VAL J 407 19.58 -36.38 0.57
N PRO J 408 19.60 -37.62 0.08
CA PRO J 408 20.24 -37.89 -1.22
C PRO J 408 19.52 -37.14 -2.33
N VAL J 409 20.31 -36.64 -3.28
CA VAL J 409 19.80 -35.85 -4.39
C VAL J 409 20.36 -36.40 -5.69
N VAL J 410 19.51 -36.54 -6.70
CA VAL J 410 19.91 -36.94 -8.03
C VAL J 410 19.38 -35.90 -9.02
N ILE J 411 20.23 -35.50 -9.97
CA ILE J 411 19.91 -34.45 -10.93
C ILE J 411 20.18 -34.97 -12.34
N THR J 412 19.23 -34.74 -13.23
CA THR J 412 19.39 -34.99 -14.65
C THR J 412 19.36 -33.67 -15.41
N SER J 413 20.20 -33.54 -16.43
CA SER J 413 20.29 -32.29 -17.16
C SER J 413 20.90 -32.54 -18.53
N ASN J 414 20.48 -31.74 -19.50
CA ASN J 414 21.09 -31.71 -20.83
C ASN J 414 22.19 -30.67 -20.95
N GLY J 415 22.42 -29.87 -19.91
CA GLY J 415 23.47 -28.87 -19.94
C GLY J 415 24.22 -28.87 -18.63
N ASP J 416 25.44 -28.33 -18.67
CA ASP J 416 26.31 -28.30 -17.50
C ASP J 416 25.72 -27.35 -16.46
N ILE J 417 25.21 -27.92 -15.36
CA ILE J 417 24.58 -27.10 -14.33
C ILE J 417 25.58 -26.40 -13.43
N THR J 418 26.87 -26.70 -13.57
CA THR J 418 27.90 -26.00 -12.81
C THR J 418 27.94 -24.52 -13.14
N PHE J 419 27.62 -24.14 -14.38
CA PHE J 419 27.58 -22.74 -14.77
C PHE J 419 26.35 -22.09 -14.16
N VAL J 420 26.52 -21.46 -13.00
CA VAL J 420 25.43 -20.75 -12.35
C VAL J 420 25.03 -19.56 -13.20
N VAL J 421 23.72 -19.36 -13.35
CA VAL J 421 23.20 -18.25 -14.15
C VAL J 421 22.83 -17.10 -13.22
N SER J 422 23.31 -15.90 -13.55
CA SER J 422 22.99 -14.71 -12.77
C SER J 422 22.59 -13.60 -13.72
N GLY J 423 21.47 -12.94 -13.40
CA GLY J 423 20.97 -11.91 -14.28
C GLY J 423 20.69 -12.45 -15.66
N ASN J 424 21.42 -11.94 -16.65
CA ASN J 424 21.36 -12.42 -18.02
C ASN J 424 22.72 -12.95 -18.49
N THR J 425 23.55 -13.38 -17.55
CA THR J 425 24.91 -13.78 -17.85
C THR J 425 25.23 -15.12 -17.19
N THR J 426 26.15 -15.86 -17.82
CA THR J 426 26.65 -17.11 -17.25
C THR J 426 27.96 -16.83 -16.51
N THR J 427 28.06 -17.34 -15.28
CA THR J 427 29.23 -17.08 -14.45
C THR J 427 29.80 -18.41 -13.97
N THR J 428 31.09 -18.36 -13.59
CA THR J 428 31.81 -19.54 -13.12
C THR J 428 32.37 -19.34 -11.72
N VAL J 429 31.73 -18.51 -10.89
CA VAL J 429 32.23 -18.23 -9.55
C VAL J 429 32.21 -19.49 -8.68
N HIS J 430 31.15 -20.29 -8.79
CA HIS J 430 30.99 -21.48 -7.96
C HIS J 430 31.37 -22.77 -8.68
N ALA J 431 32.26 -22.69 -9.67
CA ALA J 431 32.66 -23.89 -10.39
C ALA J 431 33.37 -24.88 -9.48
N LYS J 432 34.28 -24.39 -8.63
CA LYS J 432 35.05 -25.30 -7.78
C LYS J 432 34.20 -25.82 -6.62
N ALA J 433 33.36 -24.96 -6.06
CA ALA J 433 32.59 -25.34 -4.87
C ALA J 433 31.59 -26.46 -5.17
N LEU J 434 30.91 -26.40 -6.31
CA LEU J 434 29.89 -27.40 -6.61
C LEU J 434 30.51 -28.74 -6.98
N LYS J 435 31.65 -28.74 -7.65
CA LYS J 435 32.23 -29.98 -8.16
C LYS J 435 32.62 -30.95 -7.04
N GLU J 436 33.00 -30.45 -5.87
CA GLU J 436 33.45 -31.34 -4.81
C GLU J 436 32.29 -32.18 -4.26
N ARG J 437 31.06 -31.70 -4.42
CA ARG J 437 29.89 -32.34 -3.83
C ARG J 437 29.18 -33.28 -4.80
N MET J 438 29.64 -33.41 -6.04
CA MET J 438 28.86 -34.05 -7.09
C MET J 438 29.62 -35.19 -7.74
N VAL J 439 28.89 -36.03 -8.46
CA VAL J 439 29.44 -37.09 -9.29
C VAL J 439 28.79 -37.00 -10.67
N LYS J 440 29.60 -37.06 -11.72
CA LYS J 440 29.14 -36.83 -13.08
C LYS J 440 29.21 -38.10 -13.90
N LEU J 441 28.18 -38.34 -14.71
CA LEU J 441 28.11 -39.49 -15.61
C LEU J 441 27.65 -39.01 -16.97
N ASN J 442 28.26 -39.54 -18.03
CA ASN J 442 27.95 -39.14 -19.40
C ASN J 442 27.07 -40.20 -20.06
N PHE J 443 25.83 -39.83 -20.36
CA PHE J 443 24.93 -40.68 -21.15
C PHE J 443 24.93 -40.18 -22.58
N THR J 444 26.02 -40.49 -23.29
CA THR J 444 26.25 -39.94 -24.62
C THR J 444 25.70 -40.80 -25.75
N VAL J 445 25.29 -42.03 -25.47
CA VAL J 445 24.85 -42.97 -26.50
C VAL J 445 23.33 -42.94 -26.57
N ARG J 446 22.79 -42.69 -27.76
CA ARG J 446 21.35 -42.72 -27.96
C ARG J 446 20.82 -44.13 -27.76
N CYS J 447 19.72 -44.24 -27.02
CA CYS J 447 19.14 -45.54 -26.71
C CYS J 447 18.14 -45.97 -27.77
N SER J 448 17.77 -47.24 -27.72
CA SER J 448 16.83 -47.79 -28.67
C SER J 448 15.45 -47.15 -28.46
N PRO J 449 14.70 -46.90 -29.53
CA PRO J 449 13.35 -46.33 -29.36
C PRO J 449 12.42 -47.20 -28.54
N ASP J 450 12.57 -48.52 -28.62
CA ASP J 450 11.73 -49.45 -27.87
C ASP J 450 12.51 -50.27 -26.86
N MET J 451 13.53 -49.69 -26.22
CA MET J 451 14.28 -50.42 -25.20
C MET J 451 13.41 -50.74 -24.00
N GLY J 452 12.35 -49.98 -23.80
CA GLY J 452 11.45 -50.20 -22.68
C GLY J 452 11.72 -49.28 -21.50
N LEU J 453 10.66 -49.06 -20.73
CA LEU J 453 10.75 -48.20 -19.56
C LEU J 453 10.53 -48.99 -18.27
N LEU J 454 11.46 -48.79 -17.34
CA LEU J 454 11.80 -49.80 -16.34
C LEU J 454 10.80 -49.83 -15.18
N THR J 455 10.96 -50.85 -14.34
CA THR J 455 10.13 -51.04 -13.16
C THR J 455 11.01 -51.49 -12.00
N GLU J 456 10.36 -51.79 -10.87
CA GLU J 456 11.10 -52.18 -9.67
C GLU J 456 11.83 -53.49 -9.85
N ALA J 457 11.33 -54.36 -10.73
CA ALA J 457 11.91 -55.69 -10.89
C ALA J 457 13.37 -55.61 -11.35
N ASP J 458 13.68 -54.67 -12.23
CA ASP J 458 15.03 -54.58 -12.76
C ASP J 458 16.01 -54.02 -11.73
N VAL J 459 15.61 -52.97 -11.01
CA VAL J 459 16.52 -52.31 -10.08
C VAL J 459 16.81 -53.20 -8.87
N GLN J 460 15.79 -53.89 -8.36
CA GLN J 460 15.99 -54.74 -7.19
C GLN J 460 16.86 -55.94 -7.51
N GLN J 461 16.65 -56.54 -8.69
CA GLN J 461 17.51 -57.64 -9.12
C GLN J 461 18.95 -57.16 -9.31
N TRP J 462 19.10 -55.98 -9.91
CA TRP J 462 20.44 -55.47 -10.20
C TRP J 462 21.22 -55.20 -8.91
N LEU J 463 20.58 -54.58 -7.92
CA LEU J 463 21.27 -54.27 -6.68
C LEU J 463 21.54 -55.52 -5.85
N THR J 464 20.63 -56.49 -5.89
CA THR J 464 20.85 -57.73 -5.13
C THR J 464 22.11 -58.44 -5.59
N TRP J 465 22.30 -58.53 -6.90
CA TRP J 465 23.51 -59.15 -7.44
C TRP J 465 24.76 -58.35 -7.07
N CYS J 466 24.67 -57.02 -7.14
CA CYS J 466 25.84 -56.19 -6.87
C CYS J 466 26.29 -56.30 -5.42
N ASN J 467 25.36 -56.56 -4.50
CA ASN J 467 25.71 -56.65 -3.09
C ASN J 467 26.54 -57.89 -2.79
N ALA J 468 26.31 -58.99 -3.50
CA ALA J 468 26.93 -60.27 -3.17
C ALA J 468 28.41 -60.33 -3.55
N GLN J 469 28.88 -59.45 -4.43
CA GLN J 469 30.27 -59.48 -4.87
C GLN J 469 31.20 -58.85 -3.85
N SER J 470 32.49 -59.06 -4.05
CA SER J 470 33.49 -58.53 -3.12
C SER J 470 33.51 -57.01 -3.19
N TRP J 471 33.73 -56.39 -2.03
CA TRP J 471 33.71 -54.94 -1.93
C TRP J 471 35.11 -54.31 -1.98
N ASP J 472 36.14 -55.13 -2.20
CA ASP J 472 37.50 -54.59 -2.28
C ASP J 472 37.71 -53.73 -3.52
N HIS J 473 37.08 -54.10 -4.63
CA HIS J 473 37.29 -53.36 -5.87
C HIS J 473 36.76 -51.93 -5.78
N TYR J 474 35.78 -51.70 -4.89
CA TYR J 474 35.20 -50.37 -4.75
C TYR J 474 35.94 -49.54 -3.71
N GLU J 475 36.29 -50.14 -2.57
CA GLU J 475 36.86 -49.37 -1.46
C GLU J 475 38.22 -48.77 -1.80
N ASN J 476 38.98 -49.37 -2.71
CA ASN J 476 40.24 -48.76 -3.12
C ASN J 476 40.00 -47.41 -3.81
N TRP J 477 39.00 -47.35 -4.69
CA TRP J 477 38.63 -46.08 -5.30
C TRP J 477 37.93 -45.17 -4.30
N ALA J 478 37.26 -45.76 -3.30
CA ALA J 478 36.52 -44.98 -2.32
C ALA J 478 37.45 -44.19 -1.40
N ILE J 479 38.75 -44.49 -1.39
CA ILE J 479 39.68 -43.76 -0.56
C ILE J 479 39.74 -42.29 -0.98
N ASN J 480 39.79 -42.02 -2.28
CA ASN J 480 39.83 -40.65 -2.81
C ASN J 480 38.75 -40.53 -3.90
N TYR J 481 37.65 -39.88 -3.54
CA TYR J 481 36.53 -39.74 -4.47
C TYR J 481 36.89 -38.82 -5.63
N THR J 482 36.46 -39.18 -6.82
CA THR J 482 36.70 -38.37 -8.01
C THR J 482 35.40 -37.74 -8.51
N PHE J 483 35.54 -36.57 -9.14
CA PHE J 483 34.36 -35.89 -9.68
C PHE J 483 33.70 -36.73 -10.76
N ASP J 484 34.46 -37.17 -11.76
CA ASP J 484 33.90 -38.04 -12.77
C ASP J 484 33.97 -39.49 -12.29
N PHE J 485 33.10 -40.33 -12.88
CA PHE J 485 33.04 -41.73 -12.51
C PHE J 485 33.88 -42.54 -13.49
N PRO J 486 34.79 -43.38 -13.00
CA PRO J 486 35.63 -44.17 -13.92
C PRO J 486 34.79 -45.10 -14.77
N GLY J 487 35.22 -45.28 -16.02
CA GLY J 487 34.52 -46.12 -16.96
C GLY J 487 34.93 -47.58 -16.86
N ILE J 488 34.47 -48.36 -17.83
CA ILE J 488 34.75 -49.80 -17.83
C ILE J 488 36.19 -50.03 -18.27
N ASN J 489 36.86 -50.97 -17.60
CA ASN J 489 38.19 -51.42 -17.98
C ASN J 489 38.17 -52.93 -18.11
N ALA J 490 38.62 -53.45 -19.25
CA ALA J 490 38.61 -54.89 -19.48
C ALA J 490 39.48 -55.64 -18.48
N ASP J 491 40.46 -54.96 -17.88
CA ASP J 491 41.29 -55.57 -16.85
C ASP J 491 40.52 -55.86 -15.57
N ALA J 492 39.34 -55.27 -15.39
CA ALA J 492 38.52 -55.53 -14.22
C ALA J 492 37.11 -56.00 -14.54
N LEU J 493 36.81 -56.34 -15.78
CA LEU J 493 35.47 -56.79 -16.15
C LEU J 493 35.11 -58.06 -15.40
N HIS J 494 33.94 -58.06 -14.78
CA HIS J 494 33.59 -59.15 -13.87
C HIS J 494 33.28 -60.40 -14.69
N PRO J 495 33.64 -61.59 -14.21
CA PRO J 495 33.53 -62.81 -15.05
C PRO J 495 32.15 -63.09 -15.60
N ASP J 496 31.07 -62.81 -14.85
CA ASP J 496 29.74 -62.99 -15.41
C ASP J 496 29.47 -62.00 -16.53
N LEU J 497 30.05 -60.80 -16.45
CA LEU J 497 29.88 -59.80 -17.50
C LEU J 497 30.90 -59.94 -18.62
N GLN J 498 31.83 -60.90 -18.52
CA GLN J 498 32.81 -61.13 -19.57
C GLN J 498 32.18 -61.87 -20.74
N VAL K 201 6.08 -23.79 53.31
CA VAL K 201 4.79 -23.90 52.63
C VAL K 201 4.42 -25.36 52.42
N VAL K 202 3.40 -25.83 53.13
CA VAL K 202 2.94 -27.21 53.01
C VAL K 202 2.30 -27.41 51.64
N PRO K 203 2.67 -28.47 50.92
CA PRO K 203 2.06 -28.71 49.61
C PRO K 203 0.58 -29.08 49.74
N PHE K 204 -0.15 -28.92 48.65
CA PHE K 204 -1.55 -29.30 48.62
C PHE K 204 -1.69 -30.81 48.74
N ASN K 205 -2.71 -31.25 49.47
CA ASN K 205 -2.89 -32.68 49.75
C ASN K 205 -3.82 -33.36 48.77
N GLY K 206 -3.44 -33.44 47.50
CA GLY K 206 -4.24 -34.16 46.53
C GLY K 206 -3.62 -35.51 46.17
N LYS K 207 -4.49 -36.41 45.73
CA LYS K 207 -4.06 -37.74 45.31
C LYS K 207 -4.82 -38.14 44.06
N GLY K 208 -4.08 -38.63 43.06
CA GLY K 208 -4.68 -38.96 41.78
C GLY K 208 -4.79 -40.47 41.57
N THR K 209 -5.43 -40.84 40.46
CA THR K 209 -5.59 -42.25 40.11
C THR K 209 -4.27 -42.84 39.61
N LYS K 210 -4.35 -44.10 39.18
CA LYS K 210 -3.17 -44.78 38.67
C LYS K 210 -2.60 -44.08 37.45
N ALA K 211 -3.47 -43.50 36.61
CA ALA K 211 -3.02 -42.81 35.42
C ALA K 211 -2.12 -41.62 35.74
N SER K 212 -2.49 -40.80 36.72
CA SER K 212 -1.67 -39.66 37.12
C SER K 212 -0.32 -40.09 37.68
N ILE K 213 -0.30 -41.15 38.49
CA ILE K 213 0.96 -41.65 39.03
C ILE K 213 1.85 -42.16 37.91
N LYS K 214 1.26 -42.86 36.94
CA LYS K 214 2.03 -43.34 35.79
C LYS K 214 2.58 -42.17 34.98
N PHE K 215 1.78 -41.11 34.83
CA PHE K 215 2.24 -39.93 34.11
C PHE K 215 3.41 -39.27 34.82
N GLN K 216 3.34 -39.17 36.15
CA GLN K 216 4.45 -38.60 36.91
C GLN K 216 5.69 -39.47 36.80
N THR K 217 5.50 -40.80 36.83
CA THR K 217 6.64 -41.71 36.65
C THR K 217 7.28 -41.52 35.29
N MET K 218 6.47 -41.36 34.24
CA MET K 218 7.03 -41.13 32.91
C MET K 218 7.75 -39.79 32.83
N VAL K 219 7.21 -38.76 33.50
CA VAL K 219 7.89 -37.46 33.53
C VAL K 219 9.25 -37.59 34.19
N ASN K 220 9.32 -38.30 35.32
CA ASN K 220 10.61 -38.51 35.98
C ASN K 220 11.55 -39.32 35.10
N TRP K 221 11.03 -40.33 34.40
CA TRP K 221 11.84 -41.13 33.50
C TRP K 221 12.43 -40.28 32.37
N LEU K 222 11.66 -39.30 31.90
CA LEU K 222 12.17 -38.40 30.86
C LEU K 222 13.39 -37.63 31.35
N CYS K 223 13.33 -37.09 32.56
CA CYS K 223 14.48 -36.38 33.12
C CYS K 223 15.65 -37.32 33.35
N GLU K 224 15.36 -38.54 33.82
CA GLU K 224 16.43 -39.49 34.12
C GLU K 224 17.21 -39.92 32.90
N ASN K 225 16.60 -39.93 31.72
CA ASN K 225 17.24 -40.42 30.51
C ASN K 225 17.58 -39.30 29.53
N ARG K 226 17.40 -38.04 29.92
CA ARG K 226 17.78 -36.89 29.12
C ARG K 226 17.08 -36.89 27.76
N VAL K 227 15.77 -37.14 27.78
CA VAL K 227 14.93 -37.10 26.58
C VAL K 227 14.16 -35.79 26.61
N PHE K 228 14.35 -34.96 25.58
CA PHE K 228 13.75 -33.63 25.55
C PHE K 228 13.15 -33.27 24.19
N THR K 229 13.23 -34.16 23.21
CA THR K 229 12.69 -33.89 21.88
C THR K 229 11.93 -35.11 21.39
N GLU K 230 11.00 -34.88 20.47
CA GLU K 230 10.22 -35.97 19.90
C GLU K 230 11.11 -36.94 19.13
N ASP K 231 12.07 -36.41 18.37
CA ASP K 231 12.96 -37.27 17.60
C ASP K 231 13.81 -38.16 18.52
N LYS K 232 14.31 -37.60 19.62
CA LYS K 232 15.07 -38.39 20.58
C LYS K 232 14.20 -39.49 21.20
N TRP K 233 12.96 -39.16 21.53
CA TRP K 233 12.05 -40.16 22.08
C TRP K 233 11.79 -41.28 21.09
N LYS K 234 11.57 -40.93 19.81
CA LYS K 234 11.35 -41.95 18.79
C LYS K 234 12.58 -42.82 18.61
N LEU K 235 13.77 -42.22 18.61
CA LEU K 235 15.00 -42.99 18.45
C LEU K 235 15.23 -43.92 19.63
N VAL K 236 14.95 -43.47 20.85
CA VAL K 236 15.23 -44.27 22.03
C VAL K 236 14.15 -45.33 22.23
N ASP K 237 12.88 -44.91 22.32
CA ASP K 237 11.80 -45.84 22.64
C ASP K 237 10.64 -45.58 21.67
N PHE K 238 10.66 -46.29 20.55
CA PHE K 238 9.59 -46.18 19.57
C PHE K 238 8.31 -46.84 20.04
N ASN K 239 8.40 -47.96 20.76
CA ASN K 239 7.22 -48.71 21.17
C ASN K 239 6.32 -47.89 22.06
N GLN K 240 6.90 -47.27 23.10
CA GLN K 240 6.09 -46.47 24.03
C GLN K 240 5.53 -45.23 23.33
N TYR K 241 6.31 -44.64 22.42
CA TYR K 241 5.80 -43.50 21.67
C TYR K 241 4.58 -43.88 20.84
N THR K 242 4.64 -45.02 20.15
CA THR K 242 3.49 -45.49 19.39
C THR K 242 2.30 -45.79 20.31
N LEU K 243 2.58 -46.41 21.45
CA LEU K 243 1.51 -46.72 22.40
C LEU K 243 0.80 -45.46 22.87
N LEU K 244 1.57 -44.42 23.18
CA LEU K 244 0.95 -43.15 23.58
C LEU K 244 0.20 -42.51 22.43
N SER K 245 0.77 -42.50 21.24
CA SER K 245 0.15 -41.86 20.08
C SER K 245 -1.02 -42.66 19.53
N SER K 246 -1.27 -43.86 20.06
CA SER K 246 -2.39 -44.68 19.59
C SER K 246 -3.75 -44.02 19.81
N SER K 247 -3.85 -43.04 20.72
CA SER K 247 -5.14 -42.45 21.03
C SER K 247 -4.98 -40.95 21.23
N HIS K 248 -6.11 -40.26 21.29
CA HIS K 248 -6.10 -38.81 21.47
C HIS K 248 -5.51 -38.42 22.81
N SER K 249 -5.85 -39.15 23.88
CA SER K 249 -5.39 -38.79 25.22
C SER K 249 -3.88 -38.84 25.32
N GLY K 250 -3.26 -39.83 24.71
CA GLY K 250 -1.81 -39.98 24.77
C GLY K 250 -1.03 -38.85 24.11
N SER K 251 -1.58 -38.31 23.02
CA SER K 251 -0.91 -37.22 22.31
C SER K 251 -0.76 -35.98 23.17
N PHE K 252 -1.80 -35.59 23.92
CA PHE K 252 -1.68 -34.46 24.83
C PHE K 252 -0.69 -34.76 25.95
N GLN K 253 -0.72 -36.00 26.47
CA GLN K 253 0.18 -36.38 27.55
C GLN K 253 1.63 -36.30 27.11
N ILE K 254 1.92 -36.66 25.85
CA ILE K 254 3.29 -36.59 25.36
C ILE K 254 3.81 -35.17 25.45
N GLN K 255 3.04 -34.22 24.92
CA GLN K 255 3.46 -32.82 24.93
C GLN K 255 3.57 -32.28 26.34
N SER K 256 2.60 -32.60 27.20
CA SER K 256 2.65 -32.10 28.57
C SER K 256 3.88 -32.65 29.31
N ALA K 257 4.17 -33.94 29.13
CA ALA K 257 5.31 -34.56 29.78
C ALA K 257 6.62 -33.94 29.29
N LEU K 258 6.73 -33.72 27.98
CA LEU K 258 7.94 -33.11 27.45
C LEU K 258 8.14 -31.70 27.98
N LYS K 259 7.05 -30.91 27.99
CA LYS K 259 7.15 -29.53 28.46
C LYS K 259 7.48 -29.46 29.95
N LEU K 260 6.95 -30.39 30.75
CA LEU K 260 7.27 -30.39 32.17
C LEU K 260 8.69 -30.88 32.42
N ALA K 261 9.14 -31.89 31.66
CA ALA K 261 10.49 -32.42 31.84
C ALA K 261 11.53 -31.37 31.48
N ILE K 262 11.31 -30.62 30.41
CA ILE K 262 12.25 -29.57 30.04
C ILE K 262 12.35 -28.53 31.14
N TYR K 263 11.21 -28.11 31.68
CA TYR K 263 11.22 -27.13 32.76
C TYR K 263 11.94 -27.65 34.00
N LYS K 264 11.68 -28.91 34.37
CA LYS K 264 12.33 -29.47 35.55
C LYS K 264 13.84 -29.55 35.35
N ALA K 265 14.28 -29.99 34.18
CA ALA K 265 15.71 -30.11 33.93
C ALA K 265 16.39 -28.75 33.82
N THR K 266 15.65 -27.71 33.44
CA THR K 266 16.27 -26.41 33.25
C THR K 266 16.26 -25.53 34.50
N ASN K 267 15.20 -25.59 35.30
CA ASN K 267 15.03 -24.64 36.40
C ASN K 267 15.08 -25.25 37.79
N LEU K 268 14.67 -26.50 37.97
CA LEU K 268 14.58 -27.07 39.30
C LEU K 268 15.83 -27.85 39.71
N VAL K 269 16.66 -28.25 38.76
CA VAL K 269 17.87 -29.01 39.01
C VAL K 269 19.06 -28.19 38.50
N PRO K 270 20.09 -27.96 39.32
CA PRO K 270 21.24 -27.21 38.84
C PRO K 270 21.90 -27.89 37.64
N THR K 271 22.38 -27.08 36.71
CA THR K 271 22.95 -27.62 35.47
C THR K 271 24.22 -28.43 35.75
N SER K 272 25.00 -28.02 36.74
CA SER K 272 26.26 -28.69 37.04
C SER K 272 26.06 -30.17 37.40
N THR K 273 24.92 -30.52 37.97
CA THR K 273 24.64 -31.91 38.29
C THR K 273 24.61 -32.80 37.04
N PHE K 274 24.29 -32.22 35.88
CA PHE K 274 24.32 -32.97 34.64
C PHE K 274 25.71 -33.08 34.04
N LEU K 275 26.70 -32.38 34.61
CA LEU K 275 28.08 -32.46 34.17
C LEU K 275 28.92 -33.38 35.05
N LEU K 276 28.71 -33.34 36.36
CA LEU K 276 29.47 -34.17 37.28
C LEU K 276 29.08 -35.64 37.13
N HIS K 277 30.08 -36.49 37.01
CA HIS K 277 29.85 -37.93 36.93
C HIS K 277 29.83 -38.53 38.34
N ALA K 278 28.86 -39.41 38.56
CA ALA K 278 28.70 -40.06 39.86
C ALA K 278 29.84 -41.04 40.13
N CYS K 285 45.58 -41.22 34.88
CA CYS K 285 44.77 -41.04 33.68
C CYS K 285 44.32 -39.60 33.54
N ILE K 286 44.52 -38.81 34.61
CA ILE K 286 44.13 -37.41 34.57
C ILE K 286 44.94 -36.64 33.54
N LYS K 287 46.25 -36.92 33.44
CA LYS K 287 47.08 -36.25 32.46
C LYS K 287 46.71 -36.62 31.03
N ASP K 288 46.05 -37.76 30.83
CA ASP K 288 45.72 -38.25 29.50
C ASP K 288 44.43 -37.66 28.94
N ASN K 289 43.77 -36.78 29.69
CA ASN K 289 42.54 -36.16 29.21
C ASN K 289 42.85 -35.26 28.03
N LYS K 290 42.08 -35.41 26.95
CA LYS K 290 42.33 -34.65 25.73
C LYS K 290 42.14 -33.16 25.95
N ILE K 291 41.11 -32.77 26.70
CA ILE K 291 40.87 -31.36 26.98
C ILE K 291 42.02 -30.76 27.76
N VAL K 292 42.55 -31.50 28.74
CA VAL K 292 43.70 -31.02 29.50
C VAL K 292 44.91 -30.84 28.60
N LYS K 293 45.09 -31.75 27.64
CA LYS K 293 46.18 -31.62 26.68
C LYS K 293 46.00 -30.37 25.83
N LEU K 294 44.76 -30.09 25.42
CA LEU K 294 44.49 -28.90 24.63
C LEU K 294 44.78 -27.63 25.42
N LEU K 295 44.38 -27.60 26.70
CA LEU K 295 44.53 -26.39 27.49
C LEU K 295 45.99 -26.07 27.77
N LEU K 296 46.80 -27.09 28.04
CA LEU K 296 48.21 -26.85 28.34
C LEU K 296 48.95 -26.33 27.11
N CYS K 297 48.55 -26.77 25.91
CA CYS K 297 49.14 -26.23 24.69
C CYS K 297 48.86 -24.73 24.56
N GLN K 298 47.64 -24.31 24.87
CA GLN K 298 47.27 -22.91 24.79
C GLN K 298 47.72 -22.10 26.00
N ASN K 299 48.59 -22.67 26.84
CA ASN K 299 49.17 -21.97 27.99
C ASN K 299 48.08 -21.51 28.96
N TYR K 300 47.26 -22.45 29.43
CA TYR K 300 46.24 -22.17 30.43
C TYR K 300 46.15 -23.32 31.42
N ASP K 301 45.81 -22.98 32.65
CA ASP K 301 45.75 -23.97 33.73
C ASP K 301 44.46 -24.77 33.63
N PRO K 302 44.53 -26.09 33.39
CA PRO K 302 43.29 -26.87 33.27
C PRO K 302 42.42 -26.86 34.52
N LEU K 303 43.04 -26.83 35.71
CA LEU K 303 42.25 -26.85 36.94
C LEU K 303 41.46 -25.55 37.12
N LEU K 304 42.11 -24.41 36.85
CA LEU K 304 41.44 -23.13 37.06
C LEU K 304 40.34 -22.89 36.04
N VAL K 305 40.51 -23.39 34.81
CA VAL K 305 39.46 -23.26 33.80
C VAL K 305 38.22 -24.05 34.21
N GLY K 306 38.43 -25.28 34.68
CA GLY K 306 37.30 -26.13 35.03
C GLY K 306 36.48 -25.58 36.18
N GLN K 307 37.15 -25.05 37.21
CA GLN K 307 36.43 -24.51 38.35
C GLN K 307 35.61 -23.29 37.99
N HIS K 308 36.14 -22.42 37.12
CA HIS K 308 35.38 -21.26 36.69
C HIS K 308 34.17 -21.66 35.86
N VAL K 309 34.30 -22.70 35.05
CA VAL K 309 33.18 -23.16 34.23
C VAL K 309 32.01 -23.58 35.11
N LEU K 310 32.28 -24.37 36.15
CA LEU K 310 31.22 -24.85 37.04
C LEU K 310 30.50 -23.72 37.77
N LYS K 311 31.21 -22.65 38.14
CA LYS K 311 30.58 -21.48 38.73
C LYS K 311 29.84 -20.64 37.69
N TRP K 312 30.36 -20.57 36.47
CA TRP K 312 29.71 -19.81 35.42
C TRP K 312 28.49 -20.53 34.88
N ILE K 313 28.59 -21.85 34.65
CA ILE K 313 27.46 -22.61 34.13
C ILE K 313 26.33 -22.64 35.15
N ASP K 314 26.64 -22.57 36.44
CA ASP K 314 25.63 -22.53 37.49
C ASP K 314 25.12 -21.12 37.76
N LYS K 315 25.53 -20.14 36.95
CA LYS K 315 25.04 -18.78 37.05
C LYS K 315 25.40 -18.14 38.39
N LYS K 316 26.61 -18.41 38.88
CA LYS K 316 27.05 -17.90 40.16
C LYS K 316 28.11 -16.81 40.05
N CYS K 317 28.70 -16.60 38.88
CA CYS K 317 29.78 -15.63 38.72
C CYS K 317 29.29 -14.19 38.65
N GLY K 318 28.03 -13.92 38.98
CA GLY K 318 27.56 -12.54 39.01
C GLY K 318 27.44 -11.96 37.61
N LYS K 319 28.02 -10.77 37.42
CA LYS K 319 27.83 -10.04 36.18
C LYS K 319 28.62 -10.62 35.02
N LYS K 320 29.79 -11.21 35.28
CA LYS K 320 30.60 -11.80 34.21
C LYS K 320 29.97 -13.13 33.79
N ASN K 321 29.06 -13.02 32.82
CA ASN K 321 28.20 -14.13 32.43
C ASN K 321 28.66 -14.84 31.15
N THR K 322 29.60 -14.28 30.40
CA THR K 322 29.96 -14.79 29.09
C THR K 322 31.42 -15.21 29.03
N LEU K 323 31.70 -16.28 28.31
CA LEU K 323 33.05 -16.71 28.00
C LEU K 323 33.33 -16.45 26.52
N TRP K 324 34.49 -15.87 26.24
CA TRP K 324 34.86 -15.48 24.89
C TRP K 324 36.16 -16.18 24.51
N PHE K 325 36.13 -16.87 23.37
CA PHE K 325 37.32 -17.53 22.82
C PHE K 325 37.81 -16.71 21.63
N TYR K 326 39.09 -16.39 21.63
CA TYR K 326 39.70 -15.57 20.59
C TYR K 326 40.98 -16.24 20.12
N GLY K 327 41.13 -16.39 18.80
CA GLY K 327 42.33 -16.96 18.24
C GLY K 327 42.22 -17.23 16.76
N PRO K 328 43.34 -17.59 16.14
CA PRO K 328 43.35 -17.92 14.71
C PRO K 328 42.50 -19.15 14.42
N PRO K 329 42.22 -19.44 13.15
CA PRO K 329 41.45 -20.65 12.83
C PRO K 329 42.23 -21.92 13.16
N SER K 330 41.49 -23.00 13.36
CA SER K 330 42.03 -24.34 13.60
C SER K 330 42.82 -24.43 14.90
N THR K 331 42.52 -23.58 15.88
CA THR K 331 43.11 -23.69 17.21
C THR K 331 42.22 -24.40 18.21
N GLY K 332 41.06 -24.90 17.78
CA GLY K 332 40.19 -25.67 18.64
C GLY K 332 39.22 -24.87 19.49
N LYS K 333 38.93 -23.62 19.12
CA LYS K 333 37.97 -22.82 19.88
C LYS K 333 36.57 -23.40 19.75
N THR K 334 36.17 -23.79 18.54
CA THR K 334 34.82 -24.31 18.32
C THR K 334 34.65 -25.71 18.91
N ASN K 335 35.68 -26.55 18.82
CA ASN K 335 35.56 -27.93 19.29
C ASN K 335 35.27 -27.98 20.78
N LEU K 336 35.97 -27.16 21.57
CA LEU K 336 35.73 -27.16 23.00
C LEU K 336 34.33 -26.63 23.33
N ALA K 337 33.88 -25.61 22.60
CA ALA K 337 32.55 -25.06 22.86
C ALA K 337 31.46 -26.07 22.56
N MET K 338 31.59 -26.80 21.44
CA MET K 338 30.58 -27.79 21.10
C MET K 338 30.59 -28.97 22.07
N ALA K 339 31.76 -29.32 22.61
CA ALA K 339 31.84 -30.40 23.60
C ALA K 339 31.06 -30.04 24.85
N ILE K 340 31.17 -28.79 25.33
CA ILE K 340 30.42 -28.35 26.49
C ILE K 340 28.93 -28.30 26.17
N ALA K 341 28.59 -27.88 24.96
CA ALA K 341 27.19 -27.77 24.57
C ALA K 341 26.52 -29.15 24.54
N LYS K 342 27.25 -30.17 24.08
CA LYS K 342 26.67 -31.51 24.03
C LYS K 342 26.49 -32.14 25.40
N SER K 343 27.02 -31.52 26.46
CA SER K 343 26.89 -32.05 27.81
C SER K 343 25.71 -31.47 28.57
N VAL K 344 25.33 -30.22 28.29
CA VAL K 344 24.20 -29.59 28.98
C VAL K 344 22.90 -30.20 28.44
N PRO K 345 21.81 -30.18 29.22
CA PRO K 345 20.56 -30.79 28.74
C PRO K 345 20.02 -30.20 27.45
N VAL K 346 19.77 -28.89 27.45
CA VAL K 346 19.17 -28.21 26.30
C VAL K 346 19.96 -26.94 26.03
N TYR K 347 20.29 -26.72 24.76
CA TYR K 347 20.99 -25.51 24.34
C TYR K 347 20.54 -25.13 22.94
N GLY K 348 20.74 -23.86 22.61
CA GLY K 348 20.44 -23.34 21.28
C GLY K 348 21.51 -22.37 20.83
N MET K 349 21.69 -22.28 19.52
CA MET K 349 22.71 -21.40 18.94
C MET K 349 22.03 -20.19 18.32
N VAL K 350 22.70 -19.03 18.41
CA VAL K 350 22.17 -17.80 17.84
C VAL K 350 22.11 -17.89 16.32
N ASN K 351 23.03 -18.65 15.71
CA ASN K 351 23.05 -18.79 14.27
C ASN K 351 21.78 -19.40 13.70
N TRP K 352 21.04 -20.18 14.50
CA TRP K 352 19.78 -20.76 14.05
C TRP K 352 18.66 -19.73 13.96
N ASN K 353 18.61 -18.78 14.89
CA ASN K 353 17.51 -17.84 14.95
C ASN K 353 17.51 -16.92 13.73
N ASN K 354 16.48 -16.07 13.65
CA ASN K 354 16.33 -15.15 12.54
C ASN K 354 17.50 -14.17 12.51
N GLU K 355 17.95 -13.85 11.29
CA GLU K 355 19.14 -13.01 11.15
C GLU K 355 18.92 -11.61 11.72
N ASN K 356 17.71 -11.08 11.62
CA ASN K 356 17.37 -9.78 12.18
C ASN K 356 16.85 -9.87 13.61
N PHE K 357 16.51 -11.06 14.09
CA PHE K 357 16.00 -11.29 15.44
C PHE K 357 16.83 -12.39 16.08
N PRO K 358 17.99 -12.05 16.63
CA PRO K 358 18.92 -13.10 17.09
C PRO K 358 18.51 -13.76 18.40
N PHE K 359 17.87 -13.02 19.32
CA PHE K 359 17.64 -13.50 20.67
C PHE K 359 16.24 -14.06 20.88
N ASN K 360 15.66 -14.68 19.86
CA ASN K 360 14.36 -15.32 20.02
C ASN K 360 14.50 -16.69 20.66
N ASP K 361 13.54 -17.03 21.52
CA ASP K 361 13.51 -18.30 22.24
C ASP K 361 14.80 -18.50 23.03
N VAL K 362 15.17 -17.51 23.85
CA VAL K 362 16.33 -17.65 24.71
C VAL K 362 16.01 -18.49 25.94
N ALA K 363 14.78 -18.39 26.44
CA ALA K 363 14.40 -19.13 27.64
C ALA K 363 14.29 -20.62 27.36
N GLY K 364 14.36 -21.41 28.42
CA GLY K 364 14.29 -22.85 28.28
C GLY K 364 15.57 -23.51 27.80
N LYS K 365 16.69 -22.79 27.84
CA LYS K 365 17.97 -23.32 27.40
C LYS K 365 18.97 -23.26 28.55
N SER K 366 19.78 -24.32 28.65
CA SER K 366 20.83 -24.35 29.66
C SER K 366 22.07 -23.59 29.20
N LEU K 367 22.22 -23.37 27.89
CA LEU K 367 23.40 -22.72 27.35
C LEU K 367 23.03 -22.04 26.04
N VAL K 368 23.67 -20.91 25.75
CA VAL K 368 23.50 -20.21 24.49
C VAL K 368 24.87 -20.11 23.82
N VAL K 369 24.95 -20.53 22.57
CA VAL K 369 26.19 -20.58 21.82
C VAL K 369 26.13 -19.57 20.68
N TRP K 370 27.17 -18.75 20.56
CA TRP K 370 27.27 -17.75 19.49
C TRP K 370 28.61 -17.97 18.81
N ASP K 371 28.60 -18.62 17.66
CA ASP K 371 29.82 -19.04 16.97
C ASP K 371 30.14 -18.06 15.86
N GLU K 372 31.39 -17.59 15.82
CA GLU K 372 31.84 -16.58 14.86
C GLU K 372 30.94 -15.35 14.91
N GLY K 373 30.89 -14.71 16.07
CA GLY K 373 29.96 -13.63 16.27
C GLY K 373 30.53 -12.27 15.94
N ILE K 374 29.62 -11.33 15.70
CA ILE K 374 29.94 -9.93 15.47
C ILE K 374 28.73 -9.10 15.85
N ILE K 375 28.97 -7.95 16.47
CA ILE K 375 27.91 -7.13 17.05
C ILE K 375 27.65 -5.91 16.18
N LYS K 376 26.45 -5.82 15.63
CA LYS K 376 26.03 -4.64 14.89
C LYS K 376 25.39 -3.63 15.84
N SER K 377 25.36 -2.37 15.40
CA SER K 377 24.83 -1.30 16.25
C SER K 377 23.32 -1.42 16.45
N THR K 378 22.62 -2.12 15.56
CA THR K 378 21.17 -2.21 15.68
C THR K 378 20.72 -3.16 16.78
N ILE K 379 21.57 -4.10 17.19
CA ILE K 379 21.22 -5.07 18.21
C ILE K 379 22.19 -4.99 19.37
N VAL K 380 23.03 -3.96 19.39
CA VAL K 380 24.04 -3.85 20.44
C VAL K 380 23.40 -3.61 21.80
N GLU K 381 22.30 -2.84 21.84
CA GLU K 381 21.65 -2.56 23.12
C GLU K 381 20.94 -3.77 23.70
N ALA K 382 20.29 -4.57 22.86
CA ALA K 382 19.68 -5.81 23.34
C ALA K 382 20.75 -6.82 23.72
N ALA K 383 21.84 -6.89 22.97
CA ALA K 383 22.92 -7.82 23.29
C ALA K 383 23.60 -7.44 24.60
N LYS K 384 23.73 -6.13 24.87
CA LYS K 384 24.41 -5.69 26.08
C LYS K 384 23.68 -6.17 27.34
N ALA K 385 22.39 -6.46 27.24
CA ALA K 385 21.63 -6.91 28.40
C ALA K 385 21.77 -8.41 28.59
N ILE K 386 21.62 -9.19 27.52
CA ILE K 386 21.68 -10.65 27.64
C ILE K 386 23.07 -11.10 28.05
N LEU K 387 24.11 -10.48 27.48
CA LEU K 387 25.48 -10.85 27.83
C LEU K 387 25.78 -10.67 29.31
N GLY K 388 25.07 -9.76 29.98
CA GLY K 388 25.21 -9.56 31.40
C GLY K 388 24.27 -10.40 32.25
N GLY K 389 23.49 -11.28 31.64
CA GLY K 389 22.55 -12.09 32.40
C GLY K 389 21.33 -11.34 32.88
N GLN K 390 21.11 -10.12 32.41
CA GLN K 390 19.96 -9.33 32.84
C GLN K 390 18.68 -9.91 32.25
N PRO K 391 17.55 -9.83 32.95
CA PRO K 391 16.30 -10.37 32.41
C PRO K 391 15.77 -9.52 31.27
N THR K 392 15.36 -10.19 30.20
CA THR K 392 14.73 -9.51 29.09
C THR K 392 13.30 -9.10 29.45
N ARG K 393 12.82 -8.04 28.81
CA ARG K 393 11.53 -7.47 29.17
C ARG K 393 10.38 -8.44 28.94
N VAL K 394 10.41 -9.18 27.83
CA VAL K 394 9.30 -10.10 27.53
C VAL K 394 9.20 -11.18 28.59
N ASP K 395 10.32 -11.81 28.97
CA ASP K 395 10.30 -12.81 30.02
C ASP K 395 9.89 -12.18 31.35
N GLN K 396 10.38 -10.98 31.62
CA GLN K 396 10.01 -10.25 32.83
C GLN K 396 8.51 -10.01 32.90
N LYS K 397 7.94 -9.80 31.71
CA LYS K 397 6.48 -9.55 31.61
C LYS K 397 5.74 -10.86 31.78
N MET K 398 5.89 -11.79 30.83
CA MET K 398 5.20 -13.09 30.89
C MET K 398 5.44 -13.72 32.27
N ARG K 399 6.70 -14.02 32.60
CA ARG K 399 6.96 -14.71 33.88
C ARG K 399 6.59 -13.77 35.03
N GLY K 400 6.60 -12.46 34.77
CA GLY K 400 6.13 -11.53 35.79
C GLY K 400 7.05 -11.54 37.00
N SER K 401 8.24 -10.97 36.88
CA SER K 401 9.15 -10.85 38.05
C SER K 401 10.18 -9.76 37.80
N VAL K 402 10.32 -8.81 38.74
CA VAL K 402 11.26 -7.67 38.53
C VAL K 402 12.57 -8.22 37.97
N ALA K 403 13.03 -9.37 38.48
CA ALA K 403 14.29 -9.99 38.01
C ALA K 403 14.05 -11.49 37.81
N VAL K 404 14.33 -12.00 36.61
CA VAL K 404 14.12 -13.44 36.30
C VAL K 404 15.37 -14.00 35.62
N PRO K 405 15.81 -15.23 35.96
CA PRO K 405 16.97 -15.89 35.32
C PRO K 405 17.38 -15.59 33.87
N GLY K 406 18.68 -15.45 33.63
CA GLY K 406 19.18 -15.30 32.24
C GLY K 406 19.96 -16.55 31.88
N VAL K 407 20.64 -16.57 30.74
CA VAL K 407 21.30 -17.85 30.35
C VAL K 407 22.80 -17.59 30.11
N PRO K 408 23.73 -18.50 30.45
CA PRO K 408 25.14 -18.29 30.10
C PRO K 408 25.38 -18.38 28.61
N VAL K 409 26.36 -17.61 28.13
CA VAL K 409 26.66 -17.49 26.72
C VAL K 409 28.13 -17.80 26.48
N VAL K 410 28.43 -18.42 25.35
CA VAL K 410 29.80 -18.67 24.90
C VAL K 410 29.96 -18.08 23.51
N ILE K 411 31.09 -17.41 23.28
CA ILE K 411 31.36 -16.72 22.03
C ILE K 411 32.72 -17.13 21.51
N THR K 412 32.78 -17.47 20.22
CA THR K 412 34.03 -17.69 19.51
C THR K 412 34.17 -16.63 18.43
N SER K 413 35.38 -16.09 18.30
CA SER K 413 35.59 -14.98 17.37
C SER K 413 37.03 -14.98 16.88
N ASN K 414 37.20 -14.82 15.57
CA ASN K 414 38.52 -14.65 14.99
C ASN K 414 39.03 -13.22 15.10
N GLY K 415 38.15 -12.27 15.43
CA GLY K 415 38.54 -10.88 15.55
C GLY K 415 38.04 -10.30 16.85
N ASP K 416 38.54 -9.10 17.15
CA ASP K 416 38.19 -8.42 18.39
C ASP K 416 36.72 -8.02 18.35
N ILE K 417 35.91 -8.66 19.19
CA ILE K 417 34.47 -8.41 19.21
C ILE K 417 34.10 -7.11 19.92
N THR K 418 35.05 -6.51 20.66
CA THR K 418 34.76 -5.28 21.38
C THR K 418 34.50 -4.09 20.46
N PHE K 419 34.81 -4.20 19.17
CA PHE K 419 34.51 -3.16 18.20
C PHE K 419 33.15 -3.44 17.55
N VAL K 420 32.25 -2.48 17.64
CA VAL K 420 30.87 -2.63 17.18
C VAL K 420 30.76 -2.15 15.75
N VAL K 421 30.07 -2.92 14.91
CA VAL K 421 29.87 -2.53 13.52
C VAL K 421 28.77 -1.48 13.44
N SER K 422 29.05 -0.39 12.74
CA SER K 422 28.04 0.65 12.48
C SER K 422 28.19 1.05 11.02
N GLY K 423 27.40 0.40 10.16
CA GLY K 423 27.54 0.60 8.73
C GLY K 423 28.88 0.09 8.24
N ASN K 424 29.47 0.83 7.30
CA ASN K 424 30.85 0.59 6.87
C ASN K 424 31.87 1.37 7.70
N THR K 425 31.78 1.27 9.02
CA THR K 425 32.68 2.01 9.90
C THR K 425 32.75 1.28 11.23
N THR K 426 33.95 1.26 11.81
CA THR K 426 34.20 0.64 13.10
C THR K 426 34.10 1.70 14.19
N THR K 427 33.33 1.41 15.23
CA THR K 427 33.19 2.30 16.37
C THR K 427 33.67 1.60 17.63
N THR K 428 34.32 2.37 18.51
CA THR K 428 34.90 1.83 19.74
C THR K 428 34.24 2.38 20.99
N VAL K 429 33.04 2.96 20.88
CA VAL K 429 32.40 3.56 22.05
C VAL K 429 32.05 2.50 23.08
N HIS K 430 31.51 1.38 22.63
CA HIS K 430 30.99 0.35 23.53
C HIS K 430 32.05 -0.61 24.03
N ALA K 431 33.34 -0.31 23.82
CA ALA K 431 34.39 -1.23 24.27
C ALA K 431 34.40 -1.37 25.78
N LYS K 432 34.18 -0.27 26.51
CA LYS K 432 34.25 -0.33 27.96
C LYS K 432 33.18 -1.24 28.56
N ALA K 433 31.95 -1.16 28.04
CA ALA K 433 30.87 -1.95 28.59
C ALA K 433 31.04 -3.44 28.29
N LEU K 434 31.48 -3.78 27.09
CA LEU K 434 31.60 -5.19 26.72
C LEU K 434 32.66 -5.91 27.53
N LYS K 435 33.81 -5.26 27.76
CA LYS K 435 34.87 -5.92 28.53
C LYS K 435 34.49 -6.10 30.00
N GLU K 436 33.52 -5.32 30.49
CA GLU K 436 33.04 -5.53 31.85
C GLU K 436 32.29 -6.84 31.99
N ARG K 437 31.55 -7.25 30.97
CA ARG K 437 30.69 -8.42 31.03
C ARG K 437 31.31 -9.67 30.41
N MET K 438 32.53 -9.58 29.90
CA MET K 438 33.13 -10.69 29.16
C MET K 438 34.37 -11.23 29.88
N VAL K 439 34.82 -12.40 29.44
CA VAL K 439 36.05 -13.01 29.89
C VAL K 439 36.80 -13.51 28.66
N LYS K 440 38.08 -13.16 28.56
CA LYS K 440 38.86 -13.38 27.36
C LYS K 440 39.83 -14.54 27.54
N LEU K 441 39.87 -15.43 26.54
CA LEU K 441 40.82 -16.53 26.47
C LEU K 441 41.43 -16.54 25.07
N ASN K 442 42.74 -16.75 24.99
CA ASN K 442 43.48 -16.69 23.72
C ASN K 442 43.91 -18.09 23.34
N PHE K 443 43.57 -18.51 22.12
CA PHE K 443 43.96 -19.82 21.59
C PHE K 443 44.89 -19.58 20.40
N THR K 444 46.18 -19.50 20.70
CA THR K 444 47.18 -19.10 19.71
C THR K 444 47.89 -20.28 19.04
N VAL K 445 47.64 -21.51 19.46
CA VAL K 445 48.41 -22.67 19.01
C VAL K 445 47.59 -23.45 17.99
N ARG K 446 48.15 -23.60 16.80
CA ARG K 446 47.55 -24.45 15.78
C ARG K 446 47.75 -25.91 16.18
N CYS K 447 46.74 -26.75 15.95
CA CYS K 447 46.74 -28.12 16.42
C CYS K 447 46.82 -29.08 15.24
N SER K 448 47.65 -30.11 15.40
CA SER K 448 47.82 -31.14 14.39
C SER K 448 46.55 -31.97 14.24
N PRO K 449 46.32 -32.56 13.05
CA PRO K 449 45.12 -33.39 12.87
C PRO K 449 45.26 -34.76 13.52
N ASP K 450 45.71 -34.77 14.77
CA ASP K 450 45.78 -35.99 15.56
C ASP K 450 44.82 -35.96 16.75
N MET K 451 44.10 -34.85 16.92
CA MET K 451 43.11 -34.70 17.98
C MET K 451 41.75 -34.48 17.31
N GLY K 452 40.98 -35.55 17.22
CA GLY K 452 39.69 -35.51 16.55
C GLY K 452 38.63 -34.81 17.39
N LEU K 453 37.40 -34.89 16.90
CA LEU K 453 36.25 -34.33 17.60
C LEU K 453 36.16 -34.90 19.01
N LEU K 454 36.04 -34.02 20.01
CA LEU K 454 36.01 -34.47 21.39
C LEU K 454 34.69 -35.14 21.72
N THR K 455 34.68 -35.89 22.82
CA THR K 455 33.51 -36.67 23.20
C THR K 455 32.96 -36.12 24.52
N GLU K 456 31.70 -36.44 24.78
CA GLU K 456 31.06 -36.02 26.02
C GLU K 456 31.75 -36.64 27.23
N ALA K 457 32.20 -37.90 27.09
CA ALA K 457 32.87 -38.57 28.19
C ALA K 457 34.15 -37.83 28.60
N ASP K 458 34.89 -37.32 27.61
CA ASP K 458 36.09 -36.54 27.92
C ASP K 458 35.76 -35.31 28.75
N VAL K 459 34.62 -34.67 28.46
CA VAL K 459 34.17 -33.54 29.27
C VAL K 459 33.84 -33.99 30.68
N GLN K 460 33.25 -35.18 30.80
CA GLN K 460 32.80 -35.67 32.11
C GLN K 460 33.96 -35.80 33.09
N GLN K 461 35.07 -36.39 32.64
CA GLN K 461 36.19 -36.64 33.54
C GLN K 461 36.83 -35.33 34.02
N TRP K 462 36.99 -34.36 33.11
CA TRP K 462 37.76 -33.17 33.41
C TRP K 462 37.12 -32.38 34.55
N LEU K 463 35.83 -32.06 34.43
CA LEU K 463 35.17 -31.26 35.46
C LEU K 463 34.93 -32.08 36.73
N THR K 464 34.84 -33.41 36.61
CA THR K 464 34.68 -34.24 37.79
C THR K 464 35.89 -34.12 38.71
N TRP K 465 37.09 -34.26 38.16
CA TRP K 465 38.30 -34.18 38.97
C TRP K 465 38.50 -32.78 39.53
N CYS K 466 38.24 -31.75 38.72
CA CYS K 466 38.47 -30.39 39.17
C CYS K 466 37.52 -29.99 40.30
N ASN K 467 36.35 -30.63 40.37
CA ASN K 467 35.41 -30.31 41.45
C ASN K 467 35.89 -30.85 42.79
N ALA K 468 36.55 -32.00 42.79
CA ALA K 468 37.02 -32.60 44.04
C ALA K 468 38.21 -31.87 44.64
N GLN K 469 39.00 -31.18 43.83
CA GLN K 469 40.18 -30.50 44.34
C GLN K 469 39.77 -29.33 45.24
N SER K 470 40.75 -28.84 46.00
CA SER K 470 40.50 -27.70 46.87
C SER K 470 40.22 -26.46 46.03
N TRP K 471 39.44 -25.54 46.62
CA TRP K 471 39.03 -24.33 45.93
C TRP K 471 39.86 -23.11 46.30
N ASP K 472 40.76 -23.22 47.28
CA ASP K 472 41.50 -22.06 47.77
C ASP K 472 42.27 -21.37 46.65
N HIS K 473 42.65 -22.13 45.61
CA HIS K 473 43.35 -21.55 44.47
C HIS K 473 42.44 -20.71 43.59
N TYR K 474 41.13 -20.71 43.86
CA TYR K 474 40.20 -20.03 42.96
C TYR K 474 39.78 -18.66 43.47
N GLU K 475 39.27 -18.60 44.71
CA GLU K 475 38.65 -17.35 45.18
C GLU K 475 39.67 -16.21 45.26
N ASN K 476 40.96 -16.54 45.32
CA ASN K 476 41.99 -15.50 45.30
C ASN K 476 41.89 -14.65 44.03
N TRP K 477 41.50 -15.27 42.91
CA TRP K 477 41.21 -14.56 41.68
C TRP K 477 39.76 -14.06 41.65
N ALA K 478 38.85 -14.81 42.29
CA ALA K 478 37.43 -14.47 42.25
C ALA K 478 37.08 -13.26 43.11
N ILE K 479 38.01 -12.77 43.94
CA ILE K 479 37.73 -11.59 44.74
C ILE K 479 37.43 -10.39 43.84
N ASN K 480 38.24 -10.20 42.80
CA ASN K 480 38.00 -9.15 41.83
C ASN K 480 38.43 -9.69 40.47
N TYR K 481 37.46 -10.03 39.63
CA TYR K 481 37.76 -10.66 38.34
C TYR K 481 38.49 -9.70 37.42
N THR K 482 39.32 -10.28 36.56
CA THR K 482 40.05 -9.53 35.53
C THR K 482 39.53 -9.92 34.16
N PHE K 483 39.57 -8.97 33.22
CA PHE K 483 39.06 -9.23 31.89
C PHE K 483 39.82 -10.37 31.21
N ASP K 484 41.14 -10.39 31.37
CA ASP K 484 41.93 -11.46 30.79
C ASP K 484 42.11 -12.59 31.80
N PHE K 485 42.05 -13.82 31.31
CA PHE K 485 42.22 -14.97 32.19
C PHE K 485 43.70 -15.22 32.43
N PRO K 486 44.14 -15.25 33.69
CA PRO K 486 45.56 -15.50 33.96
C PRO K 486 46.01 -16.86 33.43
N GLY K 487 47.27 -16.89 32.95
CA GLY K 487 47.79 -18.07 32.30
C GLY K 487 48.44 -19.05 33.27
N ILE K 488 49.25 -19.94 32.69
CA ILE K 488 49.89 -21.00 33.46
C ILE K 488 50.90 -20.41 34.43
N ASN K 489 50.86 -20.88 35.67
CA ASN K 489 51.93 -20.67 36.64
C ASN K 489 52.71 -21.97 36.75
N ALA K 490 54.00 -21.93 36.44
CA ALA K 490 54.76 -23.16 36.23
C ALA K 490 54.90 -24.00 37.48
N ASP K 491 54.96 -23.39 38.67
CA ASP K 491 55.14 -24.16 39.89
C ASP K 491 53.84 -24.37 40.66
N ALA K 492 52.88 -23.45 40.54
CA ALA K 492 51.60 -23.61 41.21
C ALA K 492 50.73 -24.68 40.56
N LEU K 493 51.12 -25.14 39.37
CA LEU K 493 50.40 -26.21 38.69
C LEU K 493 50.42 -27.48 39.55
N HIS K 494 49.28 -28.17 39.60
CA HIS K 494 49.13 -29.31 40.50
C HIS K 494 50.07 -30.45 40.09
N PRO K 495 50.66 -31.14 41.07
CA PRO K 495 51.61 -32.21 40.74
C PRO K 495 51.04 -33.31 39.86
N ASP K 496 49.75 -33.64 40.01
CA ASP K 496 49.17 -34.72 39.21
C ASP K 496 48.95 -34.32 37.76
N LEU K 497 49.37 -33.12 37.37
CA LEU K 497 49.29 -32.68 35.98
C LEU K 497 50.65 -32.39 35.35
N GLN K 498 51.71 -32.28 36.14
CA GLN K 498 53.05 -32.01 35.63
C GLN K 498 53.55 -33.16 34.76
N VAL L 201 -29.01 -10.40 49.19
CA VAL L 201 -29.32 -11.41 48.18
C VAL L 201 -28.85 -12.78 48.67
N VAL L 202 -29.80 -13.70 48.82
CA VAL L 202 -29.54 -15.06 49.29
C VAL L 202 -28.82 -15.82 48.17
N PRO L 203 -27.77 -16.57 48.47
CA PRO L 203 -27.09 -17.35 47.43
C PRO L 203 -27.98 -18.45 46.89
N PHE L 204 -27.52 -19.06 45.81
CA PHE L 204 -28.26 -20.16 45.18
C PHE L 204 -28.22 -21.40 46.06
N ASN L 205 -29.09 -22.35 45.74
CA ASN L 205 -29.21 -23.60 46.49
C ASN L 205 -28.33 -24.72 45.94
N GLY L 206 -27.52 -24.43 44.93
CA GLY L 206 -26.72 -25.45 44.26
C GLY L 206 -25.77 -26.21 45.16
N LYS L 207 -25.76 -27.53 45.02
CA LYS L 207 -24.85 -28.41 45.76
C LYS L 207 -23.86 -29.02 44.78
N GLY L 208 -22.57 -28.95 45.12
CA GLY L 208 -21.55 -29.47 44.23
C GLY L 208 -21.08 -30.85 44.63
N THR L 209 -20.50 -31.55 43.67
CA THR L 209 -19.97 -32.88 43.93
C THR L 209 -18.62 -32.80 44.63
N LYS L 210 -17.98 -33.97 44.80
CA LYS L 210 -16.69 -34.03 45.46
C LYS L 210 -15.63 -33.27 44.67
N ALA L 211 -15.63 -33.42 43.35
CA ALA L 211 -14.63 -32.76 42.52
C ALA L 211 -14.76 -31.24 42.59
N SER L 212 -15.99 -30.73 42.60
CA SER L 212 -16.18 -29.29 42.67
C SER L 212 -15.72 -28.73 44.01
N ILE L 213 -16.01 -29.44 45.11
CA ILE L 213 -15.53 -29.00 46.41
C ILE L 213 -14.01 -29.06 46.49
N LYS L 214 -13.41 -30.08 45.86
CA LYS L 214 -11.95 -30.15 45.81
C LYS L 214 -11.38 -28.96 45.05
N PHE L 215 -12.01 -28.59 43.93
CA PHE L 215 -11.56 -27.43 43.16
C PHE L 215 -11.68 -26.15 43.99
N GLN L 216 -12.78 -26.01 44.73
CA GLN L 216 -12.96 -24.84 45.58
C GLN L 216 -11.91 -24.78 46.68
N THR L 217 -11.57 -25.93 47.26
CA THR L 217 -10.50 -25.97 48.26
C THR L 217 -9.15 -25.62 47.64
N MET L 218 -8.90 -26.08 46.42
CA MET L 218 -7.65 -25.77 45.75
C MET L 218 -7.54 -24.27 45.45
N VAL L 219 -8.67 -23.64 45.11
CA VAL L 219 -8.67 -22.20 44.90
C VAL L 219 -8.29 -21.46 46.18
N ASN L 220 -8.85 -21.88 47.32
CA ASN L 220 -8.49 -21.26 48.58
C ASN L 220 -7.02 -21.49 48.92
N TRP L 221 -6.51 -22.69 48.64
CA TRP L 221 -5.10 -22.97 48.89
C TRP L 221 -4.21 -22.08 48.02
N LEU L 222 -4.57 -21.90 46.76
CA LEU L 222 -3.79 -21.02 45.88
C LEU L 222 -3.83 -19.57 46.38
N CYS L 223 -5.01 -19.10 46.81
CA CYS L 223 -5.11 -17.74 47.31
C CYS L 223 -4.32 -17.56 48.61
N GLU L 224 -4.24 -18.62 49.42
CA GLU L 224 -3.59 -18.49 50.72
C GLU L 224 -2.10 -18.26 50.59
N ASN L 225 -1.42 -19.06 49.75
CA ASN L 225 0.03 -19.03 49.66
C ASN L 225 0.55 -18.08 48.59
N ARG L 226 -0.27 -17.14 48.14
CA ARG L 226 0.14 -16.10 47.19
C ARG L 226 0.75 -16.71 45.92
N VAL L 227 0.11 -17.77 45.43
CA VAL L 227 0.54 -18.43 44.20
C VAL L 227 -0.34 -17.95 43.06
N PHE L 228 0.12 -16.94 42.32
CA PHE L 228 -0.72 -16.31 41.30
C PHE L 228 -0.21 -16.53 39.89
N THR L 229 0.85 -17.30 39.69
CA THR L 229 1.40 -17.56 38.37
C THR L 229 1.72 -19.05 38.23
N GLU L 230 1.85 -19.49 36.98
CA GLU L 230 2.22 -20.89 36.73
C GLU L 230 3.63 -21.17 37.22
N ASP L 231 4.55 -20.23 37.02
CA ASP L 231 5.92 -20.42 37.48
C ASP L 231 5.98 -20.53 39.00
N LYS L 232 5.20 -19.70 39.70
CA LYS L 232 5.17 -19.79 41.16
C LYS L 232 4.62 -21.14 41.61
N TRP L 233 3.60 -21.65 40.93
CA TRP L 233 3.06 -22.96 41.25
C TRP L 233 4.10 -24.05 41.02
N LYS L 234 4.86 -23.94 39.91
CA LYS L 234 5.90 -24.93 39.64
C LYS L 234 6.99 -24.90 40.71
N LEU L 235 7.38 -23.69 41.14
CA LEU L 235 8.41 -23.59 42.19
C LEU L 235 7.91 -24.12 43.52
N VAL L 236 6.70 -23.77 43.93
CA VAL L 236 6.22 -24.11 45.27
C VAL L 236 5.81 -25.58 45.36
N ASP L 237 4.93 -26.03 44.45
CA ASP L 237 4.42 -27.40 44.49
C ASP L 237 4.43 -27.96 43.06
N PHE L 238 5.50 -28.69 42.74
CA PHE L 238 5.62 -29.28 41.41
C PHE L 238 4.80 -30.57 41.29
N ASN L 239 4.64 -31.29 42.40
CA ASN L 239 3.92 -32.57 42.35
C ASN L 239 2.46 -32.36 41.96
N GLN L 240 1.80 -31.38 42.57
CA GLN L 240 0.40 -31.12 42.25
C GLN L 240 0.24 -30.66 40.81
N TYR L 241 1.16 -29.82 40.33
CA TYR L 241 1.11 -29.38 38.94
C TYR L 241 1.28 -30.56 37.98
N THR L 242 2.23 -31.44 38.27
CA THR L 242 2.42 -32.61 37.42
C THR L 242 1.19 -33.52 37.44
N LEU L 243 0.57 -33.68 38.61
CA LEU L 243 -0.64 -34.49 38.70
C LEU L 243 -1.78 -33.87 37.88
N LEU L 244 -1.96 -32.56 37.99
CA LEU L 244 -3.05 -31.89 37.28
C LEU L 244 -2.80 -31.85 35.78
N SER L 245 -1.54 -31.92 35.37
CA SER L 245 -1.26 -31.88 33.93
C SER L 245 -1.51 -33.23 33.24
N SER L 246 -2.21 -34.17 33.87
CA SER L 246 -2.41 -35.48 33.27
C SER L 246 -3.43 -35.49 32.15
N SER L 247 -4.39 -34.56 32.15
CA SER L 247 -5.49 -34.61 31.19
C SER L 247 -6.07 -33.21 31.04
N HIS L 248 -6.96 -33.08 30.04
CA HIS L 248 -7.61 -31.81 29.78
C HIS L 248 -8.39 -31.31 30.99
N SER L 249 -9.10 -32.21 31.66
CA SER L 249 -9.89 -31.83 32.83
C SER L 249 -9.00 -31.24 33.92
N GLY L 250 -7.75 -31.66 33.99
CA GLY L 250 -6.82 -31.10 34.96
C GLY L 250 -6.22 -29.79 34.49
N SER L 251 -5.79 -29.74 33.23
CA SER L 251 -5.17 -28.53 32.69
C SER L 251 -6.12 -27.34 32.67
N PHE L 252 -7.41 -27.57 32.39
CA PHE L 252 -8.38 -26.49 32.43
C PHE L 252 -8.53 -25.93 33.84
N GLN L 253 -8.52 -26.81 34.84
CA GLN L 253 -8.69 -26.38 36.22
C GLN L 253 -7.54 -25.49 36.66
N ILE L 254 -6.33 -25.69 36.14
CA ILE L 254 -5.20 -24.85 36.52
C ILE L 254 -5.47 -23.40 36.14
N GLN L 255 -5.85 -23.17 34.88
CA GLN L 255 -6.13 -21.82 34.42
C GLN L 255 -7.34 -21.23 35.16
N SER L 256 -8.39 -22.04 35.33
CA SER L 256 -9.58 -21.54 36.02
C SER L 256 -9.26 -21.13 37.45
N ALA L 257 -8.52 -21.97 38.18
CA ALA L 257 -8.16 -21.66 39.55
C ALA L 257 -7.26 -20.43 39.64
N LEU L 258 -6.31 -20.30 38.70
CA LEU L 258 -5.44 -19.13 38.72
C LEU L 258 -6.24 -17.86 38.50
N LYS L 259 -7.15 -17.86 37.51
CA LYS L 259 -7.96 -16.69 37.26
C LYS L 259 -8.84 -16.35 38.46
N LEU L 260 -9.49 -17.36 39.05
CA LEU L 260 -10.36 -17.11 40.18
C LEU L 260 -9.58 -16.60 41.39
N ALA L 261 -8.39 -17.16 41.64
CA ALA L 261 -7.58 -16.72 42.76
C ALA L 261 -7.11 -15.29 42.56
N ILE L 262 -6.72 -14.93 41.33
CA ILE L 262 -6.30 -13.56 41.06
C ILE L 262 -7.46 -12.61 41.30
N TYR L 263 -8.65 -12.96 40.81
CA TYR L 263 -9.81 -12.10 41.02
C TYR L 263 -10.13 -11.96 42.50
N LYS L 264 -10.08 -13.06 43.24
CA LYS L 264 -10.38 -13.02 44.67
C LYS L 264 -9.39 -12.13 45.42
N ALA L 265 -8.09 -12.28 45.12
CA ALA L 265 -7.08 -11.49 45.80
C ALA L 265 -7.09 -10.03 45.37
N THR L 266 -7.64 -9.72 44.21
CA THR L 266 -7.64 -8.35 43.72
C THR L 266 -8.89 -7.56 44.08
N ASN L 267 -10.07 -8.17 43.99
CA ASN L 267 -11.32 -7.41 44.16
C ASN L 267 -12.11 -7.78 45.40
N LEU L 268 -12.15 -9.06 45.78
CA LEU L 268 -12.99 -9.49 46.90
C LEU L 268 -12.31 -9.33 48.25
N VAL L 269 -11.01 -9.05 48.29
CA VAL L 269 -10.28 -8.91 49.55
C VAL L 269 -9.53 -7.59 49.53
N PRO L 270 -9.68 -6.75 50.56
CA PRO L 270 -8.89 -5.51 50.62
C PRO L 270 -7.40 -5.81 50.62
N THR L 271 -6.64 -4.99 49.88
CA THR L 271 -5.22 -5.25 49.72
C THR L 271 -4.46 -5.06 51.03
N SER L 272 -4.91 -4.14 51.88
CA SER L 272 -4.20 -3.86 53.12
C SER L 272 -4.13 -5.08 54.02
N THR L 273 -5.10 -5.99 53.93
CA THR L 273 -5.08 -7.20 54.73
C THR L 273 -3.92 -8.12 54.37
N PHE L 274 -3.33 -7.95 53.17
CA PHE L 274 -2.13 -8.70 52.82
C PHE L 274 -0.87 -8.08 53.43
N LEU L 275 -0.96 -6.85 53.92
CA LEU L 275 0.18 -6.17 54.53
C LEU L 275 0.20 -6.33 56.04
N LEU L 276 -0.95 -6.24 56.69
CA LEU L 276 -1.02 -6.44 58.13
C LEU L 276 -0.73 -7.90 58.48
N HIS L 277 0.01 -8.11 59.56
CA HIS L 277 0.37 -9.46 59.99
C HIS L 277 -0.45 -9.89 61.21
N CYS L 285 12.41 -4.48 67.86
CA CYS L 285 12.57 -3.05 68.13
C CYS L 285 12.13 -2.21 66.93
N ILE L 286 11.29 -1.21 67.19
CA ILE L 286 10.82 -0.34 66.12
C ILE L 286 11.94 0.54 65.59
N LYS L 287 12.91 0.89 66.44
CA LYS L 287 14.02 1.73 65.99
C LYS L 287 14.95 0.98 65.04
N ASP L 288 15.09 -0.33 65.23
CA ASP L 288 16.04 -1.10 64.45
C ASP L 288 15.55 -1.44 63.05
N ASN L 289 14.30 -1.14 62.72
CA ASN L 289 13.78 -1.42 61.39
C ASN L 289 14.50 -0.56 60.37
N LYS L 290 14.96 -1.19 59.28
CA LYS L 290 15.76 -0.49 58.28
C LYS L 290 14.98 0.64 57.62
N ILE L 291 13.71 0.38 57.29
CA ILE L 291 12.91 1.40 56.61
C ILE L 291 12.68 2.60 57.52
N VAL L 292 12.50 2.36 58.82
CA VAL L 292 12.26 3.45 59.76
C VAL L 292 13.48 4.37 59.83
N LYS L 293 14.68 3.79 59.92
CA LYS L 293 15.89 4.61 59.97
C LYS L 293 16.09 5.36 58.64
N LEU L 294 15.86 4.67 57.53
CA LEU L 294 16.02 5.31 56.23
C LEU L 294 15.03 6.46 56.06
N LEU L 295 13.79 6.25 56.49
CA LEU L 295 12.78 7.32 56.39
C LEU L 295 13.11 8.47 57.33
N LEU L 296 13.72 8.17 58.48
CA LEU L 296 14.07 9.23 59.42
C LEU L 296 15.19 10.10 58.88
N CYS L 297 16.13 9.52 58.14
CA CYS L 297 17.25 10.29 57.59
C CYS L 297 16.75 11.38 56.65
N GLN L 298 15.75 11.06 55.83
CA GLN L 298 15.21 12.02 54.87
C GLN L 298 14.29 13.05 55.51
N ASN L 299 14.28 13.14 56.84
CA ASN L 299 13.51 14.15 57.57
C ASN L 299 12.01 13.99 57.34
N TYR L 300 11.52 12.76 57.33
CA TYR L 300 10.11 12.47 57.18
C TYR L 300 9.62 11.61 58.34
N ASP L 301 8.42 11.90 58.82
CA ASP L 301 7.85 11.21 59.97
C ASP L 301 7.46 9.78 59.58
N PRO L 302 8.03 8.75 60.22
CA PRO L 302 7.63 7.38 59.88
C PRO L 302 6.16 7.09 60.14
N LEU L 303 5.54 7.83 61.06
CA LEU L 303 4.15 7.56 61.42
C LEU L 303 3.19 7.93 60.30
N LEU L 304 3.21 9.20 59.88
CA LEU L 304 2.25 9.68 58.90
C LEU L 304 2.46 9.02 57.54
N VAL L 305 3.70 8.68 57.20
CA VAL L 305 3.96 7.98 55.94
C VAL L 305 3.38 6.57 56.00
N GLY L 306 3.55 5.89 57.13
CA GLY L 306 3.05 4.53 57.25
C GLY L 306 1.54 4.46 57.15
N GLN L 307 0.85 5.37 57.83
CA GLN L 307 -0.62 5.38 57.79
C GLN L 307 -1.11 5.75 56.40
N HIS L 308 -0.40 6.63 55.70
CA HIS L 308 -0.85 7.06 54.38
C HIS L 308 -0.81 5.90 53.39
N VAL L 309 0.19 5.04 53.49
CA VAL L 309 0.32 3.91 52.56
C VAL L 309 -0.89 3.00 52.68
N LEU L 310 -1.35 2.75 53.91
CA LEU L 310 -2.50 1.88 54.11
C LEU L 310 -3.74 2.43 53.44
N LYS L 311 -4.01 3.72 53.63
CA LYS L 311 -5.16 4.35 52.98
C LYS L 311 -4.96 4.42 51.46
N TRP L 312 -3.74 4.74 51.03
CA TRP L 312 -3.47 4.87 49.59
C TRP L 312 -3.61 3.54 48.87
N ILE L 313 -3.16 2.45 49.49
CA ILE L 313 -3.23 1.15 48.84
C ILE L 313 -4.66 0.64 48.81
N ASP L 314 -5.55 1.19 49.64
CA ASP L 314 -6.95 0.78 49.67
C ASP L 314 -7.84 1.67 48.84
N LYS L 315 -7.27 2.57 48.03
CA LYS L 315 -8.03 3.45 47.14
C LYS L 315 -9.04 4.29 47.91
N LYS L 316 -8.69 4.69 49.13
CA LYS L 316 -9.58 5.46 49.98
C LYS L 316 -9.17 6.93 50.11
N CYS L 317 -8.21 7.38 49.31
CA CYS L 317 -7.69 8.74 49.40
C CYS L 317 -8.30 9.67 48.35
N GLY L 318 -9.44 9.29 47.77
CA GLY L 318 -10.09 10.16 46.80
C GLY L 318 -9.28 10.29 45.53
N LYS L 319 -9.01 11.54 45.13
CA LYS L 319 -8.34 11.79 43.86
C LYS L 319 -6.86 11.47 43.91
N LYS L 320 -6.21 11.71 45.05
CA LYS L 320 -4.76 11.57 45.16
C LYS L 320 -4.38 10.09 45.22
N ASN L 321 -4.30 9.49 44.03
CA ASN L 321 -4.02 8.07 43.89
C ASN L 321 -2.54 7.77 43.63
N THR L 322 -1.68 8.79 43.59
CA THR L 322 -0.30 8.63 43.15
C THR L 322 0.67 9.08 44.25
N LEU L 323 1.68 8.26 44.50
CA LEU L 323 2.80 8.61 45.36
C LEU L 323 4.03 8.86 44.50
N TRP L 324 4.81 9.88 44.88
CA TRP L 324 5.96 10.31 44.07
C TRP L 324 7.20 10.32 44.94
N PHE L 325 8.25 9.63 44.50
CA PHE L 325 9.57 9.72 45.09
C PHE L 325 10.47 10.50 44.14
N TYR L 326 11.07 11.58 44.63
CA TYR L 326 11.84 12.49 43.82
C TYR L 326 13.12 12.90 44.54
N GLY L 327 14.23 12.90 43.83
CA GLY L 327 15.49 13.29 44.41
C GLY L 327 16.70 12.85 43.61
N PRO L 328 17.90 13.13 44.14
CA PRO L 328 19.13 12.73 43.45
C PRO L 328 19.26 11.22 43.38
N PRO L 329 20.13 10.72 42.51
CA PRO L 329 20.29 9.26 42.41
C PRO L 329 20.97 8.68 43.63
N SER L 330 20.78 7.36 43.80
CA SER L 330 21.41 6.59 44.88
C SER L 330 20.98 7.10 46.25
N THR L 331 19.71 7.45 46.39
CA THR L 331 19.13 7.82 47.67
C THR L 331 18.12 6.80 48.18
N GLY L 332 17.99 5.66 47.52
CA GLY L 332 17.10 4.61 47.98
C GLY L 332 15.66 4.73 47.55
N LYS L 333 15.35 5.58 46.57
CA LYS L 333 13.97 5.74 46.12
C LYS L 333 13.44 4.45 45.52
N THR L 334 14.21 3.85 44.61
CA THR L 334 13.77 2.61 43.96
C THR L 334 13.66 1.46 44.96
N ASN L 335 14.59 1.39 45.92
CA ASN L 335 14.61 0.27 46.85
C ASN L 335 13.33 0.22 47.69
N LEU L 336 12.86 1.38 48.14
CA LEU L 336 11.62 1.41 48.90
C LEU L 336 10.43 0.98 48.04
N ALA L 337 10.43 1.38 46.77
CA ALA L 337 9.35 0.99 45.87
C ALA L 337 9.30 -0.52 45.67
N MET L 338 10.46 -1.13 45.40
CA MET L 338 10.50 -2.58 45.17
C MET L 338 10.14 -3.35 46.42
N ALA L 339 10.25 -2.74 47.60
CA ALA L 339 9.86 -3.40 48.83
C ALA L 339 8.35 -3.53 48.92
N ILE L 340 7.63 -2.46 48.61
CA ILE L 340 6.16 -2.50 48.67
C ILE L 340 5.60 -3.39 47.56
N ALA L 341 6.18 -3.30 46.36
CA ALA L 341 5.67 -4.05 45.23
C ALA L 341 5.74 -5.56 45.46
N LYS L 342 6.74 -6.02 46.20
CA LYS L 342 6.86 -7.44 46.48
C LYS L 342 6.01 -7.87 47.67
N SER L 343 5.35 -6.93 48.35
CA SER L 343 4.47 -7.27 49.46
C SER L 343 3.03 -7.47 49.03
N VAL L 344 2.55 -6.69 48.06
CA VAL L 344 1.19 -6.81 47.55
C VAL L 344 1.09 -8.11 46.75
N PRO L 345 -0.13 -8.67 46.58
CA PRO L 345 -0.26 -9.93 45.84
C PRO L 345 0.36 -9.91 44.44
N VAL L 346 -0.07 -8.96 43.61
CA VAL L 346 0.40 -8.86 42.24
C VAL L 346 0.64 -7.39 41.91
N TYR L 347 1.71 -7.13 41.17
CA TYR L 347 2.11 -5.78 40.81
C TYR L 347 2.50 -5.74 39.34
N GLY L 348 2.46 -4.53 38.78
CA GLY L 348 2.84 -4.33 37.40
C GLY L 348 3.76 -3.13 37.22
N MET L 349 4.62 -3.16 36.20
CA MET L 349 5.55 -2.07 35.93
C MET L 349 5.21 -1.44 34.58
N VAL L 350 5.22 -0.11 34.53
CA VAL L 350 5.03 0.59 33.27
C VAL L 350 6.17 0.27 32.31
N ASN L 351 7.35 0.00 32.85
CA ASN L 351 8.51 -0.31 32.01
C ASN L 351 8.29 -1.53 31.14
N TRP L 352 7.53 -2.52 31.62
CA TRP L 352 7.26 -3.71 30.83
C TRP L 352 6.33 -3.46 29.65
N ASN L 353 5.43 -2.49 29.76
CA ASN L 353 4.43 -2.26 28.73
C ASN L 353 5.08 -1.71 27.46
N ASN L 354 4.30 -1.68 26.39
CA ASN L 354 4.81 -1.21 25.11
C ASN L 354 5.16 0.27 25.18
N GLU L 355 6.11 0.68 24.33
CA GLU L 355 6.55 2.07 24.33
C GLU L 355 5.41 3.04 24.04
N ASN L 356 4.46 2.64 23.20
CA ASN L 356 3.32 3.47 22.87
C ASN L 356 2.04 3.02 23.56
N PHE L 357 2.08 1.93 24.33
CA PHE L 357 0.93 1.43 25.07
C PHE L 357 1.31 1.20 26.52
N PRO L 358 1.59 2.26 27.28
CA PRO L 358 2.05 2.07 28.66
C PRO L 358 0.98 1.55 29.60
N PHE L 359 -0.31 1.65 29.25
CA PHE L 359 -1.41 1.37 30.17
C PHE L 359 -2.22 0.16 29.75
N ASN L 360 -1.60 -0.83 29.11
CA ASN L 360 -2.25 -2.11 28.89
C ASN L 360 -2.00 -3.03 30.08
N ASP L 361 -2.88 -4.02 30.23
CA ASP L 361 -2.81 -4.97 31.35
C ASP L 361 -2.82 -4.23 32.70
N VAL L 362 -3.65 -3.20 32.78
CA VAL L 362 -3.78 -2.46 34.03
C VAL L 362 -4.78 -3.12 34.96
N ALA L 363 -5.94 -3.51 34.45
CA ALA L 363 -6.93 -4.21 35.26
C ALA L 363 -6.37 -5.56 35.69
N GLY L 364 -6.68 -5.96 36.91
CA GLY L 364 -6.13 -7.17 37.49
C GLY L 364 -4.86 -6.97 38.29
N LYS L 365 -4.32 -5.77 38.33
CA LYS L 365 -3.13 -5.50 39.13
C LYS L 365 -3.52 -4.77 40.42
N SER L 366 -2.80 -5.11 41.49
CA SER L 366 -3.04 -4.43 42.77
C SER L 366 -2.20 -3.17 42.91
N LEU L 367 -1.15 -3.02 42.10
CA LEU L 367 -0.28 -1.86 42.17
C LEU L 367 0.51 -1.78 40.87
N VAL L 368 0.75 -0.56 40.39
CA VAL L 368 1.53 -0.32 39.19
C VAL L 368 2.71 0.57 39.56
N VAL L 369 3.87 0.26 38.99
CA VAL L 369 5.13 0.93 39.31
C VAL L 369 5.68 1.59 38.04
N TRP L 370 6.12 2.84 38.18
CA TRP L 370 6.73 3.58 37.09
C TRP L 370 8.09 4.07 37.57
N ASP L 371 9.16 3.51 37.00
CA ASP L 371 10.52 3.77 37.45
C ASP L 371 11.20 4.75 36.51
N GLU L 372 11.77 5.82 37.07
CA GLU L 372 12.49 6.84 36.31
C GLU L 372 11.63 7.39 35.18
N GLY L 373 10.39 7.74 35.51
CA GLY L 373 9.40 8.06 34.50
C GLY L 373 9.27 9.54 34.20
N ILE L 374 8.90 9.82 32.94
CA ILE L 374 8.60 11.17 32.49
C ILE L 374 7.44 11.07 31.51
N ILE L 375 6.63 12.12 31.45
CA ILE L 375 5.35 12.10 30.75
C ILE L 375 5.50 12.85 29.43
N LYS L 376 5.14 12.18 28.34
CA LYS L 376 5.14 12.78 27.01
C LYS L 376 3.77 13.37 26.70
N SER L 377 3.75 14.35 25.81
CA SER L 377 2.49 15.00 25.44
C SER L 377 1.57 14.09 24.66
N THR L 378 2.12 13.13 23.90
CA THR L 378 1.28 12.23 23.12
C THR L 378 0.38 11.36 23.98
N ILE L 379 0.84 10.98 25.17
CA ILE L 379 0.07 10.13 26.07
C ILE L 379 -0.26 10.81 27.39
N VAL L 380 -0.21 12.14 27.45
CA VAL L 380 -0.51 12.83 28.70
C VAL L 380 -1.98 12.67 29.06
N GLU L 381 -2.87 12.62 28.07
CA GLU L 381 -4.30 12.53 28.36
C GLU L 381 -4.65 11.24 29.09
N ALA L 382 -4.08 10.11 28.67
CA ALA L 382 -4.35 8.86 29.37
C ALA L 382 -3.77 8.86 30.77
N ALA L 383 -2.64 9.56 30.96
CA ALA L 383 -2.00 9.60 32.27
C ALA L 383 -2.90 10.29 33.30
N LYS L 384 -3.61 11.34 32.88
CA LYS L 384 -4.48 12.06 33.80
C LYS L 384 -5.55 11.15 34.39
N ALA L 385 -6.02 10.18 33.59
CA ALA L 385 -7.05 9.27 34.08
C ALA L 385 -6.48 8.23 35.04
N ILE L 386 -5.37 7.60 34.64
CA ILE L 386 -4.79 6.54 35.46
C ILE L 386 -4.32 7.09 36.81
N LEU L 387 -3.63 8.23 36.79
CA LEU L 387 -3.14 8.81 38.04
C LEU L 387 -4.27 9.33 38.91
N GLY L 388 -5.44 9.59 38.35
CA GLY L 388 -6.58 10.07 39.11
C GLY L 388 -7.49 9.00 39.65
N GLY L 389 -7.23 7.73 39.33
CA GLY L 389 -8.09 6.66 39.80
C GLY L 389 -9.32 6.43 38.96
N GLN L 390 -9.44 7.11 37.82
CA GLN L 390 -10.60 6.94 36.97
C GLN L 390 -10.48 5.65 36.15
N PRO L 391 -11.48 4.77 36.20
CA PRO L 391 -11.40 3.52 35.42
C PRO L 391 -11.33 3.80 33.93
N THR L 392 -10.63 2.93 33.22
CA THR L 392 -10.48 3.08 31.78
C THR L 392 -11.80 2.80 31.07
N ARG L 393 -11.90 3.24 29.83
CA ARG L 393 -13.15 3.09 29.09
C ARG L 393 -13.44 1.64 28.75
N VAL L 394 -12.40 0.83 28.55
CA VAL L 394 -12.60 -0.59 28.30
C VAL L 394 -13.25 -1.27 29.50
N ASP L 395 -12.77 -0.96 30.70
CA ASP L 395 -13.40 -1.49 31.91
C ASP L 395 -14.83 -0.98 32.05
N GLN L 396 -15.09 0.25 31.63
CA GLN L 396 -16.44 0.79 31.66
C GLN L 396 -17.37 0.00 30.76
N LYS L 397 -16.90 -0.36 29.56
CA LYS L 397 -17.76 -1.06 28.60
C LYS L 397 -18.04 -2.50 29.06
N MET L 398 -17.00 -3.20 29.51
CA MET L 398 -17.16 -4.59 29.91
C MET L 398 -17.86 -4.75 31.24
N ARG L 399 -18.05 -3.66 31.98
CA ARG L 399 -18.74 -3.73 33.26
C ARG L 399 -20.05 -2.92 33.22
N PRO L 405 -12.12 -0.29 37.67
CA PRO L 405 -11.63 0.11 39.00
C PRO L 405 -10.22 0.72 38.96
N GLY L 406 -9.98 1.73 39.78
CA GLY L 406 -8.69 2.37 39.81
C GLY L 406 -7.63 1.53 40.51
N VAL L 407 -6.37 1.81 40.18
CA VAL L 407 -5.23 1.10 40.74
C VAL L 407 -4.27 2.15 41.28
N PRO L 408 -3.67 1.95 42.46
CA PRO L 408 -2.69 2.91 42.96
C PRO L 408 -1.44 2.94 42.09
N VAL L 409 -0.80 4.12 42.04
CA VAL L 409 0.37 4.34 41.22
C VAL L 409 1.49 4.88 42.09
N VAL L 410 2.72 4.44 41.83
CA VAL L 410 3.91 4.94 42.52
C VAL L 410 4.88 5.46 41.47
N ILE L 411 5.47 6.62 41.74
CA ILE L 411 6.35 7.30 40.78
C ILE L 411 7.70 7.53 41.44
N THR L 412 8.76 7.11 40.75
CA THR L 412 10.13 7.42 41.12
C THR L 412 10.82 8.07 39.92
N SER L 413 11.56 9.15 40.19
CA SER L 413 12.20 9.89 39.12
C SER L 413 13.30 10.76 39.70
N ASN L 414 14.15 11.27 38.81
CA ASN L 414 15.23 12.19 39.18
C ASN L 414 14.87 13.64 38.98
N GLY L 415 14.15 13.97 37.89
CA GLY L 415 13.74 15.33 37.62
C GLY L 415 12.31 15.60 38.05
N ASP L 416 11.80 16.75 37.60
CA ASP L 416 10.45 17.18 37.93
C ASP L 416 9.51 16.70 36.83
N ILE L 417 8.49 15.94 37.21
CA ILE L 417 7.55 15.39 36.23
C ILE L 417 6.36 16.30 35.99
N THR L 418 6.20 17.38 36.76
CA THR L 418 5.13 18.32 36.51
C THR L 418 5.26 19.02 35.17
N PHE L 419 6.46 19.02 34.59
CA PHE L 419 6.66 19.53 33.25
C PHE L 419 6.45 18.42 32.24
N VAL L 420 5.74 18.72 31.15
CA VAL L 420 5.34 17.73 30.16
C VAL L 420 6.20 17.92 28.91
N VAL L 421 6.80 16.83 28.45
CA VAL L 421 7.62 16.87 27.24
C VAL L 421 6.70 16.86 26.02
N SER L 422 6.95 17.79 25.09
CA SER L 422 6.15 17.90 23.87
C SER L 422 7.11 18.24 22.73
N GLY L 423 7.48 17.20 21.96
CA GLY L 423 8.48 17.43 20.94
C GLY L 423 9.84 17.69 21.56
N ASN L 424 10.58 18.62 20.93
CA ASN L 424 11.90 18.97 21.41
C ASN L 424 11.83 20.17 22.34
N THR L 425 10.71 20.34 23.03
CA THR L 425 10.52 21.45 23.95
C THR L 425 9.58 21.03 25.06
N THR L 426 9.58 21.79 26.14
CA THR L 426 8.78 21.49 27.32
C THR L 426 7.67 22.51 27.49
N THR L 427 6.52 22.04 27.97
CA THR L 427 5.36 22.89 28.21
C THR L 427 4.86 22.68 29.62
N THR L 428 4.15 23.68 30.14
CA THR L 428 3.64 23.66 31.51
C THR L 428 2.13 23.73 31.58
N VAL L 429 1.42 23.44 30.48
CA VAL L 429 -0.03 23.58 30.46
C VAL L 429 -0.69 22.52 31.35
N HIS L 430 -0.07 21.35 31.46
CA HIS L 430 -0.62 20.25 32.25
C HIS L 430 -0.08 20.21 33.67
N ALA L 431 0.72 21.19 34.08
CA ALA L 431 1.34 21.15 35.40
C ALA L 431 0.31 21.22 36.52
N LYS L 432 -0.73 22.05 36.37
CA LYS L 432 -1.69 22.23 37.44
C LYS L 432 -2.53 20.96 37.66
N ALA L 433 -2.98 20.34 36.57
CA ALA L 433 -3.84 19.16 36.71
C ALA L 433 -3.08 17.99 37.33
N LEU L 434 -1.81 17.80 36.94
CA LEU L 434 -1.03 16.69 37.47
C LEU L 434 -0.74 16.87 38.97
N LYS L 435 -0.74 18.11 39.45
CA LYS L 435 -0.50 18.35 40.87
C LYS L 435 -1.63 17.86 41.74
N GLU L 436 -2.88 17.90 41.24
CA GLU L 436 -4.02 17.50 42.05
C GLU L 436 -3.96 16.03 42.44
N ARG L 437 -3.51 15.17 41.52
CA ARG L 437 -3.57 13.73 41.72
C ARG L 437 -2.38 13.17 42.50
N MET L 438 -1.41 14.00 42.87
CA MET L 438 -0.11 13.50 43.31
C MET L 438 0.27 14.03 44.68
N VAL L 439 1.07 13.24 45.38
CA VAL L 439 1.72 13.64 46.63
C VAL L 439 3.21 13.30 46.49
N LYS L 440 4.07 14.24 46.82
CA LYS L 440 5.49 14.14 46.53
C LYS L 440 6.29 13.90 47.82
N LEU L 441 7.35 13.12 47.71
CA LEU L 441 8.33 12.91 48.77
C LEU L 441 9.71 13.14 48.17
N ASN L 442 10.59 13.78 48.94
CA ASN L 442 11.94 14.10 48.47
C ASN L 442 12.97 13.33 49.29
N PHE L 443 13.94 12.73 48.58
CA PHE L 443 15.01 11.94 49.19
C PHE L 443 16.32 12.65 48.92
N THR L 444 16.75 13.50 49.85
CA THR L 444 17.90 14.35 49.63
C THR L 444 19.22 13.77 50.13
N VAL L 445 19.17 12.83 51.08
CA VAL L 445 20.37 12.27 51.68
C VAL L 445 20.72 10.97 50.97
N ARG L 446 21.98 10.81 50.59
CA ARG L 446 22.43 9.60 49.90
C ARG L 446 22.40 8.40 50.85
N CYS L 447 22.02 7.25 50.30
CA CYS L 447 21.96 6.03 51.08
C CYS L 447 23.35 5.41 51.22
N SER L 448 23.59 4.81 52.39
CA SER L 448 24.84 4.12 52.62
C SER L 448 24.93 2.87 51.75
N PRO L 449 26.11 2.53 51.22
CA PRO L 449 26.20 1.36 50.34
C PRO L 449 25.91 0.03 51.02
N ASP L 450 25.97 -0.03 52.35
CA ASP L 450 25.85 -1.31 53.04
C ASP L 450 24.42 -1.62 53.46
N MET L 451 23.46 -0.75 53.15
CA MET L 451 22.07 -1.02 53.51
C MET L 451 21.53 -2.26 52.79
N GLY L 452 21.86 -2.41 51.51
CA GLY L 452 21.45 -3.59 50.78
C GLY L 452 19.95 -3.62 50.48
N LEU L 453 19.54 -4.76 49.93
CA LEU L 453 18.14 -4.96 49.56
C LEU L 453 17.25 -4.95 50.80
N LEU L 454 16.14 -4.22 50.71
CA LEU L 454 15.12 -4.26 51.75
C LEU L 454 14.25 -5.50 51.58
N THR L 455 14.08 -6.25 52.67
CA THR L 455 13.30 -7.47 52.63
C THR L 455 11.82 -7.19 52.79
N GLU L 456 10.99 -8.11 52.30
CA GLU L 456 9.54 -7.96 52.40
C GLU L 456 9.09 -7.92 53.86
N ALA L 457 9.84 -8.56 54.75
CA ALA L 457 9.48 -8.55 56.17
C ALA L 457 9.60 -7.14 56.76
N ASP L 458 10.52 -6.34 56.23
CA ASP L 458 10.66 -4.96 56.73
C ASP L 458 9.38 -4.17 56.50
N VAL L 459 8.77 -4.31 55.33
CA VAL L 459 7.47 -3.70 55.08
C VAL L 459 6.43 -4.29 56.01
N GLN L 460 6.47 -5.60 56.22
CA GLN L 460 5.50 -6.25 57.09
C GLN L 460 5.54 -5.67 58.50
N GLN L 461 6.75 -5.52 59.06
CA GLN L 461 6.88 -5.05 60.43
C GLN L 461 6.53 -3.58 60.56
N TRP L 462 6.95 -2.76 59.59
CA TRP L 462 6.79 -1.31 59.71
C TRP L 462 5.32 -0.93 59.71
N LEU L 463 4.56 -1.44 58.73
CA LEU L 463 3.14 -1.09 58.65
C LEU L 463 2.35 -1.69 59.81
N THR L 464 2.73 -2.88 60.27
CA THR L 464 2.01 -3.52 61.36
C THR L 464 2.04 -2.67 62.62
N TRP L 465 3.22 -2.15 62.98
CA TRP L 465 3.31 -1.25 64.13
C TRP L 465 2.54 0.04 63.88
N CYS L 466 2.65 0.60 62.68
CA CYS L 466 2.01 1.88 62.39
C CYS L 466 0.49 1.76 62.36
N ASN L 467 -0.03 0.59 62.00
CA ASN L 467 -1.48 0.40 61.94
C ASN L 467 -2.11 0.48 63.34
N ALA L 468 -1.46 -0.09 64.35
CA ALA L 468 -2.03 -0.16 65.68
C ALA L 468 -2.03 1.18 66.40
N GLN L 469 -1.19 2.12 65.99
CA GLN L 469 -1.12 3.42 66.65
C GLN L 469 -2.37 4.25 66.34
N SER L 470 -2.54 5.32 67.12
CA SER L 470 -3.69 6.20 66.95
C SER L 470 -3.66 6.86 65.58
N TRP L 471 -4.83 6.95 64.95
CA TRP L 471 -4.93 7.52 63.62
C TRP L 471 -5.23 9.01 63.63
N ASP L 472 -5.45 9.61 64.80
CA ASP L 472 -6.02 10.96 64.88
C ASP L 472 -5.18 11.98 64.12
N HIS L 473 -3.85 11.79 64.08
CA HIS L 473 -2.99 12.74 63.40
C HIS L 473 -3.29 12.79 61.90
N TYR L 474 -3.68 11.66 61.31
CA TYR L 474 -3.86 11.60 59.87
C TYR L 474 -5.08 12.42 59.44
N GLU L 475 -6.25 12.13 60.02
CA GLU L 475 -7.47 12.80 59.57
C GLU L 475 -7.44 14.29 59.84
N ASN L 476 -6.54 14.75 60.72
CA ASN L 476 -6.34 16.19 60.87
C ASN L 476 -5.83 16.80 59.57
N TRP L 477 -4.88 16.13 58.92
CA TRP L 477 -4.38 16.62 57.65
C TRP L 477 -5.25 16.16 56.49
N ALA L 478 -5.98 15.05 56.66
CA ALA L 478 -6.79 14.50 55.58
C ALA L 478 -7.97 15.38 55.21
N ILE L 479 -8.27 16.41 56.03
CA ILE L 479 -9.38 17.31 55.70
C ILE L 479 -9.13 17.99 54.37
N ASN L 480 -7.90 18.45 54.14
CA ASN L 480 -7.52 19.11 52.89
C ASN L 480 -6.10 18.64 52.54
N TYR L 481 -6.03 17.66 51.63
CA TYR L 481 -4.74 17.10 51.23
C TYR L 481 -3.92 18.13 50.47
N THR L 482 -2.65 18.26 50.84
CA THR L 482 -1.75 19.17 50.15
C THR L 482 -0.94 18.42 49.10
N PHE L 483 -0.39 19.18 48.15
CA PHE L 483 0.45 18.59 47.12
C PHE L 483 1.72 17.99 47.71
N ASP L 484 2.34 18.70 48.66
CA ASP L 484 3.60 18.25 49.23
C ASP L 484 3.36 17.68 50.62
N PHE L 485 4.03 16.58 50.92
CA PHE L 485 3.88 15.91 52.21
C PHE L 485 4.60 16.72 53.30
N PRO L 486 3.92 16.98 54.42
CA PRO L 486 4.57 17.74 55.50
C PRO L 486 5.75 16.99 56.10
N GLY L 487 6.74 17.75 56.57
CA GLY L 487 7.94 17.17 57.13
C GLY L 487 7.77 16.80 58.60
N ILE L 488 8.91 16.45 59.22
CA ILE L 488 8.90 16.01 60.61
C ILE L 488 8.48 17.17 61.51
N ASN L 489 7.53 16.90 62.40
CA ASN L 489 7.21 17.80 63.50
C ASN L 489 7.88 17.24 64.75
N ALA L 490 8.71 18.06 65.40
CA ALA L 490 9.50 17.58 66.52
C ALA L 490 8.64 17.14 67.71
N ASP L 491 7.57 17.88 68.01
CA ASP L 491 6.75 17.56 69.18
C ASP L 491 5.86 16.34 68.97
N ALA L 492 5.56 15.98 67.71
CA ALA L 492 4.64 14.90 67.42
C ALA L 492 5.32 13.56 67.19
N LEU L 493 6.64 13.48 67.31
CA LEU L 493 7.33 12.21 67.12
C LEU L 493 7.03 11.26 68.29
N HIS L 494 6.67 10.02 67.98
CA HIS L 494 6.34 9.06 69.01
C HIS L 494 7.60 8.66 69.78
N PRO L 495 7.50 8.43 71.09
CA PRO L 495 8.70 8.02 71.85
C PRO L 495 9.34 6.74 71.36
N ASP L 496 8.54 5.79 70.84
CA ASP L 496 9.10 4.53 70.39
C ASP L 496 10.05 4.72 69.21
N LEU L 497 9.69 5.58 68.25
CA LEU L 497 10.52 5.79 67.07
C LEU L 497 11.74 6.67 67.35
N GLN L 498 11.70 7.48 68.41
CA GLN L 498 12.82 8.35 68.75
C GLN L 498 14.06 7.53 69.11
PG ANP O . 11.85 31.08 31.71
O1G ANP O . 10.80 30.58 32.63
O2G ANP O . 13.18 30.32 31.83
O3G ANP O . 11.43 31.12 30.24
PB ANP O . 13.51 33.48 32.37
O1B ANP O . 14.19 33.06 33.60
O2B ANP O . 14.36 33.49 31.09
N3B ANP O . 12.23 32.60 32.06
PA ANP O . 12.54 36.15 31.54
O1A ANP O . 11.26 35.95 30.82
O2A ANP O . 13.75 36.34 30.63
O3A ANP O . 12.87 34.94 32.51
O5' ANP O . 12.47 37.38 32.53
C5' ANP O . 13.28 38.55 32.33
C4' ANP O . 12.90 39.60 33.36
O4' ANP O . 12.28 40.72 32.70
C3' ANP O . 11.91 39.14 34.43
O3' ANP O . 12.17 39.78 35.67
C2' ANP O . 10.57 39.57 33.85
O2' ANP O . 9.61 39.81 34.86
C1' ANP O . 10.95 40.88 33.15
N9 ANP O . 10.10 41.20 31.99
C8 ANP O . 9.00 42.02 31.99
N7 ANP O . 8.43 42.14 30.82
C5 ANP O . 9.21 41.35 30.00
C6 ANP O . 9.13 41.05 28.62
N6 ANP O . 8.19 41.53 27.81
N1 ANP O . 10.08 40.23 28.10
C2 ANP O . 11.02 39.74 28.92
N3 ANP O . 11.19 39.95 30.22
C4 ANP O . 10.25 40.77 30.70
MG MG P . 12.83 30.50 28.86
PG ANP Q . 42.94 5.41 14.93
O1G ANP Q . 43.23 4.04 14.42
O2G ANP Q . 41.86 6.14 14.12
O3G ANP Q . 42.57 5.45 16.41
PB ANP Q . 45.60 6.41 13.99
O1B ANP Q . 46.52 5.32 14.35
O2B ANP Q . 45.24 6.51 12.51
N3B ANP Q . 44.24 6.34 14.80
PA ANP Q . 45.80 9.36 14.17
O1A ANP Q . 44.68 9.81 15.01
O2A ANP Q . 45.58 9.50 12.67
O3A ANP Q . 46.17 7.83 14.43
O5' ANP Q . 47.14 10.12 14.53
C5' ANP Q . 47.92 9.76 15.69
C4' ANP Q . 49.03 10.76 15.83
O4' ANP Q . 48.68 11.96 15.13
C3' ANP Q . 49.30 11.22 17.26
O3' ANP Q . 50.17 10.32 17.93
C2' ANP Q . 49.97 12.59 17.03
O2' ANP Q . 51.37 12.47 16.86
C1' ANP Q . 49.32 13.08 15.73
N9 ANP Q . 48.32 14.15 15.91
C8 ANP Q . 48.41 15.43 15.45
N7 ANP Q . 47.38 16.18 15.75
C5 ANP Q . 46.56 15.32 16.47
C6 ANP Q . 45.30 15.51 17.08
N6 ANP Q . 44.63 16.66 17.07
N1 ANP Q . 44.75 14.45 17.72
C2 ANP Q . 45.41 13.30 17.74
N3 ANP Q . 46.60 13.01 17.20
C4 ANP Q . 47.13 14.06 16.58
PG ANP R . 35.46 -17.13 -21.84
O1G ANP R . 34.05 -17.56 -21.89
O2G ANP R . 35.64 -15.63 -21.53
O3G ANP R . 36.32 -17.95 -20.86
PB ANP R . 36.58 -16.48 -24.54
O1B ANP R . 35.44 -15.73 -25.08
O2B ANP R . 37.28 -17.44 -25.51
N3B ANP R . 36.17 -17.33 -23.26
PA ANP R . 38.61 -14.34 -24.48
O1A ANP R . 37.93 -13.57 -25.55
O2A ANP R . 39.03 -13.51 -23.26
O3A ANP R . 37.70 -15.52 -23.94
O5' ANP R . 39.88 -15.08 -25.03
C5' ANP R . 40.96 -14.35 -25.66
C4' ANP R . 42.11 -15.29 -25.95
O4' ANP R . 43.32 -14.52 -26.16
C3' ANP R . 42.44 -16.28 -24.84
O3' ANP R . 42.99 -17.48 -25.37
C2' ANP R . 43.46 -15.51 -24.01
O2' ANP R . 44.35 -16.38 -23.31
C1' ANP R . 44.23 -14.73 -25.09
N9 ANP R . 44.76 -13.44 -24.67
C8 ANP R . 46.05 -13.01 -24.80
N7 ANP R . 46.24 -11.80 -24.33
C5 ANP R . 45.00 -11.41 -23.86
C6 ANP R . 44.54 -10.24 -23.24
N6 ANP R . 45.33 -9.18 -22.98
N1 ANP R . 43.24 -10.18 -22.89
C2 ANP R . 42.45 -11.23 -23.15
N3 ANP R . 42.78 -12.39 -23.73
C4 ANP R . 44.07 -12.42 -24.06
PG ANP S . -3.81 -13.85 -42.99
O1G ANP S . -5.29 -14.04 -42.83
O2G ANP S . -3.23 -12.81 -42.03
O3G ANP S . -3.01 -15.15 -42.89
PB ANP S . -4.19 -12.56 -45.67
O1B ANP S . -5.14 -13.46 -46.36
O2B ANP S . -4.78 -11.26 -45.15
N3B ANP S . -3.47 -13.28 -44.45
PA ANP S . -1.53 -11.47 -46.39
O1A ANP S . -0.88 -11.92 -45.13
O2A ANP S . -1.76 -9.97 -46.51
O3A ANP S . -2.95 -12.18 -46.58
O5' ANP S . -0.73 -11.97 -47.65
C5' ANP S . -0.97 -13.26 -48.24
C4' ANP S . -0.83 -13.14 -49.73
O4' ANP S . -0.13 -11.91 -50.05
C3' ANP S . -0.01 -14.24 -50.39
O3' ANP S . -0.82 -15.36 -50.72
C2' ANP S . 0.52 -13.54 -51.66
O2' ANP S . -0.45 -13.55 -52.70
C1' ANP S . 0.76 -12.12 -51.13
N9 ANP S . 2.12 -11.87 -50.68
C8 ANP S . 3.20 -12.70 -50.80
N7 ANP S . 4.31 -12.22 -50.30
C5 ANP S . 3.93 -10.99 -49.79
C6 ANP S . 4.64 -9.97 -49.13
N6 ANP S . 5.94 -10.05 -48.83
N1 ANP S . 3.96 -8.86 -48.76
C2 ANP S . 2.67 -8.78 -49.05
N3 ANP S . 1.89 -9.67 -49.67
C4 ANP S . 2.58 -10.76 -50.03
MG MG T . -4.11 -10.87 -41.53
PG ANP U . -34.64 11.53 -26.95
O1G ANP U . -34.89 10.22 -27.61
O2G ANP U . -35.11 11.57 -25.49
O3G ANP U . -33.17 11.97 -27.02
PB ANP U . -36.48 13.85 -27.33
O1B ANP U . -37.72 13.33 -26.73
O2B ANP U . -35.73 14.89 -26.49
N3B ANP U . -35.45 12.70 -27.67
PA ANP U . -35.87 15.26 -29.86
O1A ANP U . -34.63 14.52 -30.17
O2A ANP U . -35.66 16.69 -29.35
O3A ANP U . -36.73 14.50 -28.75
O5' ANP U . -36.83 15.30 -31.11
C5' ANP U . -36.76 16.36 -32.07
C4' ANP U . -37.43 15.92 -33.34
O4' ANP U . -36.65 16.36 -34.48
C3' ANP U . -37.55 14.41 -33.51
O3' ANP U . -38.70 14.07 -34.28
C2' ANP U . -36.26 14.05 -34.22
O2' ANP U . -36.38 12.85 -34.99
C1' ANP U . -36.07 15.25 -35.15
N9 ANP U . -34.68 15.57 -35.44
C8 ANP U . -34.00 16.71 -35.11
N7 ANP U . -32.75 16.73 -35.51
C5 ANP U . -32.60 15.51 -36.15
C6 ANP U . -31.51 14.92 -36.81
N6 ANP U . -30.30 15.49 -36.93
N1 ANP U . -31.69 13.70 -37.36
C2 ANP U . -32.88 13.11 -37.25
N3 ANP U . -33.99 13.58 -36.66
C4 ANP U . -33.78 14.79 -36.12
PG ANP V . -27.82 34.49 10.65
O1G ANP V . -29.09 33.70 10.62
O2G ANP V . -27.12 34.49 12.00
O3G ANP V . -26.81 34.07 9.56
PB ANP V . -27.65 37.48 10.82
O1B ANP V . -28.21 37.84 12.13
O2B ANP V . -26.12 37.50 10.74
N3B ANP V . -28.11 36.03 10.34
PA ANP V . -28.42 38.26 8.07
O1A ANP V . -29.26 37.10 7.73
O2A ANP V . -27.03 38.25 7.43
O3A ANP V . -28.21 38.39 9.64
O5' ANP V . -29.13 39.62 7.71
C5' ANP V . -29.94 40.33 8.68
C4' ANP V . -30.56 41.53 8.02
O4' ANP V . -29.95 41.74 6.73
C3' ANP V . -32.06 41.40 7.75
O3' ANP V . -32.70 42.68 7.83
C2' ANP V . -32.10 40.85 6.33
O2' ANP V . -33.31 41.19 5.65
C1' ANP V . -30.90 41.58 5.69
N9 ANP V . -30.28 40.84 4.60
C8 ANP V . -29.42 39.78 4.70
N7 ANP V . -29.00 39.32 3.55
C5 ANP V . -29.63 40.13 2.62
C6 ANP V . -29.62 40.16 1.22
N6 ANP V . -28.90 39.32 0.46
N1 ANP V . -30.35 41.10 0.60
C2 ANP V . -31.07 41.95 1.34
N3 ANP V . -31.17 42.02 2.67
C4 ANP V . -30.42 41.08 3.26
MG MG W . -24.96 34.33 8.44
PG ANP X . -23.58 19.18 33.82
O1G ANP X . -22.34 19.99 33.98
O2G ANP X . -24.66 19.86 32.98
O3G ANP X . -23.33 17.77 33.27
PB ANP X . -25.70 18.62 35.86
O1B ANP X . -26.59 19.80 35.78
O2B ANP X . -26.22 17.36 35.19
N3B ANP X . -24.26 18.92 35.24
PA ANP X . -24.59 17.06 38.11
O1A ANP X . -23.11 17.20 38.01
O2A ANP X . -25.15 15.75 37.55
O3A ANP X . -25.33 18.25 37.36
O5' ANP X . -25.09 17.23 39.59
C5' ANP X . -26.35 17.86 39.88
C4' ANP X . -26.35 18.38 41.29
O4' ANP X . -25.69 17.43 42.17
C3' ANP X . -25.62 19.71 41.50
O3' ANP X . -26.27 20.50 42.50
C2' ANP X . -24.22 19.27 41.95
O2' ANP X . -23.59 20.25 42.76
C1' ANP X . -24.57 18.02 42.77
N9 ANP X . -23.49 17.04 42.83
C8 ANP X . -22.15 17.29 42.85
N7 ANP X . -21.40 16.21 42.90
C5 ANP X . -22.31 15.18 42.93
C6 ANP X . -22.17 13.78 42.99
N6 ANP X . -20.99 13.15 43.04
N1 ANP X . -23.30 13.03 43.01
C2 ANP X . -24.47 13.64 42.97
N3 ANP X . -24.74 14.95 42.91
C4 ANP X . -23.61 15.67 42.89
MG MG Y . -24.19 16.87 34.97
PG ANP Z . -45.21 4.83 -1.44
O1G ANP Z . -45.21 5.36 -2.84
O2G ANP Z . -44.31 3.60 -1.24
O3G ANP Z . -44.87 5.88 -0.39
PB ANP Z . -47.86 3.44 -1.62
O1B ANP Z . -48.51 4.09 -2.79
O2B ANP Z . -47.30 2.04 -1.88
N3B ANP Z . -46.68 4.33 -1.03
PA ANP Z . -48.87 2.57 1.01
O1A ANP Z . -48.18 3.33 2.08
O2A ANP Z . -48.31 1.18 0.76
O3A ANP Z . -48.85 3.34 -0.37
O5' ANP Z . -50.42 2.44 1.31
C5' ANP Z . -51.26 3.60 1.47
C4' ANP Z . -52.41 3.22 2.36
O4' ANP Z . -51.98 2.19 3.27
C3' ANP Z . -52.92 4.34 3.26
O3' ANP Z . -53.87 5.14 2.57
C2' ANP Z . -53.59 3.56 4.41
O2' ANP Z . -54.94 3.25 4.13
C1' ANP Z . -52.74 2.27 4.46
N9 ANP Z . -51.83 2.17 5.60
C8 ANP Z . -51.76 1.14 6.50
N7 ANP Z . -50.85 1.30 7.44
C5 ANP Z . -50.29 2.53 7.13
C6 ANP Z . -49.26 3.28 7.73
N6 ANP Z . -48.60 2.88 8.83
N1 ANP Z . -48.94 4.47 7.18
C2 ANP Z . -49.60 4.88 6.09
N3 ANP Z . -50.58 4.25 5.43
C4 ANP Z . -50.88 3.08 6.00
MG MG AA . -43.20 1.83 -0.91
PG ANP BA . -25.96 -22.85 -29.47
O1G ANP BA . -24.47 -22.94 -29.51
O2G ANP BA . -26.54 -22.88 -28.05
O3G ANP BA . -26.53 -21.64 -30.22
PB ANP BA . -26.36 -25.67 -30.39
O1B ANP BA . -25.48 -26.21 -29.34
O2B ANP BA . -25.88 -25.87 -31.84
N3B ANP BA . -26.62 -24.11 -30.19
PA ANP BA . -28.79 -26.83 -29.16
O1A ANP BA . -28.17 -27.98 -28.47
O2A ANP BA . -29.16 -25.65 -28.26
O3A ANP BA . -27.83 -26.26 -30.31
O5' ANP BA . -30.08 -27.28 -29.96
C5' ANP BA . -30.96 -28.30 -29.43
C4' ANP BA . -32.06 -28.57 -30.42
O4' ANP BA . -33.27 -28.95 -29.71
C3' ANP BA . -32.45 -27.38 -31.30
O3' ANP BA . -32.87 -27.82 -32.59
C2' ANP BA . -33.60 -26.74 -30.50
O2' ANP BA . -34.48 -26.02 -31.34
C1' ANP BA . -34.29 -27.99 -29.95
N9 ANP BA . -35.00 -27.77 -28.69
C8 ANP BA . -36.36 -27.83 -28.50
N7 ANP BA . -36.74 -27.58 -27.27
C5 ANP BA . -35.55 -27.35 -26.60
C6 ANP BA . -35.25 -27.03 -25.27
N6 ANP BA . -36.18 -26.89 -24.32
N1 ANP BA . -33.95 -26.87 -24.93
C2 ANP BA . -33.02 -27.01 -25.87
N3 ANP BA . -33.17 -27.30 -27.17
C4 ANP BA . -34.47 -27.47 -27.47
MG MG CA . -26.69 -24.89 -28.10
PG ANP DA . 15.29 -36.44 -22.67
O1G ANP DA . 16.26 -35.31 -22.69
O2G ANP DA . 14.41 -36.47 -21.43
O3G ANP DA . 14.42 -36.52 -23.92
PB ANP DA . 16.55 -38.94 -21.59
O1B ANP DA . 17.89 -39.47 -21.93
O2B ANP DA . 16.43 -38.33 -20.20
N3B ANP DA . 16.08 -37.84 -22.64
PA ANP DA . 14.04 -40.38 -21.01
O1A ANP DA . 13.09 -39.24 -21.06
O2A ANP DA . 14.39 -40.86 -19.60
O3A ANP DA . 15.41 -40.03 -21.73
O5' ANP DA . 13.50 -41.61 -21.83
C5' ANP DA . 13.53 -41.61 -23.28
C4' ANP DA . 13.43 -43.04 -23.74
O4' ANP DA . 12.34 -43.70 -23.06
C3' ANP DA . 13.17 -43.22 -25.25
O3' ANP DA . 14.35 -43.61 -25.93
C2' ANP DA . 12.08 -44.32 -25.31
O2' ANP DA . 12.48 -45.39 -26.16
C1' ANP DA . 11.98 -44.80 -23.87
N9 ANP DA . 10.66 -45.28 -23.46
C8 ANP DA . 9.98 -46.33 -24.03
N7 ANP DA . 8.82 -46.58 -23.48
C5 ANP DA . 8.72 -45.62 -22.48
C6 ANP DA . 7.72 -45.34 -21.53
N6 ANP DA . 6.58 -46.03 -21.43
N1 ANP DA . 7.94 -44.34 -20.64
C2 ANP DA . 9.07 -43.62 -20.77
N3 ANP DA . 10.09 -43.80 -21.61
C4 ANP DA . 9.85 -44.82 -22.46
MG MG EA . 15.12 -35.93 -19.51
PG ANP FA . 37.65 -22.01 13.34
O1G ANP FA . 38.26 -21.87 11.99
O2G ANP FA . 37.77 -20.74 14.20
O3G ANP FA . 36.19 -22.46 13.31
PB ANP FA . 38.76 -23.49 15.70
O1B ANP FA . 40.04 -22.88 16.11
O2B ANP FA . 37.54 -23.13 16.55
N3B ANP FA . 38.40 -23.13 14.19
PA ANP FA . 38.07 -26.25 14.89
O1A ANP FA . 37.80 -25.90 13.48
O2A ANP FA . 36.84 -26.58 15.73
O3A ANP FA . 38.84 -25.07 15.63
O5' ANP FA . 39.09 -27.45 14.99
C5' ANP FA . 38.93 -28.48 15.98
C4' ANP FA . 40.13 -29.39 15.95
O4' ANP FA . 39.69 -30.76 15.91
C3' ANP FA . 41.02 -29.24 14.72
O3' ANP FA . 42.35 -29.68 15.01
C2' ANP FA . 40.33 -30.14 13.71
O2' ANP FA . 41.25 -30.67 12.75
C1' ANP FA . 39.78 -31.27 14.59
N9 ANP FA . 38.46 -31.75 14.18
C8 ANP FA . 37.26 -31.45 14.78
N7 ANP FA . 36.23 -32.02 14.21
C5 ANP FA . 36.79 -32.73 13.16
C6 ANP FA . 36.22 -33.55 12.17
N6 ANP FA . 34.92 -33.81 12.07
N1 ANP FA . 37.06 -34.12 11.26
C2 ANP FA . 38.37 -33.86 11.36
N3 ANP FA . 39.01 -33.11 12.26
C4 ANP FA . 38.17 -32.58 13.13
PG ANP GA . 18.34 5.43 41.20
O1G ANP GA . 19.67 5.61 40.55
O2G ANP GA . 17.50 6.72 41.26
O3G ANP GA . 17.49 4.32 40.58
PB ANP GA . 17.88 5.28 44.16
O1B ANP GA . 18.11 6.68 44.59
O2B ANP GA . 16.42 4.83 44.10
N3B ANP GA . 18.52 5.00 42.73
PA ANP GA . 18.85 2.67 45.12
O1A ANP GA . 19.49 2.15 43.89
O2A ANP GA . 17.48 2.06 45.43
O3A ANP GA . 18.66 4.24 45.07
O5' ANP GA . 19.78 2.47 46.38
C5' ANP GA . 19.44 1.51 47.41
C4' ANP GA . 20.66 1.25 48.27
O4' ANP GA . 20.91 -0.16 48.35
C3' ANP GA . 21.97 1.85 47.75
O3' ANP GA . 22.88 2.08 48.82
C2' ANP GA . 22.46 0.77 46.79
O2' ANP GA . 23.88 0.76 46.70
C1' ANP GA . 21.96 -0.52 47.46
N9 ANP GA . 21.44 -1.50 46.52
C8 ANP GA . 20.66 -1.25 45.42
N7 ANP GA . 20.33 -2.33 44.74
C5 ANP GA . 20.93 -3.36 45.45
C6 ANP GA . 20.98 -4.75 45.25
N6 ANP GA . 20.37 -5.38 44.24
N1 ANP GA . 21.67 -5.50 46.14
C2 ANP GA . 22.28 -4.87 47.15
N3 ANP GA . 22.31 -3.57 47.44
C4 ANP GA . 21.62 -2.86 46.55
MG MG HA . 16.45 2.48 40.95
#